data_7KW8
#
_entry.id   7KW8
#
_entity_poly.entity_id   1
_entity_poly.type   'polypeptide(L)'
_entity_poly.pdbx_seq_one_letter_code
;GSHMVKVSKFLSLVLRHNPALIGLDLDANGWAPVKELLAKMKAKGHGISMEELKHIVETNSKKRFAFSENFEKIRANQGH
SVEVDLGYEKQVPPAVLFHGTAEKNFDLILKDGIKKMSRHHVHLSQDITTARKVGMRHGKPVVLSVDAKGMADGGFDFYL
SNNGVWLIDFVPAEFIKV
;
_entity_poly.pdbx_strand_id   A
#
# COMPACT_ATOMS: atom_id res chain seq x y z
N GLY A 1 8.35 -5.94 -18.15
CA GLY A 1 8.33 -4.49 -17.97
C GLY A 1 7.74 -4.13 -16.64
N SER A 2 7.90 -2.90 -16.22
CA SER A 2 7.41 -2.45 -14.95
C SER A 2 5.91 -2.14 -15.00
N HIS A 3 5.13 -3.14 -14.62
CA HIS A 3 3.68 -3.03 -14.52
C HIS A 3 3.15 -4.20 -13.67
N MET A 4 4.06 -4.83 -12.95
CA MET A 4 3.77 -6.05 -12.19
C MET A 4 3.02 -5.73 -10.92
N VAL A 5 3.21 -4.53 -10.42
CA VAL A 5 2.48 -4.06 -9.25
C VAL A 5 1.05 -3.79 -9.67
N LYS A 6 0.90 -3.29 -10.88
CA LYS A 6 -0.39 -3.00 -11.46
C LYS A 6 -1.11 -4.29 -11.77
N VAL A 7 -0.36 -5.26 -12.22
CA VAL A 7 -0.86 -6.57 -12.50
C VAL A 7 -1.29 -7.26 -11.20
N SER A 8 -0.41 -7.32 -10.20
CA SER A 8 -0.69 -8.03 -8.95
C SER A 8 -1.84 -7.37 -8.18
N LYS A 9 -1.85 -6.04 -8.14
CA LYS A 9 -2.92 -5.26 -7.51
C LYS A 9 -4.24 -5.65 -8.16
N PHE A 10 -4.21 -5.68 -9.48
CA PHE A 10 -5.35 -5.99 -10.30
C PHE A 10 -5.91 -7.35 -9.98
N LEU A 11 -5.06 -8.32 -10.07
CA LEU A 11 -5.40 -9.70 -9.87
C LEU A 11 -5.97 -9.92 -8.49
N SER A 12 -5.41 -9.22 -7.53
CA SER A 12 -5.90 -9.28 -6.20
C SER A 12 -7.31 -8.68 -6.14
N LEU A 13 -7.50 -7.55 -6.83
CA LEU A 13 -8.76 -6.82 -6.92
C LEU A 13 -9.87 -7.68 -7.51
N VAL A 14 -9.61 -8.25 -8.67
CA VAL A 14 -10.66 -8.94 -9.39
C VAL A 14 -11.10 -10.19 -8.70
N LEU A 15 -10.20 -10.85 -8.09
CA LEU A 15 -10.53 -12.11 -7.50
C LEU A 15 -11.03 -11.94 -6.06
N ARG A 16 -11.28 -10.70 -5.64
CA ARG A 16 -11.72 -10.43 -4.27
C ARG A 16 -13.01 -9.60 -4.18
N HIS A 17 -13.15 -8.61 -5.05
CA HIS A 17 -14.17 -7.59 -4.84
C HIS A 17 -15.26 -7.69 -5.85
N ASN A 18 -14.97 -7.30 -7.01
CA ASN A 18 -15.91 -7.39 -8.07
C ASN A 18 -15.22 -8.06 -9.17
N PRO A 19 -15.33 -9.38 -9.28
CA PRO A 19 -14.66 -10.14 -10.35
C PRO A 19 -15.33 -9.90 -11.67
N ALA A 20 -16.58 -9.52 -11.56
CA ALA A 20 -17.49 -9.33 -12.69
C ALA A 20 -17.03 -8.19 -13.55
N LEU A 21 -16.12 -7.42 -12.97
CA LEU A 21 -15.61 -6.22 -13.53
C LEU A 21 -15.02 -6.43 -14.93
N ILE A 22 -14.31 -7.53 -15.13
CA ILE A 22 -13.63 -7.72 -16.40
C ILE A 22 -14.17 -8.84 -17.21
N GLY A 23 -15.33 -9.31 -16.85
CA GLY A 23 -15.90 -10.44 -17.57
C GLY A 23 -15.54 -11.72 -16.89
N LEU A 24 -14.69 -11.59 -15.90
CA LEU A 24 -14.25 -12.68 -15.08
C LEU A 24 -15.29 -12.82 -14.01
N ASP A 25 -15.38 -13.95 -13.44
CA ASP A 25 -16.27 -14.09 -12.31
C ASP A 25 -15.68 -15.08 -11.30
N LEU A 26 -16.06 -14.94 -10.07
CA LEU A 26 -15.57 -15.82 -9.00
C LEU A 26 -16.46 -17.04 -8.79
N ASP A 27 -15.80 -18.17 -8.66
CA ASP A 27 -16.40 -19.48 -8.41
C ASP A 27 -16.97 -19.56 -7.00
N ALA A 28 -17.52 -20.70 -6.67
CA ALA A 28 -18.23 -20.91 -5.43
C ALA A 28 -17.28 -20.96 -4.23
N ASN A 29 -16.13 -21.57 -4.41
CA ASN A 29 -15.17 -21.68 -3.30
C ASN A 29 -14.15 -20.55 -3.34
N GLY A 30 -14.42 -19.55 -4.15
CA GLY A 30 -13.54 -18.40 -4.22
C GLY A 30 -12.39 -18.62 -5.16
N TRP A 31 -12.70 -18.97 -6.38
CA TRP A 31 -11.69 -19.20 -7.39
C TRP A 31 -12.13 -18.56 -8.68
N ALA A 32 -11.31 -18.61 -9.68
CA ALA A 32 -11.66 -18.15 -11.00
C ALA A 32 -10.89 -18.96 -11.99
N PRO A 33 -11.47 -19.30 -13.15
CA PRO A 33 -10.74 -20.01 -14.19
C PRO A 33 -9.61 -19.13 -14.68
N VAL A 34 -8.40 -19.64 -14.60
CA VAL A 34 -7.27 -18.88 -15.00
C VAL A 34 -7.35 -18.52 -16.48
N LYS A 35 -7.91 -19.43 -17.30
CA LYS A 35 -8.01 -19.21 -18.75
C LYS A 35 -8.91 -18.00 -19.03
N GLU A 36 -9.87 -17.79 -18.16
CA GLU A 36 -10.77 -16.66 -18.24
C GLU A 36 -9.94 -15.40 -18.08
N LEU A 37 -9.10 -15.39 -17.07
CA LEU A 37 -8.21 -14.26 -16.81
C LEU A 37 -7.17 -14.08 -17.91
N LEU A 38 -6.48 -15.16 -18.28
CA LEU A 38 -5.33 -15.07 -19.21
C LEU A 38 -5.72 -14.47 -20.53
N ALA A 39 -6.77 -14.98 -21.12
CA ALA A 39 -7.23 -14.52 -22.39
C ALA A 39 -7.81 -13.12 -22.29
N LYS A 40 -8.62 -12.92 -21.28
CA LYS A 40 -9.36 -11.68 -21.11
C LYS A 40 -8.44 -10.52 -20.78
N MET A 41 -7.57 -10.70 -19.80
CA MET A 41 -6.67 -9.65 -19.34
C MET A 41 -5.64 -9.34 -20.41
N LYS A 42 -5.29 -10.34 -21.22
CA LYS A 42 -4.44 -10.12 -22.37
C LYS A 42 -5.18 -9.23 -23.37
N ALA A 43 -6.41 -9.62 -23.67
CA ALA A 43 -7.29 -8.92 -24.61
C ALA A 43 -7.59 -7.50 -24.15
N LYS A 44 -7.51 -7.28 -22.84
CA LYS A 44 -7.69 -5.98 -22.27
C LYS A 44 -6.48 -5.08 -22.56
N GLY A 45 -5.50 -5.59 -23.27
CA GLY A 45 -4.35 -4.80 -23.64
C GLY A 45 -3.30 -4.78 -22.57
N HIS A 46 -3.18 -5.88 -21.84
CA HIS A 46 -2.15 -5.98 -20.81
C HIS A 46 -1.20 -7.13 -21.07
N GLY A 47 -1.41 -7.81 -22.19
CA GLY A 47 -0.55 -8.89 -22.66
C GLY A 47 -0.25 -9.97 -21.64
N ILE A 48 -1.25 -10.48 -20.98
CA ILE A 48 -0.99 -11.53 -20.03
C ILE A 48 -0.93 -12.87 -20.74
N SER A 49 0.21 -13.46 -20.70
CA SER A 49 0.43 -14.80 -21.19
C SER A 49 0.44 -15.66 -19.95
N MET A 50 0.30 -16.96 -20.06
CA MET A 50 0.25 -17.75 -18.85
C MET A 50 1.57 -17.71 -18.11
N GLU A 51 2.65 -17.67 -18.86
CA GLU A 51 3.99 -17.55 -18.33
C GLU A 51 4.11 -16.27 -17.46
N GLU A 52 3.42 -15.22 -17.90
CA GLU A 52 3.41 -13.95 -17.22
C GLU A 52 2.63 -14.04 -15.94
N LEU A 53 1.40 -14.50 -16.01
CA LEU A 53 0.57 -14.53 -14.86
C LEU A 53 1.10 -15.48 -13.79
N LYS A 54 1.65 -16.66 -14.19
CA LYS A 54 2.26 -17.60 -13.22
C LYS A 54 3.38 -16.87 -12.47
N HIS A 55 4.15 -16.11 -13.23
CA HIS A 55 5.22 -15.26 -12.73
C HIS A 55 4.72 -14.31 -11.62
N ILE A 56 3.55 -13.74 -11.80
CA ILE A 56 2.99 -12.89 -10.76
C ILE A 56 2.46 -13.71 -9.58
N VAL A 57 1.80 -14.81 -9.84
CA VAL A 57 1.16 -15.55 -8.77
C VAL A 57 2.20 -16.23 -7.88
N GLU A 58 3.13 -16.90 -8.51
CA GLU A 58 4.11 -17.71 -7.83
C GLU A 58 5.25 -16.85 -7.25
N THR A 59 5.77 -15.94 -8.03
CA THR A 59 6.92 -15.19 -7.60
C THR A 59 6.55 -13.96 -6.77
N ASN A 60 5.51 -13.28 -7.16
CA ASN A 60 5.21 -11.99 -6.53
C ASN A 60 4.18 -12.08 -5.43
N SER A 61 3.20 -12.91 -5.59
CA SER A 61 2.06 -12.83 -4.72
C SER A 61 1.94 -13.95 -3.67
N LYS A 62 1.61 -15.18 -4.11
CA LYS A 62 1.36 -16.35 -3.24
C LYS A 62 0.29 -16.14 -2.15
N LYS A 63 0.64 -15.47 -1.06
CA LYS A 63 -0.32 -15.26 0.04
C LYS A 63 -1.42 -14.30 -0.36
N ARG A 64 -1.11 -13.43 -1.31
CA ARG A 64 -2.07 -12.45 -1.77
C ARG A 64 -2.97 -13.07 -2.83
N PHE A 65 -2.34 -13.51 -3.86
CA PHE A 65 -2.94 -14.05 -5.05
C PHE A 65 -2.45 -15.46 -5.14
N ALA A 66 -3.35 -16.37 -4.94
CA ALA A 66 -3.07 -17.76 -4.91
C ALA A 66 -3.45 -18.39 -6.22
N PHE A 67 -2.96 -19.55 -6.44
CA PHE A 67 -3.07 -20.21 -7.71
C PHE A 67 -3.26 -21.64 -7.40
N SER A 68 -3.97 -22.35 -8.21
CA SER A 68 -4.05 -23.77 -8.05
C SER A 68 -2.64 -24.32 -8.29
N GLU A 69 -2.28 -25.37 -7.61
CA GLU A 69 -0.98 -26.00 -7.79
C GLU A 69 -0.89 -26.53 -9.22
N ASN A 70 -2.05 -26.91 -9.73
CA ASN A 70 -2.19 -27.39 -11.10
C ASN A 70 -2.44 -26.23 -12.08
N PHE A 71 -2.39 -24.98 -11.55
CA PHE A 71 -2.51 -23.76 -12.36
C PHE A 71 -3.84 -23.61 -13.13
N GLU A 72 -4.93 -24.27 -12.74
CA GLU A 72 -6.19 -24.12 -13.50
C GLU A 72 -7.00 -22.93 -13.03
N LYS A 73 -6.96 -22.68 -11.75
CA LYS A 73 -7.71 -21.60 -11.20
C LYS A 73 -6.81 -20.66 -10.43
N ILE A 74 -7.28 -19.47 -10.27
CA ILE A 74 -6.60 -18.44 -9.52
C ILE A 74 -7.57 -17.86 -8.53
N ARG A 75 -7.05 -17.26 -7.49
CA ARG A 75 -7.85 -16.62 -6.49
C ARG A 75 -7.02 -15.59 -5.79
N ALA A 76 -7.65 -14.68 -5.16
CA ALA A 76 -6.94 -13.72 -4.39
C ALA A 76 -7.61 -13.63 -3.05
N ASN A 77 -6.84 -13.70 -2.04
CA ASN A 77 -7.36 -13.75 -0.70
C ASN A 77 -7.53 -12.37 -0.17
N GLN A 78 -6.42 -11.72 0.12
CA GLN A 78 -6.39 -10.35 0.59
C GLN A 78 -6.99 -10.17 1.98
N GLY A 79 -6.97 -8.95 2.42
CA GLY A 79 -7.30 -8.64 3.77
C GLY A 79 -6.04 -8.78 4.54
N HIS A 80 -4.96 -8.45 3.86
CA HIS A 80 -3.61 -8.66 4.31
C HIS A 80 -2.81 -7.39 4.10
N SER A 81 -2.89 -6.50 5.06
CA SER A 81 -2.28 -5.18 4.99
C SER A 81 -0.88 -5.16 5.61
N VAL A 82 -0.22 -6.28 5.50
CA VAL A 82 1.12 -6.44 6.04
C VAL A 82 2.11 -5.97 4.97
N GLU A 83 3.39 -6.04 5.22
CA GLU A 83 4.37 -5.79 4.20
C GLU A 83 4.29 -6.87 3.14
N VAL A 84 3.51 -6.62 2.12
CA VAL A 84 3.33 -7.55 1.05
C VAL A 84 4.53 -7.41 0.14
N ASP A 85 5.04 -6.14 0.08
CA ASP A 85 6.25 -5.74 -0.66
C ASP A 85 6.38 -6.41 -1.99
N LEU A 86 5.84 -5.77 -3.00
CA LEU A 86 5.74 -6.39 -4.28
C LEU A 86 7.03 -6.10 -5.08
N GLY A 87 8.08 -6.78 -4.69
CA GLY A 87 9.38 -6.63 -5.33
C GLY A 87 10.12 -5.41 -4.83
N TYR A 88 9.48 -4.68 -3.95
CA TYR A 88 10.05 -3.47 -3.40
C TYR A 88 10.04 -3.59 -1.89
N GLU A 89 10.14 -2.48 -1.20
CA GLU A 89 10.11 -2.48 0.24
C GLU A 89 9.08 -1.46 0.71
N LYS A 90 7.99 -1.92 1.25
CA LYS A 90 6.96 -1.03 1.72
C LYS A 90 7.07 -0.80 3.20
N GLN A 91 7.06 0.44 3.58
CA GLN A 91 7.05 0.81 4.98
C GLN A 91 5.66 1.27 5.32
N VAL A 92 4.98 0.53 6.14
CA VAL A 92 3.59 0.82 6.46
C VAL A 92 3.48 1.60 7.78
N PRO A 93 3.03 2.86 7.72
CA PRO A 93 2.74 3.66 8.91
C PRO A 93 1.42 3.19 9.55
N PRO A 94 1.10 3.64 10.78
CA PRO A 94 -0.14 3.29 11.51
C PRO A 94 -1.42 3.05 10.67
N ALA A 95 -2.16 4.08 10.38
CA ALA A 95 -3.40 3.93 9.66
C ALA A 95 -3.37 4.55 8.24
N VAL A 96 -3.03 5.82 8.17
CA VAL A 96 -3.18 6.59 6.95
C VAL A 96 -1.90 7.42 6.62
N LEU A 97 -1.82 7.86 5.38
CA LEU A 97 -0.76 8.72 4.86
C LEU A 97 -1.41 10.00 4.45
N PHE A 98 -0.88 11.10 4.87
CA PHE A 98 -1.41 12.37 4.47
C PHE A 98 -0.46 12.99 3.46
N HIS A 99 -0.93 13.15 2.24
CA HIS A 99 -0.11 13.73 1.20
C HIS A 99 -0.58 15.10 0.81
N GLY A 100 0.27 16.05 0.97
CA GLY A 100 -0.06 17.38 0.59
C GLY A 100 0.46 17.71 -0.77
N THR A 101 -0.36 18.36 -1.52
CA THR A 101 -0.04 18.81 -2.84
C THR A 101 -0.95 19.98 -3.14
N ALA A 102 -0.49 20.97 -3.88
CA ALA A 102 -1.25 22.21 -4.09
C ALA A 102 -2.63 21.96 -4.65
N GLU A 103 -3.58 22.77 -4.23
CA GLU A 103 -4.91 22.67 -4.74
C GLU A 103 -5.04 23.12 -6.19
N LYS A 104 -3.96 23.65 -6.77
CA LYS A 104 -3.89 23.90 -8.22
C LYS A 104 -3.65 22.60 -8.98
N ASN A 105 -3.36 21.55 -8.25
CA ASN A 105 -3.14 20.23 -8.84
C ASN A 105 -4.42 19.40 -8.68
N PHE A 106 -5.40 19.98 -7.97
CA PHE A 106 -6.66 19.31 -7.55
C PHE A 106 -7.40 18.60 -8.68
N ASP A 107 -7.50 19.23 -9.84
CA ASP A 107 -8.23 18.65 -10.98
C ASP A 107 -7.57 17.36 -11.39
N LEU A 108 -6.28 17.43 -11.60
CA LEU A 108 -5.48 16.36 -12.01
C LEU A 108 -5.49 15.25 -10.96
N ILE A 109 -5.36 15.65 -9.69
CA ILE A 109 -5.40 14.71 -8.57
C ILE A 109 -6.69 13.92 -8.57
N LEU A 110 -7.81 14.60 -8.67
CA LEU A 110 -9.08 13.95 -8.51
C LEU A 110 -9.49 13.09 -9.72
N LYS A 111 -9.08 13.49 -10.90
CA LYS A 111 -9.39 12.77 -12.09
C LYS A 111 -8.44 11.61 -12.30
N ASP A 112 -7.19 11.95 -12.39
CA ASP A 112 -6.16 11.02 -12.78
C ASP A 112 -5.51 10.34 -11.58
N GLY A 113 -5.47 11.03 -10.46
CA GLY A 113 -4.94 10.45 -9.23
C GLY A 113 -3.63 11.09 -8.85
N ILE A 114 -3.00 10.60 -7.80
CA ILE A 114 -1.67 11.07 -7.44
C ILE A 114 -0.68 10.39 -8.35
N LYS A 115 -0.21 11.17 -9.32
CA LYS A 115 0.63 10.68 -10.37
C LYS A 115 1.32 11.87 -11.03
N LYS A 116 2.53 11.65 -11.49
CA LYS A 116 3.25 12.64 -12.28
C LYS A 116 3.95 11.90 -13.42
N MET A 117 4.97 11.17 -13.07
CA MET A 117 5.73 10.35 -13.99
C MET A 117 5.90 9.01 -13.32
N SER A 118 4.86 8.66 -12.61
CA SER A 118 4.83 7.53 -11.75
C SER A 118 4.88 6.22 -12.51
N ARG A 119 5.38 5.23 -11.82
CA ARG A 119 5.61 3.87 -12.28
C ARG A 119 6.52 3.29 -11.25
N HIS A 120 7.35 4.17 -10.74
CA HIS A 120 8.29 3.89 -9.71
C HIS A 120 8.73 5.23 -9.14
N HIS A 121 8.44 5.47 -7.87
CA HIS A 121 8.92 6.67 -7.14
C HIS A 121 8.21 7.99 -7.57
N VAL A 122 7.08 8.28 -6.94
CA VAL A 122 6.39 9.57 -7.05
C VAL A 122 6.15 10.02 -5.61
N HIS A 123 6.00 11.30 -5.36
CA HIS A 123 5.94 11.81 -3.97
C HIS A 123 4.66 11.54 -3.18
N LEU A 124 4.86 11.08 -1.94
CA LEU A 124 3.80 10.83 -0.98
C LEU A 124 4.33 11.34 0.39
N SER A 125 3.49 11.42 1.38
CA SER A 125 3.91 11.87 2.68
C SER A 125 3.08 11.19 3.76
N GLN A 126 3.61 11.15 4.96
CA GLN A 126 3.00 10.44 6.07
C GLN A 126 2.01 11.29 6.86
N ASP A 127 2.41 12.48 7.22
CA ASP A 127 1.66 13.27 8.19
C ASP A 127 1.25 14.56 7.56
N ILE A 128 0.28 15.23 8.16
CA ILE A 128 -0.17 16.53 7.70
C ILE A 128 0.97 17.54 7.85
N THR A 129 1.85 17.28 8.81
CA THR A 129 3.03 18.03 9.03
C THR A 129 3.86 18.09 7.75
N THR A 130 4.11 16.93 7.19
CA THR A 130 4.85 16.83 5.99
C THR A 130 4.02 17.33 4.82
N ALA A 131 2.71 17.04 4.85
CA ALA A 131 1.78 17.45 3.79
C ALA A 131 1.87 18.95 3.57
N ARG A 132 1.78 19.67 4.66
CA ARG A 132 1.88 21.10 4.63
C ARG A 132 3.28 21.53 4.23
N LYS A 133 4.29 20.94 4.87
CA LYS A 133 5.69 21.30 4.65
C LYS A 133 6.14 21.15 3.20
N VAL A 134 5.82 20.03 2.59
CA VAL A 134 6.21 19.79 1.22
C VAL A 134 5.38 20.66 0.27
N GLY A 135 4.15 20.93 0.67
CA GLY A 135 3.29 21.73 -0.13
C GLY A 135 3.58 23.21 -0.04
N MET A 136 4.46 23.61 0.91
CA MET A 136 4.89 25.01 1.06
C MET A 136 5.62 25.44 -0.20
N ARG A 137 6.08 24.44 -0.97
CA ARG A 137 6.74 24.67 -2.24
C ARG A 137 5.77 25.40 -3.19
N HIS A 138 4.46 25.27 -2.97
CA HIS A 138 3.52 25.93 -3.83
C HIS A 138 2.63 26.91 -3.05
N GLY A 139 2.12 26.51 -1.89
CA GLY A 139 1.27 27.41 -1.13
C GLY A 139 0.42 26.67 -0.16
N LYS A 140 -0.77 26.32 -0.57
CA LYS A 140 -1.65 25.57 0.29
C LYS A 140 -1.97 24.16 -0.24
N PRO A 141 -1.13 23.20 0.12
CA PRO A 141 -1.39 21.78 -0.10
C PRO A 141 -2.76 21.33 0.41
N VAL A 142 -3.45 20.62 -0.41
CA VAL A 142 -4.63 19.95 -0.02
C VAL A 142 -4.16 18.59 0.48
N VAL A 143 -4.69 18.16 1.59
CA VAL A 143 -4.24 16.94 2.20
C VAL A 143 -5.02 15.71 1.73
N LEU A 144 -4.41 14.97 0.85
CA LEU A 144 -4.94 13.73 0.35
C LEU A 144 -4.62 12.63 1.35
N SER A 145 -5.63 12.15 2.03
CA SER A 145 -5.45 11.15 3.05
C SER A 145 -5.66 9.76 2.45
N VAL A 146 -4.58 9.02 2.25
CA VAL A 146 -4.67 7.72 1.63
C VAL A 146 -4.40 6.67 2.68
N ASP A 147 -5.19 5.62 2.70
CA ASP A 147 -5.09 4.60 3.75
C ASP A 147 -3.91 3.66 3.50
N ALA A 148 -3.04 3.56 4.50
CA ALA A 148 -1.83 2.76 4.41
C ALA A 148 -2.13 1.28 4.34
N LYS A 149 -3.11 0.87 5.12
CA LYS A 149 -3.47 -0.53 5.22
C LYS A 149 -4.16 -0.98 3.94
N GLY A 150 -5.05 -0.14 3.45
CA GLY A 150 -5.77 -0.42 2.23
C GLY A 150 -4.84 -0.50 1.04
N MET A 151 -3.90 0.42 0.99
CA MET A 151 -2.92 0.46 -0.08
C MET A 151 -1.95 -0.71 -0.05
N ALA A 152 -1.45 -1.03 1.14
CA ALA A 152 -0.53 -2.15 1.30
C ALA A 152 -1.18 -3.44 0.87
N ASP A 153 -2.40 -3.63 1.32
CA ASP A 153 -3.20 -4.82 1.03
C ASP A 153 -3.62 -4.90 -0.43
N GLY A 154 -4.04 -3.77 -0.98
CA GLY A 154 -4.55 -3.74 -2.32
C GLY A 154 -3.49 -3.98 -3.37
N GLY A 155 -2.25 -3.73 -3.04
CA GLY A 155 -1.20 -3.94 -4.00
C GLY A 155 -0.62 -2.67 -4.53
N PHE A 156 -0.72 -1.63 -3.76
CA PHE A 156 -0.12 -0.37 -4.12
C PHE A 156 1.19 -0.31 -3.36
N ASP A 157 2.27 0.00 -4.01
CA ASP A 157 3.52 -0.01 -3.29
C ASP A 157 4.02 1.36 -2.98
N PHE A 158 4.71 1.45 -1.86
CA PHE A 158 5.19 2.68 -1.33
C PHE A 158 6.45 2.47 -0.51
N TYR A 159 7.37 3.34 -0.71
CA TYR A 159 8.71 3.25 -0.20
C TYR A 159 8.94 4.36 0.79
N LEU A 160 10.01 4.26 1.51
CA LEU A 160 10.39 5.25 2.47
C LEU A 160 11.70 5.88 2.04
N SER A 161 11.73 7.18 2.04
CA SER A 161 12.92 7.91 1.77
C SER A 161 13.74 8.01 3.04
N ASN A 162 15.03 8.18 2.88
CA ASN A 162 15.98 8.28 3.99
C ASN A 162 15.66 9.50 4.84
N ASN A 163 14.95 10.45 4.24
CA ASN A 163 14.59 11.70 4.91
C ASN A 163 13.27 11.57 5.70
N GLY A 164 12.52 10.51 5.43
CA GLY A 164 11.22 10.36 6.08
C GLY A 164 10.09 10.76 5.15
N VAL A 165 10.40 10.81 3.88
CA VAL A 165 9.41 11.08 2.83
C VAL A 165 8.89 9.74 2.33
N TRP A 166 7.69 9.68 1.85
CA TRP A 166 7.17 8.47 1.30
C TRP A 166 7.12 8.60 -0.19
N LEU A 167 7.32 7.52 -0.85
CA LEU A 167 7.22 7.50 -2.27
C LEU A 167 6.22 6.48 -2.64
N ILE A 168 5.38 6.78 -3.55
CA ILE A 168 4.33 5.91 -3.93
C ILE A 168 4.48 5.60 -5.41
N ASP A 169 3.81 4.58 -5.86
CA ASP A 169 3.65 4.33 -7.28
C ASP A 169 2.56 5.20 -7.79
N PHE A 170 1.41 5.09 -7.17
CA PHE A 170 0.25 5.86 -7.54
C PHE A 170 -0.86 5.55 -6.58
N VAL A 171 -1.65 6.56 -6.28
CA VAL A 171 -2.83 6.38 -5.47
C VAL A 171 -4.02 7.08 -6.13
N PRO A 172 -5.09 6.32 -6.44
CA PRO A 172 -6.29 6.87 -7.07
C PRO A 172 -7.05 7.75 -6.13
N ALA A 173 -7.41 8.96 -6.57
CA ALA A 173 -8.22 9.89 -5.77
C ALA A 173 -9.57 9.28 -5.51
N GLU A 174 -9.90 8.36 -6.39
CA GLU A 174 -11.08 7.53 -6.32
C GLU A 174 -11.14 6.73 -5.01
N PHE A 175 -9.98 6.49 -4.41
CA PHE A 175 -9.91 5.76 -3.18
C PHE A 175 -9.39 6.67 -2.06
N ILE A 176 -8.90 7.84 -2.42
CA ILE A 176 -8.32 8.73 -1.43
C ILE A 176 -9.41 9.56 -0.77
N LYS A 177 -9.20 9.92 0.46
CA LYS A 177 -10.12 10.69 1.21
C LYS A 177 -9.62 12.13 1.19
N VAL A 178 -9.97 12.84 0.15
CA VAL A 178 -9.61 14.21 0.02
C VAL A 178 -10.51 15.07 0.92
N GLY A 1 -6.16 13.85 13.24
CA GLY A 1 -5.43 13.35 14.39
C GLY A 1 -4.08 12.86 13.96
N SER A 2 -3.25 12.50 14.90
CA SER A 2 -1.93 12.04 14.59
C SER A 2 -1.50 10.94 15.59
N HIS A 3 -1.85 11.12 16.86
CA HIS A 3 -1.49 10.18 17.91
C HIS A 3 -2.10 8.80 17.67
N MET A 4 -3.41 8.73 17.52
CA MET A 4 -4.10 7.44 17.37
C MET A 4 -3.77 6.83 16.02
N VAL A 5 -3.42 7.68 15.07
CA VAL A 5 -2.95 7.29 13.74
C VAL A 5 -1.71 6.40 13.86
N LYS A 6 -0.77 6.89 14.63
CA LYS A 6 0.46 6.21 14.85
C LYS A 6 0.34 5.06 15.83
N VAL A 7 -0.69 5.10 16.65
CA VAL A 7 -1.02 4.01 17.53
C VAL A 7 -1.51 2.84 16.67
N SER A 8 -2.39 3.16 15.72
CA SER A 8 -2.94 2.18 14.81
C SER A 8 -1.80 1.62 13.94
N LYS A 9 -0.87 2.49 13.54
CA LYS A 9 0.33 2.06 12.83
C LYS A 9 1.12 1.09 13.68
N PHE A 10 1.27 1.43 14.93
CA PHE A 10 2.04 0.68 15.84
C PHE A 10 1.43 -0.71 16.06
N LEU A 11 0.17 -0.72 16.38
CA LEU A 11 -0.55 -1.94 16.66
C LEU A 11 -0.54 -2.88 15.49
N SER A 12 -0.72 -2.34 14.30
CA SER A 12 -0.67 -3.15 13.14
C SER A 12 0.74 -3.68 12.91
N LEU A 13 1.74 -2.86 13.22
CA LEU A 13 3.16 -3.20 13.09
C LEU A 13 3.53 -4.36 14.00
N VAL A 14 3.23 -4.21 15.28
CA VAL A 14 3.71 -5.16 16.26
C VAL A 14 3.07 -6.51 16.11
N LEU A 15 1.84 -6.52 15.74
CA LEU A 15 1.14 -7.76 15.66
C LEU A 15 1.34 -8.44 14.29
N ARG A 16 2.26 -7.90 13.47
CA ARG A 16 2.46 -8.45 12.13
C ARG A 16 3.93 -8.74 11.78
N HIS A 17 4.82 -7.85 12.16
CA HIS A 17 6.19 -7.86 11.63
C HIS A 17 7.17 -8.41 12.60
N ASN A 18 7.47 -7.65 13.55
CA ASN A 18 8.35 -8.05 14.56
C ASN A 18 7.68 -7.70 15.80
N PRO A 19 6.94 -8.64 16.39
CA PRO A 19 6.18 -8.39 17.61
C PRO A 19 7.09 -8.28 18.80
N ALA A 20 8.21 -8.95 18.62
CA ALA A 20 9.24 -9.10 19.64
C ALA A 20 9.84 -7.78 20.00
N LEU A 21 9.55 -6.82 19.16
CA LEU A 21 10.09 -5.51 19.21
C LEU A 21 9.86 -4.84 20.57
N ILE A 22 8.67 -5.02 21.13
CA ILE A 22 8.33 -4.30 22.35
C ILE A 22 8.16 -5.17 23.56
N GLY A 23 8.64 -6.38 23.48
CA GLY A 23 8.48 -7.26 24.62
C GLY A 23 7.23 -8.06 24.47
N LEU A 24 6.52 -7.75 23.43
CA LEU A 24 5.35 -8.43 23.04
C LEU A 24 5.82 -9.49 22.07
N ASP A 25 5.11 -10.51 21.92
CA ASP A 25 5.44 -11.50 20.93
C ASP A 25 4.14 -12.06 20.40
N LEU A 26 4.16 -12.56 19.21
CA LEU A 26 2.99 -13.16 18.58
C LEU A 26 2.95 -14.65 18.75
N ASP A 27 1.81 -15.12 19.20
CA ASP A 27 1.56 -16.51 19.47
C ASP A 27 1.44 -17.32 18.16
N ALA A 28 1.22 -18.61 18.26
CA ALA A 28 1.23 -19.52 17.14
C ALA A 28 0.02 -19.29 16.26
N ASN A 29 -1.09 -18.94 16.89
CA ASN A 29 -2.34 -18.69 16.17
C ASN A 29 -2.42 -17.24 15.69
N GLY A 30 -1.31 -16.52 15.80
CA GLY A 30 -1.27 -15.15 15.35
C GLY A 30 -1.93 -14.20 16.31
N TRP A 31 -2.01 -14.61 17.55
CA TRP A 31 -2.63 -13.84 18.60
C TRP A 31 -1.59 -13.24 19.53
N ALA A 32 -1.95 -12.18 20.22
CA ALA A 32 -1.09 -11.56 21.19
C ALA A 32 -1.89 -11.23 22.44
N PRO A 33 -1.26 -11.24 23.63
CA PRO A 33 -1.92 -10.88 24.88
C PRO A 33 -2.19 -9.37 24.98
N VAL A 34 -3.47 -9.01 25.16
CA VAL A 34 -3.85 -7.62 25.25
C VAL A 34 -3.21 -6.95 26.44
N LYS A 35 -3.05 -7.68 27.53
CA LYS A 35 -2.55 -7.11 28.77
C LYS A 35 -1.09 -6.71 28.64
N GLU A 36 -0.33 -7.45 27.83
CA GLU A 36 1.05 -7.06 27.52
C GLU A 36 1.00 -5.73 26.87
N LEU A 37 0.24 -5.65 25.82
CA LEU A 37 0.11 -4.45 25.04
C LEU A 37 -0.39 -3.27 25.91
N LEU A 38 -1.41 -3.50 26.71
CA LEU A 38 -1.98 -2.45 27.54
C LEU A 38 -0.98 -1.97 28.56
N ALA A 39 -0.36 -2.89 29.26
CA ALA A 39 0.58 -2.52 30.31
C ALA A 39 1.81 -1.89 29.72
N LYS A 40 2.37 -2.54 28.73
CA LYS A 40 3.59 -2.13 28.10
C LYS A 40 3.42 -0.84 27.31
N MET A 41 2.45 -0.78 26.43
CA MET A 41 2.32 0.36 25.54
C MET A 41 1.84 1.62 26.24
N LYS A 42 1.04 1.44 27.27
CA LYS A 42 0.63 2.57 28.09
C LYS A 42 1.85 3.11 28.81
N ALA A 43 2.56 2.20 29.45
CA ALA A 43 3.75 2.54 30.25
C ALA A 43 4.88 3.08 29.39
N LYS A 44 5.05 2.56 28.19
CA LYS A 44 6.11 3.03 27.32
C LYS A 44 5.74 4.26 26.48
N GLY A 45 5.03 5.19 27.13
CA GLY A 45 4.76 6.50 26.59
C GLY A 45 3.72 6.57 25.50
N HIS A 46 2.67 5.77 25.56
CA HIS A 46 1.59 5.91 24.58
C HIS A 46 0.22 6.01 25.21
N GLY A 47 0.14 5.68 26.49
CA GLY A 47 -1.11 5.80 27.24
C GLY A 47 -2.27 5.01 26.67
N ILE A 48 -2.08 3.74 26.40
CA ILE A 48 -3.15 2.92 25.89
C ILE A 48 -3.76 2.14 27.04
N SER A 49 -4.98 2.40 27.31
CA SER A 49 -5.68 1.67 28.31
C SER A 49 -6.62 0.69 27.62
N MET A 50 -7.33 -0.12 28.39
CA MET A 50 -8.25 -1.14 27.84
C MET A 50 -9.27 -0.47 26.90
N GLU A 51 -9.80 0.65 27.33
CA GLU A 51 -10.79 1.41 26.55
C GLU A 51 -10.15 2.05 25.30
N GLU A 52 -8.92 2.49 25.45
CA GLU A 52 -8.21 3.22 24.40
C GLU A 52 -7.88 2.28 23.30
N LEU A 53 -7.48 1.11 23.69
CA LEU A 53 -7.15 0.10 22.74
C LEU A 53 -8.37 -0.32 21.94
N LYS A 54 -9.53 -0.42 22.62
CA LYS A 54 -10.76 -0.78 21.93
C LYS A 54 -11.06 0.26 20.86
N HIS A 55 -10.70 1.52 21.16
CA HIS A 55 -10.82 2.63 20.20
C HIS A 55 -10.13 2.26 18.92
N ILE A 56 -8.87 1.87 19.02
CA ILE A 56 -8.12 1.55 17.82
C ILE A 56 -8.54 0.22 17.19
N VAL A 57 -8.52 -0.80 17.97
CA VAL A 57 -8.70 -2.11 17.42
C VAL A 57 -10.16 -2.36 16.97
N GLU A 58 -11.11 -1.95 17.77
CA GLU A 58 -12.50 -2.16 17.45
C GLU A 58 -13.11 -1.03 16.59
N THR A 59 -12.76 0.22 16.87
CA THR A 59 -13.46 1.32 16.22
C THR A 59 -12.58 2.11 15.19
N ASN A 60 -11.31 1.84 15.17
CA ASN A 60 -10.44 2.59 14.26
C ASN A 60 -10.28 1.82 12.97
N SER A 61 -10.04 0.52 13.10
CA SER A 61 -9.94 -0.37 11.95
C SER A 61 -10.17 -1.83 12.35
N LYS A 62 -11.40 -2.22 12.55
CA LYS A 62 -11.66 -3.58 13.01
C LYS A 62 -11.55 -4.59 11.88
N LYS A 63 -11.58 -4.13 10.64
CA LYS A 63 -11.37 -5.05 9.54
C LYS A 63 -9.88 -5.38 9.39
N ARG A 64 -9.03 -4.59 10.02
CA ARG A 64 -7.60 -4.77 9.85
C ARG A 64 -6.93 -5.19 11.17
N PHE A 65 -7.71 -5.30 12.21
CA PHE A 65 -7.22 -5.75 13.50
C PHE A 65 -8.21 -6.77 14.03
N ALA A 66 -7.79 -7.59 14.93
CA ALA A 66 -8.68 -8.57 15.52
C ALA A 66 -8.63 -8.44 17.00
N PHE A 67 -9.75 -8.65 17.62
CA PHE A 67 -9.88 -8.42 19.03
C PHE A 67 -11.02 -9.25 19.50
N SER A 68 -10.74 -10.06 20.48
CA SER A 68 -11.70 -10.93 21.06
C SER A 68 -12.89 -10.12 21.58
N GLU A 69 -14.07 -10.71 21.58
CA GLU A 69 -15.25 -10.03 22.11
C GLU A 69 -15.08 -9.83 23.62
N ASN A 70 -14.22 -10.63 24.20
CA ASN A 70 -13.88 -10.54 25.59
C ASN A 70 -12.62 -9.69 25.80
N PHE A 71 -12.08 -9.09 24.67
CA PHE A 71 -10.98 -8.12 24.70
C PHE A 71 -9.73 -8.64 25.41
N GLU A 72 -9.47 -9.94 25.39
CA GLU A 72 -8.31 -10.47 26.09
C GLU A 72 -7.13 -10.75 25.14
N LYS A 73 -7.44 -10.96 23.88
CA LYS A 73 -6.40 -11.21 22.91
C LYS A 73 -6.57 -10.26 21.73
N ILE A 74 -5.48 -9.96 21.06
CA ILE A 74 -5.46 -9.05 19.92
C ILE A 74 -4.65 -9.62 18.75
N ARG A 75 -4.97 -9.17 17.54
CA ARG A 75 -4.21 -9.49 16.32
C ARG A 75 -4.28 -8.28 15.43
N ALA A 76 -3.49 -8.28 14.41
CA ALA A 76 -3.60 -7.29 13.39
C ALA A 76 -3.62 -7.99 12.05
N ASN A 77 -4.81 -8.07 11.49
CA ASN A 77 -5.09 -8.79 10.25
C ASN A 77 -4.43 -8.06 9.11
N GLN A 78 -3.48 -8.68 8.46
CA GLN A 78 -2.76 -8.00 7.40
C GLN A 78 -2.70 -8.84 6.15
N GLY A 79 -2.59 -8.15 5.05
CA GLY A 79 -2.44 -8.75 3.76
C GLY A 79 -1.62 -7.83 2.89
N HIS A 80 -0.44 -8.31 2.50
CA HIS A 80 0.52 -7.57 1.64
C HIS A 80 0.98 -6.27 2.30
N SER A 81 0.97 -6.27 3.60
CA SER A 81 1.45 -5.14 4.37
C SER A 81 2.87 -5.44 4.80
N VAL A 82 3.41 -6.41 4.11
CA VAL A 82 4.75 -6.79 4.24
C VAL A 82 5.57 -5.79 3.46
N GLU A 83 6.62 -5.35 4.04
CA GLU A 83 7.53 -4.48 3.40
C GLU A 83 8.49 -5.33 2.60
N VAL A 84 8.21 -5.46 1.29
CA VAL A 84 8.85 -6.43 0.45
C VAL A 84 10.18 -5.88 -0.09
N ASP A 85 10.14 -4.59 -0.50
CA ASP A 85 11.27 -3.82 -1.10
C ASP A 85 11.96 -4.52 -2.28
N LEU A 86 11.87 -3.92 -3.44
CA LEU A 86 12.45 -4.47 -4.64
C LEU A 86 13.26 -3.38 -5.33
N GLY A 87 14.55 -3.32 -4.99
CA GLY A 87 15.46 -2.33 -5.59
C GLY A 87 15.31 -0.94 -4.99
N TYR A 88 14.37 -0.83 -4.12
CA TYR A 88 14.08 0.36 -3.36
C TYR A 88 13.81 -0.11 -1.97
N GLU A 89 13.29 0.72 -1.13
CA GLU A 89 12.98 0.30 0.19
C GLU A 89 11.55 0.60 0.51
N LYS A 90 10.90 -0.35 1.14
CA LYS A 90 9.54 -0.21 1.55
C LYS A 90 9.50 -0.30 3.03
N GLN A 91 8.96 0.68 3.64
CA GLN A 91 8.65 0.66 5.03
C GLN A 91 7.28 1.24 5.14
N VAL A 92 6.38 0.47 5.70
CA VAL A 92 4.97 0.81 5.67
C VAL A 92 4.68 2.11 6.43
N PRO A 93 3.99 3.05 5.76
CA PRO A 93 3.53 4.31 6.35
C PRO A 93 2.51 4.04 7.49
N PRO A 94 2.13 5.08 8.28
CA PRO A 94 1.10 4.95 9.33
C PRO A 94 -0.24 4.37 8.81
N ALA A 95 -1.19 4.15 9.74
CA ALA A 95 -2.50 3.55 9.38
C ALA A 95 -3.18 4.33 8.27
N VAL A 96 -3.31 5.60 8.48
CA VAL A 96 -3.79 6.49 7.50
C VAL A 96 -2.61 7.38 7.16
N LEU A 97 -2.58 7.90 5.99
CA LEU A 97 -1.46 8.63 5.52
C LEU A 97 -1.92 9.91 4.89
N PHE A 98 -1.14 10.95 5.02
CA PHE A 98 -1.55 12.24 4.54
C PHE A 98 -0.53 12.82 3.56
N HIS A 99 -0.96 13.01 2.33
CA HIS A 99 -0.11 13.60 1.29
C HIS A 99 -0.63 14.97 0.91
N GLY A 100 0.21 15.95 1.05
CA GLY A 100 -0.18 17.29 0.70
C GLY A 100 0.41 17.70 -0.61
N THR A 101 -0.38 18.40 -1.39
CA THR A 101 0.05 18.87 -2.68
C THR A 101 -0.83 20.06 -3.09
N ALA A 102 -0.30 20.93 -3.93
CA ALA A 102 -1.00 22.15 -4.34
C ALA A 102 -2.28 21.84 -5.11
N GLU A 103 -3.32 22.67 -4.91
CA GLU A 103 -4.61 22.49 -5.58
C GLU A 103 -4.54 22.78 -7.07
N LYS A 104 -3.39 23.23 -7.52
CA LYS A 104 -3.13 23.41 -8.95
C LYS A 104 -2.97 22.05 -9.64
N ASN A 105 -2.99 21.01 -8.83
CA ASN A 105 -2.91 19.66 -9.32
C ASN A 105 -4.23 18.96 -9.04
N PHE A 106 -5.17 19.68 -8.39
CA PHE A 106 -6.45 19.11 -7.89
C PHE A 106 -7.22 18.33 -8.95
N ASP A 107 -7.35 18.91 -10.14
CA ASP A 107 -8.08 18.28 -11.23
C ASP A 107 -7.45 16.97 -11.58
N LEU A 108 -6.14 16.98 -11.69
CA LEU A 108 -5.38 15.80 -12.04
C LEU A 108 -5.50 14.77 -10.91
N ILE A 109 -5.36 15.24 -9.68
CA ILE A 109 -5.45 14.39 -8.48
C ILE A 109 -6.75 13.61 -8.45
N LEU A 110 -7.86 14.30 -8.57
CA LEU A 110 -9.14 13.70 -8.41
C LEU A 110 -9.62 12.95 -9.63
N LYS A 111 -9.02 13.21 -10.75
CA LYS A 111 -9.43 12.66 -12.02
C LYS A 111 -8.57 11.46 -12.43
N ASP A 112 -7.27 11.62 -12.33
CA ASP A 112 -6.35 10.58 -12.78
C ASP A 112 -5.59 9.96 -11.61
N GLY A 113 -5.69 10.60 -10.45
CA GLY A 113 -5.09 10.09 -9.25
C GLY A 113 -3.78 10.75 -8.94
N ILE A 114 -3.21 10.40 -7.80
CA ILE A 114 -1.89 10.86 -7.47
C ILE A 114 -0.94 10.07 -8.32
N LYS A 115 -0.44 10.74 -9.33
CA LYS A 115 0.41 10.13 -10.29
C LYS A 115 1.26 11.23 -10.91
N LYS A 116 0.60 12.12 -11.67
CA LYS A 116 1.24 13.29 -12.30
C LYS A 116 2.43 12.82 -13.17
N MET A 117 2.16 11.78 -13.94
CA MET A 117 3.14 11.09 -14.80
C MET A 117 4.21 10.43 -13.95
N SER A 118 3.90 9.27 -13.44
CA SER A 118 4.79 8.54 -12.59
C SER A 118 5.82 7.78 -13.41
N ARG A 119 6.84 8.46 -13.84
CA ARG A 119 7.92 7.81 -14.54
C ARG A 119 9.08 7.66 -13.60
N HIS A 120 8.87 8.18 -12.41
CA HIS A 120 9.81 8.12 -11.31
C HIS A 120 8.99 8.05 -10.04
N HIS A 121 9.66 7.81 -8.94
CA HIS A 121 9.03 7.74 -7.63
C HIS A 121 8.34 9.10 -7.25
N VAL A 122 7.04 9.07 -7.05
CA VAL A 122 6.24 10.26 -6.72
C VAL A 122 6.31 10.50 -5.23
N HIS A 123 6.35 11.75 -4.82
CA HIS A 123 6.46 12.08 -3.39
C HIS A 123 5.21 11.74 -2.62
N LEU A 124 5.39 11.08 -1.52
CA LEU A 124 4.35 10.70 -0.63
C LEU A 124 4.72 11.22 0.77
N SER A 125 3.78 11.85 1.42
CA SER A 125 4.04 12.45 2.70
C SER A 125 3.50 11.55 3.77
N GLN A 126 3.86 11.81 5.02
CA GLN A 126 3.46 10.97 6.12
C GLN A 126 2.30 11.54 6.98
N ASP A 127 2.40 12.79 7.38
CA ASP A 127 1.47 13.35 8.35
C ASP A 127 0.83 14.62 7.80
N ILE A 128 -0.18 15.16 8.50
CA ILE A 128 -0.84 16.42 8.15
C ILE A 128 0.21 17.53 8.13
N THR A 129 1.10 17.50 9.11
CA THR A 129 2.13 18.50 9.21
C THR A 129 3.08 18.39 8.02
N THR A 130 3.32 17.16 7.56
CA THR A 130 4.16 16.93 6.43
C THR A 130 3.46 17.43 5.19
N ALA A 131 2.16 17.16 5.12
CA ALA A 131 1.33 17.53 3.99
C ALA A 131 1.43 19.02 3.71
N ARG A 132 1.30 19.81 4.76
CA ARG A 132 1.41 21.25 4.62
C ARG A 132 2.84 21.64 4.33
N LYS A 133 3.77 21.08 5.11
CA LYS A 133 5.20 21.40 5.03
C LYS A 133 5.80 21.15 3.65
N VAL A 134 5.48 20.02 3.06
CA VAL A 134 5.98 19.70 1.74
C VAL A 134 5.29 20.57 0.69
N GLY A 135 4.01 20.84 0.91
CA GLY A 135 3.25 21.63 -0.03
C GLY A 135 3.52 23.12 0.13
N MET A 136 4.36 23.47 1.12
CA MET A 136 4.80 24.86 1.33
C MET A 136 5.60 25.34 0.14
N ARG A 137 5.99 24.39 -0.75
CA ARG A 137 6.61 24.71 -2.02
C ARG A 137 5.68 25.62 -2.85
N HIS A 138 4.38 25.58 -2.55
CA HIS A 138 3.46 26.42 -3.24
C HIS A 138 2.71 27.32 -2.25
N GLY A 139 2.15 26.75 -1.18
CA GLY A 139 1.44 27.58 -0.24
C GLY A 139 0.64 26.75 0.71
N LYS A 140 -0.62 26.54 0.38
CA LYS A 140 -1.48 25.72 1.23
C LYS A 140 -2.03 24.53 0.44
N PRO A 141 -1.26 23.44 0.40
CA PRO A 141 -1.67 22.14 -0.18
C PRO A 141 -3.02 21.62 0.31
N VAL A 142 -3.58 20.74 -0.48
CA VAL A 142 -4.75 19.99 -0.13
C VAL A 142 -4.26 18.67 0.44
N VAL A 143 -4.83 18.25 1.53
CA VAL A 143 -4.42 17.03 2.18
C VAL A 143 -5.18 15.84 1.64
N LEU A 144 -4.49 15.03 0.90
CA LEU A 144 -5.02 13.81 0.39
C LEU A 144 -4.71 12.72 1.40
N SER A 145 -5.72 12.26 2.07
CA SER A 145 -5.58 11.30 3.12
C SER A 145 -5.84 9.90 2.57
N VAL A 146 -4.80 9.16 2.32
CA VAL A 146 -4.95 7.84 1.77
C VAL A 146 -4.89 6.86 2.92
N ASP A 147 -5.66 5.82 2.85
CA ASP A 147 -5.60 4.80 3.89
C ASP A 147 -4.39 3.91 3.56
N ALA A 148 -3.29 4.13 4.26
CA ALA A 148 -2.02 3.51 3.92
C ALA A 148 -2.00 2.01 4.12
N LYS A 149 -2.58 1.55 5.21
CA LYS A 149 -2.70 0.12 5.45
C LYS A 149 -3.56 -0.51 4.33
N GLY A 150 -4.55 0.25 3.88
CA GLY A 150 -5.40 -0.18 2.83
C GLY A 150 -4.71 -0.17 1.48
N MET A 151 -3.72 0.71 1.28
CA MET A 151 -3.03 0.76 -0.01
C MET A 151 -2.14 -0.45 -0.16
N ALA A 152 -1.59 -0.93 0.95
CA ALA A 152 -0.76 -2.12 0.96
C ALA A 152 -1.61 -3.32 0.55
N ASP A 153 -2.78 -3.41 1.15
CA ASP A 153 -3.74 -4.47 0.85
C ASP A 153 -4.25 -4.34 -0.59
N GLY A 154 -4.42 -3.09 -1.01
CA GLY A 154 -4.89 -2.78 -2.34
C GLY A 154 -3.84 -3.03 -3.43
N GLY A 155 -2.60 -3.23 -3.03
CA GLY A 155 -1.58 -3.57 -4.00
C GLY A 155 -0.90 -2.37 -4.59
N PHE A 156 -0.87 -1.27 -3.86
CA PHE A 156 -0.20 -0.10 -4.35
C PHE A 156 1.27 -0.14 -3.96
N ASP A 157 2.12 0.49 -4.74
CA ASP A 157 3.54 0.42 -4.54
C ASP A 157 4.06 1.63 -3.84
N PHE A 158 4.45 1.46 -2.62
CA PHE A 158 5.01 2.54 -1.88
C PHE A 158 6.50 2.30 -1.58
N TYR A 159 7.21 3.37 -1.31
CA TYR A 159 8.64 3.34 -1.04
C TYR A 159 8.90 4.28 0.14
N LEU A 160 10.05 4.15 0.74
CA LEU A 160 10.56 5.08 1.71
C LEU A 160 12.02 5.31 1.35
N SER A 161 12.37 6.54 1.10
CA SER A 161 13.71 6.87 0.71
C SER A 161 14.51 7.32 1.93
N ASN A 162 15.84 7.41 1.78
CA ASN A 162 16.77 7.75 2.87
C ASN A 162 16.51 9.16 3.40
N ASN A 163 15.83 9.94 2.58
CA ASN A 163 15.47 11.33 2.92
C ASN A 163 14.36 11.38 3.98
N GLY A 164 13.78 10.22 4.29
CA GLY A 164 12.70 10.15 5.24
C GLY A 164 11.39 10.48 4.57
N VAL A 165 11.44 10.47 3.27
CA VAL A 165 10.33 10.77 2.42
C VAL A 165 9.77 9.48 1.88
N TRP A 166 8.46 9.38 1.86
CA TRP A 166 7.82 8.24 1.27
C TRP A 166 7.60 8.52 -0.17
N LEU A 167 7.50 7.50 -0.93
CA LEU A 167 7.24 7.66 -2.32
C LEU A 167 6.15 6.73 -2.71
N ILE A 168 5.47 7.03 -3.75
CA ILE A 168 4.40 6.23 -4.22
C ILE A 168 4.53 6.10 -5.73
N ASP A 169 4.09 4.98 -6.26
CA ASP A 169 4.02 4.83 -7.70
C ASP A 169 2.80 5.58 -8.19
N PHE A 170 1.66 5.35 -7.53
CA PHE A 170 0.45 6.12 -7.77
C PHE A 170 -0.65 5.68 -6.79
N VAL A 171 -1.51 6.61 -6.41
CA VAL A 171 -2.71 6.32 -5.62
C VAL A 171 -3.92 7.09 -6.14
N PRO A 172 -4.91 6.36 -6.70
CA PRO A 172 -6.18 6.95 -7.20
C PRO A 172 -6.89 7.74 -6.12
N ALA A 173 -7.42 8.92 -6.49
CA ALA A 173 -8.17 9.76 -5.56
C ALA A 173 -9.44 9.06 -5.14
N GLU A 174 -9.85 8.12 -5.95
CA GLU A 174 -10.99 7.26 -5.70
C GLU A 174 -10.78 6.42 -4.43
N PHE A 175 -9.53 6.19 -4.08
CA PHE A 175 -9.19 5.42 -2.91
C PHE A 175 -8.79 6.37 -1.77
N ILE A 176 -8.67 7.63 -2.08
CA ILE A 176 -8.20 8.58 -1.12
C ILE A 176 -9.37 9.35 -0.49
N LYS A 177 -9.18 9.81 0.71
CA LYS A 177 -10.15 10.55 1.43
C LYS A 177 -9.74 12.00 1.37
N VAL A 178 -10.20 12.67 0.37
CA VAL A 178 -9.97 14.07 0.20
C VAL A 178 -10.94 14.86 1.09
N GLY A 1 -4.44 6.34 17.54
CA GLY A 1 -3.46 7.38 17.26
C GLY A 1 -2.24 6.82 16.59
N SER A 2 -1.31 7.70 16.22
CA SER A 2 -0.12 7.37 15.45
C SER A 2 0.78 6.29 16.11
N HIS A 3 0.80 6.20 17.43
CA HIS A 3 1.70 5.25 18.06
C HIS A 3 1.25 3.78 17.83
N MET A 4 -0.01 3.60 17.39
CA MET A 4 -0.58 2.27 17.11
C MET A 4 0.07 1.67 15.89
N VAL A 5 0.59 2.54 15.04
CA VAL A 5 1.25 2.11 13.82
C VAL A 5 2.49 1.30 14.18
N LYS A 6 3.26 1.85 15.11
CA LYS A 6 4.47 1.21 15.55
C LYS A 6 4.14 -0.03 16.33
N VAL A 7 3.06 0.02 17.11
CA VAL A 7 2.60 -1.08 17.89
C VAL A 7 2.20 -2.26 16.96
N SER A 8 1.38 -1.96 15.98
CA SER A 8 0.87 -2.94 15.04
C SER A 8 2.01 -3.58 14.24
N LYS A 9 2.89 -2.76 13.67
CA LYS A 9 4.01 -3.30 12.91
C LYS A 9 4.92 -4.11 13.81
N PHE A 10 5.09 -3.65 15.03
CA PHE A 10 5.89 -4.32 16.02
C PHE A 10 5.34 -5.71 16.29
N LEU A 11 4.08 -5.75 16.65
CA LEU A 11 3.39 -6.98 16.95
C LEU A 11 3.46 -7.94 15.78
N SER A 12 3.32 -7.38 14.58
CA SER A 12 3.44 -8.16 13.38
C SER A 12 4.85 -8.77 13.29
N LEU A 13 5.86 -7.93 13.53
CA LEU A 13 7.29 -8.30 13.48
C LEU A 13 7.63 -9.40 14.48
N VAL A 14 7.34 -9.16 15.74
CA VAL A 14 7.80 -10.04 16.79
C VAL A 14 7.19 -11.38 16.73
N LEU A 15 5.93 -11.44 16.47
CA LEU A 15 5.25 -12.67 16.54
C LEU A 15 5.36 -13.42 15.20
N ARG A 16 6.19 -12.92 14.29
CA ARG A 16 6.33 -13.53 12.98
C ARG A 16 7.77 -14.00 12.69
N HIS A 17 8.75 -13.17 12.96
CA HIS A 17 10.09 -13.40 12.45
C HIS A 17 11.06 -13.74 13.52
N ASN A 18 11.43 -12.77 14.25
CA ASN A 18 12.34 -12.95 15.33
C ASN A 18 11.65 -12.50 16.55
N PRO A 19 10.93 -13.39 17.24
CA PRO A 19 10.21 -13.04 18.47
C PRO A 19 11.16 -12.86 19.61
N ALA A 20 12.28 -13.53 19.47
CA ALA A 20 13.33 -13.62 20.50
C ALA A 20 13.92 -12.26 20.78
N LEU A 21 13.60 -11.35 19.89
CA LEU A 21 14.12 -10.03 19.87
C LEU A 21 13.88 -9.30 21.20
N ILE A 22 12.71 -9.48 21.79
CA ILE A 22 12.35 -8.72 22.97
C ILE A 22 12.25 -9.56 24.20
N GLY A 23 12.77 -10.75 24.15
CA GLY A 23 12.67 -11.63 25.30
C GLY A 23 11.44 -12.49 25.19
N LEU A 24 10.66 -12.18 24.19
CA LEU A 24 9.49 -12.88 23.85
C LEU A 24 9.92 -13.97 22.95
N ASP A 25 9.26 -15.04 22.96
CA ASP A 25 9.50 -16.04 21.97
C ASP A 25 8.16 -16.70 21.70
N LEU A 26 8.03 -17.30 20.58
CA LEU A 26 6.78 -18.03 20.27
C LEU A 26 6.87 -19.46 20.77
N ASP A 27 5.86 -19.90 21.51
CA ASP A 27 5.81 -21.28 22.03
C ASP A 27 5.57 -22.28 20.91
N ALA A 28 5.48 -23.55 21.31
CA ALA A 28 5.43 -24.68 20.37
C ALA A 28 4.24 -24.64 19.42
N ASN A 29 3.09 -24.20 19.91
CA ASN A 29 1.89 -24.13 19.08
C ASN A 29 1.74 -22.77 18.44
N GLY A 30 2.83 -22.02 18.40
CA GLY A 30 2.80 -20.70 17.80
C GLY A 30 2.01 -19.74 18.65
N TRP A 31 2.30 -19.74 19.92
CA TRP A 31 1.63 -18.88 20.86
C TRP A 31 2.63 -18.18 21.74
N ALA A 32 2.57 -16.88 21.78
CA ALA A 32 3.43 -16.11 22.63
C ALA A 32 2.63 -15.63 23.82
N PRO A 33 3.23 -15.60 25.02
CA PRO A 33 2.54 -15.12 26.22
C PRO A 33 2.20 -13.63 26.08
N VAL A 34 0.92 -13.32 26.22
CA VAL A 34 0.49 -11.96 26.04
C VAL A 34 1.12 -11.04 27.07
N LYS A 35 1.28 -11.50 28.32
CA LYS A 35 1.82 -10.65 29.35
C LYS A 35 3.26 -10.36 29.11
N GLU A 36 3.97 -11.28 28.46
CA GLU A 36 5.33 -11.00 28.03
C GLU A 36 5.29 -9.75 27.19
N LEU A 37 4.43 -9.77 26.21
CA LEU A 37 4.24 -8.64 25.32
C LEU A 37 3.73 -7.40 26.08
N LEU A 38 2.75 -7.55 26.95
CA LEU A 38 2.14 -6.39 27.63
C LEU A 38 3.14 -5.72 28.54
N ALA A 39 3.78 -6.54 29.36
CA ALA A 39 4.73 -6.07 30.33
C ALA A 39 5.93 -5.47 29.61
N LYS A 40 6.42 -6.19 28.61
CA LYS A 40 7.58 -5.79 27.86
C LYS A 40 7.29 -4.56 27.00
N MET A 41 6.09 -4.44 26.46
CA MET A 41 5.72 -3.26 25.65
C MET A 41 5.59 -2.04 26.51
N LYS A 42 5.01 -2.22 27.68
CA LYS A 42 4.92 -1.16 28.68
C LYS A 42 6.35 -0.77 29.07
N ALA A 43 7.17 -1.77 29.34
CA ALA A 43 8.57 -1.58 29.72
C ALA A 43 9.38 -0.88 28.62
N LYS A 44 9.08 -1.19 27.36
CA LYS A 44 9.73 -0.57 26.24
C LYS A 44 9.22 0.86 26.02
N GLY A 45 8.26 1.29 26.81
CA GLY A 45 7.74 2.64 26.68
C GLY A 45 6.76 2.77 25.53
N HIS A 46 6.08 1.70 25.21
CA HIS A 46 5.10 1.74 24.13
C HIS A 46 3.67 1.66 24.66
N GLY A 47 3.53 1.75 25.99
CA GLY A 47 2.24 1.86 26.67
C GLY A 47 1.21 0.78 26.37
N ILE A 48 1.58 -0.47 26.50
CA ILE A 48 0.64 -1.54 26.18
C ILE A 48 0.12 -2.24 27.43
N SER A 49 -1.16 -2.14 27.63
CA SER A 49 -1.85 -2.87 28.65
C SER A 49 -2.69 -3.98 27.98
N MET A 50 -3.42 -4.77 28.78
CA MET A 50 -4.34 -5.81 28.28
C MET A 50 -5.36 -5.18 27.34
N GLU A 51 -5.94 -4.10 27.80
CA GLU A 51 -6.95 -3.35 27.05
C GLU A 51 -6.38 -2.77 25.75
N GLU A 52 -5.13 -2.34 25.80
CA GLU A 52 -4.50 -1.69 24.68
C GLU A 52 -4.23 -2.68 23.59
N LEU A 53 -3.51 -3.71 23.92
CA LEU A 53 -3.15 -4.71 22.97
C LEU A 53 -4.35 -5.43 22.35
N LYS A 54 -5.42 -5.64 23.14
CA LYS A 54 -6.65 -6.21 22.57
C LYS A 54 -7.14 -5.30 21.46
N HIS A 55 -7.10 -4.01 21.72
CA HIS A 55 -7.44 -2.97 20.77
C HIS A 55 -6.63 -3.13 19.45
N ILE A 56 -5.33 -3.39 19.56
CA ILE A 56 -4.54 -3.56 18.36
C ILE A 56 -4.77 -4.90 17.72
N VAL A 57 -4.64 -5.96 18.44
CA VAL A 57 -4.69 -7.27 17.85
C VAL A 57 -6.12 -7.64 17.35
N GLU A 58 -7.14 -7.11 17.98
CA GLU A 58 -8.51 -7.36 17.55
C GLU A 58 -8.96 -6.45 16.40
N THR A 59 -8.75 -5.15 16.53
CA THR A 59 -9.28 -4.20 15.57
C THR A 59 -8.24 -3.81 14.49
N ASN A 60 -6.99 -3.97 14.80
CA ASN A 60 -5.93 -3.55 13.91
C ASN A 60 -5.27 -4.72 13.23
N SER A 61 -5.71 -5.01 12.02
CA SER A 61 -5.06 -5.97 11.13
C SER A 61 -5.05 -7.41 11.65
N LYS A 62 -6.16 -7.91 12.21
CA LYS A 62 -6.15 -9.30 12.71
C LYS A 62 -6.17 -10.32 11.55
N LYS A 63 -6.03 -9.83 10.35
CA LYS A 63 -5.80 -10.67 9.22
C LYS A 63 -4.35 -11.18 9.32
N ARG A 64 -3.47 -10.32 9.83
CA ARG A 64 -2.06 -10.65 9.95
C ARG A 64 -1.69 -10.97 11.40
N PHE A 65 -2.68 -10.96 12.25
CA PHE A 65 -2.50 -11.35 13.64
C PHE A 65 -3.46 -12.46 13.94
N ALA A 66 -3.41 -12.96 15.14
CA ALA A 66 -4.35 -13.88 15.68
C ALA A 66 -4.24 -13.81 17.17
N PHE A 67 -5.33 -13.83 17.84
CA PHE A 67 -5.35 -13.63 19.25
C PHE A 67 -6.31 -14.57 19.84
N SER A 68 -5.83 -15.34 20.78
CA SER A 68 -6.59 -16.37 21.39
C SER A 68 -7.79 -15.78 22.09
N GLU A 69 -8.85 -16.55 22.17
CA GLU A 69 -10.11 -16.13 22.72
C GLU A 69 -9.97 -15.75 24.21
N ASN A 70 -8.94 -16.28 24.87
CA ASN A 70 -8.74 -15.96 26.25
C ASN A 70 -7.81 -14.76 26.41
N PHE A 71 -7.35 -14.19 25.28
CA PHE A 71 -6.50 -13.03 25.25
C PHE A 71 -5.18 -13.19 26.06
N GLU A 72 -4.79 -14.43 26.46
CA GLU A 72 -3.56 -14.57 27.25
C GLU A 72 -2.39 -15.03 26.39
N LYS A 73 -2.64 -15.19 25.13
CA LYS A 73 -1.64 -15.60 24.21
C LYS A 73 -1.93 -15.01 22.84
N ILE A 74 -0.87 -14.56 22.20
CA ILE A 74 -0.95 -13.84 20.94
C ILE A 74 0.01 -14.45 19.90
N ARG A 75 -0.25 -14.18 18.64
CA ARG A 75 0.62 -14.60 17.56
C ARG A 75 0.38 -13.67 16.36
N ALA A 76 1.27 -13.66 15.43
CA ALA A 76 1.10 -12.93 14.22
C ALA A 76 1.30 -13.89 13.09
N ASN A 77 0.55 -13.74 12.07
CA ASN A 77 0.55 -14.69 10.98
C ASN A 77 0.24 -14.00 9.68
N GLN A 78 1.17 -14.06 8.78
CA GLN A 78 1.01 -13.39 7.52
C GLN A 78 0.93 -14.37 6.40
N GLY A 79 -0.18 -14.38 5.73
CA GLY A 79 -0.29 -15.15 4.52
C GLY A 79 0.37 -14.38 3.41
N HIS A 80 0.18 -13.09 3.50
CA HIS A 80 0.79 -12.12 2.63
C HIS A 80 1.64 -11.28 3.56
N SER A 81 2.93 -11.31 3.37
CA SER A 81 3.83 -10.55 4.19
C SER A 81 3.61 -9.05 3.97
N VAL A 82 3.67 -8.30 5.02
CA VAL A 82 3.55 -6.88 4.91
C VAL A 82 4.94 -6.32 4.79
N GLU A 83 5.13 -5.39 3.85
CA GLU A 83 6.44 -4.87 3.49
C GLU A 83 7.23 -6.04 2.93
N VAL A 84 6.83 -6.48 1.76
CA VAL A 84 7.40 -7.67 1.19
C VAL A 84 8.75 -7.31 0.63
N ASP A 85 8.82 -6.07 0.04
CA ASP A 85 10.06 -5.44 -0.51
C ASP A 85 10.83 -6.38 -1.45
N LEU A 86 10.12 -7.33 -1.99
CA LEU A 86 10.66 -8.33 -2.85
C LEU A 86 10.93 -7.70 -4.21
N GLY A 87 12.20 -7.37 -4.44
CA GLY A 87 12.61 -6.74 -5.69
C GLY A 87 12.36 -5.24 -5.68
N TYR A 88 11.96 -4.73 -4.53
CA TYR A 88 11.63 -3.32 -4.36
C TYR A 88 12.04 -2.89 -2.97
N GLU A 89 11.50 -1.78 -2.51
CA GLU A 89 11.72 -1.29 -1.18
C GLU A 89 10.34 -0.94 -0.62
N LYS A 90 9.89 -1.71 0.34
CA LYS A 90 8.58 -1.48 0.94
C LYS A 90 8.68 -1.18 2.42
N GLN A 91 8.18 -0.03 2.81
CA GLN A 91 8.04 0.33 4.21
C GLN A 91 6.71 1.05 4.36
N VAL A 92 5.81 0.47 5.12
CA VAL A 92 4.47 1.01 5.26
C VAL A 92 4.47 2.23 6.19
N PRO A 93 3.88 3.33 5.77
CA PRO A 93 3.70 4.47 6.63
C PRO A 93 2.47 4.27 7.55
N PRO A 94 2.24 5.16 8.55
CA PRO A 94 1.04 5.19 9.41
C PRO A 94 -0.27 4.74 8.75
N ALA A 95 -1.20 4.32 9.60
CA ALA A 95 -2.47 3.67 9.19
C ALA A 95 -3.24 4.51 8.21
N VAL A 96 -3.25 5.79 8.45
CA VAL A 96 -3.83 6.71 7.54
C VAL A 96 -2.71 7.62 7.01
N LEU A 97 -2.82 8.02 5.78
CA LEU A 97 -1.81 8.81 5.12
C LEU A 97 -2.35 10.14 4.74
N PHE A 98 -1.45 11.05 4.52
CA PHE A 98 -1.79 12.39 4.17
C PHE A 98 -0.80 12.89 3.11
N HIS A 99 -1.28 13.17 1.93
CA HIS A 99 -0.45 13.65 0.85
C HIS A 99 -0.83 15.07 0.49
N GLY A 100 0.11 15.96 0.55
CA GLY A 100 -0.13 17.33 0.22
C GLY A 100 0.30 17.66 -1.18
N THR A 101 -0.59 18.27 -1.91
CA THR A 101 -0.34 18.73 -3.26
C THR A 101 -1.19 19.97 -3.49
N ALA A 102 -0.70 20.88 -4.33
CA ALA A 102 -1.34 22.20 -4.59
C ALA A 102 -2.87 22.12 -4.73
N GLU A 103 -3.56 22.88 -3.90
CA GLU A 103 -5.01 22.88 -3.85
C GLU A 103 -5.60 23.44 -5.12
N LYS A 104 -4.94 24.39 -5.72
CA LYS A 104 -5.40 24.94 -6.99
C LYS A 104 -5.15 23.97 -8.15
N ASN A 105 -4.60 22.81 -7.83
CA ASN A 105 -4.36 21.76 -8.80
C ASN A 105 -5.36 20.60 -8.55
N PHE A 106 -6.25 20.80 -7.54
CA PHE A 106 -7.29 19.81 -7.11
C PHE A 106 -7.95 19.03 -8.26
N ASP A 107 -8.34 19.72 -9.33
CA ASP A 107 -9.06 19.07 -10.43
C ASP A 107 -8.21 18.00 -11.11
N LEU A 108 -6.93 18.28 -11.29
CA LEU A 108 -6.03 17.34 -11.93
C LEU A 108 -5.75 16.20 -10.97
N ILE A 109 -5.58 16.56 -9.70
CA ILE A 109 -5.32 15.60 -8.62
C ILE A 109 -6.46 14.60 -8.53
N LEU A 110 -7.68 15.10 -8.50
CA LEU A 110 -8.82 14.23 -8.36
C LEU A 110 -9.05 13.40 -9.62
N LYS A 111 -8.59 13.91 -10.73
CA LYS A 111 -8.74 13.26 -12.01
C LYS A 111 -7.80 12.06 -12.15
N ASP A 112 -6.52 12.29 -12.00
CA ASP A 112 -5.51 11.24 -12.22
C ASP A 112 -5.11 10.57 -10.93
N GLY A 113 -5.08 11.35 -9.89
CA GLY A 113 -4.65 10.88 -8.62
C GLY A 113 -3.25 11.29 -8.36
N ILE A 114 -2.61 10.63 -7.45
CA ILE A 114 -1.22 10.87 -7.22
C ILE A 114 -0.51 9.94 -8.14
N LYS A 115 0.00 10.50 -9.17
CA LYS A 115 0.70 9.78 -10.17
C LYS A 115 1.43 10.81 -11.00
N LYS A 116 0.70 11.42 -11.96
CA LYS A 116 1.20 12.43 -12.90
C LYS A 116 2.29 11.84 -13.82
N MET A 117 3.35 11.42 -13.22
CA MET A 117 4.46 10.77 -13.86
C MET A 117 5.18 10.02 -12.76
N SER A 118 4.94 8.74 -12.68
CA SER A 118 5.57 7.95 -11.68
C SER A 118 6.91 7.48 -12.17
N ARG A 119 7.94 8.23 -11.80
CA ARG A 119 9.33 7.90 -12.12
C ARG A 119 9.64 6.48 -11.64
N HIS A 120 9.05 6.15 -10.50
CA HIS A 120 9.02 4.85 -9.85
C HIS A 120 8.67 5.11 -8.40
N HIS A 121 9.17 6.23 -7.89
CA HIS A 121 8.86 6.64 -6.54
C HIS A 121 8.43 8.12 -6.48
N VAL A 122 7.14 8.35 -6.33
CA VAL A 122 6.52 9.69 -6.26
C VAL A 122 6.41 10.09 -4.79
N HIS A 123 6.43 11.39 -4.50
CA HIS A 123 6.41 11.87 -3.10
C HIS A 123 5.15 11.51 -2.33
N LEU A 124 5.34 10.94 -1.17
CA LEU A 124 4.29 10.57 -0.26
C LEU A 124 4.66 11.09 1.15
N SER A 125 3.65 11.37 1.93
CA SER A 125 3.83 11.90 3.25
C SER A 125 3.10 11.02 4.25
N GLN A 126 3.56 11.03 5.48
CA GLN A 126 3.00 10.14 6.48
C GLN A 126 2.03 10.89 7.37
N ASP A 127 2.11 12.20 7.32
CA ASP A 127 1.34 13.06 8.18
C ASP A 127 1.12 14.36 7.44
N ILE A 128 0.23 15.18 7.95
CA ILE A 128 -0.08 16.47 7.38
C ILE A 128 1.16 17.38 7.48
N THR A 129 2.04 17.05 8.43
CA THR A 129 3.27 17.71 8.62
C THR A 129 4.08 17.76 7.32
N THR A 130 4.29 16.61 6.70
CA THR A 130 5.04 16.59 5.51
C THR A 130 4.15 17.04 4.35
N ALA A 131 2.83 16.74 4.46
CA ALA A 131 1.85 17.11 3.42
C ALA A 131 1.91 18.58 3.10
N ARG A 132 1.82 19.41 4.13
CA ARG A 132 1.89 20.83 3.95
C ARG A 132 3.29 21.22 3.53
N LYS A 133 4.29 20.68 4.23
CA LYS A 133 5.70 21.04 4.06
C LYS A 133 6.18 20.85 2.62
N VAL A 134 5.89 19.71 2.04
CA VAL A 134 6.32 19.45 0.69
C VAL A 134 5.52 20.26 -0.31
N GLY A 135 4.22 20.40 -0.06
CA GLY A 135 3.37 21.15 -0.97
C GLY A 135 3.60 22.64 -0.88
N MET A 136 4.35 23.09 0.14
CA MET A 136 4.71 24.52 0.33
C MET A 136 5.52 25.04 -0.83
N ARG A 137 6.04 24.10 -1.63
CA ARG A 137 6.76 24.43 -2.86
C ARG A 137 5.81 25.10 -3.85
N HIS A 138 4.51 24.86 -3.67
CA HIS A 138 3.51 25.42 -4.52
C HIS A 138 2.62 26.40 -3.75
N GLY A 139 2.27 26.09 -2.51
CA GLY A 139 1.48 27.02 -1.74
C GLY A 139 0.98 26.37 -0.51
N LYS A 140 -0.32 26.28 -0.38
CA LYS A 140 -0.94 25.57 0.70
C LYS A 140 -1.71 24.39 0.13
N PRO A 141 -1.02 23.26 -0.02
CA PRO A 141 -1.57 21.99 -0.52
C PRO A 141 -2.86 21.52 0.14
N VAL A 142 -3.60 20.74 -0.61
CA VAL A 142 -4.75 20.05 -0.16
C VAL A 142 -4.26 18.69 0.32
N VAL A 143 -4.80 18.21 1.39
CA VAL A 143 -4.37 16.97 1.94
C VAL A 143 -5.25 15.82 1.49
N LEU A 144 -4.66 14.99 0.68
CA LEU A 144 -5.25 13.77 0.17
C LEU A 144 -4.99 12.67 1.18
N SER A 145 -6.01 12.19 1.82
CA SER A 145 -5.83 11.21 2.85
C SER A 145 -6.04 9.81 2.28
N VAL A 146 -4.98 9.04 2.22
CA VAL A 146 -5.04 7.71 1.63
C VAL A 146 -5.05 6.69 2.76
N ASP A 147 -5.73 5.60 2.57
CA ASP A 147 -5.73 4.54 3.56
C ASP A 147 -4.53 3.63 3.33
N ALA A 148 -3.63 3.63 4.30
CA ALA A 148 -2.40 2.87 4.20
C ALA A 148 -2.66 1.38 4.23
N LYS A 149 -3.66 0.98 5.02
CA LYS A 149 -4.03 -0.42 5.17
C LYS A 149 -4.43 -0.99 3.81
N GLY A 150 -5.22 -0.22 3.11
CA GLY A 150 -5.68 -0.57 1.80
C GLY A 150 -4.56 -0.73 0.80
N MET A 151 -3.60 0.18 0.79
CA MET A 151 -2.50 0.06 -0.16
C MET A 151 -1.56 -1.10 0.19
N ALA A 152 -1.42 -1.37 1.48
CA ALA A 152 -0.57 -2.46 1.96
C ALA A 152 -1.15 -3.80 1.54
N ASP A 153 -2.46 -3.93 1.64
CA ASP A 153 -3.18 -5.14 1.26
C ASP A 153 -3.24 -5.25 -0.25
N GLY A 154 -3.41 -4.12 -0.91
CA GLY A 154 -3.56 -4.09 -2.35
C GLY A 154 -2.29 -4.42 -3.12
N GLY A 155 -1.14 -4.25 -2.49
CA GLY A 155 0.09 -4.57 -3.17
C GLY A 155 0.76 -3.37 -3.81
N PHE A 156 0.51 -2.21 -3.26
CA PHE A 156 1.12 -0.98 -3.76
C PHE A 156 2.57 -0.89 -3.32
N ASP A 157 3.31 0.05 -3.87
CA ASP A 157 4.71 0.19 -3.53
C ASP A 157 4.95 1.47 -2.80
N PHE A 158 5.21 1.32 -1.54
CA PHE A 158 5.49 2.40 -0.63
C PHE A 158 6.94 2.27 -0.17
N TYR A 159 7.71 3.28 -0.44
CA TYR A 159 9.14 3.24 -0.19
C TYR A 159 9.46 4.27 0.87
N LEU A 160 10.27 3.93 1.80
CA LEU A 160 10.74 4.89 2.77
C LEU A 160 12.15 5.30 2.40
N SER A 161 12.35 6.58 2.21
CA SER A 161 13.62 7.10 1.88
C SER A 161 14.32 7.57 3.17
N ASN A 162 15.63 7.72 3.08
CA ASN A 162 16.51 8.01 4.22
C ASN A 162 16.18 9.28 5.03
N ASN A 163 15.55 10.27 4.41
CA ASN A 163 15.20 11.50 5.14
C ASN A 163 13.84 11.41 5.81
N GLY A 164 13.22 10.25 5.78
CA GLY A 164 11.92 10.10 6.40
C GLY A 164 10.82 10.50 5.43
N VAL A 165 11.16 10.44 4.17
CA VAL A 165 10.25 10.77 3.11
C VAL A 165 9.67 9.49 2.57
N TRP A 166 8.39 9.46 2.35
CA TRP A 166 7.79 8.30 1.79
C TRP A 166 7.58 8.51 0.33
N LEU A 167 7.56 7.45 -0.38
CA LEU A 167 7.34 7.50 -1.78
C LEU A 167 6.32 6.44 -2.15
N ILE A 168 5.59 6.70 -3.18
CA ILE A 168 4.56 5.82 -3.65
C ILE A 168 4.65 5.67 -5.16
N ASP A 169 4.34 4.49 -5.63
CA ASP A 169 4.22 4.20 -7.06
C ASP A 169 3.14 5.12 -7.64
N PHE A 170 1.91 4.99 -7.13
CA PHE A 170 0.82 5.92 -7.43
C PHE A 170 -0.43 5.55 -6.63
N VAL A 171 -1.27 6.54 -6.34
CA VAL A 171 -2.53 6.33 -5.64
C VAL A 171 -3.66 7.14 -6.28
N PRO A 172 -4.62 6.45 -6.92
CA PRO A 172 -5.80 7.09 -7.55
C PRO A 172 -6.62 7.90 -6.55
N ALA A 173 -6.97 9.16 -6.90
CA ALA A 173 -7.77 10.03 -6.02
C ALA A 173 -9.15 9.43 -5.78
N GLU A 174 -9.53 8.57 -6.68
CA GLU A 174 -10.76 7.80 -6.61
C GLU A 174 -10.76 6.89 -5.37
N PHE A 175 -9.60 6.44 -5.00
CA PHE A 175 -9.41 5.59 -3.85
C PHE A 175 -9.12 6.43 -2.60
N ILE A 176 -8.72 7.66 -2.84
CA ILE A 176 -8.29 8.54 -1.77
C ILE A 176 -9.49 9.29 -1.19
N LYS A 177 -9.34 9.74 0.03
CA LYS A 177 -10.32 10.47 0.73
C LYS A 177 -9.80 11.90 0.81
N VAL A 178 -10.18 12.71 -0.11
CA VAL A 178 -9.77 14.07 -0.08
C VAL A 178 -10.60 14.86 0.96
N GLY A 1 -8.19 9.10 16.48
CA GLY A 1 -7.06 9.42 17.35
C GLY A 1 -5.75 9.26 16.63
N SER A 2 -5.02 10.34 16.46
CA SER A 2 -3.76 10.31 15.76
C SER A 2 -2.67 9.50 16.48
N HIS A 3 -2.76 9.42 17.80
CA HIS A 3 -1.78 8.61 18.53
C HIS A 3 -2.11 7.13 18.34
N MET A 4 -3.39 6.81 18.20
CA MET A 4 -3.83 5.45 17.89
C MET A 4 -3.22 5.00 16.59
N VAL A 5 -3.06 5.93 15.68
CA VAL A 5 -2.40 5.69 14.40
C VAL A 5 -0.95 5.17 14.62
N LYS A 6 -0.25 5.81 15.56
CA LYS A 6 1.13 5.44 15.93
C LYS A 6 1.13 4.06 16.57
N VAL A 7 0.15 3.85 17.45
CA VAL A 7 -0.04 2.61 18.15
C VAL A 7 -0.28 1.45 17.15
N SER A 8 -1.12 1.72 16.14
CA SER A 8 -1.46 0.75 15.12
C SER A 8 -0.23 0.21 14.39
N LYS A 9 0.65 1.10 13.94
CA LYS A 9 1.82 0.64 13.23
C LYS A 9 2.77 -0.11 14.15
N PHE A 10 2.81 0.30 15.42
CA PHE A 10 3.63 -0.39 16.40
C PHE A 10 3.16 -1.82 16.54
N LEU A 11 1.88 -1.97 16.78
CA LEU A 11 1.25 -3.26 16.94
C LEU A 11 1.44 -4.12 15.70
N SER A 12 1.35 -3.51 14.55
CA SER A 12 1.57 -4.20 13.31
C SER A 12 3.01 -4.75 13.21
N LEU A 13 3.97 -3.98 13.74
CA LEU A 13 5.41 -4.33 13.73
C LEU A 13 5.68 -5.50 14.66
N VAL A 14 5.23 -5.38 15.89
CA VAL A 14 5.59 -6.33 16.93
C VAL A 14 4.97 -7.67 16.71
N LEU A 15 3.86 -7.69 16.08
CA LEU A 15 3.15 -8.91 15.87
C LEU A 15 3.53 -9.57 14.55
N ARG A 16 4.60 -9.09 13.93
CA ARG A 16 4.99 -9.58 12.61
C ARG A 16 6.50 -9.89 12.47
N HIS A 17 7.37 -8.98 12.89
CA HIS A 17 8.78 -9.01 12.48
C HIS A 17 9.67 -9.50 13.57
N ASN A 18 9.90 -8.68 14.50
CA ASN A 18 10.67 -9.06 15.63
C ASN A 18 9.79 -8.85 16.79
N PRO A 19 9.00 -9.86 17.15
CA PRO A 19 8.02 -9.73 18.23
C PRO A 19 8.70 -9.69 19.57
N ALA A 20 9.85 -10.31 19.57
CA ALA A 20 10.69 -10.49 20.74
C ALA A 20 11.13 -9.16 21.28
N LEU A 21 10.93 -8.13 20.47
CA LEU A 21 11.44 -6.84 20.69
C LEU A 21 10.95 -6.26 22.02
N ILE A 22 9.73 -6.57 22.39
CA ILE A 22 9.15 -5.98 23.59
C ILE A 22 8.91 -7.00 24.68
N GLY A 23 9.54 -8.14 24.56
CA GLY A 23 9.35 -9.21 25.54
C GLY A 23 8.24 -10.11 25.10
N LEU A 24 7.53 -9.64 24.11
CA LEU A 24 6.48 -10.34 23.46
C LEU A 24 7.13 -11.27 22.48
N ASP A 25 6.50 -12.31 22.13
CA ASP A 25 6.99 -13.14 21.07
C ASP A 25 5.79 -13.72 20.35
N LEU A 26 5.91 -14.01 19.10
CA LEU A 26 4.85 -14.71 18.37
C LEU A 26 5.09 -16.20 18.43
N ASP A 27 4.37 -16.88 19.30
CA ASP A 27 4.53 -18.32 19.51
C ASP A 27 3.91 -19.12 18.33
N ALA A 28 3.92 -20.44 18.41
CA ALA A 28 3.55 -21.34 17.32
C ALA A 28 2.11 -21.16 16.80
N ASN A 29 1.18 -20.81 17.65
CA ASN A 29 -0.21 -20.59 17.22
C ASN A 29 -0.46 -19.13 16.88
N GLY A 30 0.60 -18.37 16.75
CA GLY A 30 0.45 -16.95 16.51
C GLY A 30 0.06 -16.28 17.78
N TRP A 31 0.67 -16.71 18.84
CA TRP A 31 0.33 -16.25 20.14
C TRP A 31 1.33 -15.26 20.66
N ALA A 32 0.92 -14.03 20.69
CA ALA A 32 1.68 -13.00 21.34
C ALA A 32 0.88 -12.56 22.55
N PRO A 33 1.49 -12.59 23.74
CA PRO A 33 0.78 -12.26 24.97
C PRO A 33 0.34 -10.79 25.03
N VAL A 34 -0.96 -10.61 25.17
CA VAL A 34 -1.51 -9.29 25.24
C VAL A 34 -1.02 -8.56 26.47
N LYS A 35 -0.89 -9.27 27.60
CA LYS A 35 -0.50 -8.68 28.86
C LYS A 35 0.90 -8.10 28.78
N GLU A 36 1.75 -8.71 27.96
CA GLU A 36 3.09 -8.23 27.73
C GLU A 36 2.98 -6.87 27.08
N LEU A 37 2.31 -6.87 25.96
CA LEU A 37 2.10 -5.68 25.14
C LEU A 37 1.40 -4.58 25.96
N LEU A 38 0.39 -4.92 26.71
CA LEU A 38 -0.36 -3.95 27.51
C LEU A 38 0.53 -3.29 28.54
N ALA A 39 1.27 -4.11 29.27
CA ALA A 39 2.16 -3.64 30.29
C ALA A 39 3.26 -2.80 29.68
N LYS A 40 3.82 -3.32 28.61
CA LYS A 40 4.90 -2.68 27.89
C LYS A 40 4.48 -1.38 27.24
N MET A 41 3.32 -1.33 26.65
CA MET A 41 2.86 -0.12 25.97
C MET A 41 2.53 0.97 26.95
N LYS A 42 1.96 0.58 28.06
CA LYS A 42 1.70 1.52 29.13
C LYS A 42 3.03 2.02 29.71
N ALA A 43 3.97 1.09 29.89
CA ALA A 43 5.31 1.40 30.42
C ALA A 43 6.14 2.23 29.42
N LYS A 44 5.89 2.02 28.13
CA LYS A 44 6.51 2.76 27.09
C LYS A 44 5.91 4.15 26.95
N GLY A 45 4.94 4.47 27.80
CA GLY A 45 4.31 5.76 27.77
C GLY A 45 3.45 5.93 26.56
N HIS A 46 2.79 4.87 26.15
CA HIS A 46 1.92 4.93 24.98
C HIS A 46 0.47 4.74 25.37
N GLY A 47 0.23 4.73 26.69
CA GLY A 47 -1.12 4.68 27.25
C GLY A 47 -2.00 3.53 26.79
N ILE A 48 -1.53 2.31 26.86
CA ILE A 48 -2.38 1.19 26.47
C ILE A 48 -2.92 0.47 27.69
N SER A 49 -4.21 0.52 27.81
CA SER A 49 -4.93 -0.23 28.79
C SER A 49 -5.56 -1.38 28.03
N MET A 50 -6.12 -2.37 28.70
CA MET A 50 -6.69 -3.53 27.98
C MET A 50 -7.82 -3.05 27.06
N GLU A 51 -8.71 -2.25 27.62
CA GLU A 51 -9.83 -1.68 26.88
C GLU A 51 -9.35 -0.81 25.70
N GLU A 52 -8.22 -0.14 25.90
CA GLU A 52 -7.66 0.77 24.93
C GLU A 52 -7.10 -0.03 23.78
N LEU A 53 -6.46 -1.11 24.13
CA LEU A 53 -5.92 -2.00 23.13
C LEU A 53 -6.99 -2.54 22.22
N LYS A 54 -8.05 -3.09 22.83
CA LYS A 54 -9.16 -3.67 22.10
C LYS A 54 -9.74 -2.64 21.14
N HIS A 55 -9.70 -1.39 21.59
CA HIS A 55 -10.06 -0.23 20.79
C HIS A 55 -9.26 -0.21 19.48
N ILE A 56 -7.93 -0.28 19.57
CA ILE A 56 -7.09 -0.30 18.37
C ILE A 56 -7.35 -1.55 17.56
N VAL A 57 -7.29 -2.68 18.22
CA VAL A 57 -7.40 -3.97 17.58
C VAL A 57 -8.72 -4.11 16.78
N GLU A 58 -9.82 -3.74 17.39
CA GLU A 58 -11.10 -3.91 16.75
C GLU A 58 -11.46 -2.81 15.73
N THR A 59 -11.06 -1.57 15.96
CA THR A 59 -11.51 -0.52 15.05
C THR A 59 -10.42 0.08 14.13
N ASN A 60 -9.18 -0.03 14.52
CA ASN A 60 -8.08 0.56 13.76
C ASN A 60 -7.77 -0.24 12.51
N SER A 61 -7.53 -1.53 12.68
CA SER A 61 -7.27 -2.42 11.55
C SER A 61 -7.54 -3.87 11.95
N LYS A 62 -8.82 -4.21 12.14
CA LYS A 62 -9.19 -5.55 12.60
C LYS A 62 -8.85 -6.63 11.55
N LYS A 63 -8.63 -6.20 10.32
CA LYS A 63 -8.16 -7.09 9.27
C LYS A 63 -6.74 -7.56 9.60
N ARG A 64 -5.95 -6.66 10.13
CA ARG A 64 -4.57 -6.97 10.38
C ARG A 64 -4.40 -7.51 11.78
N PHE A 65 -4.99 -6.86 12.76
CA PHE A 65 -4.84 -7.29 14.14
C PHE A 65 -5.81 -8.42 14.42
N ALA A 66 -5.26 -9.58 14.62
CA ALA A 66 -6.02 -10.73 14.98
C ALA A 66 -5.93 -10.89 16.47
N PHE A 67 -7.04 -11.05 17.11
CA PHE A 67 -7.10 -11.02 18.53
C PHE A 67 -8.02 -12.08 19.02
N SER A 68 -7.48 -12.91 19.88
CA SER A 68 -8.20 -14.00 20.46
C SER A 68 -9.49 -13.51 21.09
N GLU A 69 -10.52 -14.29 20.95
CA GLU A 69 -11.83 -13.94 21.48
C GLU A 69 -11.79 -14.04 23.00
N ASN A 70 -10.75 -14.67 23.50
CA ASN A 70 -10.49 -14.79 24.92
C ASN A 70 -9.53 -13.67 25.37
N PHE A 71 -9.13 -12.75 24.43
CA PHE A 71 -8.39 -11.53 24.74
C PHE A 71 -7.07 -11.77 25.48
N GLU A 72 -6.48 -12.95 25.32
CA GLU A 72 -5.23 -13.22 26.03
C GLU A 72 -4.05 -13.04 25.09
N LYS A 73 -4.30 -13.24 23.82
CA LYS A 73 -3.28 -13.11 22.82
C LYS A 73 -3.71 -12.23 21.68
N ILE A 74 -2.74 -11.64 21.06
CA ILE A 74 -2.89 -10.79 19.90
C ILE A 74 -1.89 -11.25 18.86
N ARG A 75 -2.09 -10.88 17.62
CA ARG A 75 -1.17 -11.15 16.52
C ARG A 75 -1.57 -10.30 15.34
N ALA A 76 -0.76 -10.20 14.34
CA ALA A 76 -1.14 -9.47 13.16
C ALA A 76 -0.92 -10.33 11.93
N ASN A 77 -1.98 -10.49 11.17
CA ASN A 77 -1.97 -11.33 9.98
C ASN A 77 -1.13 -10.69 8.92
N GLN A 78 -0.31 -11.47 8.28
CA GLN A 78 0.55 -10.97 7.25
C GLN A 78 0.40 -11.79 5.99
N GLY A 79 -0.54 -11.40 5.14
CA GLY A 79 -0.63 -12.04 3.83
C GLY A 79 0.53 -11.55 3.03
N HIS A 80 0.72 -10.27 3.11
CA HIS A 80 1.84 -9.57 2.58
C HIS A 80 2.45 -8.92 3.79
N SER A 81 3.69 -9.22 4.07
CA SER A 81 4.36 -8.61 5.18
C SER A 81 4.56 -7.15 4.88
N VAL A 82 3.86 -6.32 5.62
CA VAL A 82 3.93 -4.90 5.43
C VAL A 82 5.34 -4.43 5.71
N GLU A 83 5.88 -3.66 4.77
CA GLU A 83 7.27 -3.20 4.78
C GLU A 83 8.19 -4.40 4.70
N VAL A 84 8.38 -4.95 3.51
CA VAL A 84 9.19 -6.12 3.40
C VAL A 84 10.62 -5.64 3.59
N ASP A 85 10.93 -4.48 2.94
CA ASP A 85 12.18 -3.72 3.14
C ASP A 85 13.42 -4.67 3.09
N LEU A 86 13.28 -5.71 2.30
CA LEU A 86 14.29 -6.72 2.17
C LEU A 86 15.15 -6.36 0.98
N GLY A 87 16.36 -5.88 1.27
CA GLY A 87 17.25 -5.41 0.22
C GLY A 87 16.76 -4.11 -0.37
N TYR A 88 15.88 -3.47 0.37
CA TYR A 88 15.19 -2.28 -0.05
C TYR A 88 14.89 -1.43 1.15
N GLU A 89 14.45 -0.22 0.91
CA GLU A 89 13.96 0.58 1.99
C GLU A 89 12.49 0.88 1.71
N LYS A 90 11.65 0.28 2.46
CA LYS A 90 10.23 0.43 2.32
C LYS A 90 9.70 1.01 3.58
N GLN A 91 8.87 1.99 3.47
CA GLN A 91 8.29 2.55 4.63
C GLN A 91 6.83 2.76 4.33
N VAL A 92 6.02 2.00 4.97
CA VAL A 92 4.61 2.11 4.80
C VAL A 92 4.05 2.93 5.94
N PRO A 93 3.25 3.93 5.66
CA PRO A 93 2.56 4.70 6.68
C PRO A 93 1.58 3.80 7.47
N PRO A 94 1.11 4.24 8.64
CA PRO A 94 0.15 3.47 9.44
C PRO A 94 -1.24 3.40 8.78
N ALA A 95 -2.27 3.16 9.59
CA ALA A 95 -3.64 2.97 9.11
C ALA A 95 -4.12 4.09 8.16
N VAL A 96 -3.92 5.32 8.56
CA VAL A 96 -4.28 6.44 7.73
C VAL A 96 -3.01 7.11 7.18
N LEU A 97 -3.14 7.71 6.05
CA LEU A 97 -2.05 8.33 5.35
C LEU A 97 -2.47 9.67 4.81
N PHE A 98 -1.61 10.65 4.97
CA PHE A 98 -1.90 11.99 4.52
C PHE A 98 -0.85 12.46 3.54
N HIS A 99 -1.28 12.83 2.35
CA HIS A 99 -0.40 13.37 1.34
C HIS A 99 -0.80 14.78 1.01
N GLY A 100 0.14 15.67 1.05
CA GLY A 100 -0.15 17.04 0.76
C GLY A 100 0.29 17.41 -0.62
N THR A 101 -0.57 18.10 -1.29
CA THR A 101 -0.30 18.55 -2.63
C THR A 101 -1.12 19.79 -2.88
N ALA A 102 -0.52 20.76 -3.52
CA ALA A 102 -1.16 22.05 -3.71
C ALA A 102 -2.48 21.98 -4.47
N GLU A 103 -3.40 22.82 -4.04
CA GLU A 103 -4.75 22.94 -4.58
C GLU A 103 -4.69 23.46 -6.02
N LYS A 104 -3.55 24.06 -6.38
CA LYS A 104 -3.35 24.50 -7.76
C LYS A 104 -3.30 23.29 -8.69
N ASN A 105 -3.10 22.12 -8.12
CA ASN A 105 -3.00 20.89 -8.88
C ASN A 105 -4.25 20.03 -8.63
N PHE A 106 -5.27 20.62 -7.93
CA PHE A 106 -6.52 19.92 -7.51
C PHE A 106 -7.17 19.06 -8.60
N ASP A 107 -7.35 19.62 -9.79
CA ASP A 107 -8.03 18.90 -10.88
C ASP A 107 -7.23 17.70 -11.27
N LEU A 108 -5.93 17.89 -11.40
CA LEU A 108 -5.03 16.84 -11.78
C LEU A 108 -5.05 15.73 -10.73
N ILE A 109 -5.01 16.14 -9.45
CA ILE A 109 -5.03 15.21 -8.32
C ILE A 109 -6.27 14.32 -8.39
N LEU A 110 -7.40 14.93 -8.58
CA LEU A 110 -8.66 14.21 -8.59
C LEU A 110 -8.88 13.48 -9.91
N LYS A 111 -8.06 13.77 -10.89
CA LYS A 111 -8.20 13.15 -12.19
C LYS A 111 -7.27 11.94 -12.32
N ASP A 112 -5.98 12.18 -12.25
CA ASP A 112 -4.99 11.13 -12.49
C ASP A 112 -4.50 10.55 -11.17
N GLY A 113 -4.85 11.22 -10.09
CA GLY A 113 -4.47 10.79 -8.76
C GLY A 113 -3.08 11.21 -8.44
N ILE A 114 -2.52 10.69 -7.38
CA ILE A 114 -1.13 10.91 -7.09
C ILE A 114 -0.38 9.94 -7.93
N LYS A 115 0.20 10.45 -8.95
CA LYS A 115 0.81 9.67 -9.97
C LYS A 115 1.59 10.61 -10.85
N LYS A 116 2.81 10.29 -11.07
CA LYS A 116 3.66 11.08 -11.91
C LYS A 116 4.35 10.15 -12.87
N MET A 117 5.13 9.28 -12.30
CA MET A 117 5.88 8.29 -13.03
C MET A 117 6.05 7.07 -12.13
N SER A 118 5.09 6.18 -12.19
CA SER A 118 4.96 5.05 -11.27
C SER A 118 6.04 3.97 -11.41
N ARG A 119 6.84 4.02 -12.47
CA ARG A 119 7.95 3.08 -12.54
C ARG A 119 9.19 3.71 -11.93
N HIS A 120 9.01 4.88 -11.42
CA HIS A 120 10.01 5.63 -10.70
C HIS A 120 9.38 6.09 -9.40
N HIS A 121 10.00 6.99 -8.67
CA HIS A 121 9.41 7.36 -7.41
C HIS A 121 8.48 8.58 -7.46
N VAL A 122 7.23 8.38 -7.04
CA VAL A 122 6.23 9.45 -6.97
C VAL A 122 6.13 9.92 -5.51
N HIS A 123 6.02 11.22 -5.30
CA HIS A 123 6.09 11.82 -3.97
C HIS A 123 4.87 11.56 -3.11
N LEU A 124 5.11 10.99 -1.96
CA LEU A 124 4.12 10.70 -0.97
C LEU A 124 4.56 11.33 0.37
N SER A 125 3.68 11.41 1.32
CA SER A 125 3.97 12.02 2.60
C SER A 125 3.58 11.03 3.69
N GLN A 126 3.63 11.42 4.96
CA GLN A 126 3.23 10.52 6.04
C GLN A 126 2.07 11.10 6.87
N ASP A 127 2.21 12.35 7.26
CA ASP A 127 1.31 12.99 8.19
C ASP A 127 0.89 14.33 7.63
N ILE A 128 -0.10 14.97 8.25
CA ILE A 128 -0.58 16.28 7.84
C ILE A 128 0.55 17.32 7.91
N THR A 129 1.47 17.13 8.85
CA THR A 129 2.62 17.96 8.95
C THR A 129 3.43 17.93 7.65
N THR A 130 3.71 16.72 7.19
CA THR A 130 4.47 16.54 6.01
C THR A 130 3.68 17.02 4.82
N ALA A 131 2.36 16.79 4.87
CA ALA A 131 1.43 17.17 3.83
C ALA A 131 1.55 18.65 3.53
N ARG A 132 1.44 19.45 4.57
CA ARG A 132 1.54 20.86 4.42
C ARG A 132 2.98 21.26 4.08
N LYS A 133 3.93 20.68 4.80
CA LYS A 133 5.35 21.01 4.64
C LYS A 133 5.86 20.81 3.21
N VAL A 134 5.55 19.68 2.61
CA VAL A 134 5.99 19.42 1.26
C VAL A 134 5.27 20.32 0.26
N GLY A 135 3.97 20.49 0.43
CA GLY A 135 3.20 21.26 -0.51
C GLY A 135 3.47 22.75 -0.46
N MET A 136 4.19 23.22 0.59
CA MET A 136 4.58 24.66 0.74
C MET A 136 5.27 25.15 -0.52
N ARG A 137 5.95 24.23 -1.21
CA ARG A 137 6.68 24.54 -2.44
C ARG A 137 5.75 25.00 -3.56
N HIS A 138 4.49 24.63 -3.50
CA HIS A 138 3.59 24.93 -4.59
C HIS A 138 2.37 25.77 -4.11
N GLY A 139 2.08 25.76 -2.81
CA GLY A 139 1.06 26.63 -2.31
C GLY A 139 0.59 26.20 -1.00
N LYS A 140 -0.69 26.05 -0.86
CA LYS A 140 -1.26 25.51 0.34
C LYS A 140 -1.86 24.14 0.01
N PRO A 141 -1.07 23.10 0.18
CA PRO A 141 -1.48 21.71 -0.03
C PRO A 141 -2.78 21.29 0.61
N VAL A 142 -3.58 20.66 -0.18
CA VAL A 142 -4.76 20.03 0.28
C VAL A 142 -4.34 18.66 0.79
N VAL A 143 -4.86 18.27 1.90
CA VAL A 143 -4.48 17.03 2.50
C VAL A 143 -5.33 15.88 1.97
N LEU A 144 -4.71 15.09 1.15
CA LEU A 144 -5.31 13.90 0.60
C LEU A 144 -5.11 12.77 1.59
N SER A 145 -6.17 12.36 2.24
CA SER A 145 -6.09 11.30 3.21
C SER A 145 -6.43 9.95 2.61
N VAL A 146 -5.42 9.16 2.36
CA VAL A 146 -5.57 7.87 1.73
C VAL A 146 -5.66 6.80 2.81
N ASP A 147 -6.14 5.65 2.46
CA ASP A 147 -6.19 4.53 3.39
C ASP A 147 -4.98 3.64 3.12
N ALA A 148 -3.94 3.85 3.90
CA ALA A 148 -2.67 3.17 3.71
C ALA A 148 -2.75 1.67 3.97
N LYS A 149 -3.46 1.31 5.02
CA LYS A 149 -3.66 -0.09 5.40
C LYS A 149 -4.32 -0.90 4.26
N GLY A 150 -5.34 -0.32 3.65
CA GLY A 150 -6.04 -0.97 2.57
C GLY A 150 -5.19 -1.09 1.35
N MET A 151 -4.32 -0.12 1.13
CA MET A 151 -3.43 -0.16 -0.02
C MET A 151 -2.34 -1.19 0.13
N ALA A 152 -1.79 -1.33 1.33
CA ALA A 152 -0.74 -2.32 1.60
C ALA A 152 -1.28 -3.73 1.38
N ASP A 153 -2.51 -3.93 1.78
CA ASP A 153 -3.21 -5.20 1.61
C ASP A 153 -3.71 -5.36 0.16
N GLY A 154 -3.98 -4.24 -0.48
CA GLY A 154 -4.52 -4.22 -1.84
C GLY A 154 -3.47 -4.39 -2.93
N GLY A 155 -2.21 -4.29 -2.57
CA GLY A 155 -1.18 -4.54 -3.55
C GLY A 155 -0.42 -3.31 -3.98
N PHE A 156 -0.34 -2.31 -3.14
CA PHE A 156 0.49 -1.16 -3.42
C PHE A 156 1.85 -1.35 -2.79
N ASP A 157 2.77 -0.45 -3.03
CA ASP A 157 4.12 -0.59 -2.51
C ASP A 157 4.63 0.75 -2.12
N PHE A 158 5.38 0.78 -1.05
CA PHE A 158 5.78 2.04 -0.52
C PHE A 158 7.29 2.07 -0.36
N TYR A 159 7.88 3.24 -0.52
CA TYR A 159 9.33 3.40 -0.44
C TYR A 159 9.62 4.61 0.42
N LEU A 160 10.86 4.80 0.77
CA LEU A 160 11.26 5.93 1.56
C LEU A 160 12.50 6.54 0.94
N SER A 161 12.58 7.83 0.93
CA SER A 161 13.73 8.50 0.38
C SER A 161 14.61 9.01 1.50
N ASN A 162 15.86 9.23 1.17
CA ASN A 162 16.88 9.78 2.08
C ASN A 162 16.47 11.16 2.58
N ASN A 163 15.60 11.83 1.85
CA ASN A 163 15.14 13.17 2.18
C ASN A 163 14.08 13.13 3.31
N GLY A 164 13.55 11.95 3.60
CA GLY A 164 12.51 11.82 4.61
C GLY A 164 11.14 11.88 3.98
N VAL A 165 11.12 11.66 2.70
CA VAL A 165 9.93 11.68 1.89
C VAL A 165 9.48 10.25 1.63
N TRP A 166 8.18 10.04 1.56
CA TRP A 166 7.62 8.77 1.23
C TRP A 166 7.44 8.70 -0.24
N LEU A 167 7.52 7.54 -0.80
CA LEU A 167 7.36 7.39 -2.21
C LEU A 167 6.39 6.27 -2.49
N ILE A 168 5.65 6.40 -3.58
CA ILE A 168 4.61 5.47 -3.95
C ILE A 168 4.62 5.27 -5.46
N ASP A 169 4.05 4.15 -5.93
CA ASP A 169 3.77 3.97 -7.35
C ASP A 169 2.77 5.02 -7.73
N PHE A 170 1.64 4.97 -7.04
CA PHE A 170 0.56 5.90 -7.24
C PHE A 170 -0.53 5.68 -6.20
N VAL A 171 -1.31 6.73 -5.92
CA VAL A 171 -2.50 6.60 -5.07
C VAL A 171 -3.70 7.27 -5.77
N PRO A 172 -4.68 6.46 -6.20
CA PRO A 172 -5.91 6.95 -6.88
C PRO A 172 -6.72 7.88 -6.02
N ALA A 173 -7.15 9.05 -6.56
CA ALA A 173 -7.96 10.00 -5.79
C ALA A 173 -9.31 9.39 -5.42
N GLU A 174 -9.68 8.36 -6.17
CA GLU A 174 -10.89 7.58 -5.96
C GLU A 174 -10.82 6.83 -4.63
N PHE A 175 -9.61 6.49 -4.21
CA PHE A 175 -9.41 5.73 -2.99
C PHE A 175 -8.99 6.68 -1.86
N ILE A 176 -8.82 7.93 -2.21
CA ILE A 176 -8.42 8.89 -1.23
C ILE A 176 -9.65 9.67 -0.77
N LYS A 177 -9.59 10.18 0.43
CA LYS A 177 -10.61 10.97 0.98
C LYS A 177 -10.10 12.40 0.95
N VAL A 178 -10.44 13.10 -0.10
CA VAL A 178 -10.14 14.50 -0.20
C VAL A 178 -11.18 15.29 0.57
N GLY A 1 -22.31 -24.41 -13.20
CA GLY A 1 -22.41 -23.16 -12.44
C GLY A 1 -21.75 -22.05 -13.20
N SER A 2 -20.90 -21.33 -12.54
CA SER A 2 -20.17 -20.30 -13.18
C SER A 2 -18.70 -20.63 -13.06
N HIS A 3 -18.01 -20.67 -14.18
CA HIS A 3 -16.60 -20.95 -14.14
C HIS A 3 -15.86 -19.67 -13.78
N MET A 4 -16.58 -18.55 -13.84
CA MET A 4 -16.00 -17.24 -13.55
C MET A 4 -15.63 -17.15 -12.09
N VAL A 5 -16.39 -17.87 -11.28
CA VAL A 5 -16.14 -17.98 -9.85
C VAL A 5 -14.73 -18.53 -9.63
N LYS A 6 -14.39 -19.60 -10.34
CA LYS A 6 -13.12 -20.21 -10.25
C LYS A 6 -12.06 -19.41 -10.96
N VAL A 7 -12.47 -18.61 -11.92
CA VAL A 7 -11.60 -17.71 -12.59
C VAL A 7 -11.11 -16.67 -11.58
N SER A 8 -12.04 -16.03 -10.90
CA SER A 8 -11.72 -15.03 -9.89
C SER A 8 -10.90 -15.67 -8.77
N LYS A 9 -11.31 -16.87 -8.36
CA LYS A 9 -10.63 -17.64 -7.33
C LYS A 9 -9.15 -17.83 -7.72
N PHE A 10 -8.97 -18.20 -8.97
CA PHE A 10 -7.67 -18.51 -9.52
C PHE A 10 -6.81 -17.26 -9.67
N LEU A 11 -7.40 -16.24 -10.27
CA LEU A 11 -6.72 -14.98 -10.55
C LEU A 11 -6.20 -14.37 -9.30
N SER A 12 -7.01 -14.43 -8.26
CA SER A 12 -6.63 -13.93 -7.00
C SER A 12 -5.40 -14.69 -6.52
N LEU A 13 -5.47 -16.03 -6.55
CA LEU A 13 -4.42 -16.92 -6.06
C LEU A 13 -3.08 -16.63 -6.72
N VAL A 14 -3.09 -16.55 -8.03
CA VAL A 14 -1.85 -16.43 -8.77
C VAL A 14 -1.20 -15.10 -8.55
N LEU A 15 -1.97 -14.07 -8.44
CA LEU A 15 -1.41 -12.76 -8.32
C LEU A 15 -1.19 -12.38 -6.87
N ARG A 16 -1.38 -13.32 -5.95
CA ARG A 16 -1.27 -13.01 -4.53
C ARG A 16 -0.27 -13.90 -3.80
N HIS A 17 -0.23 -15.16 -4.15
CA HIS A 17 0.50 -16.13 -3.38
C HIS A 17 1.69 -16.62 -4.11
N ASN A 18 1.44 -17.41 -5.05
CA ASN A 18 2.49 -17.94 -5.82
C ASN A 18 2.11 -17.73 -7.21
N PRO A 19 2.65 -16.71 -7.85
CA PRO A 19 2.36 -16.44 -9.26
C PRO A 19 3.04 -17.43 -10.15
N ALA A 20 4.15 -17.91 -9.62
CA ALA A 20 5.10 -18.74 -10.35
C ALA A 20 4.49 -20.07 -10.74
N LEU A 21 3.36 -20.34 -10.14
CA LEU A 21 2.70 -21.58 -10.23
C LEU A 21 2.31 -21.92 -11.68
N ILE A 22 1.92 -20.91 -12.44
CA ILE A 22 1.44 -21.17 -13.79
C ILE A 22 2.34 -20.62 -14.86
N GLY A 23 3.54 -20.27 -14.50
CA GLY A 23 4.44 -19.71 -15.48
C GLY A 23 4.30 -18.21 -15.52
N LEU A 24 3.38 -17.72 -14.72
CA LEU A 24 3.19 -16.33 -14.53
C LEU A 24 4.13 -15.95 -13.43
N ASP A 25 4.62 -14.78 -13.43
CA ASP A 25 5.43 -14.37 -12.32
C ASP A 25 5.19 -12.89 -12.04
N LEU A 26 5.09 -12.53 -10.79
CA LEU A 26 4.86 -11.12 -10.41
C LEU A 26 5.95 -10.15 -10.86
N ASP A 27 5.51 -8.97 -11.15
CA ASP A 27 6.30 -7.86 -11.62
C ASP A 27 6.91 -7.15 -10.41
N ALA A 28 7.85 -6.29 -10.65
CA ALA A 28 8.61 -5.61 -9.61
C ALA A 28 7.76 -4.61 -8.85
N ASN A 29 6.73 -4.08 -9.49
CA ASN A 29 5.84 -3.14 -8.83
C ASN A 29 4.68 -3.85 -8.17
N GLY A 30 4.77 -5.17 -8.09
CA GLY A 30 3.75 -5.97 -7.45
C GLY A 30 2.65 -6.34 -8.41
N TRP A 31 2.88 -6.10 -9.67
CA TRP A 31 1.92 -6.37 -10.71
C TRP A 31 2.22 -7.69 -11.39
N ALA A 32 1.59 -7.96 -12.48
CA ALA A 32 1.88 -9.09 -13.34
C ALA A 32 1.53 -8.68 -14.76
N PRO A 33 2.19 -9.21 -15.78
CA PRO A 33 1.86 -8.91 -17.16
C PRO A 33 0.53 -9.58 -17.54
N VAL A 34 -0.41 -8.78 -18.00
CA VAL A 34 -1.71 -9.31 -18.34
C VAL A 34 -1.62 -10.32 -19.47
N LYS A 35 -0.75 -10.08 -20.46
CA LYS A 35 -0.60 -10.96 -21.60
C LYS A 35 -0.12 -12.34 -21.16
N GLU A 36 0.69 -12.36 -20.12
CA GLU A 36 1.21 -13.59 -19.55
C GLU A 36 0.06 -14.41 -19.02
N LEU A 37 -0.82 -13.76 -18.30
CA LEU A 37 -2.00 -14.37 -17.74
C LEU A 37 -2.97 -14.76 -18.86
N LEU A 38 -3.27 -13.85 -19.74
CA LEU A 38 -4.25 -14.06 -20.82
C LEU A 38 -3.90 -15.25 -21.68
N ALA A 39 -2.66 -15.29 -22.15
CA ALA A 39 -2.22 -16.37 -23.02
C ALA A 39 -2.18 -17.68 -22.27
N LYS A 40 -1.56 -17.67 -21.12
CA LYS A 40 -1.36 -18.87 -20.39
C LYS A 40 -2.67 -19.41 -19.84
N MET A 41 -3.43 -18.58 -19.15
CA MET A 41 -4.67 -19.01 -18.48
C MET A 41 -5.71 -19.48 -19.48
N LYS A 42 -5.66 -18.92 -20.69
CA LYS A 42 -6.48 -19.37 -21.81
C LYS A 42 -6.13 -20.83 -22.15
N ALA A 43 -4.86 -21.14 -22.19
CA ALA A 43 -4.41 -22.50 -22.49
C ALA A 43 -4.59 -23.45 -21.31
N LYS A 44 -4.22 -23.00 -20.12
CA LYS A 44 -4.24 -23.83 -18.89
C LYS A 44 -5.61 -24.09 -18.23
N GLY A 45 -6.61 -24.39 -19.03
CA GLY A 45 -7.88 -24.88 -18.52
C GLY A 45 -8.79 -23.84 -17.92
N HIS A 46 -8.84 -22.68 -18.51
CA HIS A 46 -9.76 -21.63 -18.06
C HIS A 46 -10.33 -20.85 -19.23
N GLY A 47 -9.54 -20.75 -20.29
CA GLY A 47 -10.02 -20.11 -21.51
C GLY A 47 -10.28 -18.63 -21.34
N ILE A 48 -9.32 -17.91 -20.81
CA ILE A 48 -9.47 -16.50 -20.57
C ILE A 48 -9.29 -15.68 -21.84
N SER A 49 -10.34 -15.00 -22.21
CA SER A 49 -10.31 -14.04 -23.27
C SER A 49 -10.16 -12.69 -22.58
N MET A 50 -9.66 -11.69 -23.30
CA MET A 50 -9.42 -10.38 -22.70
C MET A 50 -10.72 -9.81 -22.16
N GLU A 51 -11.78 -9.97 -22.94
CA GLU A 51 -13.11 -9.53 -22.55
C GLU A 51 -13.53 -10.21 -21.24
N GLU A 52 -13.25 -11.50 -21.13
CA GLU A 52 -13.64 -12.27 -19.96
C GLU A 52 -12.81 -11.90 -18.74
N LEU A 53 -11.55 -11.53 -18.96
CA LEU A 53 -10.71 -11.12 -17.85
C LEU A 53 -11.22 -9.82 -17.29
N LYS A 54 -11.39 -8.84 -18.17
CA LYS A 54 -11.86 -7.51 -17.79
C LYS A 54 -13.24 -7.61 -17.15
N HIS A 55 -14.03 -8.53 -17.67
CA HIS A 55 -15.34 -8.89 -17.13
C HIS A 55 -15.23 -9.26 -15.62
N ILE A 56 -14.24 -10.07 -15.29
CA ILE A 56 -14.00 -10.46 -13.92
C ILE A 56 -13.49 -9.28 -13.14
N VAL A 57 -12.48 -8.69 -13.66
CA VAL A 57 -11.74 -7.67 -13.00
C VAL A 57 -12.55 -6.38 -12.73
N GLU A 58 -13.29 -5.92 -13.69
CA GLU A 58 -14.07 -4.71 -13.56
C GLU A 58 -15.45 -5.02 -12.96
N THR A 59 -16.18 -5.89 -13.62
CA THR A 59 -17.57 -6.10 -13.31
C THR A 59 -17.79 -6.99 -12.09
N ASN A 60 -16.86 -7.88 -11.81
CA ASN A 60 -17.06 -8.86 -10.74
C ASN A 60 -16.26 -8.55 -9.50
N SER A 61 -14.99 -8.76 -9.60
CA SER A 61 -14.10 -8.72 -8.49
C SER A 61 -13.23 -7.45 -8.50
N LYS A 62 -13.87 -6.29 -8.68
CA LYS A 62 -13.12 -5.04 -8.81
C LYS A 62 -12.32 -4.67 -7.55
N LYS A 63 -12.91 -4.84 -6.38
CA LYS A 63 -12.21 -4.53 -5.14
C LYS A 63 -11.20 -5.63 -4.76
N ARG A 64 -11.32 -6.78 -5.39
CA ARG A 64 -10.45 -7.91 -5.13
C ARG A 64 -9.26 -7.92 -6.07
N PHE A 65 -9.46 -7.42 -7.26
CA PHE A 65 -8.44 -7.46 -8.29
C PHE A 65 -8.24 -6.05 -8.84
N ALA A 66 -7.01 -5.58 -8.82
CA ALA A 66 -6.66 -4.25 -9.31
C ALA A 66 -6.13 -4.34 -10.74
N PHE A 67 -6.59 -3.46 -11.59
CA PHE A 67 -6.24 -3.46 -12.99
C PHE A 67 -6.15 -2.06 -13.48
N SER A 68 -5.01 -1.74 -14.02
CA SER A 68 -4.75 -0.44 -14.52
C SER A 68 -5.58 -0.19 -15.77
N GLU A 69 -5.83 1.07 -16.02
CA GLU A 69 -6.66 1.48 -17.13
C GLU A 69 -5.98 1.18 -18.46
N ASN A 70 -4.68 0.97 -18.44
CA ASN A 70 -3.98 0.65 -19.67
C ASN A 70 -4.03 -0.85 -19.94
N PHE A 71 -4.69 -1.61 -19.03
CA PHE A 71 -4.91 -3.04 -19.18
C PHE A 71 -3.60 -3.83 -19.44
N GLU A 72 -2.40 -3.31 -19.13
CA GLU A 72 -1.19 -4.11 -19.41
C GLU A 72 -0.71 -4.88 -18.21
N LYS A 73 -1.07 -4.41 -17.05
CA LYS A 73 -0.65 -5.03 -15.83
C LYS A 73 -1.85 -5.37 -14.98
N ILE A 74 -1.77 -6.49 -14.31
CA ILE A 74 -2.83 -6.97 -13.44
C ILE A 74 -2.26 -7.46 -12.13
N ARG A 75 -2.99 -7.26 -11.04
CA ARG A 75 -2.63 -7.83 -9.75
C ARG A 75 -3.83 -7.94 -8.89
N ALA A 76 -3.94 -9.00 -8.19
CA ALA A 76 -5.00 -9.16 -7.27
C ALA A 76 -4.56 -8.54 -5.97
N ASN A 77 -5.49 -8.05 -5.23
CA ASN A 77 -5.21 -7.41 -3.99
C ASN A 77 -4.81 -8.42 -2.97
N GLN A 78 -3.81 -8.09 -2.25
CA GLN A 78 -3.16 -8.99 -1.34
C GLN A 78 -3.85 -9.00 0.02
N GLY A 79 -3.14 -9.54 0.98
CA GLY A 79 -3.54 -9.49 2.36
C GLY A 79 -2.31 -9.14 3.15
N HIS A 80 -2.25 -7.96 3.72
CA HIS A 80 -1.01 -7.56 4.35
C HIS A 80 -1.04 -7.22 5.79
N SER A 81 -0.10 -7.80 6.44
CA SER A 81 0.23 -7.58 7.79
C SER A 81 1.73 -7.85 7.88
N VAL A 82 2.16 -8.81 7.08
CA VAL A 82 3.55 -9.11 6.90
C VAL A 82 4.10 -8.12 5.85
N GLU A 83 5.38 -7.82 5.95
CA GLU A 83 6.08 -6.92 5.03
C GLU A 83 5.91 -7.41 3.60
N VAL A 84 5.61 -6.51 2.70
CA VAL A 84 5.35 -6.83 1.37
C VAL A 84 6.66 -6.58 0.60
N ASP A 85 7.29 -5.44 0.93
CA ASP A 85 8.62 -5.11 0.56
C ASP A 85 9.56 -6.28 0.59
N LEU A 86 10.22 -6.47 -0.50
CA LEU A 86 11.18 -7.49 -0.65
C LEU A 86 12.13 -7.01 -1.73
N GLY A 87 13.29 -6.54 -1.31
CA GLY A 87 14.25 -5.99 -2.26
C GLY A 87 14.02 -4.50 -2.42
N TYR A 88 13.13 -4.00 -1.60
CA TYR A 88 12.70 -2.62 -1.57
C TYR A 88 12.37 -2.32 -0.13
N GLU A 89 12.39 -1.09 0.27
CA GLU A 89 12.00 -0.75 1.62
C GLU A 89 10.71 0.01 1.62
N LYS A 90 9.69 -0.62 2.13
CA LYS A 90 8.38 -0.02 2.30
C LYS A 90 8.21 0.23 3.77
N GLN A 91 7.36 1.14 4.12
CA GLN A 91 7.11 1.39 5.50
C GLN A 91 5.65 1.68 5.68
N VAL A 92 4.99 0.88 6.49
CA VAL A 92 3.56 1.00 6.69
C VAL A 92 3.25 1.77 7.97
N PRO A 93 2.83 3.02 7.85
CA PRO A 93 2.35 3.79 9.00
C PRO A 93 0.98 3.25 9.46
N PRO A 94 0.58 3.55 10.72
CA PRO A 94 -0.69 3.11 11.34
C PRO A 94 -1.93 2.88 10.42
N ALA A 95 -2.76 3.89 10.24
CA ALA A 95 -3.95 3.72 9.46
C ALA A 95 -3.94 4.51 8.15
N VAL A 96 -3.73 5.80 8.24
CA VAL A 96 -3.86 6.65 7.09
C VAL A 96 -2.59 7.52 6.86
N LEU A 97 -2.45 8.00 5.64
CA LEU A 97 -1.37 8.84 5.19
C LEU A 97 -1.97 10.15 4.76
N PHE A 98 -1.26 11.20 4.94
CA PHE A 98 -1.73 12.48 4.49
C PHE A 98 -0.74 13.05 3.49
N HIS A 99 -1.20 13.21 2.27
CA HIS A 99 -0.39 13.71 1.18
C HIS A 99 -0.87 15.09 0.75
N GLY A 100 -0.05 16.07 0.97
CA GLY A 100 -0.39 17.40 0.57
C GLY A 100 0.16 17.70 -0.79
N THR A 101 -0.62 18.36 -1.58
CA THR A 101 -0.25 18.72 -2.93
C THR A 101 -1.05 19.97 -3.31
N ALA A 102 -0.66 20.64 -4.36
CA ALA A 102 -1.24 21.94 -4.73
C ALA A 102 -2.73 21.91 -5.00
N GLU A 103 -3.44 22.70 -4.21
CA GLU A 103 -4.87 22.94 -4.37
C GLU A 103 -5.16 23.58 -5.73
N LYS A 104 -4.15 24.24 -6.27
CA LYS A 104 -4.23 24.88 -7.58
C LYS A 104 -4.39 23.83 -8.68
N ASN A 105 -4.05 22.58 -8.35
CA ASN A 105 -4.10 21.50 -9.30
C ASN A 105 -5.12 20.46 -8.86
N PHE A 106 -6.01 20.85 -7.93
CA PHE A 106 -7.06 19.96 -7.35
C PHE A 106 -7.76 19.09 -8.41
N ASP A 107 -8.14 19.69 -9.53
CA ASP A 107 -8.85 18.96 -10.61
C ASP A 107 -7.99 17.82 -11.15
N LEU A 108 -6.73 18.12 -11.44
CA LEU A 108 -5.78 17.14 -11.96
C LEU A 108 -5.56 16.03 -10.96
N ILE A 109 -5.44 16.42 -9.69
CA ILE A 109 -5.24 15.48 -8.60
C ILE A 109 -6.43 14.55 -8.48
N LEU A 110 -7.60 15.06 -8.72
CA LEU A 110 -8.80 14.28 -8.60
C LEU A 110 -8.97 13.31 -9.74
N LYS A 111 -8.59 13.73 -10.91
CA LYS A 111 -8.75 12.88 -12.05
C LYS A 111 -7.66 11.82 -12.16
N ASP A 112 -6.43 12.24 -12.17
CA ASP A 112 -5.32 11.31 -12.40
C ASP A 112 -4.74 10.80 -11.08
N GLY A 113 -5.00 11.54 -10.02
CA GLY A 113 -4.51 11.17 -8.73
C GLY A 113 -3.06 11.48 -8.60
N ILE A 114 -2.39 10.71 -7.85
CA ILE A 114 -0.98 10.81 -7.72
C ILE A 114 -0.39 9.77 -8.62
N LYS A 115 0.13 10.21 -9.72
CA LYS A 115 0.70 9.34 -10.70
C LYS A 115 1.55 10.18 -11.62
N LYS A 116 0.89 10.82 -12.63
CA LYS A 116 1.52 11.68 -13.65
C LYS A 116 2.96 11.24 -13.99
N MET A 117 3.06 10.08 -14.65
CA MET A 117 4.35 9.45 -14.93
C MET A 117 5.11 9.13 -13.65
N SER A 118 4.79 7.98 -13.09
CA SER A 118 5.40 7.47 -11.88
C SER A 118 6.90 7.37 -12.04
N ARG A 119 7.34 6.84 -13.21
CA ARG A 119 8.75 6.65 -13.57
C ARG A 119 9.38 5.55 -12.71
N HIS A 120 9.54 5.82 -11.45
CA HIS A 120 10.00 4.84 -10.50
C HIS A 120 9.42 5.11 -9.13
N HIS A 121 9.33 6.39 -8.76
CA HIS A 121 8.75 6.73 -7.47
C HIS A 121 8.25 8.18 -7.40
N VAL A 122 7.00 8.33 -7.00
CA VAL A 122 6.39 9.63 -6.81
C VAL A 122 6.43 9.96 -5.32
N HIS A 123 6.50 11.23 -4.96
CA HIS A 123 6.63 11.64 -3.56
C HIS A 123 5.33 11.47 -2.79
N LEU A 124 5.44 10.84 -1.64
CA LEU A 124 4.33 10.57 -0.78
C LEU A 124 4.65 11.09 0.64
N SER A 125 3.61 11.34 1.39
CA SER A 125 3.72 11.88 2.72
C SER A 125 2.82 11.06 3.63
N GLN A 126 3.24 10.89 4.87
CA GLN A 126 2.52 10.06 5.80
C GLN A 126 1.64 10.87 6.77
N ASP A 127 2.08 12.07 7.13
CA ASP A 127 1.38 12.87 8.15
C ASP A 127 1.04 14.25 7.59
N ILE A 128 0.11 14.96 8.22
CA ILE A 128 -0.29 16.28 7.78
C ILE A 128 0.86 17.28 7.92
N THR A 129 1.74 17.06 8.90
CA THR A 129 2.87 17.95 9.09
C THR A 129 3.77 17.91 7.84
N THR A 130 3.91 16.73 7.26
CA THR A 130 4.67 16.57 6.09
C THR A 130 3.85 17.05 4.90
N ALA A 131 2.54 16.73 4.91
CA ALA A 131 1.58 17.09 3.85
C ALA A 131 1.61 18.58 3.58
N ARG A 132 1.54 19.34 4.64
CA ARG A 132 1.59 20.76 4.56
C ARG A 132 2.95 21.24 4.13
N LYS A 133 3.99 20.72 4.77
CA LYS A 133 5.35 21.18 4.52
C LYS A 133 5.77 20.94 3.07
N VAL A 134 5.52 19.75 2.56
CA VAL A 134 5.89 19.42 1.19
C VAL A 134 5.01 20.19 0.19
N GLY A 135 3.77 20.41 0.59
CA GLY A 135 2.85 21.14 -0.25
C GLY A 135 3.14 22.63 -0.28
N MET A 136 3.95 23.10 0.67
CA MET A 136 4.38 24.53 0.75
C MET A 136 5.21 24.89 -0.46
N ARG A 137 5.61 23.87 -1.21
CA ARG A 137 6.29 24.01 -2.47
C ARG A 137 5.38 24.74 -3.47
N HIS A 138 4.06 24.57 -3.31
CA HIS A 138 3.12 25.18 -4.23
C HIS A 138 2.21 26.24 -3.60
N GLY A 139 2.06 26.24 -2.29
CA GLY A 139 1.31 27.31 -1.68
C GLY A 139 0.50 26.80 -0.57
N LYS A 140 -0.79 26.69 -0.78
CA LYS A 140 -1.64 26.08 0.18
C LYS A 140 -2.15 24.72 -0.37
N PRO A 141 -1.42 23.64 -0.07
CA PRO A 141 -1.83 22.27 -0.38
C PRO A 141 -3.25 21.88 0.07
N VAL A 142 -3.73 20.86 -0.55
CA VAL A 142 -4.91 20.18 -0.19
C VAL A 142 -4.44 18.83 0.34
N VAL A 143 -4.96 18.39 1.45
CA VAL A 143 -4.52 17.15 2.00
C VAL A 143 -5.34 15.98 1.48
N LEU A 144 -4.69 15.17 0.70
CA LEU A 144 -5.21 13.93 0.17
C LEU A 144 -4.90 12.83 1.17
N SER A 145 -5.90 12.26 1.80
CA SER A 145 -5.64 11.24 2.78
C SER A 145 -5.66 9.88 2.13
N VAL A 146 -4.52 9.31 1.92
CA VAL A 146 -4.42 8.03 1.29
C VAL A 146 -4.41 7.00 2.39
N ASP A 147 -5.15 5.97 2.26
CA ASP A 147 -5.23 4.98 3.32
C ASP A 147 -3.99 4.06 3.29
N ALA A 148 -3.22 4.10 4.38
CA ALA A 148 -1.95 3.39 4.47
C ALA A 148 -2.16 1.89 4.49
N LYS A 149 -3.02 1.45 5.39
CA LYS A 149 -3.27 0.04 5.54
C LYS A 149 -3.97 -0.51 4.31
N GLY A 150 -4.73 0.33 3.64
CA GLY A 150 -5.40 -0.04 2.42
C GLY A 150 -4.45 -0.27 1.29
N MET A 151 -3.46 0.61 1.13
CA MET A 151 -2.49 0.43 0.05
C MET A 151 -1.59 -0.75 0.34
N ALA A 152 -1.26 -0.95 1.61
CA ALA A 152 -0.42 -2.06 2.02
C ALA A 152 -1.14 -3.37 1.78
N ASP A 153 -2.37 -3.44 2.23
CA ASP A 153 -3.17 -4.66 2.10
C ASP A 153 -3.49 -4.92 0.63
N GLY A 154 -3.72 -3.84 -0.11
CA GLY A 154 -4.05 -3.96 -1.53
C GLY A 154 -2.85 -4.37 -2.39
N GLY A 155 -1.65 -4.12 -1.90
CA GLY A 155 -0.48 -4.54 -2.66
C GLY A 155 0.11 -3.45 -3.52
N PHE A 156 -0.08 -2.21 -3.12
CA PHE A 156 0.47 -1.08 -3.85
C PHE A 156 1.97 -1.02 -3.64
N ASP A 157 2.68 -0.51 -4.60
CA ASP A 157 4.12 -0.46 -4.48
C ASP A 157 4.53 0.85 -3.93
N PHE A 158 4.68 0.88 -2.66
CA PHE A 158 5.13 2.06 -2.01
C PHE A 158 6.55 1.85 -1.53
N TYR A 159 7.20 2.90 -1.06
CA TYR A 159 8.59 2.81 -0.62
C TYR A 159 8.82 3.87 0.46
N LEU A 160 9.85 3.69 1.22
CA LEU A 160 10.31 4.67 2.16
C LEU A 160 11.72 5.10 1.77
N SER A 161 11.95 6.37 1.72
CA SER A 161 13.26 6.89 1.42
C SER A 161 14.07 6.98 2.70
N ASN A 162 15.38 6.94 2.55
CA ASN A 162 16.31 7.06 3.67
C ASN A 162 16.32 8.50 4.19
N ASN A 163 15.63 9.37 3.48
CA ASN A 163 15.50 10.78 3.87
C ASN A 163 14.25 10.95 4.77
N GLY A 164 13.49 9.88 4.95
CA GLY A 164 12.28 9.95 5.79
C GLY A 164 11.05 10.31 4.96
N VAL A 165 11.23 10.37 3.68
CA VAL A 165 10.18 10.70 2.74
C VAL A 165 9.51 9.41 2.27
N TRP A 166 8.20 9.43 2.06
CA TRP A 166 7.53 8.26 1.55
C TRP A 166 7.47 8.35 0.06
N LEU A 167 7.41 7.25 -0.59
CA LEU A 167 7.33 7.21 -2.01
C LEU A 167 6.25 6.25 -2.42
N ILE A 168 5.68 6.47 -3.56
CA ILE A 168 4.60 5.65 -4.05
C ILE A 168 4.71 5.46 -5.54
N ASP A 169 4.32 4.29 -6.00
CA ASP A 169 4.19 4.03 -7.41
C ASP A 169 3.09 4.93 -7.96
N PHE A 170 1.86 4.76 -7.45
CA PHE A 170 0.76 5.67 -7.78
C PHE A 170 -0.48 5.41 -6.94
N VAL A 171 -1.23 6.46 -6.66
CA VAL A 171 -2.49 6.38 -5.91
C VAL A 171 -3.57 7.26 -6.57
N PRO A 172 -4.55 6.63 -7.21
CA PRO A 172 -5.71 7.33 -7.83
C PRO A 172 -6.47 8.11 -6.78
N ALA A 173 -7.00 9.30 -7.12
CA ALA A 173 -7.80 10.09 -6.16
C ALA A 173 -9.07 9.34 -5.80
N GLU A 174 -9.45 8.44 -6.67
CA GLU A 174 -10.58 7.54 -6.48
C GLU A 174 -10.33 6.62 -5.26
N PHE A 175 -9.07 6.34 -5.01
CA PHE A 175 -8.62 5.50 -3.91
C PHE A 175 -8.33 6.34 -2.67
N ILE A 176 -8.22 7.64 -2.87
CA ILE A 176 -7.83 8.53 -1.82
C ILE A 176 -9.06 9.21 -1.24
N LYS A 177 -8.95 9.64 -0.01
CA LYS A 177 -9.96 10.35 0.65
C LYS A 177 -9.57 11.80 0.66
N VAL A 178 -9.99 12.49 -0.34
CA VAL A 178 -9.77 13.90 -0.43
C VAL A 178 -10.71 14.63 0.55
N GLY A 1 13.22 -14.94 -14.30
CA GLY A 1 12.04 -14.27 -14.79
C GLY A 1 12.26 -12.79 -14.94
N SER A 2 11.25 -12.11 -15.43
CA SER A 2 11.29 -10.69 -15.58
C SER A 2 9.92 -10.09 -15.26
N HIS A 3 8.83 -10.70 -15.76
CA HIS A 3 7.50 -10.16 -15.46
C HIS A 3 6.88 -10.92 -14.28
N MET A 4 7.64 -11.84 -13.72
CA MET A 4 7.10 -12.73 -12.68
C MET A 4 6.89 -11.98 -11.38
N VAL A 5 7.69 -10.92 -11.20
CA VAL A 5 7.52 -10.00 -10.06
C VAL A 5 6.12 -9.37 -10.10
N LYS A 6 5.72 -8.95 -11.28
CA LYS A 6 4.43 -8.31 -11.49
C LYS A 6 3.33 -9.35 -11.27
N VAL A 7 3.63 -10.58 -11.68
CA VAL A 7 2.75 -11.71 -11.51
C VAL A 7 2.54 -11.99 -10.00
N SER A 8 3.65 -11.95 -9.24
CA SER A 8 3.63 -12.16 -7.79
C SER A 8 2.68 -11.15 -7.09
N LYS A 9 2.81 -9.87 -7.47
CA LYS A 9 1.92 -8.85 -6.94
C LYS A 9 0.52 -9.09 -7.37
N PHE A 10 0.36 -9.40 -8.64
CA PHE A 10 -0.93 -9.58 -9.25
C PHE A 10 -1.74 -10.65 -8.55
N LEU A 11 -1.18 -11.82 -8.45
CA LEU A 11 -1.84 -12.96 -7.87
C LEU A 11 -2.24 -12.71 -6.46
N SER A 12 -1.36 -12.08 -5.73
CA SER A 12 -1.69 -11.75 -4.40
C SER A 12 -2.78 -10.67 -4.34
N LEU A 13 -2.82 -9.78 -5.32
CA LEU A 13 -3.83 -8.72 -5.41
C LEU A 13 -5.22 -9.32 -5.65
N VAL A 14 -5.32 -10.14 -6.68
CA VAL A 14 -6.61 -10.62 -7.14
C VAL A 14 -7.26 -11.55 -6.18
N LEU A 15 -6.50 -12.32 -5.51
CA LEU A 15 -7.07 -13.33 -4.68
C LEU A 15 -7.46 -12.83 -3.30
N ARG A 16 -7.43 -11.51 -3.11
CA ARG A 16 -7.75 -10.94 -1.82
C ARG A 16 -8.64 -9.68 -1.88
N HIS A 17 -8.22 -8.70 -2.65
CA HIS A 17 -8.77 -7.36 -2.58
C HIS A 17 -9.96 -7.21 -3.45
N ASN A 18 -9.74 -7.27 -4.68
CA ASN A 18 -10.79 -7.19 -5.62
C ASN A 18 -10.54 -8.25 -6.60
N PRO A 19 -11.09 -9.44 -6.39
CA PRO A 19 -10.89 -10.56 -7.31
C PRO A 19 -11.68 -10.38 -8.56
N ALA A 20 -12.72 -9.60 -8.40
CA ALA A 20 -13.70 -9.33 -9.44
C ALA A 20 -13.07 -8.60 -10.61
N LEU A 21 -11.88 -8.10 -10.34
CA LEU A 21 -11.12 -7.27 -11.20
C LEU A 21 -10.87 -7.92 -12.57
N ILE A 22 -10.60 -9.22 -12.58
CA ILE A 22 -10.28 -9.89 -13.83
C ILE A 22 -11.33 -10.87 -14.26
N GLY A 23 -12.47 -10.79 -13.65
CA GLY A 23 -13.52 -11.75 -13.97
C GLY A 23 -13.37 -12.97 -13.11
N LEU A 24 -12.36 -12.94 -12.27
CA LEU A 24 -12.11 -13.95 -11.31
C LEU A 24 -12.93 -13.56 -10.11
N ASP A 25 -13.27 -14.47 -9.29
CA ASP A 25 -13.95 -14.10 -8.08
C ASP A 25 -13.54 -15.03 -6.95
N LEU A 26 -13.53 -14.52 -5.75
CA LEU A 26 -13.21 -15.31 -4.58
C LEU A 26 -14.37 -16.14 -4.08
N ASP A 27 -14.06 -17.39 -3.81
CA ASP A 27 -14.98 -18.37 -3.27
C ASP A 27 -15.18 -18.08 -1.77
N ALA A 28 -16.07 -18.81 -1.15
CA ALA A 28 -16.44 -18.58 0.23
C ALA A 28 -15.37 -19.10 1.17
N ASN A 29 -14.65 -20.11 0.70
CA ASN A 29 -13.58 -20.74 1.49
C ASN A 29 -12.27 -19.95 1.37
N GLY A 30 -12.32 -18.80 0.72
CA GLY A 30 -11.13 -18.01 0.52
C GLY A 30 -10.25 -18.64 -0.51
N TRP A 31 -10.85 -19.06 -1.58
CA TRP A 31 -10.18 -19.73 -2.67
C TRP A 31 -10.64 -19.16 -3.99
N ALA A 32 -9.95 -19.49 -5.01
CA ALA A 32 -10.33 -19.17 -6.35
C ALA A 32 -9.97 -20.36 -7.20
N PRO A 33 -10.78 -20.69 -8.21
CA PRO A 33 -10.49 -21.80 -9.10
C PRO A 33 -9.23 -21.49 -9.91
N VAL A 34 -8.27 -22.41 -9.89
CA VAL A 34 -7.01 -22.15 -10.56
C VAL A 34 -7.22 -21.97 -12.05
N LYS A 35 -8.15 -22.71 -12.66
CA LYS A 35 -8.36 -22.59 -14.09
C LYS A 35 -9.02 -21.26 -14.43
N GLU A 36 -9.77 -20.69 -13.48
CA GLU A 36 -10.36 -19.36 -13.70
C GLU A 36 -9.22 -18.37 -13.89
N LEU A 37 -8.20 -18.53 -13.09
CA LEU A 37 -7.01 -17.71 -13.18
C LEU A 37 -6.19 -18.08 -14.42
N LEU A 38 -5.95 -19.35 -14.63
CA LEU A 38 -5.13 -19.82 -15.75
C LEU A 38 -5.72 -19.42 -17.09
N ALA A 39 -6.99 -19.69 -17.26
CA ALA A 39 -7.68 -19.37 -18.48
C ALA A 39 -7.71 -17.87 -18.69
N LYS A 40 -8.08 -17.12 -17.65
CA LYS A 40 -8.20 -15.68 -17.74
C LYS A 40 -6.86 -14.98 -17.90
N MET A 41 -5.93 -15.26 -17.04
CA MET A 41 -4.68 -14.51 -16.97
C MET A 41 -3.80 -14.79 -18.18
N LYS A 42 -3.90 -15.99 -18.73
CA LYS A 42 -3.25 -16.27 -19.99
C LYS A 42 -3.95 -15.52 -21.11
N ALA A 43 -5.28 -15.51 -21.07
CA ALA A 43 -6.09 -14.82 -22.06
C ALA A 43 -5.87 -13.31 -22.02
N LYS A 44 -5.50 -12.81 -20.84
CA LYS A 44 -5.17 -11.45 -20.64
C LYS A 44 -3.82 -11.08 -21.27
N GLY A 45 -3.14 -12.08 -21.83
CA GLY A 45 -1.89 -11.84 -22.50
C GLY A 45 -0.70 -11.88 -21.57
N HIS A 46 -0.83 -12.54 -20.45
CA HIS A 46 0.27 -12.60 -19.50
C HIS A 46 0.95 -13.97 -19.47
N GLY A 47 0.55 -14.82 -20.40
CA GLY A 47 1.17 -16.12 -20.61
C GLY A 47 1.26 -17.01 -19.40
N ILE A 48 0.16 -17.21 -18.70
CA ILE A 48 0.19 -18.08 -17.56
C ILE A 48 -0.20 -19.49 -17.98
N SER A 49 0.72 -20.38 -17.82
CA SER A 49 0.51 -21.78 -18.06
C SER A 49 0.33 -22.40 -16.68
N MET A 50 -0.11 -23.65 -16.60
CA MET A 50 -0.34 -24.26 -15.29
C MET A 50 1.00 -24.41 -14.57
N GLU A 51 1.99 -24.91 -15.29
CA GLU A 51 3.35 -25.09 -14.76
C GLU A 51 3.96 -23.74 -14.39
N GLU A 52 3.63 -22.72 -15.19
CA GLU A 52 4.11 -21.37 -15.00
C GLU A 52 3.58 -20.90 -13.70
N LEU A 53 2.29 -21.04 -13.55
CA LEU A 53 1.65 -20.62 -12.33
C LEU A 53 2.22 -21.33 -11.12
N LYS A 54 2.36 -22.67 -11.20
CA LYS A 54 2.91 -23.46 -10.06
C LYS A 54 4.29 -22.90 -9.69
N HIS A 55 5.04 -22.52 -10.71
CA HIS A 55 6.33 -21.83 -10.59
C HIS A 55 6.20 -20.55 -9.73
N ILE A 56 5.12 -19.81 -9.93
CA ILE A 56 4.90 -18.64 -9.13
C ILE A 56 4.41 -19.03 -7.75
N VAL A 57 3.41 -19.86 -7.65
CA VAL A 57 2.82 -20.12 -6.36
C VAL A 57 3.79 -20.80 -5.36
N GLU A 58 4.70 -21.61 -5.86
CA GLU A 58 5.69 -22.24 -5.00
C GLU A 58 6.95 -21.41 -4.77
N THR A 59 7.49 -20.82 -5.80
CA THR A 59 8.77 -20.13 -5.69
C THR A 59 8.61 -18.62 -5.44
N ASN A 60 7.45 -18.11 -5.70
CA ASN A 60 7.22 -16.70 -5.66
C ASN A 60 6.12 -16.34 -4.69
N SER A 61 6.52 -15.76 -3.56
CA SER A 61 5.60 -15.18 -2.60
C SER A 61 4.70 -16.20 -1.92
N LYS A 62 5.18 -17.42 -1.65
CA LYS A 62 4.28 -18.43 -1.09
C LYS A 62 3.78 -18.15 0.34
N LYS A 63 4.28 -17.10 0.95
CA LYS A 63 3.72 -16.66 2.21
C LYS A 63 2.42 -15.92 1.97
N ARG A 64 2.40 -15.15 0.89
CA ARG A 64 1.30 -14.26 0.57
C ARG A 64 0.38 -14.86 -0.50
N PHE A 65 0.91 -15.77 -1.28
CA PHE A 65 0.20 -16.44 -2.35
C PHE A 65 0.18 -17.93 -2.03
N ALA A 66 -0.97 -18.46 -1.67
CA ALA A 66 -1.09 -19.84 -1.27
C ALA A 66 -1.75 -20.66 -2.35
N PHE A 67 -1.44 -21.91 -2.37
CA PHE A 67 -1.88 -22.80 -3.40
C PHE A 67 -2.38 -24.02 -2.73
N SER A 68 -3.48 -24.54 -3.17
CA SER A 68 -3.94 -25.80 -2.65
C SER A 68 -2.90 -26.86 -3.02
N GLU A 69 -2.69 -27.82 -2.16
CA GLU A 69 -1.70 -28.86 -2.41
C GLU A 69 -2.07 -29.68 -3.65
N ASN A 70 -3.35 -29.72 -3.97
CA ASN A 70 -3.79 -30.41 -5.17
C ASN A 70 -3.79 -29.49 -6.40
N PHE A 71 -3.28 -28.22 -6.23
CA PHE A 71 -3.10 -27.25 -7.33
C PHE A 71 -4.41 -27.00 -8.09
N GLU A 72 -5.52 -27.06 -7.40
CA GLU A 72 -6.80 -26.86 -8.06
C GLU A 72 -7.43 -25.52 -7.64
N LYS A 73 -7.04 -25.06 -6.49
CA LYS A 73 -7.50 -23.79 -5.99
C LYS A 73 -6.30 -22.96 -5.59
N ILE A 74 -6.41 -21.68 -5.76
CA ILE A 74 -5.38 -20.72 -5.41
C ILE A 74 -5.98 -19.67 -4.50
N ARG A 75 -5.15 -19.01 -3.74
CA ARG A 75 -5.57 -17.92 -2.88
C ARG A 75 -4.39 -17.04 -2.58
N ALA A 76 -4.65 -15.93 -2.02
CA ALA A 76 -3.66 -15.04 -1.56
C ALA A 76 -4.14 -14.57 -0.22
N ASN A 77 -3.25 -14.13 0.64
CA ASN A 77 -3.63 -13.71 2.00
C ASN A 77 -4.68 -12.62 1.94
N GLN A 78 -5.90 -12.95 2.32
CA GLN A 78 -6.96 -11.96 2.39
C GLN A 78 -6.61 -10.95 3.47
N GLY A 79 -6.38 -9.74 3.05
CA GLY A 79 -5.92 -8.72 3.94
C GLY A 79 -4.45 -8.49 3.73
N HIS A 80 -3.64 -9.01 4.65
CA HIS A 80 -2.18 -8.91 4.62
C HIS A 80 -1.72 -7.45 4.71
N SER A 81 -1.59 -6.99 5.95
CA SER A 81 -1.19 -5.62 6.22
C SER A 81 0.35 -5.52 6.26
N VAL A 82 0.99 -6.66 6.13
CA VAL A 82 2.45 -6.75 6.10
C VAL A 82 2.92 -6.27 4.72
N GLU A 83 4.20 -5.96 4.62
CA GLU A 83 4.85 -5.60 3.36
C GLU A 83 4.45 -6.59 2.27
N VAL A 84 4.07 -6.06 1.12
CA VAL A 84 3.63 -6.88 0.00
C VAL A 84 4.87 -7.09 -0.87
N ASP A 85 5.76 -6.09 -0.69
CA ASP A 85 7.04 -5.91 -1.28
C ASP A 85 7.67 -7.13 -1.84
N LEU A 86 8.24 -6.93 -2.98
CA LEU A 86 8.70 -7.96 -3.76
C LEU A 86 10.01 -7.53 -4.43
N GLY A 87 11.09 -7.65 -3.70
CA GLY A 87 12.40 -7.29 -4.22
C GLY A 87 12.65 -5.80 -4.18
N TYR A 88 11.99 -5.11 -3.30
CA TYR A 88 12.14 -3.68 -3.15
C TYR A 88 12.36 -3.39 -1.65
N GLU A 89 11.60 -2.44 -1.10
CA GLU A 89 11.56 -2.15 0.30
C GLU A 89 10.31 -1.31 0.60
N LYS A 90 9.34 -1.89 1.27
CA LYS A 90 8.15 -1.15 1.63
C LYS A 90 8.22 -0.70 3.04
N GLN A 91 7.67 0.43 3.29
CA GLN A 91 7.68 0.96 4.59
C GLN A 91 6.25 1.23 4.98
N VAL A 92 5.76 0.49 5.95
CA VAL A 92 4.40 0.65 6.40
C VAL A 92 4.33 1.62 7.58
N PRO A 93 3.83 2.83 7.34
CA PRO A 93 3.61 3.83 8.38
C PRO A 93 2.23 3.61 9.06
N PRO A 94 1.93 4.35 10.17
CA PRO A 94 0.63 4.36 10.88
C PRO A 94 -0.63 4.27 9.95
N ALA A 95 -1.80 4.15 10.59
CA ALA A 95 -3.10 3.79 9.97
C ALA A 95 -3.47 4.56 8.71
N VAL A 96 -3.34 5.84 8.76
CA VAL A 96 -3.65 6.64 7.61
C VAL A 96 -2.43 7.48 7.23
N LEU A 97 -2.35 7.82 5.97
CA LEU A 97 -1.25 8.58 5.43
C LEU A 97 -1.78 9.83 4.82
N PHE A 98 -1.06 10.89 4.95
CA PHE A 98 -1.51 12.13 4.43
C PHE A 98 -0.55 12.63 3.35
N HIS A 99 -1.06 12.74 2.15
CA HIS A 99 -0.29 13.19 0.99
C HIS A 99 -0.62 14.65 0.71
N GLY A 100 0.25 15.53 1.13
CA GLY A 100 0.04 16.92 0.89
C GLY A 100 0.63 17.37 -0.39
N THR A 101 -0.06 18.22 -1.07
CA THR A 101 0.35 18.73 -2.36
C THR A 101 -0.50 19.94 -2.63
N ALA A 102 0.04 20.95 -3.31
CA ALA A 102 -0.72 22.18 -3.59
C ALA A 102 -2.01 21.85 -4.32
N GLU A 103 -3.10 22.43 -3.85
CA GLU A 103 -4.44 22.16 -4.37
C GLU A 103 -4.58 22.52 -5.87
N LYS A 104 -3.64 23.27 -6.40
CA LYS A 104 -3.64 23.59 -7.83
C LYS A 104 -3.39 22.33 -8.66
N ASN A 105 -2.71 21.37 -8.05
CA ASN A 105 -2.39 20.08 -8.70
C ASN A 105 -3.55 19.11 -8.47
N PHE A 106 -4.48 19.51 -7.62
CA PHE A 106 -5.59 18.65 -7.22
C PHE A 106 -6.52 18.26 -8.35
N ASP A 107 -6.69 19.16 -9.33
CA ASP A 107 -7.49 18.83 -10.51
C ASP A 107 -6.92 17.59 -11.17
N LEU A 108 -5.62 17.57 -11.35
CA LEU A 108 -4.93 16.43 -11.95
C LEU A 108 -5.09 15.22 -11.02
N ILE A 109 -4.95 15.45 -9.72
CA ILE A 109 -5.08 14.40 -8.71
C ILE A 109 -6.41 13.65 -8.82
N LEU A 110 -7.50 14.37 -8.74
CA LEU A 110 -8.82 13.75 -8.71
C LEU A 110 -9.22 13.20 -10.09
N LYS A 111 -8.89 13.94 -11.09
CA LYS A 111 -9.27 13.64 -12.46
C LYS A 111 -8.46 12.51 -13.07
N ASP A 112 -7.16 12.52 -12.86
CA ASP A 112 -6.30 11.56 -13.54
C ASP A 112 -5.53 10.66 -12.54
N GLY A 113 -5.29 11.17 -11.33
CA GLY A 113 -4.66 10.35 -10.30
C GLY A 113 -3.35 10.93 -9.80
N ILE A 114 -2.89 10.44 -8.64
CA ILE A 114 -1.60 10.85 -8.10
C ILE A 114 -0.50 10.13 -8.84
N LYS A 115 0.18 10.87 -9.68
CA LYS A 115 1.18 10.34 -10.56
C LYS A 115 2.23 11.39 -10.90
N LYS A 116 3.31 10.91 -11.49
CA LYS A 116 4.42 11.67 -12.05
C LYS A 116 5.44 10.66 -12.50
N MET A 117 5.21 10.12 -13.71
CA MET A 117 5.99 9.01 -14.31
C MET A 117 5.56 7.70 -13.65
N SER A 118 5.50 7.72 -12.32
CA SER A 118 5.00 6.67 -11.47
C SER A 118 5.77 5.39 -11.58
N ARG A 119 7.03 5.48 -11.89
CA ARG A 119 7.87 4.33 -11.88
C ARG A 119 8.41 4.15 -10.48
N HIS A 120 7.46 3.96 -9.57
CA HIS A 120 7.69 3.72 -8.15
C HIS A 120 8.22 4.96 -7.42
N HIS A 121 8.25 6.12 -8.09
CA HIS A 121 8.77 7.32 -7.47
C HIS A 121 7.89 8.55 -7.63
N VAL A 122 6.75 8.51 -6.99
CA VAL A 122 5.88 9.66 -6.87
C VAL A 122 5.97 10.14 -5.44
N HIS A 123 6.26 11.41 -5.28
CA HIS A 123 6.43 12.03 -3.96
C HIS A 123 5.17 11.85 -3.08
N LEU A 124 5.33 11.04 -2.07
CA LEU A 124 4.32 10.76 -1.09
C LEU A 124 4.76 11.34 0.25
N SER A 125 3.83 11.55 1.14
CA SER A 125 4.11 12.11 2.41
C SER A 125 3.56 11.16 3.45
N GLN A 126 3.75 11.45 4.71
CA GLN A 126 3.33 10.51 5.71
C GLN A 126 2.20 11.08 6.58
N ASP A 127 2.30 12.34 6.94
CA ASP A 127 1.38 12.95 7.86
C ASP A 127 1.16 14.39 7.44
N ILE A 128 0.14 15.04 8.02
CA ILE A 128 -0.21 16.40 7.69
C ILE A 128 0.96 17.37 7.95
N THR A 129 1.82 17.02 8.90
CA THR A 129 3.01 17.79 9.19
C THR A 129 3.86 18.00 7.92
N THR A 130 4.18 16.94 7.21
CA THR A 130 4.94 17.09 6.01
C THR A 130 4.01 17.50 4.89
N ALA A 131 2.74 17.06 4.94
CA ALA A 131 1.74 17.40 3.92
C ALA A 131 1.63 18.89 3.71
N ARG A 132 1.49 19.62 4.79
CA ARG A 132 1.44 21.03 4.73
C ARG A 132 2.80 21.59 4.35
N LYS A 133 3.84 21.14 5.02
CA LYS A 133 5.19 21.66 4.82
C LYS A 133 5.71 21.53 3.37
N VAL A 134 5.41 20.43 2.71
CA VAL A 134 5.83 20.23 1.33
C VAL A 134 4.97 21.00 0.32
N GLY A 135 3.65 20.95 0.50
CA GLY A 135 2.75 21.62 -0.44
C GLY A 135 2.79 23.12 -0.29
N MET A 136 3.24 23.55 0.88
CA MET A 136 3.36 24.96 1.26
C MET A 136 4.31 25.70 0.34
N ARG A 137 5.13 24.94 -0.36
CA ARG A 137 6.09 25.49 -1.29
C ARG A 137 5.40 25.95 -2.59
N HIS A 138 4.23 25.41 -2.88
CA HIS A 138 3.55 25.79 -4.10
C HIS A 138 2.19 26.48 -3.86
N GLY A 139 1.65 26.41 -2.64
CA GLY A 139 0.44 27.15 -2.38
C GLY A 139 -0.23 26.66 -1.17
N LYS A 140 -1.52 26.44 -1.24
CA LYS A 140 -2.23 25.83 -0.16
C LYS A 140 -2.54 24.36 -0.50
N PRO A 141 -1.70 23.45 -0.01
CA PRO A 141 -1.88 22.01 -0.10
C PRO A 141 -3.24 21.47 0.30
N VAL A 142 -3.66 20.53 -0.49
CA VAL A 142 -4.77 19.72 -0.24
C VAL A 142 -4.18 18.44 0.37
N VAL A 143 -4.78 17.95 1.38
CA VAL A 143 -4.28 16.78 2.03
C VAL A 143 -5.07 15.56 1.59
N LEU A 144 -4.50 14.81 0.69
CA LEU A 144 -5.07 13.58 0.21
C LEU A 144 -4.78 12.50 1.23
N SER A 145 -5.79 12.07 1.93
CA SER A 145 -5.60 11.10 2.97
C SER A 145 -5.79 9.69 2.41
N VAL A 146 -4.74 8.93 2.37
CA VAL A 146 -4.84 7.58 1.84
C VAL A 146 -4.73 6.65 3.03
N ASP A 147 -5.56 5.66 3.07
CA ASP A 147 -5.53 4.71 4.17
C ASP A 147 -4.36 3.74 3.98
N ALA A 148 -3.50 3.66 4.98
CA ALA A 148 -2.30 2.84 4.89
C ALA A 148 -2.63 1.37 4.85
N LYS A 149 -3.68 0.98 5.58
CA LYS A 149 -4.13 -0.40 5.62
C LYS A 149 -4.60 -0.75 4.22
N GLY A 150 -5.34 0.19 3.63
CA GLY A 150 -5.82 0.05 2.27
C GLY A 150 -4.69 -0.08 1.28
N MET A 151 -3.60 0.65 1.49
CA MET A 151 -2.43 0.52 0.64
C MET A 151 -1.85 -0.88 0.67
N ALA A 152 -1.71 -1.43 1.85
CA ALA A 152 -1.16 -2.76 2.03
C ALA A 152 -2.11 -3.82 1.48
N ASP A 153 -3.40 -3.58 1.69
CA ASP A 153 -4.49 -4.46 1.25
C ASP A 153 -4.64 -4.40 -0.27
N GLY A 154 -4.26 -3.27 -0.83
CA GLY A 154 -4.34 -3.07 -2.25
C GLY A 154 -3.05 -3.43 -2.97
N GLY A 155 -1.97 -3.64 -2.22
CA GLY A 155 -0.73 -4.04 -2.86
C GLY A 155 0.01 -2.88 -3.48
N PHE A 156 -0.19 -1.70 -2.94
CA PHE A 156 0.39 -0.50 -3.49
C PHE A 156 1.88 -0.45 -3.25
N ASP A 157 2.58 0.30 -4.07
CA ASP A 157 3.99 0.46 -3.90
C ASP A 157 4.35 1.73 -3.19
N PHE A 158 4.56 1.59 -1.90
CA PHE A 158 4.92 2.67 -1.01
C PHE A 158 6.31 2.41 -0.41
N TYR A 159 7.19 3.35 -0.61
CA TYR A 159 8.57 3.20 -0.18
C TYR A 159 8.97 4.39 0.67
N LEU A 160 10.11 4.28 1.31
CA LEU A 160 10.66 5.33 2.11
C LEU A 160 12.08 5.61 1.66
N SER A 161 12.29 6.79 1.21
CA SER A 161 13.57 7.22 0.78
C SER A 161 14.34 7.78 1.96
N ASN A 162 15.65 7.65 1.89
CA ASN A 162 16.59 8.13 2.92
C ASN A 162 16.49 9.66 3.13
N ASN A 163 15.82 10.34 2.22
CA ASN A 163 15.61 11.77 2.32
C ASN A 163 14.40 12.08 3.21
N GLY A 164 13.72 11.05 3.69
CA GLY A 164 12.54 11.25 4.52
C GLY A 164 11.33 11.47 3.66
N VAL A 165 11.43 11.01 2.45
CA VAL A 165 10.42 11.11 1.44
C VAL A 165 9.78 9.76 1.22
N TRP A 166 8.49 9.71 1.12
CA TRP A 166 7.83 8.47 0.79
C TRP A 166 7.57 8.47 -0.69
N LEU A 167 7.52 7.33 -1.27
CA LEU A 167 7.28 7.23 -2.69
C LEU A 167 6.14 6.30 -2.94
N ILE A 168 5.27 6.68 -3.85
CA ILE A 168 4.19 5.87 -4.21
C ILE A 168 4.29 5.62 -5.70
N ASP A 169 3.82 4.50 -6.12
CA ASP A 169 3.68 4.19 -7.54
C ASP A 169 2.55 5.00 -8.09
N PHE A 170 1.38 4.79 -7.56
CA PHE A 170 0.23 5.52 -7.99
C PHE A 170 -0.90 5.29 -7.02
N VAL A 171 -1.63 6.32 -6.73
CA VAL A 171 -2.83 6.18 -5.92
C VAL A 171 -4.03 6.83 -6.59
N PRO A 172 -5.05 6.02 -6.90
CA PRO A 172 -6.31 6.50 -7.46
C PRO A 172 -7.00 7.44 -6.51
N ALA A 173 -7.44 8.59 -7.00
CA ALA A 173 -8.12 9.57 -6.18
C ALA A 173 -9.44 9.01 -5.70
N GLU A 174 -9.97 8.05 -6.45
CA GLU A 174 -11.20 7.35 -6.13
C GLU A 174 -11.04 6.56 -4.83
N PHE A 175 -9.82 6.16 -4.58
CA PHE A 175 -9.47 5.36 -3.43
C PHE A 175 -9.11 6.27 -2.25
N ILE A 176 -8.70 7.49 -2.56
CA ILE A 176 -8.21 8.40 -1.55
C ILE A 176 -9.37 9.20 -0.90
N LYS A 177 -9.14 9.66 0.30
CA LYS A 177 -10.08 10.39 1.05
C LYS A 177 -9.66 11.85 1.02
N VAL A 178 -10.17 12.58 0.09
CA VAL A 178 -9.97 13.98 0.07
C VAL A 178 -10.87 14.63 1.13
N GLY A 1 -24.60 -24.36 -6.93
CA GLY A 1 -23.39 -23.59 -6.71
C GLY A 1 -22.76 -23.17 -8.02
N SER A 2 -21.92 -22.17 -7.96
CA SER A 2 -21.21 -21.70 -9.11
C SER A 2 -19.75 -22.04 -8.91
N HIS A 3 -19.07 -22.43 -9.96
CA HIS A 3 -17.66 -22.79 -9.82
C HIS A 3 -16.80 -21.54 -9.74
N MET A 4 -17.41 -20.37 -9.95
CA MET A 4 -16.68 -19.10 -9.89
C MET A 4 -16.28 -18.83 -8.45
N VAL A 5 -17.03 -19.43 -7.55
CA VAL A 5 -16.76 -19.40 -6.12
C VAL A 5 -15.48 -20.18 -5.83
N LYS A 6 -15.31 -21.29 -6.55
CA LYS A 6 -14.13 -22.12 -6.42
C LYS A 6 -12.96 -21.37 -7.02
N VAL A 7 -13.23 -20.64 -8.10
CA VAL A 7 -12.29 -19.80 -8.78
C VAL A 7 -11.78 -18.70 -7.82
N SER A 8 -12.70 -18.10 -7.05
CA SER A 8 -12.36 -17.07 -6.09
C SER A 8 -11.35 -17.57 -5.03
N LYS A 9 -11.65 -18.71 -4.41
CA LYS A 9 -10.78 -19.25 -3.38
C LYS A 9 -9.44 -19.65 -3.99
N PHE A 10 -9.51 -20.16 -5.21
CA PHE A 10 -8.34 -20.59 -5.94
C PHE A 10 -7.42 -19.41 -6.24
N LEU A 11 -7.99 -18.39 -6.81
CA LEU A 11 -7.26 -17.19 -7.18
C LEU A 11 -6.60 -16.57 -5.97
N SER A 12 -7.30 -16.61 -4.85
CA SER A 12 -6.75 -16.14 -3.60
C SER A 12 -5.47 -16.93 -3.26
N LEU A 13 -5.57 -18.25 -3.34
CA LEU A 13 -4.51 -19.21 -3.02
C LEU A 13 -3.27 -18.98 -3.88
N VAL A 14 -3.47 -18.93 -5.18
CA VAL A 14 -2.35 -18.91 -6.10
C VAL A 14 -1.59 -17.63 -6.07
N LEU A 15 -2.27 -16.55 -5.86
CA LEU A 15 -1.62 -15.28 -5.91
C LEU A 15 -1.04 -14.91 -4.55
N ARG A 16 -1.01 -15.86 -3.60
CA ARG A 16 -0.56 -15.57 -2.24
C ARG A 16 0.43 -16.59 -1.67
N HIS A 17 0.22 -17.86 -1.92
CA HIS A 17 0.94 -18.87 -1.19
C HIS A 17 1.92 -19.60 -2.01
N ASN A 18 1.44 -20.43 -2.82
CA ASN A 18 2.28 -21.18 -3.68
C ASN A 18 1.85 -21.00 -5.09
N PRO A 19 2.15 -19.82 -5.70
CA PRO A 19 1.69 -19.48 -7.07
C PRO A 19 2.17 -20.46 -8.11
N ALA A 20 3.31 -21.05 -7.80
CA ALA A 20 4.00 -21.94 -8.72
C ALA A 20 3.21 -23.19 -8.99
N LEU A 21 2.20 -23.37 -8.17
CA LEU A 21 1.35 -24.50 -8.17
C LEU A 21 0.74 -24.76 -9.55
N ILE A 22 0.37 -23.69 -10.23
CA ILE A 22 -0.23 -23.80 -11.53
C ILE A 22 0.67 -23.25 -12.60
N GLY A 23 1.94 -23.19 -12.30
CA GLY A 23 2.89 -22.69 -13.26
C GLY A 23 2.99 -21.20 -13.23
N LEU A 24 2.17 -20.61 -12.40
CA LEU A 24 2.14 -19.19 -12.20
C LEU A 24 3.20 -18.89 -11.18
N ASP A 25 3.71 -17.73 -11.17
CA ASP A 25 4.63 -17.39 -10.10
C ASP A 25 4.47 -15.91 -9.77
N LEU A 26 4.67 -15.57 -8.53
CA LEU A 26 4.60 -14.17 -8.09
C LEU A 26 5.84 -13.37 -8.54
N ASP A 27 5.57 -12.22 -9.13
CA ASP A 27 6.60 -11.32 -9.69
C ASP A 27 7.24 -10.47 -8.54
N ALA A 28 8.07 -9.49 -8.89
CA ALA A 28 8.91 -8.73 -7.94
C ALA A 28 8.15 -8.05 -6.82
N ASN A 29 7.02 -7.51 -7.12
CA ASN A 29 6.31 -6.74 -6.13
C ASN A 29 5.27 -7.58 -5.45
N GLY A 30 5.07 -8.76 -5.97
CA GLY A 30 4.05 -9.62 -5.46
C GLY A 30 2.83 -9.58 -6.35
N TRP A 31 3.05 -9.38 -7.63
CA TRP A 31 2.01 -9.45 -8.64
C TRP A 31 2.13 -10.77 -9.36
N ALA A 32 1.25 -11.02 -10.28
CA ALA A 32 1.33 -12.16 -11.14
C ALA A 32 0.82 -11.74 -12.50
N PRO A 33 1.45 -12.18 -13.60
CA PRO A 33 1.00 -11.84 -14.95
C PRO A 33 -0.42 -12.36 -15.18
N VAL A 34 -1.34 -11.46 -15.53
CA VAL A 34 -2.72 -11.85 -15.67
C VAL A 34 -2.92 -12.89 -16.76
N LYS A 35 -2.20 -12.78 -17.87
CA LYS A 35 -2.40 -13.72 -18.96
C LYS A 35 -1.86 -15.08 -18.60
N GLU A 36 -0.87 -15.11 -17.71
CA GLU A 36 -0.33 -16.38 -17.23
C GLU A 36 -1.45 -17.14 -16.56
N LEU A 37 -2.17 -16.43 -15.74
CA LEU A 37 -3.32 -16.95 -15.04
C LEU A 37 -4.46 -17.27 -16.04
N LEU A 38 -4.77 -16.32 -16.90
CA LEU A 38 -5.90 -16.45 -17.85
C LEU A 38 -5.71 -17.64 -18.78
N ALA A 39 -4.54 -17.73 -19.37
CA ALA A 39 -4.25 -18.78 -20.30
C ALA A 39 -4.26 -20.13 -19.59
N LYS A 40 -3.62 -20.16 -18.42
CA LYS A 40 -3.49 -21.37 -17.66
C LYS A 40 -4.83 -21.85 -17.12
N MET A 41 -5.58 -20.98 -16.48
CA MET A 41 -6.89 -21.34 -15.90
C MET A 41 -7.88 -21.84 -16.94
N LYS A 42 -7.81 -21.30 -18.14
CA LYS A 42 -8.62 -21.78 -19.24
C LYS A 42 -8.10 -23.16 -19.68
N ALA A 43 -6.79 -23.29 -19.77
CA ALA A 43 -6.14 -24.55 -20.17
C ALA A 43 -6.34 -25.64 -19.11
N LYS A 44 -6.47 -25.24 -17.85
CA LYS A 44 -6.72 -26.14 -16.76
C LYS A 44 -8.15 -26.67 -16.77
N GLY A 45 -8.95 -26.19 -17.71
CA GLY A 45 -10.30 -26.67 -17.85
C GLY A 45 -11.27 -25.94 -16.95
N HIS A 46 -10.92 -24.73 -16.55
CA HIS A 46 -11.81 -23.96 -15.70
C HIS A 46 -12.45 -22.82 -16.48
N GLY A 47 -11.97 -22.63 -17.70
CA GLY A 47 -12.53 -21.64 -18.61
C GLY A 47 -12.44 -20.19 -18.14
N ILE A 48 -11.26 -19.74 -17.76
CA ILE A 48 -11.14 -18.34 -17.41
C ILE A 48 -10.80 -17.54 -18.63
N SER A 49 -11.69 -16.69 -18.98
CA SER A 49 -11.46 -15.73 -20.01
C SER A 49 -11.18 -14.43 -19.26
N MET A 50 -10.70 -13.41 -19.93
CA MET A 50 -10.34 -12.17 -19.25
C MET A 50 -11.56 -11.60 -18.51
N GLU A 51 -12.67 -11.57 -19.21
CA GLU A 51 -13.95 -11.10 -18.66
C GLU A 51 -14.38 -11.94 -17.45
N GLU A 52 -14.08 -13.23 -17.48
CA GLU A 52 -14.44 -14.13 -16.42
C GLU A 52 -13.61 -13.87 -15.19
N LEU A 53 -12.36 -13.51 -15.41
CA LEU A 53 -11.47 -13.20 -14.33
C LEU A 53 -11.90 -11.92 -13.65
N LYS A 54 -12.10 -10.88 -14.46
CA LYS A 54 -12.52 -9.57 -13.97
C LYS A 54 -13.83 -9.71 -13.18
N HIS A 55 -14.66 -10.62 -13.67
CA HIS A 55 -15.90 -11.05 -13.03
C HIS A 55 -15.66 -11.52 -11.56
N ILE A 56 -14.61 -12.31 -11.35
CA ILE A 56 -14.27 -12.74 -9.99
C ILE A 56 -13.59 -11.62 -9.22
N VAL A 57 -12.62 -11.02 -9.82
CA VAL A 57 -11.81 -10.01 -9.20
C VAL A 57 -12.63 -8.81 -8.72
N GLU A 58 -13.52 -8.31 -9.55
CA GLU A 58 -14.31 -7.17 -9.18
C GLU A 58 -15.60 -7.56 -8.42
N THR A 59 -16.35 -8.50 -8.97
CA THR A 59 -17.67 -8.78 -8.43
C THR A 59 -17.67 -9.85 -7.31
N ASN A 60 -16.78 -10.81 -7.38
CA ASN A 60 -16.77 -11.90 -6.40
C ASN A 60 -16.20 -11.47 -5.09
N SER A 61 -15.04 -10.87 -5.11
CA SER A 61 -14.44 -10.33 -3.93
C SER A 61 -13.47 -9.22 -4.26
N LYS A 62 -13.98 -8.01 -4.39
CA LYS A 62 -13.14 -6.86 -4.66
C LYS A 62 -12.18 -6.62 -3.48
N LYS A 63 -12.55 -7.16 -2.34
CA LYS A 63 -11.74 -7.05 -1.14
C LYS A 63 -10.53 -8.00 -1.20
N ARG A 64 -10.63 -9.07 -1.97
CA ARG A 64 -9.58 -10.09 -1.95
C ARG A 64 -8.78 -10.21 -3.23
N PHE A 65 -9.09 -9.43 -4.23
CA PHE A 65 -8.32 -9.52 -5.47
C PHE A 65 -7.86 -8.15 -5.88
N ALA A 66 -6.58 -8.02 -6.13
CA ALA A 66 -6.00 -6.78 -6.53
C ALA A 66 -5.77 -6.81 -8.00
N PHE A 67 -6.19 -5.77 -8.66
CA PHE A 67 -6.17 -5.71 -10.08
C PHE A 67 -6.25 -4.28 -10.43
N SER A 68 -5.29 -3.83 -11.17
CA SER A 68 -5.23 -2.48 -11.53
C SER A 68 -6.19 -2.19 -12.67
N GLU A 69 -6.51 -0.93 -12.85
CA GLU A 69 -7.44 -0.52 -13.90
C GLU A 69 -6.85 -0.74 -15.28
N ASN A 70 -5.59 -1.08 -15.33
CA ASN A 70 -4.95 -1.35 -16.58
C ASN A 70 -4.82 -2.87 -16.79
N PHE A 71 -5.34 -3.69 -15.83
CA PHE A 71 -5.49 -5.14 -15.96
C PHE A 71 -4.20 -5.91 -16.39
N GLU A 72 -3.00 -5.39 -16.09
CA GLU A 72 -1.76 -6.07 -16.54
C GLU A 72 -1.41 -7.30 -15.71
N LYS A 73 -1.57 -7.16 -14.44
CA LYS A 73 -1.18 -8.15 -13.50
C LYS A 73 -2.24 -8.22 -12.45
N ILE A 74 -2.19 -9.24 -11.66
CA ILE A 74 -3.15 -9.46 -10.61
C ILE A 74 -2.46 -9.90 -9.33
N ARG A 75 -3.11 -9.69 -8.22
CA ARG A 75 -2.66 -10.19 -6.94
C ARG A 75 -3.90 -10.62 -6.21
N ALA A 76 -3.73 -11.34 -5.16
CA ALA A 76 -4.80 -11.60 -4.27
C ALA A 76 -4.42 -10.92 -2.99
N ASN A 77 -5.35 -10.28 -2.37
CA ASN A 77 -5.09 -9.48 -1.21
C ASN A 77 -4.83 -10.34 -0.02
N GLN A 78 -3.64 -10.18 0.45
CA GLN A 78 -3.08 -10.96 1.53
C GLN A 78 -2.23 -10.05 2.41
N GLY A 79 -2.23 -8.76 2.07
CA GLY A 79 -1.35 -7.82 2.71
C GLY A 79 0.09 -8.14 2.35
N HIS A 80 0.36 -8.26 1.05
CA HIS A 80 1.69 -8.61 0.59
C HIS A 80 2.55 -7.37 0.54
N SER A 81 1.93 -6.23 0.30
CA SER A 81 2.64 -4.99 0.22
C SER A 81 3.01 -4.48 1.62
N VAL A 82 4.11 -5.00 2.11
CA VAL A 82 4.69 -4.62 3.37
C VAL A 82 6.12 -4.30 3.03
N GLU A 83 6.99 -4.39 3.97
CA GLU A 83 8.40 -4.27 3.71
C GLU A 83 8.87 -5.50 2.90
N VAL A 84 8.73 -5.47 1.56
CA VAL A 84 9.18 -6.58 0.77
C VAL A 84 10.58 -6.24 0.30
N ASP A 85 10.73 -4.99 -0.22
CA ASP A 85 12.02 -4.41 -0.66
C ASP A 85 12.82 -5.27 -1.66
N LEU A 86 12.94 -4.75 -2.85
CA LEU A 86 13.68 -5.38 -3.92
C LEU A 86 14.77 -4.36 -4.37
N GLY A 87 15.42 -3.76 -3.40
CA GLY A 87 16.45 -2.78 -3.68
C GLY A 87 15.88 -1.41 -3.47
N TYR A 88 15.15 -1.29 -2.41
CA TYR A 88 14.43 -0.10 -2.05
C TYR A 88 14.39 -0.04 -0.54
N GLU A 89 13.45 0.71 -0.04
CA GLU A 89 13.10 0.67 1.34
C GLU A 89 11.67 1.12 1.40
N LYS A 90 10.82 0.20 1.70
CA LYS A 90 9.40 0.45 1.80
C LYS A 90 8.95 0.11 3.20
N GLN A 91 8.25 1.01 3.84
CA GLN A 91 7.77 0.76 5.18
C GLN A 91 6.35 1.25 5.31
N VAL A 92 5.46 0.37 5.70
CA VAL A 92 4.06 0.71 5.86
C VAL A 92 3.82 1.27 7.27
N PRO A 93 3.47 2.55 7.38
CA PRO A 93 3.10 3.17 8.67
C PRO A 93 1.71 2.69 9.15
N PRO A 94 1.34 3.01 10.42
CA PRO A 94 0.08 2.64 11.09
C PRO A 94 -1.19 2.45 10.22
N ALA A 95 -2.02 3.46 10.10
CA ALA A 95 -3.26 3.32 9.39
C ALA A 95 -3.32 4.13 8.11
N VAL A 96 -3.12 5.43 8.21
CA VAL A 96 -3.31 6.32 7.07
C VAL A 96 -2.05 7.17 6.77
N LEU A 97 -1.95 7.61 5.53
CA LEU A 97 -0.89 8.47 5.04
C LEU A 97 -1.52 9.72 4.50
N PHE A 98 -0.73 10.73 4.30
CA PHE A 98 -1.27 11.98 3.83
C PHE A 98 -0.44 12.49 2.69
N HIS A 99 -1.04 12.60 1.55
CA HIS A 99 -0.35 13.13 0.40
C HIS A 99 -0.65 14.60 0.27
N GLY A 100 0.22 15.42 0.79
CA GLY A 100 0.03 16.83 0.69
C GLY A 100 0.57 17.36 -0.59
N THR A 101 -0.24 18.09 -1.27
CA THR A 101 0.13 18.65 -2.54
C THR A 101 -0.69 19.89 -2.73
N ALA A 102 -0.13 20.89 -3.38
CA ALA A 102 -0.82 22.15 -3.56
C ALA A 102 -2.16 21.98 -4.21
N GLU A 103 -3.13 22.69 -3.69
CA GLU A 103 -4.51 22.66 -4.13
C GLU A 103 -4.64 23.12 -5.59
N LYS A 104 -3.58 23.71 -6.13
CA LYS A 104 -3.54 24.09 -7.54
C LYS A 104 -3.60 22.84 -8.42
N ASN A 105 -3.30 21.70 -7.83
CA ASN A 105 -3.29 20.45 -8.53
C ASN A 105 -4.54 19.64 -8.22
N PHE A 106 -5.49 20.25 -7.48
CA PHE A 106 -6.73 19.55 -7.02
C PHE A 106 -7.43 18.76 -8.14
N ASP A 107 -7.65 19.39 -9.28
CA ASP A 107 -8.35 18.73 -10.39
C ASP A 107 -7.54 17.61 -10.95
N LEU A 108 -6.24 17.83 -11.06
CA LEU A 108 -5.32 16.82 -11.58
C LEU A 108 -5.38 15.57 -10.70
N ILE A 109 -5.50 15.80 -9.41
CA ILE A 109 -5.58 14.73 -8.42
C ILE A 109 -6.82 13.87 -8.66
N LEU A 110 -7.97 14.50 -8.77
CA LEU A 110 -9.19 13.81 -8.94
C LEU A 110 -9.30 13.14 -10.31
N LYS A 111 -8.81 13.84 -11.29
CA LYS A 111 -8.85 13.41 -12.66
C LYS A 111 -7.86 12.26 -12.95
N ASP A 112 -6.60 12.51 -12.76
CA ASP A 112 -5.57 11.54 -13.16
C ASP A 112 -5.02 10.78 -11.96
N GLY A 113 -5.12 11.39 -10.79
CA GLY A 113 -4.64 10.77 -9.59
C GLY A 113 -3.21 11.15 -9.31
N ILE A 114 -2.66 10.66 -8.22
CA ILE A 114 -1.27 10.87 -7.96
C ILE A 114 -0.55 9.88 -8.84
N LYS A 115 0.04 10.36 -9.91
CA LYS A 115 0.65 9.52 -10.88
C LYS A 115 1.60 10.37 -11.72
N LYS A 116 2.22 11.35 -11.07
CA LYS A 116 3.13 12.29 -11.73
C LYS A 116 4.22 11.54 -12.52
N MET A 117 4.78 10.53 -11.88
CA MET A 117 5.76 9.67 -12.48
C MET A 117 5.98 8.49 -11.55
N SER A 118 5.31 7.40 -11.83
CA SER A 118 5.35 6.21 -10.99
C SER A 118 6.73 5.55 -11.01
N ARG A 119 7.34 5.51 -12.18
CA ARG A 119 8.64 4.87 -12.35
C ARG A 119 9.76 5.66 -11.64
N HIS A 120 9.49 6.90 -11.31
CA HIS A 120 10.45 7.71 -10.54
C HIS A 120 9.90 8.03 -9.17
N HIS A 121 8.73 7.46 -8.88
CA HIS A 121 7.96 7.65 -7.63
C HIS A 121 7.56 9.11 -7.28
N VAL A 122 6.37 9.23 -6.72
CA VAL A 122 5.84 10.52 -6.27
C VAL A 122 5.89 10.52 -4.74
N HIS A 123 5.88 11.67 -4.10
CA HIS A 123 6.09 11.73 -2.65
C HIS A 123 4.84 12.05 -1.85
N LEU A 124 4.74 11.45 -0.67
CA LEU A 124 3.68 11.71 0.27
C LEU A 124 4.22 11.77 1.69
N SER A 125 3.38 12.14 2.61
CA SER A 125 3.74 12.37 3.97
C SER A 125 3.16 11.31 4.89
N GLN A 126 3.64 11.29 6.12
CA GLN A 126 3.19 10.33 7.10
C GLN A 126 2.06 10.97 7.93
N ASP A 127 2.06 12.29 7.93
CA ASP A 127 1.14 13.10 8.70
C ASP A 127 1.00 14.43 8.01
N ILE A 128 -0.02 15.16 8.39
CA ILE A 128 -0.35 16.45 7.81
C ILE A 128 0.78 17.48 8.00
N THR A 129 1.63 17.29 9.02
CA THR A 129 2.75 18.21 9.25
C THR A 129 3.67 18.30 7.99
N THR A 130 4.09 17.15 7.45
CA THR A 130 4.90 17.16 6.28
C THR A 130 4.04 17.54 5.07
N ALA A 131 2.74 17.13 5.08
CA ALA A 131 1.80 17.40 3.97
C ALA A 131 1.75 18.87 3.67
N ARG A 132 1.72 19.65 4.72
CA ARG A 132 1.74 21.06 4.61
C ARG A 132 3.08 21.52 4.07
N LYS A 133 4.15 21.16 4.77
CA LYS A 133 5.48 21.66 4.48
C LYS A 133 5.95 21.34 3.05
N VAL A 134 5.65 20.16 2.56
CA VAL A 134 6.06 19.77 1.21
C VAL A 134 5.17 20.40 0.14
N GLY A 135 3.88 20.53 0.44
CA GLY A 135 2.96 21.12 -0.53
C GLY A 135 3.18 22.61 -0.71
N MET A 136 3.88 23.22 0.26
CA MET A 136 4.22 24.66 0.26
C MET A 136 5.06 25.02 -0.94
N ARG A 137 5.66 24.00 -1.55
CA ARG A 137 6.49 24.16 -2.72
C ARG A 137 5.65 24.67 -3.89
N HIS A 138 4.36 24.37 -3.89
CA HIS A 138 3.52 24.82 -4.97
C HIS A 138 2.31 25.69 -4.48
N GLY A 139 2.14 25.86 -3.16
CA GLY A 139 1.17 26.82 -2.73
C GLY A 139 0.56 26.44 -1.45
N LYS A 140 -0.76 26.33 -1.44
CA LYS A 140 -1.47 25.83 -0.30
C LYS A 140 -1.91 24.39 -0.58
N PRO A 141 -1.17 23.43 -0.06
CA PRO A 141 -1.54 22.01 -0.06
C PRO A 141 -2.97 21.69 0.39
N VAL A 142 -3.46 20.67 -0.22
CA VAL A 142 -4.67 20.01 0.10
C VAL A 142 -4.21 18.64 0.60
N VAL A 143 -4.81 18.14 1.59
CA VAL A 143 -4.37 16.92 2.19
C VAL A 143 -5.20 15.73 1.75
N LEU A 144 -4.62 14.95 0.88
CA LEU A 144 -5.19 13.72 0.36
C LEU A 144 -4.90 12.60 1.35
N SER A 145 -5.90 12.08 1.99
CA SER A 145 -5.68 11.05 3.00
C SER A 145 -5.80 9.68 2.37
N VAL A 146 -4.67 9.02 2.19
CA VAL A 146 -4.63 7.74 1.53
C VAL A 146 -4.37 6.69 2.58
N ASP A 147 -5.14 5.65 2.58
CA ASP A 147 -5.02 4.60 3.58
C ASP A 147 -3.75 3.77 3.37
N ALA A 148 -2.88 3.75 4.37
CA ALA A 148 -1.64 2.96 4.33
C ALA A 148 -2.02 1.51 4.37
N LYS A 149 -2.93 1.20 5.28
CA LYS A 149 -3.45 -0.14 5.44
C LYS A 149 -4.18 -0.56 4.17
N GLY A 150 -4.82 0.43 3.53
CA GLY A 150 -5.55 0.20 2.32
C GLY A 150 -4.64 -0.15 1.18
N MET A 151 -3.59 0.62 1.01
CA MET A 151 -2.65 0.38 -0.06
C MET A 151 -1.81 -0.87 0.18
N ALA A 152 -1.52 -1.17 1.44
CA ALA A 152 -0.76 -2.37 1.80
C ALA A 152 -1.56 -3.62 1.51
N ASP A 153 -2.82 -3.59 1.89
CA ASP A 153 -3.75 -4.68 1.65
C ASP A 153 -4.08 -4.78 0.18
N GLY A 154 -4.30 -3.62 -0.42
CA GLY A 154 -4.72 -3.52 -1.80
C GLY A 154 -3.66 -3.88 -2.81
N GLY A 155 -2.39 -3.86 -2.45
CA GLY A 155 -1.41 -4.31 -3.42
C GLY A 155 -0.72 -3.19 -4.17
N PHE A 156 -0.57 -2.05 -3.56
CA PHE A 156 0.09 -0.96 -4.19
C PHE A 156 1.60 -1.02 -3.93
N ASP A 157 2.36 -0.22 -4.65
CA ASP A 157 3.80 -0.17 -4.49
C ASP A 157 4.18 1.15 -3.91
N PHE A 158 4.86 1.09 -2.82
CA PHE A 158 5.23 2.28 -2.11
C PHE A 158 6.62 2.13 -1.53
N TYR A 159 7.20 3.23 -1.09
CA TYR A 159 8.57 3.25 -0.62
C TYR A 159 8.73 4.34 0.43
N LEU A 160 9.93 4.46 0.93
CA LEU A 160 10.37 5.44 1.86
C LEU A 160 11.78 5.88 1.42
N SER A 161 12.04 7.15 1.44
CA SER A 161 13.32 7.66 1.04
C SER A 161 14.07 8.21 2.25
N ASN A 162 15.37 8.39 2.06
CA ASN A 162 16.33 8.82 3.09
C ASN A 162 15.96 10.15 3.76
N ASN A 163 15.15 10.94 3.10
CA ASN A 163 14.76 12.25 3.66
C ASN A 163 13.58 12.10 4.64
N GLY A 164 13.13 10.86 4.82
CA GLY A 164 12.02 10.57 5.71
C GLY A 164 10.71 10.77 5.00
N VAL A 165 10.78 10.73 3.71
CA VAL A 165 9.64 10.96 2.87
C VAL A 165 9.13 9.65 2.32
N TRP A 166 7.82 9.47 2.29
CA TRP A 166 7.25 8.30 1.72
C TRP A 166 7.02 8.50 0.27
N LEU A 167 7.18 7.48 -0.49
CA LEU A 167 7.06 7.54 -1.91
C LEU A 167 6.03 6.54 -2.37
N ILE A 168 5.38 6.84 -3.44
CA ILE A 168 4.33 6.01 -3.95
C ILE A 168 4.46 5.86 -5.46
N ASP A 169 4.11 4.67 -5.93
CA ASP A 169 4.02 4.38 -7.35
C ASP A 169 2.89 5.23 -7.92
N PHE A 170 1.67 5.03 -7.43
CA PHE A 170 0.56 5.89 -7.78
C PHE A 170 -0.65 5.61 -6.93
N VAL A 171 -1.41 6.66 -6.62
CA VAL A 171 -2.66 6.54 -5.88
C VAL A 171 -3.75 7.41 -6.51
N PRO A 172 -4.75 6.79 -7.10
CA PRO A 172 -5.92 7.48 -7.70
C PRO A 172 -6.74 8.17 -6.64
N ALA A 173 -7.27 9.35 -6.92
CA ALA A 173 -8.11 10.09 -5.96
C ALA A 173 -9.38 9.31 -5.68
N GLU A 174 -9.72 8.46 -6.63
CA GLU A 174 -10.86 7.57 -6.56
C GLU A 174 -10.69 6.52 -5.45
N PHE A 175 -9.47 6.38 -4.98
CA PHE A 175 -9.11 5.47 -3.90
C PHE A 175 -8.85 6.28 -2.61
N ILE A 176 -8.68 7.57 -2.76
CA ILE A 176 -8.27 8.41 -1.66
C ILE A 176 -9.46 9.18 -1.06
N LYS A 177 -9.26 9.67 0.15
CA LYS A 177 -10.20 10.48 0.83
C LYS A 177 -9.74 11.91 0.69
N VAL A 178 -10.18 12.54 -0.35
CA VAL A 178 -9.89 13.91 -0.59
C VAL A 178 -10.79 14.80 0.27
N GLY A 1 13.24 -15.28 -15.34
CA GLY A 1 13.87 -14.12 -15.96
C GLY A 1 12.86 -13.17 -16.55
N SER A 2 12.95 -12.93 -17.85
CA SER A 2 12.18 -11.89 -18.53
C SER A 2 10.71 -12.24 -18.80
N HIS A 3 10.22 -13.31 -18.20
CA HIS A 3 8.82 -13.69 -18.40
C HIS A 3 8.15 -14.02 -17.05
N MET A 4 8.90 -14.62 -16.14
CA MET A 4 8.35 -15.03 -14.83
C MET A 4 8.02 -13.85 -13.95
N VAL A 5 8.72 -12.73 -14.11
CA VAL A 5 8.49 -11.56 -13.27
C VAL A 5 7.07 -11.04 -13.44
N LYS A 6 6.69 -10.81 -14.67
CA LYS A 6 5.37 -10.39 -14.97
C LYS A 6 4.33 -11.48 -14.85
N VAL A 7 4.73 -12.75 -15.02
CA VAL A 7 3.80 -13.85 -14.79
C VAL A 7 3.43 -13.87 -13.29
N SER A 8 4.43 -13.80 -12.44
CA SER A 8 4.20 -13.83 -11.01
C SER A 8 3.45 -12.58 -10.54
N LYS A 9 3.75 -11.42 -11.12
CA LYS A 9 3.00 -10.22 -10.81
C LYS A 9 1.55 -10.38 -11.24
N PHE A 10 1.37 -10.94 -12.42
CA PHE A 10 0.08 -11.15 -13.02
C PHE A 10 -0.78 -12.06 -12.16
N LEU A 11 -0.23 -13.18 -11.82
CA LEU A 11 -0.92 -14.17 -11.02
C LEU A 11 -1.33 -13.62 -9.67
N SER A 12 -0.44 -12.82 -9.07
CA SER A 12 -0.75 -12.18 -7.82
C SER A 12 -1.91 -11.17 -8.02
N LEU A 13 -1.89 -10.50 -9.18
CA LEU A 13 -2.88 -9.49 -9.56
C LEU A 13 -4.27 -10.10 -9.73
N VAL A 14 -4.36 -11.13 -10.57
CA VAL A 14 -5.66 -11.66 -10.94
C VAL A 14 -6.35 -12.31 -9.79
N LEU A 15 -5.62 -12.96 -8.95
CA LEU A 15 -6.21 -13.67 -7.87
C LEU A 15 -6.48 -12.76 -6.67
N ARG A 16 -6.34 -11.44 -6.88
CA ARG A 16 -6.53 -10.53 -5.78
C ARG A 16 -7.61 -9.44 -6.01
N HIS A 17 -7.55 -8.68 -7.10
CA HIS A 17 -8.48 -7.54 -7.24
C HIS A 17 -9.56 -7.80 -8.22
N ASN A 18 -9.25 -7.74 -9.46
CA ASN A 18 -10.19 -7.98 -10.50
C ASN A 18 -9.77 -9.20 -11.25
N PRO A 19 -10.22 -10.39 -10.83
CA PRO A 19 -9.86 -11.64 -11.50
C PRO A 19 -10.58 -11.75 -12.81
N ALA A 20 -11.68 -11.01 -12.89
CA ALA A 20 -12.60 -11.02 -14.03
C ALA A 20 -11.90 -10.53 -15.27
N LEU A 21 -10.75 -9.95 -15.06
CA LEU A 21 -9.96 -9.30 -16.04
C LEU A 21 -9.60 -10.26 -17.20
N ILE A 22 -9.36 -11.51 -16.87
CA ILE A 22 -9.01 -12.51 -17.86
C ILE A 22 -10.08 -13.57 -18.01
N GLY A 23 -11.26 -13.30 -17.53
CA GLY A 23 -12.32 -14.28 -17.60
C GLY A 23 -12.28 -15.21 -16.42
N LEU A 24 -11.26 -15.05 -15.63
CA LEU A 24 -11.07 -15.78 -14.43
C LEU A 24 -11.92 -15.10 -13.39
N ASP A 25 -12.33 -15.77 -12.39
CA ASP A 25 -13.03 -15.08 -11.34
C ASP A 25 -12.71 -15.74 -10.01
N LEU A 26 -12.87 -15.02 -8.95
CA LEU A 26 -12.67 -15.58 -7.61
C LEU A 26 -14.00 -16.03 -7.02
N ASP A 27 -14.03 -17.24 -6.50
CA ASP A 27 -15.22 -17.80 -5.85
C ASP A 27 -15.45 -17.09 -4.49
N ALA A 28 -16.59 -17.33 -3.89
CA ALA A 28 -16.98 -16.70 -2.63
C ALA A 28 -16.14 -17.24 -1.48
N ASN A 29 -15.62 -18.46 -1.67
CA ASN A 29 -14.73 -19.10 -0.71
C ASN A 29 -13.32 -18.57 -0.89
N GLY A 30 -13.17 -17.70 -1.87
CA GLY A 30 -11.89 -17.10 -2.16
C GLY A 30 -10.96 -18.07 -2.81
N TRP A 31 -11.36 -18.60 -3.95
CA TRP A 31 -10.53 -19.55 -4.64
C TRP A 31 -10.80 -19.46 -6.16
N ALA A 32 -9.78 -19.67 -6.97
CA ALA A 32 -9.92 -19.65 -8.41
C ALA A 32 -9.46 -20.99 -9.00
N PRO A 33 -10.13 -21.49 -10.05
CA PRO A 33 -9.82 -22.78 -10.66
C PRO A 33 -8.52 -22.72 -11.44
N VAL A 34 -7.66 -23.69 -11.19
CA VAL A 34 -6.39 -23.71 -11.86
C VAL A 34 -6.52 -23.83 -13.37
N LYS A 35 -7.47 -24.64 -13.87
CA LYS A 35 -7.58 -24.81 -15.32
C LYS A 35 -8.12 -23.56 -15.97
N GLU A 36 -8.89 -22.78 -15.22
CA GLU A 36 -9.40 -21.51 -15.72
C GLU A 36 -8.23 -20.61 -16.06
N LEU A 37 -7.28 -20.61 -15.15
CA LEU A 37 -6.05 -19.88 -15.30
C LEU A 37 -5.15 -20.52 -16.38
N LEU A 38 -4.95 -21.82 -16.31
CA LEU A 38 -4.05 -22.54 -17.24
C LEU A 38 -4.49 -22.40 -18.66
N ALA A 39 -5.75 -22.68 -18.89
CA ALA A 39 -6.31 -22.65 -20.21
C ALA A 39 -6.30 -21.23 -20.76
N LYS A 40 -6.66 -20.28 -19.91
CA LYS A 40 -6.71 -18.90 -20.32
C LYS A 40 -5.31 -18.35 -20.58
N MET A 41 -4.39 -18.51 -19.64
CA MET A 41 -3.02 -17.98 -19.78
C MET A 41 -2.29 -18.61 -20.94
N LYS A 42 -2.62 -19.86 -21.23
CA LYS A 42 -2.08 -20.55 -22.38
C LYS A 42 -2.58 -19.86 -23.64
N ALA A 43 -3.89 -19.68 -23.70
CA ALA A 43 -4.56 -19.06 -24.85
C ALA A 43 -4.17 -17.58 -24.99
N LYS A 44 -3.88 -16.94 -23.87
CA LYS A 44 -3.46 -15.57 -23.85
C LYS A 44 -2.03 -15.42 -24.39
N GLY A 45 -1.39 -16.54 -24.70
CA GLY A 45 -0.07 -16.51 -25.26
C GLY A 45 0.99 -16.26 -24.23
N HIS A 46 0.80 -16.80 -23.03
CA HIS A 46 1.83 -16.69 -21.99
C HIS A 46 2.36 -18.06 -21.61
N GLY A 47 1.97 -19.06 -22.41
CA GLY A 47 2.44 -20.43 -22.28
C GLY A 47 2.35 -21.06 -20.89
N ILE A 48 1.19 -20.97 -20.27
CA ILE A 48 1.04 -21.58 -18.96
C ILE A 48 0.44 -22.98 -19.08
N SER A 49 1.20 -23.94 -18.66
CA SER A 49 0.77 -25.31 -18.57
C SER A 49 0.58 -25.62 -17.08
N MET A 50 0.08 -26.81 -16.77
CA MET A 50 -0.11 -27.27 -15.39
C MET A 50 1.24 -27.20 -14.66
N GLU A 51 2.26 -27.74 -15.29
CA GLU A 51 3.61 -27.77 -14.75
C GLU A 51 4.20 -26.37 -14.68
N GLU A 52 3.84 -25.53 -15.63
CA GLU A 52 4.39 -24.20 -15.73
C GLU A 52 3.88 -23.40 -14.60
N LEU A 53 2.63 -23.51 -14.34
CA LEU A 53 2.04 -22.79 -13.25
C LEU A 53 2.60 -23.25 -11.92
N LYS A 54 2.75 -24.57 -11.75
CA LYS A 54 3.33 -25.13 -10.52
C LYS A 54 4.76 -24.56 -10.35
N HIS A 55 5.40 -24.31 -11.48
CA HIS A 55 6.70 -23.69 -11.58
C HIS A 55 6.70 -22.26 -11.00
N ILE A 56 5.73 -21.45 -11.39
CA ILE A 56 5.65 -20.09 -10.87
C ILE A 56 5.18 -20.08 -9.44
N VAL A 57 4.07 -20.70 -9.20
CA VAL A 57 3.43 -20.69 -7.90
C VAL A 57 4.36 -21.20 -6.79
N GLU A 58 5.14 -22.21 -7.08
CA GLU A 58 6.09 -22.72 -6.13
C GLU A 58 7.43 -21.98 -6.15
N THR A 59 8.11 -22.00 -7.29
CA THR A 59 9.47 -21.50 -7.39
C THR A 59 9.54 -19.95 -7.33
N ASN A 60 8.51 -19.27 -7.78
CA ASN A 60 8.53 -17.82 -7.74
C ASN A 60 8.25 -17.35 -6.34
N SER A 61 7.09 -17.71 -5.81
CA SER A 61 6.71 -17.31 -4.47
C SER A 61 5.58 -18.15 -3.89
N LYS A 62 5.89 -19.22 -3.20
CA LYS A 62 4.84 -20.01 -2.55
C LYS A 62 4.29 -19.19 -1.34
N LYS A 63 4.99 -18.13 -1.03
CA LYS A 63 4.60 -17.18 -0.04
C LYS A 63 3.49 -16.25 -0.56
N ARG A 64 3.46 -16.02 -1.87
CA ARG A 64 2.47 -15.10 -2.43
C ARG A 64 1.39 -15.84 -3.19
N PHE A 65 1.58 -17.12 -3.41
CA PHE A 65 0.61 -17.90 -4.13
C PHE A 65 0.26 -19.15 -3.31
N ALA A 66 -1.01 -19.31 -3.00
CA ALA A 66 -1.46 -20.49 -2.29
C ALA A 66 -1.98 -21.50 -3.31
N PHE A 67 -1.54 -22.72 -3.18
CA PHE A 67 -1.83 -23.75 -4.15
C PHE A 67 -1.84 -25.06 -3.45
N SER A 68 -2.87 -25.84 -3.68
CA SER A 68 -3.00 -27.09 -3.04
C SER A 68 -1.98 -28.07 -3.60
N GLU A 69 -1.63 -29.09 -2.83
CA GLU A 69 -0.65 -30.06 -3.25
C GLU A 69 -1.21 -30.95 -4.34
N ASN A 70 -2.49 -30.85 -4.56
CA ASN A 70 -3.12 -31.55 -5.65
C ASN A 70 -3.25 -30.63 -6.87
N PHE A 71 -2.73 -29.37 -6.73
CA PHE A 71 -2.58 -28.43 -7.83
C PHE A 71 -3.91 -28.05 -8.51
N GLU A 72 -5.00 -28.04 -7.76
CA GLU A 72 -6.28 -27.60 -8.33
C GLU A 72 -6.62 -26.18 -7.94
N LYS A 73 -6.40 -25.85 -6.70
CA LYS A 73 -6.87 -24.59 -6.23
C LYS A 73 -5.79 -23.58 -6.24
N ILE A 74 -6.10 -22.43 -6.80
CA ILE A 74 -5.18 -21.33 -6.79
C ILE A 74 -5.83 -20.07 -6.29
N ARG A 75 -5.20 -19.50 -5.36
CA ARG A 75 -5.52 -18.19 -4.84
C ARG A 75 -4.24 -17.53 -4.40
N ALA A 76 -4.03 -16.31 -4.80
CA ALA A 76 -2.84 -15.61 -4.40
C ALA A 76 -3.08 -15.05 -3.03
N ASN A 77 -2.03 -14.83 -2.31
CA ASN A 77 -2.14 -14.37 -0.96
C ASN A 77 -2.23 -12.88 -0.91
N GLN A 78 -3.44 -12.40 -1.05
CA GLN A 78 -3.72 -10.99 -1.05
C GLN A 78 -3.91 -10.48 0.37
N GLY A 79 -4.14 -11.43 1.27
CA GLY A 79 -4.26 -11.12 2.66
C GLY A 79 -2.90 -10.98 3.28
N HIS A 80 -2.24 -9.90 2.95
CA HIS A 80 -0.92 -9.61 3.39
C HIS A 80 -0.76 -8.10 3.36
N SER A 81 -1.06 -7.44 4.46
CA SER A 81 -1.00 -5.99 4.52
C SER A 81 0.38 -5.52 5.04
N VAL A 82 1.28 -6.46 5.14
CA VAL A 82 2.66 -6.18 5.47
C VAL A 82 3.36 -5.91 4.12
N GLU A 83 4.65 -5.56 4.12
CA GLU A 83 5.44 -5.34 2.89
C GLU A 83 5.19 -6.53 1.96
N VAL A 84 4.66 -6.31 0.75
CA VAL A 84 4.20 -7.41 -0.04
C VAL A 84 5.32 -7.90 -0.97
N ASP A 85 6.03 -6.93 -1.63
CA ASP A 85 7.20 -7.16 -2.49
C ASP A 85 6.91 -8.10 -3.64
N LEU A 86 6.75 -7.50 -4.77
CA LEU A 86 6.36 -8.18 -5.97
C LEU A 86 7.48 -8.08 -6.99
N GLY A 87 8.69 -8.03 -6.46
CA GLY A 87 9.84 -7.75 -7.28
C GLY A 87 10.12 -6.27 -7.19
N TYR A 88 9.77 -5.74 -6.03
CA TYR A 88 9.84 -4.33 -5.72
C TYR A 88 10.05 -4.21 -4.24
N GLU A 89 10.80 -3.23 -3.83
CA GLU A 89 10.97 -2.97 -2.45
C GLU A 89 9.87 -2.01 -2.05
N LYS A 90 9.02 -2.47 -1.18
CA LYS A 90 7.91 -1.69 -0.72
C LYS A 90 8.05 -1.49 0.78
N GLN A 91 7.91 -0.30 1.26
CA GLN A 91 7.89 -0.08 2.68
C GLN A 91 6.55 0.47 3.07
N VAL A 92 5.80 -0.32 3.79
CA VAL A 92 4.45 0.04 4.17
C VAL A 92 4.42 1.19 5.17
N PRO A 93 3.67 2.26 4.86
CA PRO A 93 3.43 3.37 5.77
C PRO A 93 2.46 2.97 6.91
N PRO A 94 2.27 3.84 7.96
CA PRO A 94 1.33 3.60 9.10
C PRO A 94 -0.13 3.25 8.71
N ALA A 95 -1.02 3.39 9.68
CA ALA A 95 -2.43 3.10 9.48
C ALA A 95 -3.05 4.06 8.47
N VAL A 96 -2.91 5.32 8.73
CA VAL A 96 -3.38 6.33 7.84
C VAL A 96 -2.17 7.08 7.32
N LEU A 97 -2.28 7.65 6.17
CA LEU A 97 -1.21 8.33 5.56
C LEU A 97 -1.73 9.63 4.94
N PHE A 98 -1.08 10.71 5.22
CA PHE A 98 -1.54 12.00 4.75
C PHE A 98 -0.53 12.56 3.82
N HIS A 99 -0.89 12.76 2.57
CA HIS A 99 0.08 13.31 1.66
C HIS A 99 -0.40 14.62 1.09
N GLY A 100 0.49 15.54 0.97
CA GLY A 100 0.16 16.81 0.43
C GLY A 100 0.62 16.94 -0.98
N THR A 101 -0.09 17.72 -1.73
CA THR A 101 0.25 18.03 -3.09
C THR A 101 -0.37 19.37 -3.40
N ALA A 102 0.25 20.16 -4.28
CA ALA A 102 -0.24 21.50 -4.66
C ALA A 102 -1.75 21.46 -4.95
N GLU A 103 -2.50 22.28 -4.23
CA GLU A 103 -3.95 22.18 -4.21
C GLU A 103 -4.58 22.62 -5.54
N LYS A 104 -3.88 23.44 -6.30
CA LYS A 104 -4.38 23.89 -7.59
C LYS A 104 -4.29 22.79 -8.66
N ASN A 105 -3.74 21.65 -8.28
CA ASN A 105 -3.65 20.48 -9.16
C ASN A 105 -4.76 19.51 -8.83
N PHE A 106 -5.73 20.00 -8.04
CA PHE A 106 -6.87 19.24 -7.54
C PHE A 106 -7.59 18.46 -8.63
N ASP A 107 -7.82 19.10 -9.76
CA ASP A 107 -8.51 18.49 -10.89
C ASP A 107 -7.82 17.21 -11.31
N LEU A 108 -6.51 17.27 -11.49
CA LEU A 108 -5.75 16.17 -12.01
C LEU A 108 -5.70 15.02 -11.05
N ILE A 109 -5.73 15.34 -9.78
CA ILE A 109 -5.76 14.37 -8.72
C ILE A 109 -6.97 13.46 -8.87
N LEU A 110 -8.12 14.07 -9.02
CA LEU A 110 -9.35 13.33 -9.09
C LEU A 110 -9.55 12.69 -10.47
N LYS A 111 -8.98 13.33 -11.48
CA LYS A 111 -9.06 12.89 -12.85
C LYS A 111 -8.24 11.64 -13.14
N ASP A 112 -6.95 11.78 -12.98
CA ASP A 112 -6.02 10.77 -13.40
C ASP A 112 -5.35 10.08 -12.22
N GLY A 113 -5.52 10.65 -11.05
CA GLY A 113 -5.00 10.04 -9.86
C GLY A 113 -3.62 10.48 -9.56
N ILE A 114 -3.09 10.02 -8.47
CA ILE A 114 -1.75 10.36 -8.13
C ILE A 114 -0.82 9.40 -8.83
N LYS A 115 -0.20 9.89 -9.85
CA LYS A 115 0.79 9.17 -10.63
C LYS A 115 1.53 10.15 -11.50
N LYS A 116 0.76 10.80 -12.41
CA LYS A 116 1.29 11.77 -13.41
C LYS A 116 2.54 11.21 -14.10
N MET A 117 2.46 9.94 -14.46
CA MET A 117 3.56 9.14 -15.00
C MET A 117 4.71 9.04 -14.05
N SER A 118 4.72 7.98 -13.28
CA SER A 118 5.73 7.76 -12.30
C SER A 118 7.00 7.23 -12.96
N ARG A 119 7.87 8.14 -13.27
CA ARG A 119 9.11 7.82 -13.92
C ARG A 119 10.22 7.74 -12.90
N HIS A 120 10.00 8.38 -11.77
CA HIS A 120 10.92 8.31 -10.66
C HIS A 120 10.18 7.80 -9.44
N HIS A 121 9.35 8.67 -8.89
CA HIS A 121 8.61 8.41 -7.67
C HIS A 121 7.70 9.60 -7.39
N VAL A 122 6.47 9.35 -7.02
CA VAL A 122 5.54 10.45 -6.79
C VAL A 122 5.60 10.89 -5.32
N HIS A 123 5.80 12.18 -5.11
CA HIS A 123 5.95 12.77 -3.78
C HIS A 123 4.70 12.69 -2.88
N LEU A 124 4.84 11.94 -1.81
CA LEU A 124 3.82 11.80 -0.79
C LEU A 124 4.40 12.19 0.58
N SER A 125 3.61 12.13 1.60
CA SER A 125 4.01 12.55 2.90
C SER A 125 3.47 11.55 3.89
N GLN A 126 3.97 11.56 5.11
CA GLN A 126 3.52 10.63 6.14
C GLN A 126 2.36 11.23 6.98
N ASP A 127 2.46 12.51 7.24
CA ASP A 127 1.56 13.20 8.14
C ASP A 127 1.17 14.53 7.54
N ILE A 128 0.15 15.19 8.09
CA ILE A 128 -0.26 16.50 7.61
C ILE A 128 0.85 17.53 7.83
N THR A 129 1.65 17.34 8.87
CA THR A 129 2.76 18.25 9.09
C THR A 129 3.75 18.14 7.93
N THR A 130 4.01 16.90 7.48
CA THR A 130 4.86 16.68 6.36
C THR A 130 4.19 17.22 5.11
N ALA A 131 2.86 17.02 5.01
CA ALA A 131 2.07 17.50 3.87
C ALA A 131 2.26 18.99 3.68
N ARG A 132 2.15 19.74 4.77
CA ARG A 132 2.35 21.16 4.72
C ARG A 132 3.82 21.46 4.44
N LYS A 133 4.72 20.78 5.14
CA LYS A 133 6.17 20.99 5.02
C LYS A 133 6.68 20.80 3.59
N VAL A 134 6.24 19.74 2.95
CA VAL A 134 6.69 19.43 1.62
C VAL A 134 5.99 20.31 0.58
N GLY A 135 4.68 20.46 0.70
CA GLY A 135 3.93 21.24 -0.26
C GLY A 135 4.10 22.73 -0.06
N MET A 136 4.78 23.08 1.03
CA MET A 136 5.11 24.47 1.39
C MET A 136 5.94 25.10 0.29
N ARG A 137 6.59 24.23 -0.49
CA ARG A 137 7.38 24.66 -1.63
C ARG A 137 6.50 25.35 -2.67
N HIS A 138 5.19 25.08 -2.65
CA HIS A 138 4.26 25.75 -3.53
C HIS A 138 3.31 26.65 -2.76
N GLY A 139 2.79 26.18 -1.64
CA GLY A 139 1.93 27.02 -0.85
C GLY A 139 1.20 26.22 0.16
N LYS A 140 -0.07 26.01 -0.08
CA LYS A 140 -0.88 25.22 0.80
C LYS A 140 -1.46 24.06 0.04
N PRO A 141 -0.75 22.92 0.02
CA PRO A 141 -1.23 21.66 -0.54
C PRO A 141 -2.62 21.23 -0.09
N VAL A 142 -3.18 20.37 -0.85
CA VAL A 142 -4.41 19.74 -0.54
C VAL A 142 -3.99 18.37 0.03
N VAL A 143 -4.58 17.97 1.12
CA VAL A 143 -4.14 16.76 1.78
C VAL A 143 -5.03 15.58 1.40
N LEU A 144 -4.54 14.79 0.51
CA LEU A 144 -5.19 13.57 0.12
C LEU A 144 -4.84 12.52 1.16
N SER A 145 -5.83 12.10 1.90
CA SER A 145 -5.59 11.21 3.00
C SER A 145 -5.86 9.80 2.53
N VAL A 146 -4.90 8.95 2.66
CA VAL A 146 -5.03 7.62 2.16
C VAL A 146 -4.97 6.67 3.33
N ASP A 147 -5.76 5.64 3.30
CA ASP A 147 -5.62 4.58 4.27
C ASP A 147 -4.46 3.75 3.83
N ALA A 148 -3.34 3.93 4.47
CA ALA A 148 -2.15 3.23 4.10
C ALA A 148 -2.29 1.72 4.38
N LYS A 149 -3.26 1.38 5.23
CA LYS A 149 -3.66 0.00 5.46
C LYS A 149 -4.20 -0.56 4.15
N GLY A 150 -5.13 0.19 3.55
CA GLY A 150 -5.74 -0.19 2.30
C GLY A 150 -4.74 -0.11 1.16
N MET A 151 -3.77 0.76 1.29
CA MET A 151 -2.70 0.89 0.31
C MET A 151 -1.85 -0.38 0.29
N ALA A 152 -1.53 -0.88 1.47
CA ALA A 152 -0.76 -2.10 1.62
C ALA A 152 -1.59 -3.27 1.13
N ASP A 153 -2.87 -3.23 1.48
CA ASP A 153 -3.87 -4.23 1.07
C ASP A 153 -4.02 -4.27 -0.45
N GLY A 154 -3.76 -3.13 -1.06
CA GLY A 154 -3.86 -3.01 -2.50
C GLY A 154 -2.63 -3.49 -3.22
N GLY A 155 -1.51 -3.55 -2.51
CA GLY A 155 -0.28 -4.02 -3.09
C GLY A 155 0.44 -2.95 -3.88
N PHE A 156 0.20 -1.69 -3.54
CA PHE A 156 0.79 -0.56 -4.25
C PHE A 156 2.31 -0.45 -4.01
N ASP A 157 2.94 0.55 -4.59
CA ASP A 157 4.39 0.72 -4.48
C ASP A 157 4.74 1.90 -3.68
N PHE A 158 4.93 1.66 -2.43
CA PHE A 158 5.28 2.67 -1.46
C PHE A 158 6.77 2.59 -1.16
N TYR A 159 7.44 3.69 -1.41
CA TYR A 159 8.88 3.78 -1.26
C TYR A 159 9.20 4.62 -0.02
N LEU A 160 10.37 4.42 0.54
CA LEU A 160 10.79 5.15 1.73
C LEU A 160 11.77 6.25 1.32
N SER A 161 11.64 7.41 1.89
CA SER A 161 12.59 8.46 1.68
C SER A 161 13.17 8.90 3.02
N ASN A 162 14.48 9.04 3.04
CA ASN A 162 15.26 9.49 4.21
C ASN A 162 14.83 10.89 4.68
N ASN A 163 14.16 11.61 3.80
CA ASN A 163 13.70 12.98 4.06
C ASN A 163 12.42 12.94 4.92
N GLY A 164 11.86 11.76 5.15
CA GLY A 164 10.62 11.64 5.88
C GLY A 164 9.46 11.74 4.93
N VAL A 165 9.77 11.47 3.70
CA VAL A 165 8.87 11.52 2.60
C VAL A 165 8.54 10.10 2.18
N TRP A 166 7.36 9.90 1.69
CA TRP A 166 6.97 8.63 1.16
C TRP A 166 6.65 8.80 -0.27
N LEU A 167 6.83 7.80 -1.04
CA LEU A 167 6.58 7.92 -2.44
C LEU A 167 5.70 6.79 -2.88
N ILE A 168 4.95 6.98 -3.92
CA ILE A 168 4.09 5.95 -4.45
C ILE A 168 4.31 5.86 -5.95
N ASP A 169 3.91 4.76 -6.53
CA ASP A 169 3.91 4.65 -7.97
C ASP A 169 2.58 5.18 -8.49
N PHE A 170 1.50 4.94 -7.70
CA PHE A 170 0.18 5.52 -7.98
C PHE A 170 -0.85 5.20 -6.91
N VAL A 171 -1.75 6.16 -6.69
CA VAL A 171 -2.94 6.00 -5.83
C VAL A 171 -4.17 6.63 -6.51
N PRO A 172 -5.16 5.81 -6.86
CA PRO A 172 -6.43 6.28 -7.43
C PRO A 172 -7.19 7.17 -6.47
N ALA A 173 -7.67 8.31 -6.94
CA ALA A 173 -8.42 9.25 -6.11
C ALA A 173 -9.72 8.64 -5.63
N GLU A 174 -10.20 7.65 -6.38
CA GLU A 174 -11.42 6.89 -6.04
C GLU A 174 -11.22 6.15 -4.72
N PHE A 175 -9.98 5.82 -4.44
CA PHE A 175 -9.59 5.08 -3.27
C PHE A 175 -9.18 6.01 -2.13
N ILE A 176 -8.87 7.25 -2.45
CA ILE A 176 -8.36 8.16 -1.46
C ILE A 176 -9.50 8.93 -0.80
N LYS A 177 -9.25 9.41 0.40
CA LYS A 177 -10.21 10.13 1.17
C LYS A 177 -9.88 11.61 0.99
N VAL A 178 -10.32 12.16 -0.13
CA VAL A 178 -10.08 13.54 -0.44
C VAL A 178 -10.89 14.46 0.47
N GLY A 1 -13.63 -20.03 -19.09
CA GLY A 1 -12.72 -20.99 -19.68
C GLY A 1 -12.31 -22.01 -18.66
N SER A 2 -11.55 -22.99 -19.06
CA SER A 2 -11.12 -24.03 -18.17
C SER A 2 -9.61 -23.97 -17.88
N HIS A 3 -8.84 -23.25 -18.69
CA HIS A 3 -7.39 -23.24 -18.44
C HIS A 3 -6.80 -21.83 -18.31
N MET A 4 -7.63 -20.81 -18.45
CA MET A 4 -7.12 -19.42 -18.44
C MET A 4 -6.69 -19.03 -17.03
N VAL A 5 -7.37 -19.60 -16.07
CA VAL A 5 -7.03 -19.49 -14.64
C VAL A 5 -5.61 -19.97 -14.42
N LYS A 6 -5.30 -21.08 -15.02
CA LYS A 6 -4.04 -21.72 -14.90
C LYS A 6 -2.98 -21.03 -15.74
N VAL A 7 -3.44 -20.34 -16.77
CA VAL A 7 -2.61 -19.48 -17.56
C VAL A 7 -2.18 -18.30 -16.69
N SER A 8 -3.14 -17.72 -15.97
CA SER A 8 -2.88 -16.62 -15.06
C SER A 8 -1.88 -17.01 -13.97
N LYS A 9 -2.03 -18.22 -13.42
CA LYS A 9 -1.11 -18.66 -12.38
C LYS A 9 0.27 -18.86 -12.98
N PHE A 10 0.32 -19.39 -14.20
CA PHE A 10 1.56 -19.62 -14.91
C PHE A 10 2.27 -18.30 -15.19
N LEU A 11 1.52 -17.35 -15.67
CA LEU A 11 2.02 -16.02 -15.98
C LEU A 11 2.58 -15.36 -14.76
N SER A 12 1.91 -15.53 -13.64
CA SER A 12 2.39 -15.03 -12.41
C SER A 12 3.74 -15.67 -12.12
N LEU A 13 3.78 -17.01 -12.21
CA LEU A 13 4.95 -17.83 -11.91
C LEU A 13 6.16 -17.39 -12.71
N VAL A 14 5.99 -17.30 -14.00
CA VAL A 14 7.11 -17.05 -14.88
C VAL A 14 7.65 -15.66 -14.72
N LEU A 15 6.79 -14.73 -14.44
CA LEU A 15 7.22 -13.37 -14.34
C LEU A 15 7.62 -13.03 -12.92
N ARG A 16 7.71 -14.03 -12.06
CA ARG A 16 8.01 -13.77 -10.66
C ARG A 16 9.21 -14.58 -10.13
N HIS A 17 9.19 -15.89 -10.34
CA HIS A 17 10.11 -16.78 -9.64
C HIS A 17 11.14 -17.36 -10.55
N ASN A 18 10.72 -18.28 -11.35
CA ASN A 18 11.62 -18.91 -12.27
C ASN A 18 11.14 -18.61 -13.65
N PRO A 19 11.59 -17.50 -14.24
CA PRO A 19 11.18 -17.12 -15.60
C PRO A 19 11.85 -17.98 -16.63
N ALA A 20 13.04 -18.41 -16.27
CA ALA A 20 13.94 -19.19 -17.14
C ALA A 20 13.31 -20.48 -17.61
N LEU A 21 12.22 -20.81 -16.99
CA LEU A 21 11.55 -22.05 -17.13
C LEU A 21 11.04 -22.29 -18.55
N ILE A 22 10.61 -21.23 -19.19
CA ILE A 22 10.10 -21.32 -20.54
C ILE A 22 10.99 -20.60 -21.49
N GLY A 23 12.22 -20.40 -21.10
CA GLY A 23 13.12 -19.66 -21.96
C GLY A 23 12.89 -18.18 -21.81
N LEU A 24 12.01 -17.84 -20.90
CA LEU A 24 11.71 -16.49 -20.56
C LEU A 24 12.74 -16.11 -19.52
N ASP A 25 13.00 -14.89 -19.35
CA ASP A 25 13.83 -14.49 -18.24
C ASP A 25 13.36 -13.12 -17.74
N LEU A 26 13.58 -12.84 -16.50
CA LEU A 26 13.23 -11.52 -15.95
C LEU A 26 14.41 -10.56 -16.06
N ASP A 27 14.14 -9.41 -16.66
CA ASP A 27 15.15 -8.38 -16.86
C ASP A 27 15.40 -7.60 -15.55
N ALA A 28 16.43 -6.78 -15.54
CA ALA A 28 16.87 -6.05 -14.37
C ALA A 28 15.94 -4.89 -14.08
N ASN A 29 15.21 -4.45 -15.11
CA ASN A 29 14.18 -3.42 -14.92
C ASN A 29 12.91 -4.05 -14.36
N GLY A 30 12.99 -5.35 -14.09
CA GLY A 30 11.89 -6.08 -13.51
C GLY A 30 10.80 -6.24 -14.49
N TRP A 31 11.12 -6.72 -15.66
CA TRP A 31 10.15 -6.86 -16.69
C TRP A 31 10.54 -8.04 -17.58
N ALA A 32 9.60 -8.60 -18.28
CA ALA A 32 9.87 -9.66 -19.22
C ALA A 32 9.21 -9.30 -20.54
N PRO A 33 9.89 -9.56 -21.67
CA PRO A 33 9.36 -9.23 -22.99
C PRO A 33 8.08 -9.97 -23.28
N VAL A 34 7.04 -9.25 -23.67
CA VAL A 34 5.78 -9.88 -23.93
C VAL A 34 5.89 -10.87 -25.08
N LYS A 35 6.69 -10.56 -26.09
CA LYS A 35 6.82 -11.46 -27.21
C LYS A 35 7.58 -12.72 -26.81
N GLU A 36 8.44 -12.62 -25.81
CA GLU A 36 9.18 -13.79 -25.34
C GLU A 36 8.19 -14.80 -24.76
N LEU A 37 7.26 -14.27 -24.02
CA LEU A 37 6.18 -15.03 -23.42
C LEU A 37 5.24 -15.50 -24.51
N LEU A 38 4.76 -14.60 -25.33
CA LEU A 38 3.79 -14.91 -26.37
C LEU A 38 4.30 -15.96 -27.33
N ALA A 39 5.51 -15.76 -27.84
CA ALA A 39 6.07 -16.65 -28.81
C ALA A 39 6.22 -18.04 -28.21
N LYS A 40 6.82 -18.08 -27.03
CA LYS A 40 7.09 -19.32 -26.37
C LYS A 40 5.84 -20.03 -25.86
N MET A 41 5.01 -19.33 -25.12
CA MET A 41 3.87 -19.92 -24.42
C MET A 41 2.84 -20.49 -25.39
N LYS A 42 2.76 -19.88 -26.56
CA LYS A 42 1.94 -20.42 -27.63
C LYS A 42 2.57 -21.70 -28.17
N ALA A 43 3.83 -21.60 -28.56
CA ALA A 43 4.59 -22.70 -29.16
C ALA A 43 4.72 -23.89 -28.22
N LYS A 44 4.96 -23.61 -26.94
CA LYS A 44 5.16 -24.65 -25.95
C LYS A 44 3.84 -25.32 -25.48
N GLY A 45 2.79 -25.10 -26.25
CA GLY A 45 1.56 -25.84 -26.11
C GLY A 45 0.50 -25.24 -25.24
N HIS A 46 0.42 -23.93 -25.17
CA HIS A 46 -0.67 -23.33 -24.38
C HIS A 46 -1.42 -22.27 -25.15
N GLY A 47 -1.12 -22.20 -26.45
CA GLY A 47 -1.81 -21.35 -27.42
C GLY A 47 -2.09 -19.91 -26.99
N ILE A 48 -1.09 -19.21 -26.50
CA ILE A 48 -1.31 -17.84 -26.13
C ILE A 48 -1.08 -16.95 -27.33
N SER A 49 -2.10 -16.29 -27.76
CA SER A 49 -1.99 -15.30 -28.77
C SER A 49 -1.96 -13.98 -28.02
N MET A 50 -1.75 -12.86 -28.70
CA MET A 50 -1.66 -11.60 -27.98
C MET A 50 -2.99 -11.31 -27.27
N GLU A 51 -4.08 -11.47 -28.00
CA GLU A 51 -5.42 -11.27 -27.47
C GLU A 51 -5.70 -12.20 -26.28
N GLU A 52 -5.11 -13.40 -26.31
CA GLU A 52 -5.32 -14.40 -25.29
C GLU A 52 -4.67 -13.94 -24.02
N LEU A 53 -3.47 -13.44 -24.18
CA LEU A 53 -2.72 -12.93 -23.07
C LEU A 53 -3.44 -11.75 -22.45
N LYS A 54 -3.80 -10.78 -23.29
CA LYS A 54 -4.51 -9.57 -22.86
C LYS A 54 -5.82 -9.97 -22.13
N HIS A 55 -6.41 -11.08 -22.60
CA HIS A 55 -7.61 -11.68 -22.01
C HIS A 55 -7.36 -12.10 -20.54
N ILE A 56 -6.20 -12.63 -20.26
CA ILE A 56 -5.84 -12.98 -18.89
C ILE A 56 -5.46 -11.75 -18.11
N VAL A 57 -4.67 -10.94 -18.69
CA VAL A 57 -4.12 -9.82 -18.01
C VAL A 57 -5.20 -8.77 -17.63
N GLU A 58 -6.14 -8.55 -18.53
CA GLU A 58 -7.22 -7.62 -18.27
C GLU A 58 -8.45 -8.26 -17.56
N THR A 59 -8.83 -9.46 -17.96
CA THR A 59 -10.05 -10.06 -17.43
C THR A 59 -9.80 -11.08 -16.29
N ASN A 60 -8.62 -11.62 -16.22
CA ASN A 60 -8.33 -12.62 -15.19
C ASN A 60 -7.75 -12.02 -13.94
N SER A 61 -6.58 -11.42 -14.06
CA SER A 61 -5.89 -10.92 -12.89
C SER A 61 -5.16 -9.62 -13.20
N LYS A 62 -5.72 -8.50 -12.76
CA LYS A 62 -5.13 -7.21 -13.03
C LYS A 62 -4.12 -6.78 -11.96
N LYS A 63 -4.38 -7.17 -10.73
CA LYS A 63 -3.48 -6.80 -9.64
C LYS A 63 -2.24 -7.69 -9.67
N ARG A 64 -2.44 -8.91 -10.07
CA ARG A 64 -1.40 -9.91 -10.10
C ARG A 64 -0.43 -9.68 -11.28
N PHE A 65 -0.92 -9.09 -12.33
CA PHE A 65 -0.13 -8.95 -13.53
C PHE A 65 -0.13 -7.47 -13.98
N ALA A 66 1.05 -6.93 -14.20
CA ALA A 66 1.21 -5.57 -14.64
C ALA A 66 1.60 -5.58 -16.12
N PHE A 67 0.79 -4.92 -16.90
CA PHE A 67 0.93 -4.92 -18.34
C PHE A 67 0.85 -3.52 -18.83
N SER A 68 1.86 -3.13 -19.55
CA SER A 68 1.93 -1.83 -20.11
C SER A 68 0.72 -1.62 -21.02
N GLU A 69 0.17 -0.43 -21.00
CA GLU A 69 -0.98 -0.09 -21.85
C GLU A 69 -0.57 -0.10 -23.31
N ASN A 70 0.72 -0.15 -23.54
CA ASN A 70 1.26 -0.25 -24.87
C ASN A 70 1.56 -1.71 -25.24
N PHE A 71 1.20 -2.67 -24.34
CA PHE A 71 1.22 -4.12 -24.62
C PHE A 71 2.62 -4.64 -25.03
N GLU A 72 3.68 -4.00 -24.56
CA GLU A 72 5.02 -4.49 -24.87
C GLU A 72 5.68 -5.08 -23.63
N LYS A 73 5.39 -4.50 -22.49
CA LYS A 73 6.00 -4.93 -21.28
C LYS A 73 5.05 -5.72 -20.44
N ILE A 74 5.51 -6.87 -19.99
CA ILE A 74 4.76 -7.66 -19.07
C ILE A 74 5.61 -8.06 -17.89
N ARG A 75 5.01 -8.01 -16.78
CA ARG A 75 5.58 -8.49 -15.54
C ARG A 75 4.44 -8.90 -14.62
N ALA A 76 4.72 -9.75 -13.69
CA ALA A 76 3.75 -10.11 -12.71
C ALA A 76 4.24 -9.57 -11.40
N ASN A 77 3.37 -9.34 -10.48
CA ASN A 77 3.75 -8.78 -9.21
C ASN A 77 4.16 -9.86 -8.25
N GLN A 78 5.45 -9.87 -7.93
CA GLN A 78 6.08 -10.86 -7.08
C GLN A 78 5.59 -10.77 -5.65
N GLY A 79 4.49 -11.49 -5.35
CA GLY A 79 3.96 -11.65 -3.98
C GLY A 79 4.04 -10.42 -3.15
N HIS A 80 3.16 -9.48 -3.41
CA HIS A 80 3.21 -8.21 -2.74
C HIS A 80 2.72 -8.32 -1.32
N SER A 81 3.62 -8.67 -0.48
CA SER A 81 3.39 -8.72 0.93
C SER A 81 3.58 -7.30 1.46
N VAL A 82 3.48 -7.11 2.71
CA VAL A 82 3.69 -5.79 3.26
C VAL A 82 5.16 -5.66 3.63
N GLU A 83 5.79 -4.60 3.09
CA GLU A 83 7.26 -4.41 3.13
C GLU A 83 7.90 -5.56 2.34
N VAL A 84 8.06 -5.37 1.04
CA VAL A 84 8.44 -6.46 0.17
C VAL A 84 9.96 -6.41 -0.11
N ASP A 85 10.47 -5.17 -0.37
CA ASP A 85 11.87 -4.92 -0.73
C ASP A 85 12.33 -5.60 -2.00
N LEU A 86 12.71 -4.79 -2.93
CA LEU A 86 13.19 -5.22 -4.20
C LEU A 86 14.45 -4.39 -4.45
N GLY A 87 15.13 -4.10 -3.36
CA GLY A 87 16.21 -3.15 -3.36
C GLY A 87 15.63 -1.85 -2.93
N TYR A 88 14.79 -1.93 -1.92
CA TYR A 88 13.95 -0.84 -1.48
C TYR A 88 13.59 -0.93 -0.03
N GLU A 89 13.78 0.15 0.69
CA GLU A 89 13.32 0.22 2.02
C GLU A 89 11.88 0.73 1.98
N LYS A 90 10.98 -0.13 2.29
CA LYS A 90 9.59 0.16 2.28
C LYS A 90 9.13 0.18 3.71
N GLN A 91 8.69 1.31 4.20
CA GLN A 91 8.19 1.38 5.55
C GLN A 91 6.77 1.84 5.52
N VAL A 92 5.89 0.98 5.97
CA VAL A 92 4.48 1.26 5.95
C VAL A 92 4.06 1.87 7.27
N PRO A 93 3.62 3.13 7.27
CA PRO A 93 3.09 3.80 8.47
C PRO A 93 1.84 3.11 9.01
N PRO A 94 1.62 3.20 10.35
CA PRO A 94 0.48 2.62 11.08
C PRO A 94 -0.88 2.46 10.37
N ALA A 95 -1.70 3.48 10.39
CA ALA A 95 -3.03 3.36 9.86
C ALA A 95 -3.27 4.19 8.60
N VAL A 96 -3.05 5.48 8.68
CA VAL A 96 -3.44 6.40 7.63
C VAL A 96 -2.25 7.23 7.11
N LEU A 97 -2.41 7.76 5.92
CA LEU A 97 -1.44 8.60 5.25
C LEU A 97 -2.12 9.87 4.83
N PHE A 98 -1.39 10.94 4.84
CA PHE A 98 -1.89 12.19 4.37
C PHE A 98 -0.89 12.74 3.34
N HIS A 99 -1.34 12.86 2.11
CA HIS A 99 -0.50 13.30 0.99
C HIS A 99 -0.79 14.75 0.65
N GLY A 100 0.21 15.58 0.74
CA GLY A 100 0.04 16.97 0.40
C GLY A 100 0.38 17.26 -1.03
N THR A 101 -0.45 18.03 -1.68
CA THR A 101 -0.24 18.48 -3.04
C THR A 101 -1.13 19.69 -3.29
N ALA A 102 -0.63 20.70 -4.01
CA ALA A 102 -1.33 22.00 -4.18
C ALA A 102 -2.76 21.89 -4.63
N GLU A 103 -3.57 22.82 -4.11
CA GLU A 103 -4.98 22.92 -4.42
C GLU A 103 -5.20 23.29 -5.88
N LYS A 104 -4.19 23.90 -6.48
CA LYS A 104 -4.25 24.28 -7.89
C LYS A 104 -4.20 23.07 -8.78
N ASN A 105 -3.77 21.95 -8.25
CA ASN A 105 -3.67 20.74 -9.02
C ASN A 105 -4.82 19.82 -8.69
N PHE A 106 -5.75 20.31 -7.84
CA PHE A 106 -6.89 19.52 -7.32
C PHE A 106 -7.64 18.75 -8.39
N ASP A 107 -8.00 19.45 -9.45
CA ASP A 107 -8.79 18.84 -10.52
C ASP A 107 -8.05 17.71 -11.16
N LEU A 108 -6.78 17.91 -11.41
CA LEU A 108 -5.93 16.90 -12.03
C LEU A 108 -5.68 15.74 -11.08
N ILE A 109 -5.51 16.06 -9.80
CA ILE A 109 -5.33 15.05 -8.76
C ILE A 109 -6.55 14.14 -8.73
N LEU A 110 -7.71 14.74 -8.75
CA LEU A 110 -8.94 14.00 -8.68
C LEU A 110 -9.21 13.23 -9.98
N LYS A 111 -8.93 13.90 -11.07
CA LYS A 111 -9.15 13.39 -12.41
C LYS A 111 -8.27 12.18 -12.70
N ASP A 112 -6.98 12.37 -12.59
CA ASP A 112 -6.00 11.37 -13.01
C ASP A 112 -5.50 10.56 -11.81
N GLY A 113 -5.39 11.21 -10.70
CA GLY A 113 -4.89 10.57 -9.52
C GLY A 113 -3.54 11.11 -9.14
N ILE A 114 -2.93 10.51 -8.18
CA ILE A 114 -1.62 10.88 -7.74
C ILE A 114 -0.61 9.97 -8.40
N LYS A 115 0.08 10.53 -9.38
CA LYS A 115 1.13 9.88 -10.14
C LYS A 115 1.76 10.84 -11.14
N LYS A 116 1.03 11.08 -12.22
CA LYS A 116 1.45 11.85 -13.38
C LYS A 116 2.85 11.50 -13.83
N MET A 117 2.92 10.43 -14.61
CA MET A 117 4.17 9.89 -15.14
C MET A 117 5.06 9.37 -14.02
N SER A 118 4.72 8.22 -13.51
CA SER A 118 5.48 7.60 -12.46
C SER A 118 6.59 6.79 -13.07
N ARG A 119 7.81 7.17 -12.83
CA ARG A 119 8.91 6.39 -13.30
C ARG A 119 9.04 5.22 -12.35
N HIS A 120 9.26 5.53 -11.09
CA HIS A 120 9.27 4.51 -10.03
C HIS A 120 8.78 5.09 -8.71
N HIS A 121 9.16 6.33 -8.40
CA HIS A 121 8.79 6.88 -7.11
C HIS A 121 8.26 8.34 -7.16
N VAL A 122 6.99 8.50 -6.81
CA VAL A 122 6.30 9.81 -6.77
C VAL A 122 6.21 10.27 -5.31
N HIS A 123 6.40 11.58 -5.07
CA HIS A 123 6.41 12.15 -3.70
C HIS A 123 5.11 11.87 -2.90
N LEU A 124 5.29 11.30 -1.73
CA LEU A 124 4.23 10.95 -0.80
C LEU A 124 4.57 11.50 0.60
N SER A 125 3.55 11.80 1.35
CA SER A 125 3.67 12.38 2.66
C SER A 125 2.98 11.44 3.67
N GLN A 126 3.37 11.51 4.93
CA GLN A 126 2.78 10.64 5.93
C GLN A 126 1.62 11.29 6.69
N ASP A 127 1.78 12.55 7.09
CA ASP A 127 0.79 13.21 7.93
C ASP A 127 0.47 14.59 7.37
N ILE A 128 -0.49 15.30 7.97
CA ILE A 128 -0.87 16.63 7.52
C ILE A 128 0.25 17.62 7.81
N THR A 129 0.95 17.39 8.91
CA THR A 129 2.06 18.26 9.25
C THR A 129 3.16 18.10 8.18
N THR A 130 3.28 16.88 7.63
CA THR A 130 4.16 16.64 6.51
C THR A 130 3.61 17.44 5.36
N ALA A 131 2.37 17.17 5.03
CA ALA A 131 1.71 17.71 3.84
C ALA A 131 1.80 19.21 3.76
N ARG A 132 1.63 19.89 4.84
CA ARG A 132 1.78 21.32 4.87
C ARG A 132 3.23 21.75 4.60
N LYS A 133 4.17 21.32 5.44
CA LYS A 133 5.61 21.74 5.32
C LYS A 133 6.24 21.27 4.01
N VAL A 134 5.85 20.12 3.62
CA VAL A 134 6.33 19.43 2.44
C VAL A 134 5.68 20.03 1.19
N GLY A 135 4.40 20.31 1.28
CA GLY A 135 3.68 20.88 0.17
C GLY A 135 3.96 22.36 -0.03
N MET A 136 4.72 22.96 0.92
CA MET A 136 5.17 24.37 0.81
C MET A 136 5.99 24.55 -0.46
N ARG A 137 6.49 23.42 -1.01
CA ARG A 137 7.24 23.42 -2.25
C ARG A 137 6.38 23.98 -3.41
N HIS A 138 5.05 23.94 -3.25
CA HIS A 138 4.17 24.50 -4.24
C HIS A 138 3.37 25.65 -3.61
N GLY A 139 2.84 25.44 -2.39
CA GLY A 139 2.08 26.48 -1.71
C GLY A 139 1.29 25.89 -0.57
N LYS A 140 -0.02 25.92 -0.67
CA LYS A 140 -0.87 25.31 0.35
C LYS A 140 -1.59 24.09 -0.23
N PRO A 141 -0.99 22.93 -0.13
CA PRO A 141 -1.58 21.64 -0.50
C PRO A 141 -2.99 21.37 0.06
N VAL A 142 -3.68 20.56 -0.69
CA VAL A 142 -4.87 19.92 -0.28
C VAL A 142 -4.39 18.57 0.21
N VAL A 143 -4.93 18.09 1.28
CA VAL A 143 -4.48 16.86 1.82
C VAL A 143 -5.35 15.69 1.38
N LEU A 144 -4.79 14.91 0.49
CA LEU A 144 -5.38 13.68 -0.01
C LEU A 144 -5.00 12.57 0.96
N SER A 145 -5.96 12.00 1.64
CA SER A 145 -5.63 11.03 2.65
C SER A 145 -5.86 9.63 2.12
N VAL A 146 -4.93 8.76 2.33
CA VAL A 146 -5.07 7.41 1.88
C VAL A 146 -4.90 6.52 3.11
N ASP A 147 -5.50 5.36 3.11
CA ASP A 147 -5.32 4.44 4.21
C ASP A 147 -4.04 3.65 3.93
N ALA A 148 -3.08 3.73 4.83
CA ALA A 148 -1.79 3.04 4.68
C ALA A 148 -2.03 1.56 4.65
N LYS A 149 -2.78 1.10 5.64
CA LYS A 149 -3.15 -0.29 5.75
C LYS A 149 -4.00 -0.73 4.56
N GLY A 150 -4.79 0.20 4.06
CA GLY A 150 -5.64 -0.06 2.93
C GLY A 150 -4.86 -0.25 1.66
N MET A 151 -3.89 0.60 1.41
CA MET A 151 -3.10 0.49 0.18
C MET A 151 -2.13 -0.68 0.25
N ALA A 152 -1.63 -0.99 1.45
CA ALA A 152 -0.70 -2.11 1.63
C ALA A 152 -1.40 -3.42 1.31
N ASP A 153 -2.66 -3.49 1.67
CA ASP A 153 -3.52 -4.64 1.38
C ASP A 153 -3.99 -4.58 -0.07
N GLY A 154 -4.17 -3.36 -0.55
CA GLY A 154 -4.66 -3.11 -1.89
C GLY A 154 -3.67 -3.47 -2.96
N GLY A 155 -2.40 -3.54 -2.62
CA GLY A 155 -1.42 -3.94 -3.59
C GLY A 155 -0.62 -2.77 -4.11
N PHE A 156 -0.64 -1.68 -3.39
CA PHE A 156 0.14 -0.54 -3.75
C PHE A 156 1.48 -0.64 -3.09
N ASP A 157 2.41 0.17 -3.48
CA ASP A 157 3.76 -0.02 -3.02
C ASP A 157 4.22 1.17 -2.27
N PHE A 158 5.16 0.94 -1.41
CA PHE A 158 5.72 1.95 -0.59
C PHE A 158 7.20 2.05 -0.85
N TYR A 159 7.74 3.21 -0.68
CA TYR A 159 9.17 3.40 -0.72
C TYR A 159 9.45 4.52 0.26
N LEU A 160 10.48 4.40 1.02
CA LEU A 160 10.87 5.46 1.90
C LEU A 160 12.25 5.93 1.54
N SER A 161 12.37 7.19 1.26
CA SER A 161 13.62 7.77 0.94
C SER A 161 14.31 8.21 2.21
N ASN A 162 15.63 8.22 2.18
CA ASN A 162 16.48 8.61 3.30
C ASN A 162 16.24 10.07 3.73
N ASN A 163 15.55 10.82 2.87
CA ASN A 163 15.23 12.22 3.12
C ASN A 163 14.00 12.37 4.02
N GLY A 164 13.36 11.25 4.34
CA GLY A 164 12.15 11.31 5.14
C GLY A 164 10.93 11.49 4.28
N VAL A 165 11.13 11.20 3.02
CA VAL A 165 10.12 11.33 2.02
C VAL A 165 9.58 9.96 1.70
N TRP A 166 8.27 9.84 1.69
CA TRP A 166 7.67 8.62 1.28
C TRP A 166 7.43 8.72 -0.17
N LEU A 167 7.41 7.65 -0.84
CA LEU A 167 7.15 7.66 -2.23
C LEU A 167 6.12 6.63 -2.54
N ILE A 168 5.32 6.93 -3.52
CA ILE A 168 4.26 6.08 -3.96
C ILE A 168 4.45 5.82 -5.45
N ASP A 169 4.02 4.68 -5.92
CA ASP A 169 4.04 4.40 -7.34
C ASP A 169 2.90 5.18 -7.96
N PHE A 170 1.70 5.00 -7.39
CA PHE A 170 0.54 5.78 -7.78
C PHE A 170 -0.63 5.50 -6.85
N VAL A 171 -1.45 6.51 -6.61
CA VAL A 171 -2.70 6.37 -5.89
C VAL A 171 -3.82 7.16 -6.56
N PRO A 172 -4.78 6.47 -7.16
CA PRO A 172 -5.95 7.10 -7.81
C PRO A 172 -6.76 7.87 -6.79
N ALA A 173 -7.20 9.09 -7.12
CA ALA A 173 -8.03 9.89 -6.20
C ALA A 173 -9.33 9.15 -5.91
N GLU A 174 -9.70 8.34 -6.87
CA GLU A 174 -10.85 7.45 -6.84
C GLU A 174 -10.74 6.45 -5.66
N PHE A 175 -9.52 6.21 -5.22
CA PHE A 175 -9.19 5.32 -4.12
C PHE A 175 -8.83 6.13 -2.87
N ILE A 176 -8.58 7.40 -3.05
CA ILE A 176 -8.14 8.26 -1.99
C ILE A 176 -9.34 8.90 -1.29
N LYS A 177 -9.14 9.29 -0.07
CA LYS A 177 -10.15 9.88 0.74
C LYS A 177 -9.84 11.37 0.79
N VAL A 178 -10.28 12.08 -0.22
CA VAL A 178 -10.05 13.50 -0.29
C VAL A 178 -10.89 14.24 0.75
N GLY A 1 -18.77 -28.16 -2.21
CA GLY A 1 -17.84 -27.06 -2.37
C GLY A 1 -18.10 -26.32 -3.65
N SER A 2 -17.88 -25.05 -3.63
CA SER A 2 -18.08 -24.22 -4.77
C SER A 2 -16.97 -24.42 -5.79
N HIS A 3 -17.38 -24.53 -7.03
CA HIS A 3 -16.46 -24.69 -8.15
C HIS A 3 -15.64 -23.43 -8.29
N MET A 4 -16.22 -22.31 -7.97
CA MET A 4 -15.55 -21.04 -8.15
C MET A 4 -14.53 -20.85 -7.05
N VAL A 5 -14.75 -21.52 -5.95
CA VAL A 5 -13.78 -21.58 -4.85
C VAL A 5 -12.58 -22.44 -5.28
N LYS A 6 -12.85 -23.46 -6.07
CA LYS A 6 -11.78 -24.31 -6.62
C LYS A 6 -11.03 -23.53 -7.69
N VAL A 7 -11.74 -22.65 -8.38
CA VAL A 7 -11.18 -21.74 -9.33
C VAL A 7 -10.29 -20.72 -8.56
N SER A 8 -10.79 -20.24 -7.43
CA SER A 8 -10.05 -19.35 -6.54
C SER A 8 -8.75 -20.01 -6.08
N LYS A 9 -8.86 -21.26 -5.63
CA LYS A 9 -7.72 -22.06 -5.19
C LYS A 9 -6.73 -22.16 -6.35
N PHE A 10 -7.25 -22.42 -7.53
CA PHE A 10 -6.42 -22.55 -8.71
C PHE A 10 -5.68 -21.25 -9.01
N LEU A 11 -6.44 -20.18 -9.14
CA LEU A 11 -5.91 -18.86 -9.47
C LEU A 11 -4.89 -18.41 -8.44
N SER A 12 -5.17 -18.76 -7.18
CA SER A 12 -4.27 -18.50 -6.09
C SER A 12 -2.90 -19.07 -6.39
N LEU A 13 -2.87 -20.32 -6.79
CA LEU A 13 -1.64 -21.04 -7.03
C LEU A 13 -0.86 -20.44 -8.20
N VAL A 14 -1.54 -20.29 -9.31
CA VAL A 14 -0.86 -19.98 -10.56
C VAL A 14 -0.28 -18.59 -10.59
N LEU A 15 -0.97 -17.66 -10.04
CA LEU A 15 -0.56 -16.27 -10.15
C LEU A 15 0.40 -15.89 -9.04
N ARG A 16 0.88 -16.88 -8.30
CA ARG A 16 1.77 -16.59 -7.20
C ARG A 16 3.02 -17.46 -7.16
N HIS A 17 2.87 -18.74 -7.44
CA HIS A 17 3.96 -19.67 -7.15
C HIS A 17 4.58 -20.21 -8.39
N ASN A 18 3.91 -21.07 -9.04
CA ASN A 18 4.41 -21.64 -10.22
C ASN A 18 3.41 -21.38 -11.28
N PRO A 19 3.49 -20.24 -11.97
CA PRO A 19 2.53 -19.89 -13.02
C PRO A 19 2.75 -20.71 -14.25
N ALA A 20 3.97 -21.19 -14.35
CA ALA A 20 4.45 -21.92 -15.52
C ALA A 20 3.71 -23.22 -15.68
N LEU A 21 3.01 -23.58 -14.62
CA LEU A 21 2.32 -24.80 -14.49
C LEU A 21 1.32 -25.04 -15.65
N ILE A 22 0.63 -23.99 -16.03
CA ILE A 22 -0.42 -24.11 -17.03
C ILE A 22 -0.10 -23.44 -18.31
N GLY A 23 1.13 -23.04 -18.49
CA GLY A 23 1.47 -22.34 -19.69
C GLY A 23 1.39 -20.86 -19.46
N LEU A 24 0.92 -20.50 -18.30
CA LEU A 24 0.88 -19.14 -17.87
C LEU A 24 2.26 -18.84 -17.38
N ASP A 25 2.66 -17.64 -17.40
CA ASP A 25 3.89 -17.30 -16.75
C ASP A 25 3.76 -15.90 -16.18
N LEU A 26 4.41 -15.66 -15.08
CA LEU A 26 4.36 -14.33 -14.45
C LEU A 26 5.08 -13.26 -15.25
N ASP A 27 4.44 -12.14 -15.35
CA ASP A 27 4.91 -10.96 -16.05
C ASP A 27 6.07 -10.34 -15.27
N ALA A 28 6.76 -9.42 -15.89
CA ALA A 28 7.97 -8.83 -15.33
C ALA A 28 7.67 -7.98 -14.10
N ASN A 29 6.44 -7.53 -14.01
CA ASN A 29 6.01 -6.68 -12.92
C ASN A 29 5.37 -7.51 -11.80
N GLY A 30 5.43 -8.83 -11.94
CA GLY A 30 4.83 -9.70 -10.96
C GLY A 30 3.34 -9.73 -11.10
N TRP A 31 2.93 -9.95 -12.30
CA TRP A 31 1.55 -9.97 -12.67
C TRP A 31 1.40 -11.08 -13.67
N ALA A 32 0.24 -11.25 -14.18
CA ALA A 32 0.02 -12.18 -15.25
C ALA A 32 -0.93 -11.53 -16.22
N PRO A 33 -0.75 -11.74 -17.53
CA PRO A 33 -1.68 -11.23 -18.51
C PRO A 33 -3.00 -11.97 -18.38
N VAL A 34 -4.07 -11.24 -18.17
CA VAL A 34 -5.35 -11.86 -17.95
C VAL A 34 -5.77 -12.67 -19.16
N LYS A 35 -5.44 -12.19 -20.35
CA LYS A 35 -5.85 -12.85 -21.57
C LYS A 35 -5.22 -14.24 -21.66
N GLU A 36 -4.00 -14.36 -21.15
CA GLU A 36 -3.30 -15.63 -21.14
C GLU A 36 -4.06 -16.60 -20.27
N LEU A 37 -4.37 -16.17 -19.08
CA LEU A 37 -5.11 -16.96 -18.12
C LEU A 37 -6.47 -17.33 -18.68
N LEU A 38 -7.19 -16.36 -19.19
CA LEU A 38 -8.53 -16.59 -19.70
C LEU A 38 -8.52 -17.58 -20.84
N ALA A 39 -7.66 -17.36 -21.81
CA ALA A 39 -7.61 -18.20 -22.99
C ALA A 39 -7.10 -19.58 -22.65
N LYS A 40 -6.06 -19.64 -21.84
CA LYS A 40 -5.47 -20.89 -21.49
C LYS A 40 -6.39 -21.70 -20.57
N MET A 41 -6.86 -21.09 -19.49
CA MET A 41 -7.66 -21.77 -18.48
C MET A 41 -9.02 -22.19 -19.00
N LYS A 42 -9.58 -21.41 -19.94
CA LYS A 42 -10.84 -21.80 -20.55
C LYS A 42 -10.61 -23.03 -21.42
N ALA A 43 -9.50 -23.02 -22.17
CA ALA A 43 -9.16 -24.08 -23.10
C ALA A 43 -8.62 -25.31 -22.38
N LYS A 44 -8.32 -25.16 -21.09
CA LYS A 44 -7.93 -26.26 -20.26
C LYS A 44 -9.16 -27.09 -19.86
N GLY A 45 -10.32 -26.70 -20.38
CA GLY A 45 -11.54 -27.40 -20.09
C GLY A 45 -12.18 -26.90 -18.83
N HIS A 46 -11.94 -25.63 -18.52
CA HIS A 46 -12.51 -25.05 -17.32
C HIS A 46 -13.39 -23.87 -17.65
N GLY A 47 -13.45 -23.54 -18.94
CA GLY A 47 -14.35 -22.52 -19.47
C GLY A 47 -14.40 -21.20 -18.71
N ILE A 48 -13.27 -20.59 -18.42
CA ILE A 48 -13.29 -19.31 -17.72
C ILE A 48 -13.69 -18.20 -18.67
N SER A 49 -14.78 -17.57 -18.35
CA SER A 49 -15.24 -16.42 -19.07
C SER A 49 -14.62 -15.19 -18.41
N MET A 50 -14.54 -14.07 -19.11
CA MET A 50 -13.83 -12.89 -18.58
C MET A 50 -14.52 -12.38 -17.32
N GLU A 51 -15.82 -12.23 -17.39
CA GLU A 51 -16.61 -11.75 -16.26
C GLU A 51 -16.61 -12.77 -15.13
N GLU A 52 -16.45 -14.04 -15.49
CA GLU A 52 -16.43 -15.13 -14.54
C GLU A 52 -15.16 -15.06 -13.75
N LEU A 53 -14.12 -14.75 -14.44
CA LEU A 53 -12.85 -14.52 -13.79
C LEU A 53 -12.94 -13.38 -12.80
N LYS A 54 -13.46 -12.22 -13.26
CA LYS A 54 -13.61 -11.03 -12.41
C LYS A 54 -14.51 -11.38 -11.20
N HIS A 55 -15.44 -12.27 -11.44
CA HIS A 55 -16.31 -12.85 -10.44
C HIS A 55 -15.49 -13.50 -9.28
N ILE A 56 -14.50 -14.32 -9.61
CA ILE A 56 -13.65 -14.92 -8.56
C ILE A 56 -12.68 -13.90 -8.02
N VAL A 57 -11.94 -13.32 -8.93
CA VAL A 57 -10.86 -12.44 -8.61
C VAL A 57 -11.32 -11.25 -7.78
N GLU A 58 -12.32 -10.57 -8.26
CA GLU A 58 -12.83 -9.44 -7.55
C GLU A 58 -13.94 -9.79 -6.53
N THR A 59 -14.96 -10.53 -6.94
CA THR A 59 -16.13 -10.69 -6.09
C THR A 59 -15.92 -11.74 -4.97
N ASN A 60 -15.04 -12.69 -5.20
CA ASN A 60 -14.79 -13.73 -4.19
C ASN A 60 -13.75 -13.31 -3.21
N SER A 61 -12.63 -12.83 -3.69
CA SER A 61 -11.58 -12.37 -2.82
C SER A 61 -10.77 -11.27 -3.47
N LYS A 62 -11.28 -10.05 -3.45
CA LYS A 62 -10.59 -8.92 -4.07
C LYS A 62 -9.25 -8.67 -3.38
N LYS A 63 -9.23 -8.87 -2.09
CA LYS A 63 -8.01 -8.67 -1.32
C LYS A 63 -7.00 -9.80 -1.51
N ARG A 64 -7.46 -10.94 -2.04
CA ARG A 64 -6.55 -12.06 -2.22
C ARG A 64 -6.16 -12.26 -3.66
N PHE A 65 -6.70 -11.45 -4.52
CA PHE A 65 -6.31 -11.44 -5.92
C PHE A 65 -6.22 -10.00 -6.35
N ALA A 66 -5.05 -9.53 -6.64
CA ALA A 66 -4.95 -8.16 -7.10
C ALA A 66 -5.21 -8.14 -8.57
N PHE A 67 -6.04 -7.26 -8.97
CA PHE A 67 -6.50 -7.20 -10.31
C PHE A 67 -6.51 -5.78 -10.71
N SER A 68 -5.84 -5.53 -11.82
CA SER A 68 -5.69 -4.21 -12.36
C SER A 68 -7.05 -3.55 -12.52
N GLU A 69 -7.08 -2.24 -12.32
CA GLU A 69 -8.30 -1.48 -12.42
C GLU A 69 -8.88 -1.65 -13.82
N ASN A 70 -8.01 -1.77 -14.80
CA ASN A 70 -8.46 -1.96 -16.17
C ASN A 70 -8.56 -3.44 -16.56
N PHE A 71 -8.49 -4.37 -15.55
CA PHE A 71 -8.73 -5.80 -15.76
C PHE A 71 -7.73 -6.45 -16.72
N GLU A 72 -6.59 -5.83 -16.92
CA GLU A 72 -5.63 -6.34 -17.89
C GLU A 72 -4.61 -7.28 -17.22
N LYS A 73 -4.18 -6.91 -16.05
CA LYS A 73 -3.19 -7.67 -15.33
C LYS A 73 -3.81 -8.26 -14.07
N ILE A 74 -3.51 -9.50 -13.80
CA ILE A 74 -4.02 -10.21 -12.61
C ILE A 74 -2.84 -10.78 -11.82
N ARG A 75 -3.03 -10.96 -10.53
CA ARG A 75 -2.06 -11.66 -9.68
C ARG A 75 -2.81 -12.22 -8.48
N ALA A 76 -2.24 -13.19 -7.84
CA ALA A 76 -2.86 -13.76 -6.66
C ALA A 76 -2.01 -13.44 -5.48
N ASN A 77 -2.63 -13.04 -4.44
CA ASN A 77 -1.94 -12.63 -3.25
C ASN A 77 -2.73 -12.88 -1.99
N GLN A 78 -2.60 -14.07 -1.48
CA GLN A 78 -3.22 -14.47 -0.25
C GLN A 78 -2.31 -14.08 0.90
N GLY A 79 -2.89 -13.75 2.05
CA GLY A 79 -2.11 -13.25 3.16
C GLY A 79 -1.63 -11.88 2.81
N HIS A 80 -2.56 -11.07 2.37
CA HIS A 80 -2.28 -9.78 1.80
C HIS A 80 -2.46 -8.66 2.87
N SER A 81 -2.26 -7.39 2.47
CA SER A 81 -2.22 -6.22 3.38
C SER A 81 -0.93 -6.22 4.22
N VAL A 82 -0.03 -7.10 3.84
CA VAL A 82 1.24 -7.29 4.50
C VAL A 82 2.35 -6.88 3.51
N GLU A 83 3.57 -6.77 3.99
CA GLU A 83 4.70 -6.51 3.14
C GLU A 83 5.06 -7.78 2.39
N VAL A 84 4.53 -7.91 1.19
CA VAL A 84 4.76 -9.08 0.35
C VAL A 84 6.03 -8.86 -0.46
N ASP A 85 6.23 -7.59 -0.85
CA ASP A 85 7.38 -7.11 -1.67
C ASP A 85 7.67 -8.00 -2.90
N LEU A 86 7.09 -7.63 -4.00
CA LEU A 86 7.31 -8.37 -5.23
C LEU A 86 8.47 -7.67 -5.96
N GLY A 87 9.64 -7.70 -5.34
CA GLY A 87 10.81 -7.04 -5.91
C GLY A 87 10.70 -5.53 -5.81
N TYR A 88 9.70 -5.08 -5.13
CA TYR A 88 9.46 -3.70 -4.89
C TYR A 88 9.66 -3.48 -3.43
N GLU A 89 9.96 -2.29 -3.03
CA GLU A 89 10.11 -2.06 -1.63
C GLU A 89 8.75 -1.53 -1.14
N LYS A 90 8.02 -2.36 -0.42
CA LYS A 90 6.75 -1.97 0.14
C LYS A 90 6.81 -2.11 1.65
N GLN A 91 6.54 -1.07 2.36
CA GLN A 91 6.53 -1.16 3.80
C GLN A 91 5.29 -0.48 4.34
N VAL A 92 4.61 -1.15 5.24
CA VAL A 92 3.35 -0.64 5.75
C VAL A 92 3.54 0.16 7.06
N PRO A 93 3.38 1.49 7.01
CA PRO A 93 3.36 2.35 8.19
C PRO A 93 2.01 2.21 8.94
N PRO A 94 1.93 2.74 10.19
CA PRO A 94 0.76 2.68 11.08
C PRO A 94 -0.67 2.63 10.45
N ALA A 95 -1.33 3.76 10.33
CA ALA A 95 -2.71 3.75 9.88
C ALA A 95 -2.93 4.39 8.51
N VAL A 96 -2.53 5.63 8.37
CA VAL A 96 -2.83 6.37 7.19
C VAL A 96 -1.59 7.15 6.71
N LEU A 97 -1.57 7.46 5.44
CA LEU A 97 -0.48 8.16 4.82
C LEU A 97 -1.01 9.45 4.22
N PHE A 98 -0.25 10.51 4.30
CA PHE A 98 -0.72 11.78 3.82
C PHE A 98 0.11 12.27 2.64
N HIS A 99 -0.52 12.40 1.52
CA HIS A 99 0.13 12.91 0.34
C HIS A 99 -0.23 14.37 0.18
N GLY A 100 0.61 15.25 0.66
CA GLY A 100 0.36 16.65 0.51
C GLY A 100 0.95 17.16 -0.76
N THR A 101 0.15 17.85 -1.52
CA THR A 101 0.57 18.38 -2.79
C THR A 101 -0.27 19.61 -3.07
N ALA A 102 0.18 20.49 -3.94
CA ALA A 102 -0.53 21.73 -4.22
C ALA A 102 -1.94 21.48 -4.74
N GLU A 103 -2.92 22.16 -4.16
CA GLU A 103 -4.32 21.99 -4.54
C GLU A 103 -4.56 22.57 -5.95
N LYS A 104 -3.56 23.24 -6.47
CA LYS A 104 -3.60 23.75 -7.84
C LYS A 104 -3.57 22.59 -8.83
N ASN A 105 -3.22 21.40 -8.34
CA ASN A 105 -3.18 20.18 -9.16
C ASN A 105 -4.43 19.34 -8.90
N PHE A 106 -5.36 19.88 -8.09
CA PHE A 106 -6.60 19.18 -7.65
C PHE A 106 -7.33 18.41 -8.77
N ASP A 107 -7.45 19.02 -9.95
CA ASP A 107 -8.20 18.40 -11.06
C ASP A 107 -7.53 17.10 -11.47
N LEU A 108 -6.24 17.17 -11.69
CA LEU A 108 -5.45 16.08 -12.09
C LEU A 108 -5.43 15.01 -11.01
N ILE A 109 -5.34 15.46 -9.76
CA ILE A 109 -5.32 14.58 -8.62
C ILE A 109 -6.63 13.80 -8.50
N LEU A 110 -7.74 14.47 -8.61
CA LEU A 110 -9.00 13.82 -8.44
C LEU A 110 -9.36 12.95 -9.65
N LYS A 111 -9.02 13.44 -10.82
CA LYS A 111 -9.35 12.77 -12.07
C LYS A 111 -8.47 11.54 -12.32
N ASP A 112 -7.18 11.71 -12.18
CA ASP A 112 -6.25 10.63 -12.50
C ASP A 112 -5.59 10.03 -11.25
N GLY A 113 -5.44 10.83 -10.24
CA GLY A 113 -4.88 10.35 -8.99
C GLY A 113 -3.45 10.79 -8.81
N ILE A 114 -2.81 10.21 -7.83
CA ILE A 114 -1.40 10.44 -7.62
C ILE A 114 -0.70 9.45 -8.47
N LYS A 115 -0.12 9.92 -9.54
CA LYS A 115 0.53 9.07 -10.51
C LYS A 115 1.25 9.99 -11.49
N LYS A 116 2.50 10.21 -11.24
CA LYS A 116 3.25 11.15 -12.00
C LYS A 116 4.49 10.49 -12.55
N MET A 117 4.32 9.91 -13.75
CA MET A 117 5.38 9.17 -14.44
C MET A 117 5.72 7.93 -13.63
N SER A 118 4.71 7.41 -12.96
CA SER A 118 4.86 6.30 -12.07
C SER A 118 5.31 5.06 -12.81
N ARG A 119 6.39 4.54 -12.33
CA ARG A 119 7.04 3.39 -12.85
C ARG A 119 8.05 3.02 -11.80
N HIS A 120 8.60 4.07 -11.21
CA HIS A 120 9.48 3.93 -10.09
C HIS A 120 8.79 4.46 -8.84
N HIS A 121 8.61 5.78 -8.73
CA HIS A 121 8.00 6.34 -7.51
C HIS A 121 7.61 7.82 -7.61
N VAL A 122 6.58 8.17 -6.86
CA VAL A 122 6.11 9.54 -6.62
C VAL A 122 6.17 9.72 -5.09
N HIS A 123 6.27 10.93 -4.56
CA HIS A 123 6.50 11.07 -3.11
C HIS A 123 5.26 11.47 -2.32
N LEU A 124 5.24 11.10 -1.05
CA LEU A 124 4.22 11.51 -0.11
C LEU A 124 4.87 11.77 1.25
N SER A 125 4.09 12.29 2.16
CA SER A 125 4.57 12.73 3.43
C SER A 125 4.07 11.84 4.58
N GLN A 126 4.44 12.19 5.81
CA GLN A 126 4.06 11.39 6.97
C GLN A 126 2.75 11.89 7.56
N ASP A 127 2.68 13.19 7.77
CA ASP A 127 1.58 13.81 8.49
C ASP A 127 1.14 15.07 7.75
N ILE A 128 0.02 15.64 8.18
CA ILE A 128 -0.52 16.84 7.61
C ILE A 128 0.43 18.02 7.81
N THR A 129 1.21 18.00 8.89
CA THR A 129 2.17 19.05 9.13
C THR A 129 3.19 19.09 7.97
N THR A 130 3.68 17.91 7.56
CA THR A 130 4.56 17.82 6.46
C THR A 130 3.83 18.25 5.20
N ALA A 131 2.60 17.75 5.03
CA ALA A 131 1.76 18.05 3.84
C ALA A 131 1.63 19.55 3.63
N ARG A 132 1.38 20.25 4.71
CA ARG A 132 1.27 21.68 4.68
C ARG A 132 2.63 22.33 4.43
N LYS A 133 3.64 21.91 5.20
CA LYS A 133 4.99 22.48 5.14
C LYS A 133 5.61 22.34 3.74
N VAL A 134 5.49 21.16 3.15
CA VAL A 134 6.03 20.91 1.83
C VAL A 134 5.22 21.64 0.77
N GLY A 135 3.91 21.73 0.99
CA GLY A 135 3.03 22.39 0.06
C GLY A 135 3.14 23.92 0.13
N MET A 136 3.86 24.41 1.15
CA MET A 136 4.12 25.84 1.32
C MET A 136 4.99 26.37 0.19
N ARG A 137 5.50 25.46 -0.65
CA ARG A 137 6.22 25.83 -1.85
C ARG A 137 5.26 26.46 -2.87
N HIS A 138 3.97 26.17 -2.72
CA HIS A 138 2.96 26.69 -3.64
C HIS A 138 1.87 27.52 -2.95
N GLY A 139 1.39 27.09 -1.78
CA GLY A 139 0.38 27.86 -1.10
C GLY A 139 -0.41 26.98 -0.20
N LYS A 140 -1.57 26.57 -0.65
CA LYS A 140 -2.34 25.60 0.08
C LYS A 140 -2.37 24.27 -0.63
N PRO A 141 -1.55 23.35 -0.19
CA PRO A 141 -1.68 21.94 -0.51
C PRO A 141 -3.07 21.37 -0.18
N VAL A 142 -3.37 20.30 -0.81
CA VAL A 142 -4.49 19.52 -0.52
C VAL A 142 -3.92 18.24 0.06
N VAL A 143 -4.48 17.80 1.13
CA VAL A 143 -3.97 16.65 1.82
C VAL A 143 -4.71 15.41 1.40
N LEU A 144 -4.11 14.66 0.53
CA LEU A 144 -4.70 13.42 0.08
C LEU A 144 -4.35 12.34 1.08
N SER A 145 -5.31 11.91 1.85
CA SER A 145 -5.07 10.94 2.89
C SER A 145 -5.44 9.54 2.42
N VAL A 146 -4.45 8.69 2.26
CA VAL A 146 -4.68 7.34 1.79
C VAL A 146 -4.39 6.39 2.93
N ASP A 147 -5.29 5.49 3.21
CA ASP A 147 -5.11 4.53 4.30
C ASP A 147 -3.98 3.56 3.94
N ALA A 148 -3.06 3.36 4.86
CA ALA A 148 -1.88 2.54 4.62
C ALA A 148 -2.26 1.08 4.43
N LYS A 149 -3.21 0.62 5.22
CA LYS A 149 -3.66 -0.75 5.12
C LYS A 149 -4.43 -0.96 3.85
N GLY A 150 -5.24 0.02 3.51
CA GLY A 150 -5.99 -0.01 2.27
C GLY A 150 -5.08 0.03 1.06
N MET A 151 -3.97 0.71 1.21
CA MET A 151 -2.98 0.81 0.17
C MET A 151 -2.30 -0.55 -0.02
N ALA A 152 -1.97 -1.20 1.08
CA ALA A 152 -1.39 -2.53 1.06
C ALA A 152 -2.40 -3.53 0.52
N ASP A 153 -3.66 -3.27 0.81
CA ASP A 153 -4.79 -4.08 0.37
C ASP A 153 -4.99 -3.97 -1.12
N GLY A 154 -4.87 -2.74 -1.63
CA GLY A 154 -4.98 -2.49 -3.05
C GLY A 154 -3.79 -3.06 -3.82
N GLY A 155 -2.71 -3.29 -3.11
CA GLY A 155 -1.55 -3.90 -3.69
C GLY A 155 -0.60 -2.88 -4.24
N PHE A 156 -0.71 -1.66 -3.77
CA PHE A 156 0.13 -0.57 -4.24
C PHE A 156 1.51 -0.70 -3.62
N ASP A 157 2.46 0.04 -4.14
CA ASP A 157 3.82 -0.01 -3.63
C ASP A 157 4.21 1.28 -3.05
N PHE A 158 4.54 1.22 -1.80
CA PHE A 158 4.89 2.35 -1.03
C PHE A 158 6.19 2.09 -0.32
N TYR A 159 7.12 2.94 -0.61
CA TYR A 159 8.51 2.77 -0.27
C TYR A 159 8.90 3.88 0.71
N LEU A 160 10.08 3.76 1.29
CA LEU A 160 10.66 4.79 2.12
C LEU A 160 12.06 5.11 1.63
N SER A 161 12.31 6.35 1.41
CA SER A 161 13.59 6.78 0.96
C SER A 161 14.45 7.19 2.15
N ASN A 162 15.75 7.07 1.96
CA ASN A 162 16.78 7.39 2.96
C ASN A 162 16.68 8.85 3.42
N ASN A 163 16.04 9.67 2.61
CA ASN A 163 15.87 11.09 2.91
C ASN A 163 14.66 11.34 3.81
N GLY A 164 13.97 10.29 4.23
CA GLY A 164 12.79 10.48 5.07
C GLY A 164 11.58 10.80 4.25
N VAL A 165 11.62 10.40 3.02
CA VAL A 165 10.54 10.62 2.09
C VAL A 165 9.81 9.33 1.85
N TRP A 166 8.49 9.36 1.84
CA TRP A 166 7.73 8.18 1.53
C TRP A 166 7.41 8.21 0.06
N LEU A 167 7.35 7.09 -0.54
CA LEU A 167 7.13 7.01 -1.96
C LEU A 167 5.97 6.08 -2.26
N ILE A 168 5.27 6.34 -3.32
CA ILE A 168 4.15 5.56 -3.77
C ILE A 168 4.20 5.45 -5.27
N ASP A 169 3.86 4.31 -5.80
CA ASP A 169 3.73 4.14 -7.23
C ASP A 169 2.56 4.98 -7.70
N PHE A 170 1.37 4.68 -7.19
CA PHE A 170 0.24 5.50 -7.52
C PHE A 170 -0.92 5.25 -6.56
N VAL A 171 -1.73 6.28 -6.35
CA VAL A 171 -2.95 6.16 -5.57
C VAL A 171 -4.11 6.91 -6.23
N PRO A 172 -5.14 6.20 -6.67
CA PRO A 172 -6.35 6.78 -7.25
C PRO A 172 -7.13 7.61 -6.24
N ALA A 173 -7.52 8.84 -6.61
CA ALA A 173 -8.28 9.73 -5.72
C ALA A 173 -9.62 9.11 -5.35
N GLU A 174 -10.05 8.19 -6.18
CA GLU A 174 -11.27 7.41 -5.99
C GLU A 174 -11.24 6.63 -4.67
N PHE A 175 -10.06 6.37 -4.15
CA PHE A 175 -9.89 5.61 -2.93
C PHE A 175 -9.23 6.49 -1.84
N ILE A 176 -9.07 7.76 -2.12
CA ILE A 176 -8.42 8.62 -1.18
C ILE A 176 -9.44 9.53 -0.50
N LYS A 177 -9.10 10.00 0.69
CA LYS A 177 -9.91 10.88 1.45
C LYS A 177 -9.39 12.29 1.19
N VAL A 178 -9.94 12.89 0.20
CA VAL A 178 -9.60 14.23 -0.15
C VAL A 178 -10.37 15.25 0.72
N GLY A 1 4.44 -29.43 31.86
CA GLY A 1 3.37 -29.69 30.92
C GLY A 1 3.28 -28.57 29.94
N SER A 2 2.84 -28.86 28.75
CA SER A 2 2.75 -27.87 27.73
C SER A 2 1.32 -27.43 27.55
N HIS A 3 1.18 -26.20 27.19
CA HIS A 3 -0.08 -25.60 26.83
C HIS A 3 0.17 -24.77 25.58
N MET A 4 1.36 -24.97 25.02
CA MET A 4 1.91 -24.13 23.97
C MET A 4 1.26 -24.43 22.65
N VAL A 5 0.75 -25.63 22.52
CA VAL A 5 0.05 -26.03 21.30
C VAL A 5 -1.27 -25.28 21.22
N LYS A 6 -1.89 -25.07 22.38
CA LYS A 6 -3.14 -24.34 22.47
C LYS A 6 -2.85 -22.85 22.25
N VAL A 7 -1.64 -22.43 22.62
CA VAL A 7 -1.15 -21.09 22.42
C VAL A 7 -0.97 -20.87 20.91
N SER A 8 -0.36 -21.86 20.26
CA SER A 8 -0.08 -21.84 18.83
C SER A 8 -1.31 -21.49 18.00
N LYS A 9 -2.37 -22.26 18.19
CA LYS A 9 -3.58 -22.04 17.42
C LYS A 9 -4.24 -20.74 17.86
N PHE A 10 -4.15 -20.42 19.14
CA PHE A 10 -4.77 -19.24 19.70
C PHE A 10 -4.23 -17.97 19.05
N LEU A 11 -2.92 -17.88 18.99
CA LEU A 11 -2.24 -16.74 18.39
C LEU A 11 -2.60 -16.60 16.95
N SER A 12 -2.70 -17.73 16.29
CA SER A 12 -3.09 -17.78 14.92
C SER A 12 -4.50 -17.18 14.78
N LEU A 13 -5.41 -17.61 15.65
CA LEU A 13 -6.82 -17.17 15.69
C LEU A 13 -6.94 -15.66 15.92
N VAL A 14 -6.32 -15.19 16.99
CA VAL A 14 -6.54 -13.81 17.44
C VAL A 14 -6.04 -12.80 16.46
N LEU A 15 -4.95 -13.08 15.85
CA LEU A 15 -4.32 -12.12 14.99
C LEU A 15 -4.89 -12.18 13.57
N ARG A 16 -5.98 -12.91 13.38
CA ARG A 16 -6.55 -13.04 12.05
C ARG A 16 -8.06 -12.75 11.98
N HIS A 17 -8.80 -13.26 12.91
CA HIS A 17 -10.24 -13.29 12.76
C HIS A 17 -10.93 -12.33 13.65
N ASN A 18 -11.00 -12.65 14.88
CA ASN A 18 -11.62 -11.77 15.83
C ASN A 18 -10.58 -11.49 16.84
N PRO A 19 -9.76 -10.45 16.64
CA PRO A 19 -8.67 -10.14 17.57
C PRO A 19 -9.21 -9.55 18.85
N ALA A 20 -10.37 -8.96 18.70
CA ALA A 20 -11.05 -8.23 19.76
C ALA A 20 -11.45 -9.15 20.88
N LEU A 21 -11.38 -10.42 20.56
CA LEU A 21 -11.82 -11.49 21.41
C LEU A 21 -11.16 -11.44 22.78
N ILE A 22 -9.90 -11.05 22.81
CA ILE A 22 -9.19 -11.03 24.08
C ILE A 22 -8.83 -9.66 24.54
N GLY A 23 -9.37 -8.67 23.90
CA GLY A 23 -9.01 -7.31 24.27
C GLY A 23 -7.92 -6.81 23.38
N LEU A 24 -7.40 -7.71 22.58
CA LEU A 24 -6.43 -7.39 21.58
C LEU A 24 -7.20 -6.88 20.40
N ASP A 25 -6.60 -6.13 19.57
CA ASP A 25 -7.29 -5.75 18.36
C ASP A 25 -6.29 -5.64 17.23
N LEU A 26 -6.73 -5.86 16.04
CA LEU A 26 -5.89 -5.72 14.88
C LEU A 26 -5.70 -4.26 14.50
N ASP A 27 -4.47 -3.91 14.31
CA ASP A 27 -4.08 -2.57 14.01
C ASP A 27 -4.28 -2.31 12.51
N ALA A 28 -3.89 -1.15 12.06
CA ALA A 28 -4.22 -0.64 10.76
C ALA A 28 -3.66 -1.49 9.62
N ASN A 29 -2.47 -1.96 9.77
CA ASN A 29 -1.83 -2.70 8.70
C ASN A 29 -1.93 -4.17 8.93
N GLY A 30 -2.72 -4.55 9.91
CA GLY A 30 -2.95 -5.94 10.19
C GLY A 30 -2.03 -6.48 11.24
N TRP A 31 -1.42 -5.61 12.00
CA TRP A 31 -0.56 -6.02 13.07
C TRP A 31 -1.28 -5.92 14.40
N ALA A 32 -0.59 -6.26 15.44
CA ALA A 32 -1.03 -6.07 16.80
C ALA A 32 0.24 -5.88 17.61
N PRO A 33 0.23 -5.05 18.64
CA PRO A 33 1.42 -4.86 19.47
C PRO A 33 1.76 -6.15 20.21
N VAL A 34 3.01 -6.61 20.13
CA VAL A 34 3.36 -7.83 20.83
C VAL A 34 3.17 -7.65 22.32
N LYS A 35 3.49 -6.47 22.82
CA LYS A 35 3.36 -6.20 24.23
C LYS A 35 1.90 -6.28 24.69
N GLU A 36 0.95 -5.98 23.79
CA GLU A 36 -0.47 -6.12 24.11
C GLU A 36 -0.76 -7.57 24.37
N LEU A 37 -0.34 -8.39 23.45
CA LEU A 37 -0.53 -9.82 23.54
C LEU A 37 0.22 -10.37 24.77
N LEU A 38 1.45 -9.94 24.97
CA LEU A 38 2.26 -10.42 26.08
C LEU A 38 1.62 -10.07 27.40
N ALA A 39 1.24 -8.82 27.57
CA ALA A 39 0.66 -8.37 28.81
C ALA A 39 -0.72 -8.99 29.00
N LYS A 40 -1.54 -8.94 27.98
CA LYS A 40 -2.90 -9.41 28.04
C LYS A 40 -2.98 -10.92 28.20
N MET A 41 -2.30 -11.66 27.36
CA MET A 41 -2.38 -13.11 27.37
C MET A 41 -1.71 -13.70 28.61
N LYS A 42 -0.69 -13.00 29.12
CA LYS A 42 -0.09 -13.35 30.40
C LYS A 42 -1.13 -13.14 31.49
N ALA A 43 -1.81 -12.00 31.43
CA ALA A 43 -2.84 -11.62 32.41
C ALA A 43 -4.10 -12.46 32.26
N LYS A 44 -4.19 -13.20 31.18
CA LYS A 44 -5.25 -14.11 30.98
C LYS A 44 -4.93 -15.43 31.71
N GLY A 45 -3.79 -15.49 32.37
CA GLY A 45 -3.41 -16.65 33.12
C GLY A 45 -2.65 -17.65 32.28
N HIS A 46 -2.12 -17.21 31.15
CA HIS A 46 -1.38 -18.13 30.28
C HIS A 46 0.11 -17.90 30.35
N GLY A 47 0.51 -16.81 30.97
CA GLY A 47 1.93 -16.53 31.18
C GLY A 47 2.76 -16.35 29.92
N ILE A 48 2.32 -15.50 29.00
CA ILE A 48 3.11 -15.30 27.79
C ILE A 48 4.09 -14.14 27.98
N SER A 49 5.34 -14.48 27.90
CA SER A 49 6.41 -13.53 27.94
C SER A 49 7.01 -13.39 26.53
N MET A 50 7.95 -12.46 26.34
CA MET A 50 8.62 -12.25 25.03
C MET A 50 9.24 -13.56 24.55
N GLU A 51 9.98 -14.20 25.44
CA GLU A 51 10.67 -15.45 25.14
C GLU A 51 9.67 -16.56 24.80
N GLU A 52 8.55 -16.54 25.49
CA GLU A 52 7.54 -17.55 25.40
C GLU A 52 6.86 -17.44 24.07
N LEU A 53 6.48 -16.24 23.76
CA LEU A 53 5.81 -15.99 22.52
C LEU A 53 6.69 -16.35 21.34
N LYS A 54 7.94 -15.87 21.35
CA LYS A 54 8.91 -16.15 20.28
C LYS A 54 9.10 -17.66 20.12
N HIS A 55 9.02 -18.36 21.23
CA HIS A 55 9.07 -19.82 21.29
C HIS A 55 7.95 -20.45 20.44
N ILE A 56 6.75 -19.91 20.55
CA ILE A 56 5.65 -20.38 19.74
C ILE A 56 5.75 -19.87 18.30
N VAL A 57 6.06 -18.63 18.16
CA VAL A 57 6.10 -17.99 16.86
C VAL A 57 7.17 -18.59 15.94
N GLU A 58 8.27 -19.02 16.51
CA GLU A 58 9.35 -19.60 15.73
C GLU A 58 9.14 -21.11 15.49
N THR A 59 8.83 -21.85 16.54
CA THR A 59 8.80 -23.31 16.44
C THR A 59 7.38 -23.91 16.27
N ASN A 60 6.37 -23.15 16.56
CA ASN A 60 5.01 -23.69 16.61
C ASN A 60 4.09 -23.11 15.54
N SER A 61 4.04 -21.82 15.45
CA SER A 61 3.09 -21.17 14.58
C SER A 61 3.72 -20.38 13.45
N LYS A 62 4.96 -20.66 13.09
CA LYS A 62 5.66 -19.80 12.12
C LYS A 62 4.97 -19.74 10.73
N LYS A 63 4.29 -20.79 10.38
CA LYS A 63 3.54 -20.82 9.13
C LYS A 63 2.23 -20.00 9.23
N ARG A 64 1.74 -19.81 10.45
CA ARG A 64 0.46 -19.13 10.65
C ARG A 64 0.63 -17.78 11.30
N PHE A 65 1.85 -17.45 11.61
CA PHE A 65 2.15 -16.25 12.35
C PHE A 65 3.27 -15.54 11.62
N ALA A 66 3.21 -14.25 11.63
CA ALA A 66 4.26 -13.45 11.09
C ALA A 66 4.59 -12.38 12.09
N PHE A 67 5.68 -12.57 12.75
CA PHE A 67 6.12 -11.64 13.73
C PHE A 67 7.17 -10.81 13.08
N SER A 68 7.16 -9.53 13.33
CA SER A 68 8.22 -8.68 12.87
C SER A 68 9.57 -9.23 13.35
N GLU A 69 10.59 -9.19 12.50
CA GLU A 69 11.93 -9.73 12.83
C GLU A 69 12.53 -8.97 14.00
N ASN A 70 12.00 -7.79 14.19
CA ASN A 70 12.39 -6.88 15.22
C ASN A 70 11.53 -7.02 16.48
N PHE A 71 10.61 -8.00 16.48
CA PHE A 71 9.76 -8.32 17.62
C PHE A 71 9.04 -7.13 18.25
N GLU A 72 8.44 -6.31 17.41
CA GLU A 72 7.69 -5.17 17.86
C GLU A 72 6.20 -5.44 17.75
N LYS A 73 5.79 -5.89 16.60
CA LYS A 73 4.40 -6.16 16.33
C LYS A 73 4.24 -7.57 15.81
N ILE A 74 3.09 -8.14 16.05
CA ILE A 74 2.80 -9.50 15.65
C ILE A 74 1.55 -9.52 14.78
N ARG A 75 1.40 -10.56 13.97
CA ARG A 75 0.22 -10.75 13.16
C ARG A 75 0.13 -12.21 12.77
N ALA A 76 -1.00 -12.64 12.30
CA ALA A 76 -1.10 -13.98 11.81
C ALA A 76 -1.25 -13.93 10.31
N ASN A 77 -0.83 -14.98 9.66
CA ASN A 77 -0.78 -15.04 8.21
C ASN A 77 -2.14 -15.16 7.61
N GLN A 78 -2.54 -14.10 6.98
CA GLN A 78 -3.83 -13.98 6.31
C GLN A 78 -3.59 -13.69 4.85
N GLY A 79 -2.52 -13.00 4.59
CA GLY A 79 -2.12 -12.63 3.27
C GLY A 79 -0.74 -12.07 3.35
N HIS A 80 -0.38 -11.19 2.46
CA HIS A 80 0.94 -10.63 2.52
C HIS A 80 0.92 -9.11 2.42
N SER A 81 0.90 -8.48 3.55
CA SER A 81 1.05 -7.05 3.64
C SER A 81 2.52 -6.78 4.01
N VAL A 82 3.30 -7.86 3.95
CA VAL A 82 4.71 -7.88 4.23
C VAL A 82 5.45 -7.08 3.19
N GLU A 83 6.42 -6.34 3.62
CA GLU A 83 7.30 -5.63 2.74
C GLU A 83 8.09 -6.68 1.98
N VAL A 84 7.86 -6.81 0.69
CA VAL A 84 8.54 -7.85 -0.05
C VAL A 84 9.95 -7.37 -0.36
N ASP A 85 10.05 -6.06 -0.60
CA ASP A 85 11.32 -5.34 -0.88
C ASP A 85 12.26 -6.08 -1.84
N LEU A 86 11.88 -6.04 -3.12
CA LEU A 86 12.61 -6.72 -4.16
C LEU A 86 12.82 -5.71 -5.31
N GLY A 87 13.97 -5.07 -5.32
CA GLY A 87 14.28 -4.11 -6.37
C GLY A 87 13.84 -2.72 -5.98
N TYR A 88 13.20 -2.66 -4.83
CA TYR A 88 12.69 -1.45 -4.23
C TYR A 88 12.66 -1.71 -2.76
N GLU A 89 13.20 -0.82 -1.98
CA GLU A 89 13.08 -0.98 -0.56
C GLU A 89 11.75 -0.36 -0.15
N LYS A 90 10.85 -1.20 0.23
CA LYS A 90 9.53 -0.80 0.58
C LYS A 90 9.28 -0.95 2.05
N GLN A 91 8.47 -0.10 2.58
CA GLN A 91 8.11 -0.10 3.97
C GLN A 91 6.70 0.41 4.10
N VAL A 92 5.89 -0.29 4.86
CA VAL A 92 4.50 0.08 5.03
C VAL A 92 4.36 1.15 6.14
N PRO A 93 3.80 2.32 5.81
CA PRO A 93 3.52 3.40 6.77
C PRO A 93 2.19 3.14 7.51
N PRO A 94 1.87 3.95 8.57
CA PRO A 94 0.61 3.82 9.34
C PRO A 94 -0.69 3.83 8.48
N ALA A 95 -1.83 3.82 9.17
CA ALA A 95 -3.19 3.66 8.58
C ALA A 95 -3.47 4.57 7.41
N VAL A 96 -3.01 5.75 7.49
CA VAL A 96 -3.28 6.69 6.49
C VAL A 96 -1.99 7.32 5.96
N LEU A 97 -2.05 7.78 4.75
CA LEU A 97 -0.94 8.38 4.07
C LEU A 97 -1.31 9.80 3.79
N PHE A 98 -0.41 10.71 3.99
CA PHE A 98 -0.69 12.09 3.76
C PHE A 98 0.08 12.59 2.56
N HIS A 99 -0.61 12.96 1.55
CA HIS A 99 0.01 13.53 0.39
C HIS A 99 -0.45 14.96 0.24
N GLY A 100 0.37 15.89 0.61
CA GLY A 100 0.01 17.27 0.50
C GLY A 100 0.52 17.87 -0.77
N THR A 101 -0.37 18.46 -1.48
CA THR A 101 -0.07 19.11 -2.74
C THR A 101 -1.01 20.29 -2.88
N ALA A 102 -0.52 21.41 -3.37
CA ALA A 102 -1.30 22.66 -3.48
C ALA A 102 -2.62 22.42 -4.18
N GLU A 103 -3.66 23.11 -3.73
CA GLU A 103 -5.03 22.89 -4.22
C GLU A 103 -5.17 23.27 -5.70
N LYS A 104 -4.17 23.96 -6.24
CA LYS A 104 -4.12 24.28 -7.68
C LYS A 104 -3.92 23.00 -8.52
N ASN A 105 -3.56 21.93 -7.84
CA ASN A 105 -3.34 20.65 -8.46
C ASN A 105 -4.60 19.77 -8.32
N PHE A 106 -5.57 20.24 -7.50
CA PHE A 106 -6.79 19.47 -7.12
C PHE A 106 -7.50 18.82 -8.30
N ASP A 107 -7.72 19.57 -9.37
CA ASP A 107 -8.45 19.04 -10.53
C ASP A 107 -7.71 17.86 -11.16
N LEU A 108 -6.38 17.95 -11.19
CA LEU A 108 -5.56 16.90 -11.76
C LEU A 108 -5.57 15.70 -10.85
N ILE A 109 -5.47 15.97 -9.55
CA ILE A 109 -5.45 14.93 -8.54
C ILE A 109 -6.66 14.04 -8.66
N LEU A 110 -7.81 14.64 -8.75
CA LEU A 110 -9.02 13.89 -8.73
C LEU A 110 -9.29 13.14 -10.05
N LYS A 111 -8.90 13.73 -11.17
CA LYS A 111 -9.15 13.09 -12.47
C LYS A 111 -8.11 12.03 -12.81
N ASP A 112 -6.85 12.34 -12.60
CA ASP A 112 -5.77 11.47 -13.02
C ASP A 112 -5.23 10.66 -11.86
N GLY A 113 -5.57 11.09 -10.66
CA GLY A 113 -5.13 10.42 -9.46
C GLY A 113 -3.72 10.79 -9.17
N ILE A 114 -3.12 10.13 -8.23
CA ILE A 114 -1.72 10.28 -8.07
C ILE A 114 -1.16 9.08 -8.79
N LYS A 115 -0.67 9.33 -10.00
CA LYS A 115 -0.25 8.29 -10.93
C LYS A 115 -1.35 7.21 -11.16
N LYS A 116 -2.06 7.27 -12.26
CA LYS A 116 -3.04 6.21 -12.54
C LYS A 116 -2.33 4.99 -13.14
N MET A 117 -1.04 5.13 -13.24
CA MET A 117 -0.08 4.15 -13.64
C MET A 117 1.22 4.65 -13.10
N SER A 118 1.91 3.86 -12.32
CA SER A 118 3.10 4.30 -11.67
C SER A 118 4.28 4.57 -12.60
N ARG A 119 5.19 3.59 -12.75
CA ARG A 119 6.41 3.74 -13.57
C ARG A 119 7.22 4.98 -13.16
N HIS A 120 7.05 5.37 -11.90
CA HIS A 120 7.66 6.53 -11.30
C HIS A 120 7.28 6.50 -9.83
N HIS A 121 8.12 7.04 -8.98
CA HIS A 121 7.79 7.10 -7.57
C HIS A 121 7.39 8.52 -7.16
N VAL A 122 6.22 8.66 -6.57
CA VAL A 122 5.70 9.99 -6.20
C VAL A 122 5.99 10.27 -4.72
N HIS A 123 6.32 11.50 -4.42
CA HIS A 123 6.69 11.90 -3.07
C HIS A 123 5.46 12.21 -2.24
N LEU A 124 5.40 11.68 -1.04
CA LEU A 124 4.37 12.03 -0.09
C LEU A 124 4.99 12.20 1.28
N SER A 125 4.17 12.48 2.26
CA SER A 125 4.64 12.82 3.56
C SER A 125 4.11 11.90 4.66
N GLN A 126 4.82 11.88 5.76
CA GLN A 126 4.50 11.08 6.94
C GLN A 126 3.38 11.67 7.78
N ASP A 127 3.28 12.99 7.80
CA ASP A 127 2.37 13.66 8.73
C ASP A 127 1.77 14.88 8.05
N ILE A 128 0.72 15.43 8.63
CA ILE A 128 0.03 16.57 8.07
C ILE A 128 0.88 17.84 8.13
N THR A 129 1.70 17.96 9.18
CA THR A 129 2.56 19.13 9.27
C THR A 129 3.54 19.11 8.10
N THR A 130 4.02 17.92 7.76
CA THR A 130 4.90 17.74 6.67
C THR A 130 4.13 17.95 5.37
N ALA A 131 2.89 17.45 5.30
CA ALA A 131 2.01 17.60 4.11
C ALA A 131 1.89 19.05 3.71
N ARG A 132 1.67 19.91 4.70
CA ARG A 132 1.58 21.32 4.46
C ARG A 132 2.95 21.86 4.06
N LYS A 133 3.97 21.53 4.84
CA LYS A 133 5.34 22.04 4.66
C LYS A 133 5.90 21.71 3.27
N VAL A 134 5.76 20.49 2.83
CA VAL A 134 6.27 20.07 1.56
C VAL A 134 5.48 20.71 0.41
N GLY A 135 4.16 20.77 0.55
CA GLY A 135 3.32 21.32 -0.49
C GLY A 135 3.42 22.83 -0.61
N MET A 136 4.04 23.48 0.38
CA MET A 136 4.27 24.95 0.40
C MET A 136 5.08 25.38 -0.81
N ARG A 137 5.73 24.42 -1.45
CA ARG A 137 6.49 24.63 -2.67
C ARG A 137 5.57 25.22 -3.77
N HIS A 138 4.29 24.92 -3.68
CA HIS A 138 3.37 25.31 -4.70
C HIS A 138 2.23 26.19 -4.12
N GLY A 139 1.90 26.05 -2.84
CA GLY A 139 0.88 26.91 -2.26
C GLY A 139 0.45 26.40 -0.94
N LYS A 140 -0.85 26.25 -0.74
CA LYS A 140 -1.37 25.61 0.45
C LYS A 140 -1.91 24.25 0.05
N PRO A 141 -1.11 23.22 0.20
CA PRO A 141 -1.48 21.84 -0.02
C PRO A 141 -2.77 21.39 0.63
N VAL A 142 -3.45 20.58 -0.10
CA VAL A 142 -4.60 19.87 0.32
C VAL A 142 -4.07 18.49 0.71
N VAL A 143 -4.51 17.97 1.82
CA VAL A 143 -4.00 16.70 2.27
C VAL A 143 -4.82 15.56 1.71
N LEU A 144 -4.26 14.90 0.74
CA LEU A 144 -4.84 13.71 0.19
C LEU A 144 -4.57 12.59 1.17
N SER A 145 -5.62 12.16 1.84
CA SER A 145 -5.51 11.20 2.90
C SER A 145 -5.81 9.80 2.30
N VAL A 146 -4.78 9.02 2.07
CA VAL A 146 -4.96 7.74 1.40
C VAL A 146 -4.98 6.61 2.44
N ASP A 147 -5.78 5.57 2.20
CA ASP A 147 -5.88 4.46 3.15
C ASP A 147 -4.82 3.40 2.88
N ALA A 148 -3.79 3.45 3.69
CA ALA A 148 -2.66 2.55 3.56
C ALA A 148 -3.04 1.13 3.88
N LYS A 149 -4.02 0.96 4.76
CA LYS A 149 -4.44 -0.35 5.24
C LYS A 149 -4.95 -1.22 4.09
N GLY A 150 -5.94 -0.68 3.40
CA GLY A 150 -6.56 -1.37 2.31
C GLY A 150 -5.60 -1.59 1.19
N MET A 151 -4.79 -0.59 0.91
CA MET A 151 -3.87 -0.69 -0.21
C MET A 151 -2.69 -1.61 0.08
N ALA A 152 -2.25 -1.70 1.33
CA ALA A 152 -1.13 -2.58 1.69
C ALA A 152 -1.50 -4.02 1.44
N ASP A 153 -2.71 -4.39 1.84
CA ASP A 153 -3.19 -5.75 1.60
C ASP A 153 -3.62 -5.90 0.13
N GLY A 154 -3.89 -4.77 -0.51
CA GLY A 154 -4.28 -4.75 -1.90
C GLY A 154 -3.10 -4.94 -2.84
N GLY A 155 -1.91 -4.65 -2.36
CA GLY A 155 -0.73 -4.85 -3.16
C GLY A 155 -0.08 -3.57 -3.64
N PHE A 156 -0.42 -2.45 -3.03
CA PHE A 156 0.18 -1.18 -3.39
C PHE A 156 1.49 -1.03 -2.66
N ASP A 157 2.43 -0.33 -3.26
CA ASP A 157 3.76 -0.27 -2.69
C ASP A 157 4.08 1.08 -2.15
N PHE A 158 4.68 1.07 -0.98
CA PHE A 158 5.05 2.27 -0.27
C PHE A 158 6.54 2.18 -0.03
N TYR A 159 7.25 3.23 -0.28
CA TYR A 159 8.67 3.20 -0.13
C TYR A 159 9.10 4.30 0.82
N LEU A 160 10.18 4.09 1.50
CA LEU A 160 10.76 5.08 2.38
C LEU A 160 12.16 5.39 1.93
N SER A 161 12.38 6.61 1.56
CA SER A 161 13.66 7.04 1.07
C SER A 161 14.55 7.48 2.23
N ASN A 162 15.83 7.56 1.96
CA ASN A 162 16.86 7.96 2.91
C ASN A 162 16.68 9.42 3.33
N ASN A 163 15.98 10.19 2.51
CA ASN A 163 15.71 11.60 2.81
C ASN A 163 14.51 11.77 3.72
N GLY A 164 13.96 10.66 4.22
CA GLY A 164 12.81 10.72 5.14
C GLY A 164 11.52 10.98 4.39
N VAL A 165 11.60 10.85 3.11
CA VAL A 165 10.49 11.07 2.22
C VAL A 165 9.83 9.75 1.91
N TRP A 166 8.53 9.74 1.88
CA TRP A 166 7.83 8.56 1.48
C TRP A 166 7.52 8.64 0.03
N LEU A 167 7.57 7.53 -0.61
CA LEU A 167 7.30 7.45 -2.00
C LEU A 167 6.18 6.47 -2.20
N ILE A 168 5.27 6.81 -3.05
CA ILE A 168 4.18 5.97 -3.37
C ILE A 168 4.33 5.52 -4.79
N ASP A 169 3.98 4.29 -5.03
CA ASP A 169 3.96 3.76 -6.36
C ASP A 169 2.88 4.47 -7.13
N PHE A 170 1.63 4.33 -6.67
CA PHE A 170 0.53 5.09 -7.25
C PHE A 170 -0.70 4.96 -6.36
N VAL A 171 -1.48 6.04 -6.27
CA VAL A 171 -2.73 6.04 -5.51
C VAL A 171 -3.86 6.76 -6.26
N PRO A 172 -4.87 6.00 -6.70
CA PRO A 172 -6.06 6.56 -7.35
C PRO A 172 -6.82 7.51 -6.41
N ALA A 173 -7.21 8.70 -6.91
CA ALA A 173 -7.95 9.69 -6.11
C ALA A 173 -9.30 9.14 -5.74
N GLU A 174 -9.72 8.19 -6.54
CA GLU A 174 -10.94 7.45 -6.38
C GLU A 174 -10.94 6.71 -5.04
N PHE A 175 -9.77 6.32 -4.59
CA PHE A 175 -9.64 5.56 -3.37
C PHE A 175 -9.15 6.48 -2.24
N ILE A 176 -8.73 7.68 -2.59
CA ILE A 176 -8.21 8.59 -1.59
C ILE A 176 -9.37 9.38 -0.98
N LYS A 177 -9.19 9.83 0.24
CA LYS A 177 -10.17 10.57 0.94
C LYS A 177 -9.73 12.02 0.95
N VAL A 178 -10.12 12.73 -0.07
CA VAL A 178 -9.80 14.12 -0.18
C VAL A 178 -10.80 14.94 0.63
N GLY A 1 -5.75 20.58 11.98
CA GLY A 1 -4.53 20.35 12.76
C GLY A 1 -4.89 19.91 14.16
N SER A 2 -4.82 18.63 14.41
CA SER A 2 -5.21 18.09 15.69
C SER A 2 -4.20 17.07 16.18
N HIS A 3 -4.08 16.92 17.50
CA HIS A 3 -3.20 15.93 18.06
C HIS A 3 -3.89 14.58 18.04
N MET A 4 -5.19 14.57 17.75
CA MET A 4 -5.95 13.32 17.67
C MET A 4 -5.47 12.54 16.46
N VAL A 5 -4.94 13.30 15.51
CA VAL A 5 -4.28 12.75 14.34
C VAL A 5 -3.08 11.91 14.80
N LYS A 6 -2.27 12.50 15.67
CA LYS A 6 -1.12 11.85 16.22
C LYS A 6 -1.49 10.71 17.13
N VAL A 7 -2.64 10.82 17.74
CA VAL A 7 -3.19 9.76 18.53
C VAL A 7 -3.48 8.56 17.60
N SER A 8 -4.22 8.81 16.53
CA SER A 8 -4.58 7.77 15.56
C SER A 8 -3.32 7.18 14.91
N LYS A 9 -2.38 8.06 14.58
CA LYS A 9 -1.09 7.72 13.99
C LYS A 9 -0.34 6.76 14.91
N PHE A 10 -0.35 7.09 16.17
CA PHE A 10 0.33 6.33 17.18
C PHE A 10 -0.35 4.99 17.42
N LEU A 11 -1.66 5.03 17.58
CA LEU A 11 -2.46 3.85 17.90
C LEU A 11 -2.29 2.78 16.88
N SER A 12 -2.29 3.19 15.65
CA SER A 12 -2.12 2.25 14.60
C SER A 12 -0.74 1.63 14.66
N LEU A 13 0.29 2.46 14.89
CA LEU A 13 1.68 1.98 14.97
C LEU A 13 1.83 0.89 16.03
N VAL A 14 1.30 1.15 17.20
CA VAL A 14 1.52 0.26 18.31
C VAL A 14 0.77 -1.04 18.16
N LEU A 15 -0.39 -0.97 17.61
CA LEU A 15 -1.23 -2.13 17.49
C LEU A 15 -0.90 -2.93 16.21
N ARG A 16 0.19 -2.54 15.54
CA ARG A 16 0.54 -3.16 14.26
C ARG A 16 2.00 -3.67 14.20
N HIS A 17 2.94 -2.92 14.75
CA HIS A 17 4.35 -3.22 14.50
C HIS A 17 5.02 -3.77 15.70
N ASN A 18 5.27 -2.91 16.60
CA ASN A 18 5.89 -3.26 17.82
C ASN A 18 5.05 -2.68 18.86
N PRO A 19 4.12 -3.45 19.41
CA PRO A 19 3.25 -2.96 20.47
C PRO A 19 4.00 -2.83 21.75
N ALA A 20 5.08 -3.59 21.81
CA ALA A 20 5.92 -3.73 23.02
C ALA A 20 6.58 -2.41 23.37
N LEU A 21 6.53 -1.51 22.42
CA LEU A 21 7.18 -0.24 22.47
C LEU A 21 6.75 0.59 23.68
N ILE A 22 5.49 0.51 24.04
CA ILE A 22 4.95 1.31 25.13
C ILE A 22 4.54 0.51 26.31
N GLY A 23 5.00 -0.71 26.39
CA GLY A 23 4.60 -1.55 27.49
C GLY A 23 3.28 -2.21 27.20
N LEU A 24 2.75 -1.87 26.05
CA LEU A 24 1.58 -2.47 25.52
C LEU A 24 2.07 -3.68 24.80
N ASP A 25 1.30 -4.65 24.70
CA ASP A 25 1.68 -5.75 23.88
C ASP A 25 0.44 -6.33 23.23
N LEU A 26 0.62 -6.96 22.12
CA LEU A 26 -0.49 -7.58 21.40
C LEU A 26 -0.93 -8.93 21.98
N ASP A 27 -2.22 -9.10 22.02
CA ASP A 27 -2.91 -10.30 22.51
C ASP A 27 -2.75 -11.42 21.48
N ALA A 28 -3.08 -12.64 21.87
CA ALA A 28 -2.91 -13.82 21.03
C ALA A 28 -3.85 -13.79 19.83
N ASN A 29 -5.00 -13.17 20.00
CA ASN A 29 -5.96 -13.06 18.90
C ASN A 29 -5.76 -11.80 18.10
N GLY A 30 -4.65 -11.13 18.34
CA GLY A 30 -4.37 -9.89 17.64
C GLY A 30 -5.21 -8.77 18.18
N TRP A 31 -5.03 -8.47 19.42
CA TRP A 31 -5.76 -7.43 20.12
C TRP A 31 -4.84 -6.78 21.12
N ALA A 32 -5.33 -5.84 21.84
CA ALA A 32 -4.61 -5.23 22.92
C ALA A 32 -5.61 -4.77 23.94
N PRO A 33 -5.27 -4.82 25.23
CA PRO A 33 -6.17 -4.34 26.28
C PRO A 33 -6.31 -2.83 26.17
N VAL A 34 -7.53 -2.35 26.07
CA VAL A 34 -7.76 -0.95 25.89
C VAL A 34 -7.22 -0.13 27.04
N LYS A 35 -7.33 -0.65 28.27
CA LYS A 35 -6.86 0.11 29.42
C LYS A 35 -5.36 0.19 29.41
N GLU A 36 -4.69 -0.81 28.87
CA GLU A 36 -3.23 -0.78 28.78
C GLU A 36 -2.81 0.40 27.91
N LEU A 37 -3.58 0.62 26.87
CA LEU A 37 -3.40 1.74 26.00
C LEU A 37 -3.84 3.05 26.69
N LEU A 38 -5.04 3.07 27.26
CA LEU A 38 -5.61 4.28 27.90
C LEU A 38 -4.70 4.78 28.99
N ALA A 39 -4.30 3.87 29.87
CA ALA A 39 -3.47 4.14 31.00
C ALA A 39 -2.15 4.70 30.53
N LYS A 40 -1.56 4.02 29.54
CA LYS A 40 -0.28 4.40 29.02
C LYS A 40 -0.33 5.72 28.24
N MET A 41 -1.37 5.93 27.47
CA MET A 41 -1.52 7.16 26.67
C MET A 41 -1.70 8.37 27.58
N LYS A 42 -2.50 8.19 28.60
CA LYS A 42 -2.69 9.20 29.62
C LYS A 42 -1.35 9.44 30.34
N ALA A 43 -0.64 8.36 30.58
CA ALA A 43 0.67 8.39 31.24
C ALA A 43 1.70 9.08 30.35
N LYS A 44 1.59 8.88 29.03
CA LYS A 44 2.45 9.49 28.09
C LYS A 44 2.13 10.98 27.91
N GLY A 45 1.10 11.45 28.58
CA GLY A 45 0.76 12.85 28.53
C GLY A 45 0.02 13.21 27.26
N HIS A 46 -0.73 12.26 26.72
CA HIS A 46 -1.48 12.55 25.50
C HIS A 46 -2.98 12.55 25.78
N GLY A 47 -3.33 12.45 27.06
CA GLY A 47 -4.70 12.58 27.52
C GLY A 47 -5.70 11.63 26.90
N ILE A 48 -5.43 10.34 26.93
CA ILE A 48 -6.41 9.42 26.40
C ILE A 48 -7.19 8.77 27.51
N SER A 49 -8.45 9.04 27.53
CA SER A 49 -9.37 8.42 28.42
C SER A 49 -10.21 7.44 27.60
N MET A 50 -11.09 6.68 28.24
CA MET A 50 -11.97 5.72 27.56
C MET A 50 -12.76 6.45 26.47
N GLU A 51 -13.35 7.57 26.84
CA GLU A 51 -14.17 8.39 25.94
C GLU A 51 -13.37 8.98 24.78
N GLU A 52 -12.11 9.31 25.04
CA GLU A 52 -11.24 9.95 24.07
C GLU A 52 -10.91 8.96 23.01
N LEU A 53 -10.57 7.80 23.45
CA LEU A 53 -10.22 6.73 22.56
C LEU A 53 -11.43 6.27 21.76
N LYS A 54 -12.60 6.22 22.42
CA LYS A 54 -13.86 5.86 21.73
C LYS A 54 -14.05 6.83 20.55
N HIS A 55 -13.77 8.10 20.84
CA HIS A 55 -13.78 9.20 19.88
C HIS A 55 -12.81 8.97 18.71
N ILE A 56 -11.68 8.39 19.00
CA ILE A 56 -10.69 8.14 17.97
C ILE A 56 -11.08 6.96 17.12
N VAL A 57 -11.34 5.88 17.78
CA VAL A 57 -11.54 4.64 17.12
C VAL A 57 -12.88 4.59 16.37
N GLU A 58 -13.84 5.36 16.81
CA GLU A 58 -15.10 5.44 16.11
C GLU A 58 -15.04 6.51 15.01
N THR A 59 -14.73 7.74 15.42
CA THR A 59 -14.83 8.88 14.53
C THR A 59 -13.61 9.06 13.60
N ASN A 60 -12.42 8.82 14.10
CA ASN A 60 -11.21 9.06 13.30
C ASN A 60 -11.02 7.98 12.27
N SER A 61 -11.08 6.75 12.69
CA SER A 61 -10.93 5.62 11.79
C SER A 61 -11.54 4.37 12.41
N LYS A 62 -12.73 4.03 12.00
CA LYS A 62 -13.42 2.89 12.57
C LYS A 62 -13.06 1.56 11.90
N LYS A 63 -12.81 1.58 10.62
CA LYS A 63 -12.44 0.38 9.91
C LYS A 63 -10.96 0.04 10.16
N ARG A 64 -10.19 1.07 10.38
CA ARG A 64 -8.76 0.91 10.55
C ARG A 64 -8.41 0.46 11.97
N PHE A 65 -9.30 0.69 12.89
CA PHE A 65 -9.11 0.33 14.27
C PHE A 65 -10.29 -0.50 14.74
N ALA A 66 -10.06 -1.76 14.98
CA ALA A 66 -11.10 -2.62 15.46
C ALA A 66 -11.17 -2.50 16.96
N PHE A 67 -12.34 -2.31 17.43
CA PHE A 67 -12.61 -2.06 18.81
C PHE A 67 -13.87 -2.76 19.08
N SER A 68 -13.85 -3.61 20.05
CA SER A 68 -14.99 -4.41 20.36
C SER A 68 -16.16 -3.53 20.78
N GLU A 69 -17.37 -4.03 20.64
CA GLU A 69 -18.56 -3.27 21.02
C GLU A 69 -18.67 -3.19 22.54
N ASN A 70 -17.75 -3.87 23.20
CA ASN A 70 -17.64 -3.80 24.62
C ASN A 70 -16.41 -2.98 25.02
N PHE A 71 -15.69 -2.42 23.98
CA PHE A 71 -14.59 -1.46 24.14
C PHE A 71 -13.53 -1.92 25.13
N GLU A 72 -13.24 -3.21 25.17
CA GLU A 72 -12.22 -3.69 26.10
C GLU A 72 -10.93 -4.00 25.35
N LYS A 73 -11.04 -4.29 24.09
CA LYS A 73 -9.87 -4.61 23.30
C LYS A 73 -9.84 -3.80 22.02
N ILE A 74 -8.63 -3.45 21.61
CA ILE A 74 -8.38 -2.66 20.43
C ILE A 74 -7.30 -3.30 19.56
N ARG A 75 -7.34 -3.02 18.27
CA ARG A 75 -6.31 -3.47 17.32
C ARG A 75 -6.36 -2.57 16.11
N ALA A 76 -5.27 -2.43 15.42
CA ALA A 76 -5.26 -1.63 14.23
C ALA A 76 -5.07 -2.53 13.01
N ASN A 77 -6.05 -2.52 12.16
CA ASN A 77 -6.15 -3.40 10.99
C ASN A 77 -5.34 -2.87 9.84
N GLN A 78 -4.19 -3.45 9.60
CA GLN A 78 -3.36 -3.06 8.46
C GLN A 78 -2.96 -4.28 7.63
N GLY A 79 -3.74 -5.33 7.78
CA GLY A 79 -3.50 -6.56 7.07
C GLY A 79 -2.18 -7.18 7.45
N HIS A 80 -1.38 -7.52 6.45
CA HIS A 80 -0.06 -8.12 6.70
C HIS A 80 0.85 -7.17 7.49
N SER A 81 0.57 -5.87 7.37
CA SER A 81 1.24 -4.79 8.12
C SER A 81 2.74 -4.58 7.80
N VAL A 82 3.51 -5.64 7.93
CA VAL A 82 4.97 -5.68 7.78
C VAL A 82 5.48 -5.04 6.47
N GLU A 83 6.60 -4.31 6.59
CA GLU A 83 7.30 -3.79 5.44
C GLU A 83 7.88 -4.99 4.73
N VAL A 84 7.50 -5.22 3.48
CA VAL A 84 7.98 -6.41 2.83
C VAL A 84 9.34 -6.10 2.22
N ASP A 85 9.43 -4.90 1.59
CA ASP A 85 10.67 -4.28 1.06
C ASP A 85 11.44 -5.20 0.14
N LEU A 86 10.73 -6.11 -0.46
CA LEU A 86 11.29 -7.08 -1.35
C LEU A 86 11.74 -6.39 -2.65
N GLY A 87 13.03 -6.12 -2.74
CA GLY A 87 13.56 -5.47 -3.92
C GLY A 87 13.51 -3.95 -3.82
N TYR A 88 13.07 -3.44 -2.68
CA TYR A 88 12.93 -2.01 -2.47
C TYR A 88 13.20 -1.73 -1.01
N GLU A 89 12.81 -0.57 -0.55
CA GLU A 89 12.82 -0.27 0.83
C GLU A 89 11.48 0.38 1.14
N LYS A 90 10.67 -0.33 1.85
CA LYS A 90 9.34 0.12 2.20
C LYS A 90 9.35 0.48 3.66
N GLN A 91 8.46 1.32 4.03
CA GLN A 91 8.25 1.66 5.40
C GLN A 91 6.78 1.91 5.51
N VAL A 92 6.06 1.08 6.21
CA VAL A 92 4.63 1.23 6.27
C VAL A 92 4.25 2.12 7.43
N PRO A 93 3.73 3.30 7.17
CA PRO A 93 3.28 4.19 8.20
C PRO A 93 1.83 3.85 8.62
N PRO A 94 1.45 4.25 9.86
CA PRO A 94 0.16 4.04 10.56
C PRO A 94 -1.03 3.36 9.80
N ALA A 95 -2.21 3.94 9.97
CA ALA A 95 -3.44 3.42 9.39
C ALA A 95 -3.90 4.26 8.23
N VAL A 96 -3.68 5.53 8.34
CA VAL A 96 -4.02 6.46 7.33
C VAL A 96 -2.78 7.28 6.98
N LEU A 97 -2.71 7.76 5.77
CA LEU A 97 -1.58 8.54 5.31
C LEU A 97 -2.08 9.87 4.83
N PHE A 98 -1.23 10.86 4.88
CA PHE A 98 -1.59 12.17 4.46
C PHE A 98 -0.56 12.69 3.49
N HIS A 99 -0.97 12.93 2.27
CA HIS A 99 -0.09 13.48 1.27
C HIS A 99 -0.51 14.89 0.92
N GLY A 100 0.39 15.80 1.06
CA GLY A 100 0.10 17.15 0.70
C GLY A 100 0.70 17.49 -0.61
N THR A 101 0.01 18.26 -1.36
CA THR A 101 0.47 18.72 -2.64
C THR A 101 -0.31 19.96 -2.96
N ALA A 102 0.14 20.76 -3.90
CA ALA A 102 -0.51 22.02 -4.23
C ALA A 102 -1.99 21.80 -4.58
N GLU A 103 -2.85 22.58 -3.96
CA GLU A 103 -4.29 22.45 -4.12
C GLU A 103 -4.74 22.82 -5.53
N LYS A 104 -3.95 23.57 -6.25
CA LYS A 104 -4.33 23.87 -7.61
C LYS A 104 -3.96 22.72 -8.56
N ASN A 105 -3.50 21.63 -7.97
CA ASN A 105 -3.26 20.40 -8.68
C ASN A 105 -4.45 19.48 -8.46
N PHE A 106 -5.44 19.96 -7.66
CA PHE A 106 -6.70 19.24 -7.35
C PHE A 106 -7.29 18.53 -8.59
N ASP A 107 -7.34 19.25 -9.71
CA ASP A 107 -7.92 18.70 -10.96
C ASP A 107 -7.14 17.49 -11.43
N LEU A 108 -5.82 17.60 -11.39
CA LEU A 108 -4.91 16.55 -11.84
C LEU A 108 -5.10 15.35 -10.93
N ILE A 109 -5.10 15.61 -9.64
CA ILE A 109 -5.22 14.59 -8.62
C ILE A 109 -6.50 13.78 -8.77
N LEU A 110 -7.61 14.43 -8.96
CA LEU A 110 -8.84 13.76 -9.04
C LEU A 110 -9.08 13.10 -10.39
N LYS A 111 -8.62 13.75 -11.44
CA LYS A 111 -8.80 13.23 -12.78
C LYS A 111 -7.84 12.07 -13.14
N ASP A 112 -6.62 12.13 -12.65
CA ASP A 112 -5.60 11.12 -12.99
C ASP A 112 -5.30 10.23 -11.77
N GLY A 113 -5.36 10.83 -10.61
CA GLY A 113 -5.03 10.16 -9.38
C GLY A 113 -3.69 10.62 -8.92
N ILE A 114 -3.22 10.16 -7.79
CA ILE A 114 -1.86 10.45 -7.46
C ILE A 114 -1.06 9.47 -8.27
N LYS A 115 -0.51 9.98 -9.34
CA LYS A 115 0.13 9.18 -10.33
C LYS A 115 0.79 10.08 -11.36
N LYS A 116 -0.02 10.61 -12.30
CA LYS A 116 0.42 11.44 -13.44
C LYS A 116 1.18 10.54 -14.45
N MET A 117 2.21 9.89 -13.95
CA MET A 117 3.01 8.94 -14.66
C MET A 117 3.83 8.20 -13.62
N SER A 118 3.51 6.94 -13.40
CA SER A 118 4.15 6.18 -12.38
C SER A 118 5.55 5.74 -12.81
N ARG A 119 6.53 6.50 -12.42
CA ARG A 119 7.90 6.14 -12.66
C ARG A 119 8.50 5.63 -11.37
N HIS A 120 7.60 5.20 -10.47
CA HIS A 120 7.93 4.63 -9.15
C HIS A 120 8.38 5.69 -8.17
N HIS A 121 8.30 6.93 -8.58
CA HIS A 121 8.67 8.03 -7.72
C HIS A 121 7.64 9.13 -7.74
N VAL A 122 6.49 8.84 -7.24
CA VAL A 122 5.48 9.84 -7.02
C VAL A 122 5.51 10.10 -5.53
N HIS A 123 5.32 11.30 -5.10
CA HIS A 123 5.53 11.63 -3.69
C HIS A 123 4.33 11.34 -2.80
N LEU A 124 4.63 10.87 -1.63
CA LEU A 124 3.70 10.71 -0.54
C LEU A 124 4.30 11.38 0.67
N SER A 125 3.49 11.63 1.65
CA SER A 125 3.93 12.30 2.82
C SER A 125 3.52 11.46 4.01
N GLN A 126 4.09 11.74 5.15
CA GLN A 126 3.84 10.97 6.34
C GLN A 126 2.66 11.49 7.16
N ASP A 127 2.67 12.78 7.39
CA ASP A 127 1.79 13.38 8.38
C ASP A 127 1.13 14.61 7.77
N ILE A 128 0.18 15.19 8.50
CA ILE A 128 -0.47 16.44 8.13
C ILE A 128 0.60 17.52 8.06
N THR A 129 1.54 17.46 9.00
CA THR A 129 2.61 18.42 9.04
C THR A 129 3.50 18.27 7.80
N THR A 130 3.73 17.02 7.38
CA THR A 130 4.52 16.78 6.20
C THR A 130 3.76 17.29 5.00
N ALA A 131 2.46 17.02 4.98
CA ALA A 131 1.55 17.44 3.91
C ALA A 131 1.62 18.94 3.71
N ARG A 132 1.59 19.67 4.79
CA ARG A 132 1.69 21.09 4.73
C ARG A 132 3.08 21.51 4.32
N LYS A 133 4.09 20.95 4.98
CA LYS A 133 5.50 21.29 4.73
C LYS A 133 5.90 21.05 3.25
N VAL A 134 5.50 19.92 2.69
CA VAL A 134 5.86 19.58 1.32
C VAL A 134 5.14 20.45 0.29
N GLY A 135 3.83 20.61 0.45
CA GLY A 135 3.07 21.38 -0.52
C GLY A 135 3.26 22.87 -0.32
N MET A 136 3.86 23.23 0.82
CA MET A 136 4.13 24.62 1.17
C MET A 136 5.11 25.21 0.19
N ARG A 137 5.79 24.33 -0.57
CA ARG A 137 6.70 24.75 -1.62
C ARG A 137 5.98 25.65 -2.61
N HIS A 138 4.68 25.43 -2.77
CA HIS A 138 3.93 26.20 -3.70
C HIS A 138 3.04 27.20 -2.96
N GLY A 139 2.30 26.76 -1.96
CA GLY A 139 1.44 27.69 -1.25
C GLY A 139 0.58 26.99 -0.27
N LYS A 140 -0.67 26.76 -0.63
CA LYS A 140 -1.59 26.05 0.24
C LYS A 140 -1.96 24.66 -0.32
N PRO A 141 -1.18 23.64 0.04
CA PRO A 141 -1.50 22.23 -0.25
C PRO A 141 -2.89 21.77 0.13
N VAL A 142 -3.31 20.77 -0.56
CA VAL A 142 -4.49 20.03 -0.29
C VAL A 142 -3.99 18.71 0.32
N VAL A 143 -4.63 18.27 1.35
CA VAL A 143 -4.21 17.08 2.04
C VAL A 143 -5.01 15.86 1.57
N LEU A 144 -4.37 15.06 0.79
CA LEU A 144 -4.94 13.83 0.30
C LEU A 144 -4.73 12.75 1.36
N SER A 145 -5.81 12.37 2.01
CA SER A 145 -5.76 11.40 3.06
C SER A 145 -6.05 10.00 2.49
N VAL A 146 -5.02 9.20 2.35
CA VAL A 146 -5.15 7.89 1.73
C VAL A 146 -5.19 6.83 2.83
N ASP A 147 -5.87 5.74 2.57
CA ASP A 147 -5.98 4.63 3.51
C ASP A 147 -4.72 3.75 3.43
N ALA A 148 -3.91 3.74 4.50
CA ALA A 148 -2.64 3.02 4.50
C ALA A 148 -2.83 1.52 4.47
N LYS A 149 -3.82 1.03 5.20
CA LYS A 149 -4.10 -0.40 5.22
C LYS A 149 -4.48 -0.94 3.85
N GLY A 150 -5.41 -0.27 3.19
CA GLY A 150 -5.84 -0.65 1.87
C GLY A 150 -4.74 -0.50 0.86
N MET A 151 -3.84 0.41 1.12
CA MET A 151 -2.70 0.62 0.26
C MET A 151 -1.70 -0.53 0.42
N ALA A 152 -1.19 -0.68 1.63
CA ALA A 152 -0.14 -1.64 1.91
C ALA A 152 -0.60 -3.06 1.73
N ASP A 153 -1.72 -3.39 2.31
CA ASP A 153 -2.22 -4.76 2.24
C ASP A 153 -2.93 -5.02 0.93
N GLY A 154 -3.44 -3.95 0.33
CA GLY A 154 -4.20 -4.05 -0.90
C GLY A 154 -3.36 -4.41 -2.10
N GLY A 155 -2.06 -4.21 -2.00
CA GLY A 155 -1.21 -4.58 -3.09
C GLY A 155 -0.59 -3.41 -3.79
N PHE A 156 -0.63 -2.24 -3.17
CA PHE A 156 0.00 -1.07 -3.73
C PHE A 156 1.50 -1.15 -3.46
N ASP A 157 2.27 -0.36 -4.13
CA ASP A 157 3.71 -0.46 -4.02
C ASP A 157 4.31 0.84 -3.64
N PHE A 158 4.59 1.00 -2.37
CA PHE A 158 5.22 2.20 -1.92
C PHE A 158 6.64 1.93 -1.43
N TYR A 159 7.38 3.00 -1.22
CA TYR A 159 8.79 2.97 -0.87
C TYR A 159 9.07 4.15 0.06
N LEU A 160 10.17 4.12 0.76
CA LEU A 160 10.58 5.24 1.58
C LEU A 160 11.92 5.79 1.10
N SER A 161 12.01 7.08 1.06
CA SER A 161 13.23 7.75 0.74
C SER A 161 13.93 8.15 2.02
N ASN A 162 15.24 8.16 1.97
CA ASN A 162 16.10 8.50 3.10
C ASN A 162 15.80 9.90 3.63
N ASN A 163 15.22 10.74 2.78
CA ASN A 163 14.90 12.12 3.13
C ASN A 163 13.64 12.21 4.02
N GLY A 164 13.02 11.08 4.30
CA GLY A 164 11.81 11.07 5.11
C GLY A 164 10.59 11.30 4.26
N VAL A 165 10.76 11.08 2.98
CA VAL A 165 9.75 11.24 1.99
C VAL A 165 9.27 9.87 1.55
N TRP A 166 8.00 9.71 1.39
CA TRP A 166 7.47 8.46 0.92
C TRP A 166 7.27 8.53 -0.57
N LEU A 167 7.44 7.43 -1.22
CA LEU A 167 7.25 7.35 -2.64
C LEU A 167 6.23 6.30 -2.95
N ILE A 168 5.45 6.55 -3.94
CA ILE A 168 4.43 5.66 -4.36
C ILE A 168 4.51 5.50 -5.87
N ASP A 169 4.07 4.36 -6.34
CA ASP A 169 3.91 4.16 -7.75
C ASP A 169 2.64 4.86 -8.18
N PHE A 170 1.52 4.59 -7.49
CA PHE A 170 0.29 5.36 -7.70
C PHE A 170 -0.80 5.02 -6.68
N VAL A 171 -1.61 6.01 -6.37
CA VAL A 171 -2.81 5.85 -5.54
C VAL A 171 -3.98 6.63 -6.15
N PRO A 172 -5.01 5.93 -6.61
CA PRO A 172 -6.22 6.54 -7.18
C PRO A 172 -6.86 7.53 -6.23
N ALA A 173 -7.26 8.71 -6.74
CA ALA A 173 -7.95 9.71 -5.93
C ALA A 173 -9.29 9.16 -5.48
N GLU A 174 -9.78 8.22 -6.27
CA GLU A 174 -11.02 7.51 -6.01
C GLU A 174 -10.93 6.73 -4.69
N PHE A 175 -9.71 6.40 -4.32
CA PHE A 175 -9.41 5.64 -3.12
C PHE A 175 -8.96 6.59 -1.99
N ILE A 176 -8.84 7.86 -2.29
CA ILE A 176 -8.37 8.82 -1.32
C ILE A 176 -9.53 9.69 -0.85
N LYS A 177 -9.40 10.24 0.33
CA LYS A 177 -10.38 11.10 0.90
C LYS A 177 -9.90 12.53 0.78
N VAL A 178 -10.20 13.13 -0.34
CA VAL A 178 -9.84 14.50 -0.60
C VAL A 178 -10.79 15.47 0.09
N GLY A 1 3.92 15.87 19.28
CA GLY A 1 4.90 14.81 19.30
C GLY A 1 4.30 13.54 18.81
N SER A 2 4.99 12.82 17.97
CA SER A 2 4.49 11.61 17.44
C SER A 2 5.61 10.58 17.39
N HIS A 3 5.25 9.35 17.54
CA HIS A 3 6.20 8.26 17.54
C HIS A 3 5.53 7.02 16.96
N MET A 4 4.37 7.19 16.38
CA MET A 4 3.53 6.08 15.91
C MET A 4 4.19 5.38 14.74
N VAL A 5 4.88 6.13 13.90
CA VAL A 5 5.60 5.56 12.77
C VAL A 5 6.68 4.62 13.27
N LYS A 6 7.29 5.00 14.37
CA LYS A 6 8.34 4.20 14.98
C LYS A 6 7.73 3.00 15.69
N VAL A 7 6.51 3.16 16.17
CA VAL A 7 5.79 2.12 16.85
C VAL A 7 5.33 1.05 15.85
N SER A 8 4.64 1.47 14.81
CA SER A 8 4.13 0.59 13.79
C SER A 8 5.25 -0.21 13.12
N LYS A 9 6.33 0.47 12.79
CA LYS A 9 7.46 -0.20 12.16
C LYS A 9 8.12 -1.15 13.17
N PHE A 10 8.09 -0.75 14.43
CA PHE A 10 8.69 -1.55 15.49
C PHE A 10 7.92 -2.85 15.65
N LEU A 11 6.63 -2.73 15.88
CA LEU A 11 5.75 -3.86 16.08
C LEU A 11 5.76 -4.78 14.88
N SER A 12 5.87 -4.19 13.71
CA SER A 12 6.00 -4.96 12.50
C SER A 12 7.24 -5.83 12.59
N LEU A 13 8.37 -5.22 12.94
CA LEU A 13 9.68 -5.89 13.04
C LEU A 13 9.66 -7.00 14.09
N VAL A 14 9.22 -6.66 15.28
CA VAL A 14 9.34 -7.57 16.39
C VAL A 14 8.47 -8.77 16.24
N LEU A 15 7.25 -8.56 15.87
CA LEU A 15 6.32 -9.63 15.83
C LEU A 15 6.44 -10.44 14.52
N ARG A 16 7.51 -10.18 13.74
CA ARG A 16 7.70 -10.89 12.47
C ARG A 16 9.07 -11.63 12.39
N HIS A 17 10.15 -10.96 12.73
CA HIS A 17 11.47 -11.48 12.37
C HIS A 17 12.24 -11.92 13.57
N ASN A 18 12.72 -11.01 14.31
CA ASN A 18 13.41 -11.34 15.51
C ASN A 18 12.69 -10.65 16.60
N PRO A 19 11.71 -11.31 17.21
CA PRO A 19 10.95 -10.72 18.32
C PRO A 19 11.75 -10.66 19.57
N ALA A 20 12.69 -11.59 19.61
CA ALA A 20 13.52 -11.83 20.78
C ALA A 20 14.41 -10.68 21.06
N LEU A 21 14.46 -9.78 20.12
CA LEU A 21 15.32 -8.68 20.11
C LEU A 21 15.12 -7.83 21.37
N ILE A 22 13.90 -7.77 21.81
CA ILE A 22 13.53 -6.94 22.94
C ILE A 22 13.10 -7.73 24.15
N GLY A 23 13.40 -9.00 24.16
CA GLY A 23 13.02 -9.85 25.29
C GLY A 23 11.69 -10.52 25.04
N LEU A 24 11.01 -10.06 24.03
CA LEU A 24 9.75 -10.60 23.60
C LEU A 24 10.09 -11.72 22.67
N ASP A 25 9.32 -12.72 22.59
CA ASP A 25 9.62 -13.75 21.61
C ASP A 25 8.32 -14.34 21.07
N LEU A 26 8.30 -14.67 19.81
CA LEU A 26 7.12 -15.32 19.21
C LEU A 26 7.23 -16.82 19.34
N ASP A 27 6.33 -17.38 20.11
CA ASP A 27 6.28 -18.83 20.29
C ASP A 27 5.76 -19.48 19.00
N ALA A 28 5.96 -20.81 18.88
CA ALA A 28 5.51 -21.63 17.74
C ALA A 28 4.03 -21.41 17.45
N ASN A 29 3.28 -21.11 18.47
CA ASN A 29 1.85 -20.89 18.39
C ASN A 29 1.50 -19.52 17.79
N GLY A 30 2.53 -18.75 17.43
CA GLY A 30 2.30 -17.40 16.94
C GLY A 30 1.79 -16.61 18.08
N TRP A 31 2.58 -16.54 19.10
CA TRP A 31 2.12 -16.04 20.34
C TRP A 31 3.20 -15.17 20.99
N ALA A 32 2.95 -13.88 21.01
CA ALA A 32 3.73 -12.94 21.76
C ALA A 32 2.79 -12.28 22.75
N PRO A 33 3.04 -12.39 24.05
CA PRO A 33 2.17 -11.81 25.07
C PRO A 33 2.05 -10.30 24.92
N VAL A 34 0.82 -9.80 24.83
CA VAL A 34 0.60 -8.39 24.68
C VAL A 34 1.15 -7.63 25.88
N LYS A 35 1.00 -8.21 27.07
CA LYS A 35 1.44 -7.56 28.29
C LYS A 35 2.96 -7.50 28.35
N GLU A 36 3.64 -8.43 27.66
CA GLU A 36 5.10 -8.38 27.54
C GLU A 36 5.44 -7.08 26.88
N LEU A 37 4.89 -6.92 25.71
CA LEU A 37 5.08 -5.79 24.84
C LEU A 37 4.66 -4.49 25.54
N LEU A 38 3.51 -4.48 26.18
CA LEU A 38 3.00 -3.28 26.82
C LEU A 38 3.94 -2.79 27.91
N ALA A 39 4.31 -3.70 28.80
CA ALA A 39 5.18 -3.35 29.91
C ALA A 39 6.58 -3.03 29.42
N LYS A 40 7.09 -3.89 28.59
CA LYS A 40 8.44 -3.82 28.11
C LYS A 40 8.66 -2.63 27.20
N MET A 41 7.78 -2.41 26.25
CA MET A 41 7.94 -1.35 25.28
C MET A 41 7.66 0.03 25.90
N LYS A 42 6.79 0.06 26.89
CA LYS A 42 6.59 1.30 27.64
C LYS A 42 7.86 1.61 28.44
N ALA A 43 8.46 0.57 29.02
CA ALA A 43 9.68 0.70 29.81
C ALA A 43 10.88 1.14 28.95
N LYS A 44 10.79 0.88 27.65
CA LYS A 44 11.78 1.30 26.71
C LYS A 44 11.73 2.81 26.53
N GLY A 45 10.64 3.39 26.97
CA GLY A 45 10.45 4.80 26.83
C GLY A 45 9.69 5.11 25.57
N HIS A 46 8.90 4.15 25.10
CA HIS A 46 8.10 4.37 23.90
C HIS A 46 6.63 4.55 24.24
N GLY A 47 6.34 4.64 25.55
CA GLY A 47 4.99 4.92 26.05
C GLY A 47 3.87 4.08 25.45
N ILE A 48 4.02 2.78 25.44
CA ILE A 48 2.95 1.96 24.92
C ILE A 48 1.98 1.59 26.03
N SER A 49 0.76 2.04 25.90
CA SER A 49 -0.27 1.72 26.84
C SER A 49 -1.12 0.63 26.20
N MET A 50 -1.99 -0.03 26.96
CA MET A 50 -2.79 -1.12 26.40
C MET A 50 -3.74 -0.53 25.36
N GLU A 51 -4.41 0.53 25.75
CA GLU A 51 -5.36 1.25 24.91
C GLU A 51 -4.67 1.76 23.64
N GLU A 52 -3.46 2.26 23.82
CA GLU A 52 -2.69 2.80 22.74
C GLU A 52 -2.16 1.72 21.83
N LEU A 53 -1.86 0.55 22.36
CA LEU A 53 -1.40 -0.52 21.52
C LEU A 53 -2.53 -1.03 20.67
N LYS A 54 -3.72 -1.10 21.25
CA LYS A 54 -4.91 -1.51 20.51
C LYS A 54 -5.10 -0.57 19.33
N HIS A 55 -4.75 0.67 19.55
CA HIS A 55 -4.72 1.68 18.55
C HIS A 55 -3.77 1.29 17.39
N ILE A 56 -2.54 0.88 17.70
CA ILE A 56 -1.62 0.52 16.63
C ILE A 56 -1.92 -0.86 16.02
N VAL A 57 -1.99 -1.87 16.82
CA VAL A 57 -2.09 -3.21 16.30
C VAL A 57 -3.44 -3.45 15.60
N GLU A 58 -4.50 -2.85 16.11
CA GLU A 58 -5.79 -2.95 15.46
C GLU A 58 -6.02 -1.89 14.38
N THR A 59 -5.92 -0.62 14.76
CA THR A 59 -6.26 0.43 13.82
C THR A 59 -5.15 0.62 12.79
N ASN A 60 -3.91 0.48 13.22
CA ASN A 60 -2.77 0.71 12.34
C ASN A 60 -2.40 -0.57 11.62
N SER A 61 -3.28 -0.97 10.71
CA SER A 61 -3.06 -2.11 9.82
C SER A 61 -3.14 -3.48 10.52
N LYS A 62 -4.33 -3.90 10.96
CA LYS A 62 -4.46 -5.20 11.64
C LYS A 62 -4.31 -6.36 10.63
N LYS A 63 -4.28 -6.03 9.36
CA LYS A 63 -3.98 -7.00 8.33
C LYS A 63 -2.44 -7.25 8.27
N ARG A 64 -1.64 -6.20 8.56
CA ARG A 64 -0.16 -6.31 8.49
C ARG A 64 0.37 -6.68 9.88
N PHE A 65 -0.43 -6.38 10.85
CA PHE A 65 -0.20 -6.77 12.21
C PHE A 65 -1.21 -7.87 12.48
N ALA A 66 -1.35 -8.29 13.69
CA ALA A 66 -2.34 -9.28 14.05
C ALA A 66 -2.66 -9.15 15.51
N PHE A 67 -3.91 -9.05 15.81
CA PHE A 67 -4.35 -8.86 17.15
C PHE A 67 -5.60 -9.64 17.29
N SER A 68 -5.62 -10.52 18.24
CA SER A 68 -6.76 -11.35 18.45
C SER A 68 -7.94 -10.52 18.94
N GLU A 69 -9.15 -11.03 18.75
CA GLU A 69 -10.40 -10.35 19.12
C GLU A 69 -10.32 -9.86 20.56
N ASN A 70 -9.89 -10.74 21.43
CA ASN A 70 -9.81 -10.43 22.85
C ASN A 70 -8.58 -9.60 23.25
N PHE A 71 -7.74 -9.14 22.27
CA PHE A 71 -6.62 -8.24 22.54
C PHE A 71 -5.52 -8.85 23.43
N GLU A 72 -5.53 -10.16 23.63
CA GLU A 72 -4.49 -10.75 24.45
C GLU A 72 -3.32 -11.22 23.63
N LYS A 73 -3.55 -11.58 22.38
CA LYS A 73 -2.47 -12.07 21.57
C LYS A 73 -2.05 -11.07 20.53
N ILE A 74 -0.76 -10.85 20.46
CA ILE A 74 -0.18 -10.03 19.43
C ILE A 74 0.84 -10.82 18.64
N ARG A 75 0.84 -10.54 17.39
CA ARG A 75 1.77 -11.06 16.39
C ARG A 75 1.62 -10.17 15.17
N ALA A 76 2.46 -10.28 14.18
CA ALA A 76 2.28 -9.42 13.01
C ALA A 76 2.28 -10.26 11.74
N ASN A 77 1.42 -9.91 10.81
CA ASN A 77 1.23 -10.66 9.55
C ASN A 77 1.97 -10.01 8.41
N GLN A 78 3.21 -10.34 8.27
CA GLN A 78 4.02 -9.78 7.20
C GLN A 78 5.18 -10.67 6.87
N GLY A 79 5.01 -11.43 5.82
CA GLY A 79 5.99 -12.38 5.43
C GLY A 79 6.99 -11.81 4.47
N HIS A 80 6.54 -11.49 3.27
CA HIS A 80 7.46 -11.05 2.23
C HIS A 80 7.67 -9.54 2.26
N SER A 81 7.05 -8.86 3.21
CA SER A 81 7.16 -7.38 3.36
C SER A 81 8.55 -6.98 3.91
N VAL A 82 9.56 -7.67 3.46
CA VAL A 82 10.93 -7.47 3.84
C VAL A 82 11.45 -6.44 2.85
N GLU A 83 12.63 -5.93 3.05
CA GLU A 83 13.22 -5.07 2.06
C GLU A 83 13.60 -5.90 0.82
N VAL A 84 12.68 -6.00 -0.12
CA VAL A 84 12.90 -6.70 -1.35
C VAL A 84 13.56 -5.68 -2.26
N ASP A 85 13.11 -4.40 -2.07
CA ASP A 85 13.67 -3.28 -2.72
C ASP A 85 15.14 -3.17 -2.35
N LEU A 86 15.84 -2.35 -3.02
CA LEU A 86 17.23 -2.26 -2.87
C LEU A 86 17.65 -0.79 -2.97
N GLY A 87 18.11 -0.28 -1.86
CA GLY A 87 18.56 1.09 -1.76
C GLY A 87 17.45 2.00 -1.32
N TYR A 88 16.28 1.42 -1.18
CA TYR A 88 15.10 2.09 -0.73
C TYR A 88 14.39 1.14 0.17
N GLU A 89 13.92 1.60 1.27
CA GLU A 89 13.18 0.76 2.15
C GLU A 89 11.72 0.80 1.74
N LYS A 90 11.12 -0.35 1.72
CA LYS A 90 9.73 -0.49 1.45
C LYS A 90 9.03 -0.68 2.80
N GLN A 91 8.18 0.23 3.14
CA GLN A 91 7.55 0.23 4.44
C GLN A 91 6.22 0.94 4.36
N VAL A 92 5.19 0.28 4.81
CA VAL A 92 3.88 0.87 4.84
C VAL A 92 3.74 1.69 6.12
N PRO A 93 3.31 2.95 6.01
CA PRO A 93 3.04 3.79 7.18
C PRO A 93 1.91 3.22 8.06
N PRO A 94 1.83 3.68 9.34
CA PRO A 94 0.84 3.28 10.36
C PRO A 94 -0.58 2.85 9.86
N ALA A 95 -1.55 3.77 9.88
CA ALA A 95 -2.89 3.45 9.45
C ALA A 95 -3.28 4.21 8.18
N VAL A 96 -3.20 5.50 8.25
CA VAL A 96 -3.66 6.36 7.21
C VAL A 96 -2.51 7.21 6.67
N LEU A 97 -2.70 7.76 5.50
CA LEU A 97 -1.73 8.57 4.83
C LEU A 97 -2.28 9.94 4.68
N PHE A 98 -1.42 10.91 4.71
CA PHE A 98 -1.80 12.26 4.45
C PHE A 98 -0.75 12.84 3.54
N HIS A 99 -1.13 13.20 2.35
CA HIS A 99 -0.21 13.76 1.38
C HIS A 99 -0.61 15.14 0.97
N GLY A 100 0.30 16.06 1.08
CA GLY A 100 0.04 17.39 0.69
C GLY A 100 0.63 17.68 -0.64
N THR A 101 -0.11 18.36 -1.45
CA THR A 101 0.31 18.72 -2.75
C THR A 101 -0.40 20.01 -3.13
N ALA A 102 0.23 20.82 -3.96
CA ALA A 102 -0.32 22.11 -4.36
C ALA A 102 -1.71 21.94 -4.95
N GLU A 103 -2.64 22.74 -4.49
CA GLU A 103 -4.03 22.56 -4.82
C GLU A 103 -4.38 22.97 -6.28
N LYS A 104 -3.43 23.53 -7.01
CA LYS A 104 -3.69 23.80 -8.43
C LYS A 104 -3.52 22.49 -9.22
N ASN A 105 -3.09 21.46 -8.52
CA ASN A 105 -2.92 20.13 -9.08
C ASN A 105 -4.17 19.31 -8.85
N PHE A 106 -5.17 19.91 -8.16
CA PHE A 106 -6.46 19.27 -7.83
C PHE A 106 -7.08 18.54 -9.03
N ASP A 107 -7.04 19.18 -10.19
CA ASP A 107 -7.53 18.58 -11.45
C ASP A 107 -6.89 17.24 -11.70
N LEU A 108 -5.58 17.21 -11.67
CA LEU A 108 -4.81 16.01 -11.94
C LEU A 108 -5.07 14.99 -10.83
N ILE A 109 -5.05 15.44 -9.60
CA ILE A 109 -5.24 14.59 -8.43
C ILE A 109 -6.57 13.84 -8.48
N LEU A 110 -7.64 14.57 -8.65
CA LEU A 110 -8.95 13.97 -8.59
C LEU A 110 -9.23 13.10 -9.82
N LYS A 111 -8.62 13.45 -10.92
CA LYS A 111 -8.85 12.82 -12.21
C LYS A 111 -7.96 11.57 -12.40
N ASP A 112 -6.67 11.76 -12.34
CA ASP A 112 -5.70 10.70 -12.59
C ASP A 112 -5.22 10.07 -11.28
N GLY A 113 -5.26 10.86 -10.24
CA GLY A 113 -4.84 10.39 -8.95
C GLY A 113 -3.52 10.96 -8.58
N ILE A 114 -3.02 10.56 -7.45
CA ILE A 114 -1.68 10.92 -7.08
C ILE A 114 -0.80 9.99 -7.86
N LYS A 115 -0.18 10.53 -8.89
CA LYS A 115 0.57 9.74 -9.82
C LYS A 115 1.37 10.63 -10.76
N LYS A 116 0.72 11.13 -11.81
CA LYS A 116 1.36 11.92 -12.85
C LYS A 116 2.58 11.17 -13.46
N MET A 117 2.28 10.16 -14.27
CA MET A 117 3.28 9.39 -15.02
C MET A 117 4.25 8.62 -14.11
N SER A 118 3.79 8.24 -12.93
CA SER A 118 4.60 7.48 -12.00
C SER A 118 4.77 6.04 -12.43
N ARG A 119 5.97 5.74 -12.85
CA ARG A 119 6.34 4.40 -13.26
C ARG A 119 7.20 3.78 -12.18
N HIS A 120 7.57 4.58 -11.21
CA HIS A 120 8.36 4.14 -10.09
C HIS A 120 7.85 4.70 -8.80
N HIS A 121 7.67 6.03 -8.73
CA HIS A 121 7.18 6.64 -7.51
C HIS A 121 6.69 8.09 -7.70
N VAL A 122 5.65 8.41 -6.97
CA VAL A 122 5.09 9.74 -6.86
C VAL A 122 5.14 10.14 -5.39
N HIS A 123 5.34 11.40 -5.10
CA HIS A 123 5.50 11.90 -3.74
C HIS A 123 4.30 11.63 -2.84
N LEU A 124 4.60 11.17 -1.65
CA LEU A 124 3.62 10.91 -0.64
C LEU A 124 4.16 11.50 0.67
N SER A 125 3.30 11.77 1.61
CA SER A 125 3.71 12.32 2.87
C SER A 125 3.22 11.39 3.98
N GLN A 126 3.83 11.46 5.14
CA GLN A 126 3.45 10.61 6.25
C GLN A 126 2.26 11.14 7.05
N ASP A 127 2.23 12.44 7.27
CA ASP A 127 1.19 13.05 8.07
C ASP A 127 1.03 14.50 7.66
N ILE A 128 0.14 15.23 8.36
CA ILE A 128 -0.19 16.61 8.00
C ILE A 128 1.02 17.54 8.02
N THR A 129 1.95 17.30 8.95
CA THR A 129 3.08 18.13 9.07
C THR A 129 3.94 18.08 7.80
N THR A 130 4.28 16.88 7.36
CA THR A 130 5.06 16.75 6.17
C THR A 130 4.23 17.20 4.96
N ALA A 131 2.93 16.89 4.97
CA ALA A 131 2.01 17.26 3.89
C ALA A 131 2.03 18.76 3.66
N ARG A 132 1.92 19.47 4.75
CA ARG A 132 1.89 20.90 4.74
C ARG A 132 3.29 21.44 4.39
N LYS A 133 4.32 20.88 5.05
CA LYS A 133 5.71 21.33 4.89
C LYS A 133 6.23 21.14 3.45
N VAL A 134 6.01 20.00 2.86
CA VAL A 134 6.47 19.80 1.50
C VAL A 134 5.59 20.60 0.53
N GLY A 135 4.32 20.76 0.91
CA GLY A 135 3.38 21.50 0.12
C GLY A 135 3.57 23.01 0.23
N MET A 136 4.49 23.44 1.12
CA MET A 136 4.89 24.87 1.23
C MET A 136 5.49 25.34 -0.07
N ARG A 137 5.73 24.38 -1.00
CA ARG A 137 6.20 24.66 -2.35
C ARG A 137 5.21 25.63 -3.03
N HIS A 138 3.96 25.64 -2.54
CA HIS A 138 3.00 26.61 -2.95
C HIS A 138 2.50 27.40 -1.75
N GLY A 139 2.01 26.72 -0.70
CA GLY A 139 1.50 27.44 0.44
C GLY A 139 0.56 26.61 1.23
N LYS A 140 -0.61 26.36 0.69
CA LYS A 140 -1.58 25.52 1.36
C LYS A 140 -1.97 24.34 0.49
N PRO A 141 -1.16 23.28 0.52
CA PRO A 141 -1.43 22.01 -0.13
C PRO A 141 -2.78 21.43 0.27
N VAL A 142 -3.38 20.72 -0.63
CA VAL A 142 -4.55 19.99 -0.32
C VAL A 142 -4.05 18.65 0.24
N VAL A 143 -4.62 18.22 1.32
CA VAL A 143 -4.13 17.03 1.97
C VAL A 143 -4.99 15.82 1.63
N LEU A 144 -4.47 15.03 0.76
CA LEU A 144 -5.10 13.82 0.32
C LEU A 144 -4.82 12.72 1.32
N SER A 145 -5.84 12.31 2.01
CA SER A 145 -5.73 11.30 3.02
C SER A 145 -6.13 9.93 2.46
N VAL A 146 -5.16 9.06 2.28
CA VAL A 146 -5.42 7.75 1.69
C VAL A 146 -5.30 6.69 2.78
N ASP A 147 -5.82 5.51 2.55
CA ASP A 147 -5.74 4.43 3.54
C ASP A 147 -4.55 3.52 3.21
N ALA A 148 -3.54 3.54 4.08
CA ALA A 148 -2.29 2.80 3.86
C ALA A 148 -2.52 1.30 3.91
N LYS A 149 -3.31 0.91 4.88
CA LYS A 149 -3.71 -0.45 5.17
C LYS A 149 -4.26 -1.16 3.90
N GLY A 150 -5.25 -0.54 3.29
CA GLY A 150 -5.87 -1.08 2.11
C GLY A 150 -4.95 -1.08 0.93
N MET A 151 -4.12 -0.08 0.84
CA MET A 151 -3.15 -0.01 -0.23
C MET A 151 -2.13 -1.14 -0.12
N ALA A 152 -1.58 -1.32 1.07
CA ALA A 152 -0.61 -2.38 1.34
C ALA A 152 -1.20 -3.74 1.03
N ASP A 153 -2.41 -3.95 1.53
CA ASP A 153 -3.12 -5.21 1.38
C ASP A 153 -3.45 -5.49 -0.09
N GLY A 154 -3.76 -4.42 -0.82
CA GLY A 154 -4.10 -4.55 -2.22
C GLY A 154 -2.89 -4.75 -3.12
N GLY A 155 -1.70 -4.50 -2.60
CA GLY A 155 -0.52 -4.70 -3.40
C GLY A 155 0.13 -3.40 -3.82
N PHE A 156 -0.07 -2.36 -3.05
CA PHE A 156 0.55 -1.08 -3.33
C PHE A 156 1.75 -0.88 -2.42
N ASP A 157 2.86 -0.53 -3.00
CA ASP A 157 4.13 -0.43 -2.27
C ASP A 157 4.43 0.97 -1.84
N PHE A 158 5.12 1.09 -0.75
CA PHE A 158 5.48 2.35 -0.21
C PHE A 158 6.98 2.41 -0.01
N TYR A 159 7.59 3.47 -0.47
CA TYR A 159 9.04 3.57 -0.46
C TYR A 159 9.47 4.72 0.45
N LEU A 160 10.55 4.51 1.16
CA LEU A 160 11.17 5.56 1.97
C LEU A 160 12.25 6.25 1.18
N SER A 161 12.14 7.54 1.07
CA SER A 161 13.14 8.33 0.42
C SER A 161 14.13 8.81 1.47
N ASN A 162 15.36 9.04 1.04
CA ASN A 162 16.40 9.58 1.92
C ASN A 162 16.13 11.05 2.20
N ASN A 163 15.17 11.60 1.48
CA ASN A 163 14.74 12.97 1.66
C ASN A 163 13.72 13.07 2.80
N GLY A 164 13.31 11.92 3.35
CA GLY A 164 12.34 11.90 4.44
C GLY A 164 10.92 11.84 3.92
N VAL A 165 10.82 11.77 2.63
CA VAL A 165 9.56 11.72 1.93
C VAL A 165 9.14 10.27 1.71
N TRP A 166 7.85 10.01 1.70
CA TRP A 166 7.36 8.69 1.43
C TRP A 166 6.97 8.66 -0.02
N LEU A 167 6.96 7.53 -0.60
CA LEU A 167 6.62 7.40 -1.98
C LEU A 167 5.60 6.32 -2.18
N ILE A 168 4.75 6.54 -3.14
CA ILE A 168 3.75 5.59 -3.54
C ILE A 168 3.87 5.44 -5.04
N ASP A 169 3.45 4.33 -5.58
CA ASP A 169 3.42 4.15 -7.02
C ASP A 169 2.33 5.02 -7.60
N PHE A 170 1.14 4.95 -6.97
CA PHE A 170 0.04 5.82 -7.29
C PHE A 170 -1.13 5.55 -6.36
N VAL A 171 -1.96 6.56 -6.13
CA VAL A 171 -3.20 6.40 -5.38
C VAL A 171 -4.37 7.17 -6.04
N PRO A 172 -5.39 6.46 -6.52
CA PRO A 172 -6.60 7.06 -7.13
C PRO A 172 -7.39 7.90 -6.13
N ALA A 173 -7.76 9.13 -6.52
CA ALA A 173 -8.53 10.05 -5.66
C ALA A 173 -9.91 9.47 -5.35
N GLU A 174 -10.31 8.53 -6.18
CA GLU A 174 -11.56 7.80 -6.05
C GLU A 174 -11.60 7.02 -4.72
N PHE A 175 -10.43 6.69 -4.20
CA PHE A 175 -10.32 5.97 -2.95
C PHE A 175 -9.83 6.92 -1.84
N ILE A 176 -9.37 8.08 -2.22
CA ILE A 176 -8.76 8.98 -1.26
C ILE A 176 -9.80 9.93 -0.65
N LYS A 177 -9.53 10.35 0.57
CA LYS A 177 -10.34 11.27 1.27
C LYS A 177 -9.71 12.63 1.08
N VAL A 178 -10.15 13.31 0.07
CA VAL A 178 -9.73 14.66 -0.20
C VAL A 178 -10.36 15.63 0.81
N GLY A 1 -1.85 10.51 13.45
CA GLY A 1 -0.87 11.45 13.99
C GLY A 1 0.45 10.79 14.16
N SER A 2 1.52 11.58 14.19
CA SER A 2 2.90 11.10 14.24
C SER A 2 3.19 10.13 15.41
N HIS A 3 2.62 10.38 16.57
CA HIS A 3 2.83 9.48 17.71
C HIS A 3 2.22 8.11 17.41
N MET A 4 1.01 8.12 16.87
CA MET A 4 0.28 6.89 16.48
C MET A 4 1.00 6.19 15.33
N VAL A 5 1.62 6.99 14.45
CA VAL A 5 2.42 6.48 13.34
C VAL A 5 3.51 5.56 13.86
N LYS A 6 4.23 6.06 14.79
CA LYS A 6 5.32 5.35 15.37
C LYS A 6 4.90 4.26 16.33
N VAL A 7 3.72 4.43 16.93
CA VAL A 7 3.14 3.41 17.76
C VAL A 7 2.78 2.19 16.89
N SER A 8 2.01 2.43 15.83
CA SER A 8 1.61 1.37 14.93
C SER A 8 2.79 0.72 14.24
N LYS A 9 3.78 1.52 13.82
CA LYS A 9 4.99 1.00 13.20
C LYS A 9 5.68 0.04 14.17
N PHE A 10 5.75 0.46 15.43
CA PHE A 10 6.38 -0.33 16.48
C PHE A 10 5.64 -1.65 16.64
N LEU A 11 4.34 -1.55 16.78
CA LEU A 11 3.48 -2.70 16.97
C LEU A 11 3.60 -3.68 15.84
N SER A 12 3.66 -3.19 14.63
CA SER A 12 3.82 -4.06 13.50
C SER A 12 5.17 -4.77 13.53
N LEU A 13 6.19 -4.06 13.98
CA LEU A 13 7.56 -4.58 14.07
C LEU A 13 7.65 -5.70 15.11
N VAL A 14 7.13 -5.44 16.28
CA VAL A 14 7.32 -6.37 17.39
C VAL A 14 6.52 -7.61 17.27
N LEU A 15 5.42 -7.53 16.60
CA LEU A 15 4.60 -8.68 16.49
C LEU A 15 4.90 -9.43 15.17
N ARG A 16 5.98 -9.01 14.47
CA ARG A 16 6.34 -9.67 13.21
C ARG A 16 7.76 -10.27 13.19
N HIS A 17 8.77 -9.49 13.55
CA HIS A 17 10.14 -9.85 13.20
C HIS A 17 10.92 -10.44 14.34
N ASN A 18 11.34 -9.62 15.22
CA ASN A 18 11.97 -10.07 16.40
C ASN A 18 11.11 -9.61 17.48
N PRO A 19 10.16 -10.43 17.91
CA PRO A 19 9.19 -10.03 18.92
C PRO A 19 9.82 -9.97 20.27
N ALA A 20 10.86 -10.76 20.39
CA ALA A 20 11.58 -10.96 21.63
C ALA A 20 12.26 -9.70 22.07
N LEU A 21 12.30 -8.74 21.15
CA LEU A 21 13.00 -7.52 21.30
C LEU A 21 12.57 -6.78 22.58
N ILE A 22 11.30 -6.87 22.91
CA ILE A 22 10.79 -6.16 24.06
C ILE A 22 10.34 -7.06 25.16
N GLY A 23 10.80 -8.28 25.14
CA GLY A 23 10.41 -9.24 26.17
C GLY A 23 9.17 -9.97 25.76
N LEU A 24 8.53 -9.45 24.76
CA LEU A 24 7.38 -10.01 24.16
C LEU A 24 7.87 -11.08 23.24
N ASP A 25 7.13 -12.07 23.01
CA ASP A 25 7.51 -13.03 22.02
C ASP A 25 6.26 -13.56 21.35
N LEU A 26 6.35 -13.84 20.08
CA LEU A 26 5.23 -14.39 19.35
C LEU A 26 5.26 -15.89 19.36
N ASP A 27 4.25 -16.48 19.92
CA ASP A 27 4.11 -17.93 19.93
C ASP A 27 3.79 -18.39 18.50
N ALA A 28 3.99 -19.66 18.20
CA ALA A 28 3.74 -20.22 16.86
C ALA A 28 2.27 -20.11 16.50
N ASN A 29 1.43 -19.99 17.52
CA ASN A 29 -0.02 -19.81 17.36
C ASN A 29 -0.37 -18.39 16.92
N GLY A 30 0.64 -17.53 16.74
CA GLY A 30 0.38 -16.15 16.42
C GLY A 30 -0.26 -15.52 17.62
N TRP A 31 0.45 -15.52 18.68
CA TRP A 31 -0.08 -15.18 19.95
C TRP A 31 0.98 -14.45 20.78
N ALA A 32 0.79 -13.16 20.93
CA ALA A 32 1.61 -12.33 21.78
C ALA A 32 0.76 -11.77 22.89
N PRO A 33 1.23 -11.83 24.16
CA PRO A 33 0.46 -11.35 25.30
C PRO A 33 0.22 -9.84 25.23
N VAL A 34 -1.05 -9.44 25.25
CA VAL A 34 -1.40 -8.06 25.16
C VAL A 34 -0.85 -7.27 26.33
N LYS A 35 -0.86 -7.86 27.53
CA LYS A 35 -0.37 -7.14 28.67
C LYS A 35 1.13 -6.95 28.62
N GLU A 36 1.86 -7.88 27.99
CA GLU A 36 3.32 -7.67 27.88
C GLU A 36 3.54 -6.40 27.13
N LEU A 37 2.83 -6.29 26.04
CA LEU A 37 2.90 -5.14 25.20
C LEU A 37 2.45 -3.89 25.96
N LEU A 38 1.32 -3.95 26.62
CA LEU A 38 0.77 -2.79 27.33
C LEU A 38 1.69 -2.32 28.44
N ALA A 39 2.10 -3.25 29.27
CA ALA A 39 2.92 -2.96 30.42
C ALA A 39 4.26 -2.43 29.96
N LYS A 40 4.86 -3.13 29.02
CA LYS A 40 6.16 -2.79 28.55
C LYS A 40 6.15 -1.49 27.76
N MET A 41 5.23 -1.36 26.80
CA MET A 41 5.24 -0.24 25.87
C MET A 41 4.88 1.08 26.51
N LYS A 42 4.05 1.02 27.53
CA LYS A 42 3.76 2.21 28.28
C LYS A 42 5.01 2.61 29.06
N ALA A 43 5.64 1.62 29.69
CA ALA A 43 6.86 1.83 30.47
C ALA A 43 8.04 2.21 29.56
N LYS A 44 7.96 1.84 28.28
CA LYS A 44 8.92 2.20 27.30
C LYS A 44 8.77 3.67 26.89
N GLY A 45 7.82 4.36 27.48
CA GLY A 45 7.62 5.75 27.19
C GLY A 45 6.85 5.98 25.92
N HIS A 46 5.91 5.10 25.63
CA HIS A 46 5.07 5.28 24.44
C HIS A 46 3.60 5.42 24.80
N GLY A 47 3.29 5.43 26.09
CA GLY A 47 1.95 5.70 26.57
C GLY A 47 0.88 4.74 26.08
N ILE A 48 1.08 3.45 26.22
CA ILE A 48 0.05 2.54 25.81
C ILE A 48 -0.65 1.93 27.02
N SER A 49 -1.89 2.23 27.15
CA SER A 49 -2.72 1.61 28.14
C SER A 49 -3.61 0.64 27.39
N MET A 50 -4.40 -0.16 28.09
CA MET A 50 -5.21 -1.19 27.43
C MET A 50 -6.16 -0.54 26.41
N GLU A 51 -6.84 0.49 26.85
CA GLU A 51 -7.79 1.23 26.03
C GLU A 51 -7.09 1.88 24.83
N GLU A 52 -5.91 2.40 25.06
CA GLU A 52 -5.17 3.10 24.05
C GLU A 52 -4.65 2.15 23.00
N LEU A 53 -4.27 0.95 23.40
CA LEU A 53 -3.84 -0.03 22.45
C LEU A 53 -4.97 -0.42 21.53
N LYS A 54 -6.14 -0.62 22.13
CA LYS A 54 -7.34 -1.00 21.37
C LYS A 54 -7.59 0.06 20.31
N HIS A 55 -7.37 1.30 20.69
CA HIS A 55 -7.45 2.44 19.80
C HIS A 55 -6.56 2.23 18.54
N ILE A 56 -5.32 1.82 18.74
CA ILE A 56 -4.45 1.58 17.61
C ILE A 56 -4.86 0.32 16.87
N VAL A 57 -5.05 -0.75 17.56
CA VAL A 57 -5.29 -2.02 16.90
C VAL A 57 -6.68 -2.10 16.18
N GLU A 58 -7.63 -1.28 16.59
CA GLU A 58 -8.91 -1.21 15.89
C GLU A 58 -8.85 -0.23 14.72
N THR A 59 -8.55 1.02 15.02
CA THR A 59 -8.62 2.09 14.03
C THR A 59 -7.36 2.16 13.15
N ASN A 60 -6.26 1.74 13.66
CA ASN A 60 -5.01 1.87 12.97
C ASN A 60 -4.57 0.54 12.38
N SER A 61 -5.35 0.09 11.39
CA SER A 61 -5.10 -1.12 10.62
C SER A 61 -5.57 -2.41 11.30
N LYS A 62 -6.85 -2.68 11.26
CA LYS A 62 -7.40 -3.89 11.86
C LYS A 62 -7.04 -5.12 11.03
N LYS A 63 -6.75 -4.90 9.75
CA LYS A 63 -6.27 -5.95 8.86
C LYS A 63 -4.88 -6.38 9.25
N ARG A 64 -4.10 -5.41 9.62
CA ARG A 64 -2.69 -5.61 9.83
C ARG A 64 -2.39 -6.03 11.25
N PHE A 65 -3.19 -5.55 12.17
CA PHE A 65 -3.03 -5.88 13.56
C PHE A 65 -4.22 -6.72 13.99
N ALA A 66 -3.96 -7.93 14.39
CA ALA A 66 -5.00 -8.85 14.79
C ALA A 66 -5.14 -8.84 16.29
N PHE A 67 -6.34 -8.65 16.71
CA PHE A 67 -6.69 -8.51 18.09
C PHE A 67 -8.03 -9.13 18.24
N SER A 68 -8.16 -9.99 19.21
CA SER A 68 -9.39 -10.69 19.40
C SER A 68 -10.48 -9.74 19.87
N GLU A 69 -11.71 -10.19 19.75
CA GLU A 69 -12.87 -9.38 20.12
C GLU A 69 -12.95 -9.22 21.63
N ASN A 70 -12.21 -10.05 22.33
CA ASN A 70 -12.14 -9.96 23.77
C ASN A 70 -10.85 -9.26 24.19
N PHE A 71 -10.05 -8.78 23.20
CA PHE A 71 -8.89 -7.92 23.45
C PHE A 71 -7.77 -8.59 24.24
N GLU A 72 -7.66 -9.90 24.18
CA GLU A 72 -6.60 -10.54 24.94
C GLU A 72 -5.44 -10.94 24.05
N LYS A 73 -5.70 -11.23 22.81
CA LYS A 73 -4.64 -11.68 21.94
C LYS A 73 -4.27 -10.65 20.93
N ILE A 74 -2.97 -10.39 20.81
CA ILE A 74 -2.47 -9.49 19.81
C ILE A 74 -1.40 -10.15 18.97
N ARG A 75 -1.37 -9.75 17.74
CA ARG A 75 -0.35 -10.13 16.78
C ARG A 75 -0.46 -9.18 15.59
N ALA A 76 0.57 -9.06 14.81
CA ALA A 76 0.51 -8.24 13.63
C ALA A 76 0.87 -9.12 12.46
N ASN A 77 -0.09 -9.33 11.59
CA ASN A 77 0.01 -10.32 10.51
C ASN A 77 0.82 -9.77 9.33
N GLN A 78 0.10 -9.19 8.35
CA GLN A 78 0.68 -8.58 7.17
C GLN A 78 1.41 -9.58 6.28
N GLY A 79 0.69 -10.07 5.27
CA GLY A 79 1.25 -11.02 4.33
C GLY A 79 2.28 -10.32 3.47
N HIS A 80 1.86 -9.75 2.38
CA HIS A 80 2.75 -8.94 1.62
C HIS A 80 2.39 -7.49 1.83
N SER A 81 2.62 -7.07 3.02
CA SER A 81 2.34 -5.72 3.45
C SER A 81 3.50 -5.28 4.35
N VAL A 82 4.59 -6.00 4.24
CA VAL A 82 5.77 -5.71 5.00
C VAL A 82 6.80 -5.18 4.03
N GLU A 83 7.57 -4.25 4.50
CA GLU A 83 8.64 -3.66 3.73
C GLU A 83 9.72 -4.72 3.42
N VAL A 84 9.89 -5.05 2.14
CA VAL A 84 10.80 -6.10 1.76
C VAL A 84 12.20 -5.54 1.55
N ASP A 85 12.24 -4.30 1.02
CA ASP A 85 13.46 -3.52 0.81
C ASP A 85 14.45 -4.19 -0.11
N LEU A 86 14.11 -4.14 -1.37
CA LEU A 86 14.90 -4.69 -2.44
C LEU A 86 15.22 -3.58 -3.40
N GLY A 87 16.42 -3.06 -3.31
CA GLY A 87 16.85 -1.97 -4.20
C GLY A 87 16.14 -0.67 -3.90
N TYR A 88 15.42 -0.66 -2.81
CA TYR A 88 14.65 0.47 -2.36
C TYR A 88 14.57 0.39 -0.88
N GLU A 89 14.51 1.51 -0.25
CA GLU A 89 14.29 1.56 1.15
C GLU A 89 12.78 1.49 1.28
N LYS A 90 12.28 0.42 1.83
CA LYS A 90 10.86 0.30 1.96
C LYS A 90 10.44 0.63 3.36
N GLN A 91 9.26 1.13 3.49
CA GLN A 91 8.72 1.50 4.76
C GLN A 91 7.22 1.51 4.62
N VAL A 92 6.55 0.62 5.28
CA VAL A 92 5.11 0.64 5.22
C VAL A 92 4.60 1.50 6.38
N PRO A 93 3.89 2.58 6.05
CA PRO A 93 3.32 3.49 7.03
C PRO A 93 2.07 2.91 7.73
N PRO A 94 1.60 3.59 8.80
CA PRO A 94 0.35 3.27 9.55
C PRO A 94 -0.92 3.03 8.69
N ALA A 95 -2.08 3.19 9.31
CA ALA A 95 -3.35 2.94 8.64
C ALA A 95 -3.63 3.97 7.59
N VAL A 96 -3.43 5.18 7.95
CA VAL A 96 -3.64 6.28 7.06
C VAL A 96 -2.27 6.81 6.62
N LEU A 97 -2.25 7.44 5.49
CA LEU A 97 -1.06 8.00 4.93
C LEU A 97 -1.47 9.26 4.16
N PHE A 98 -0.80 10.36 4.42
CA PHE A 98 -1.22 11.63 3.86
C PHE A 98 -0.29 12.12 2.76
N HIS A 99 -0.84 12.89 1.85
CA HIS A 99 -0.10 13.52 0.77
C HIS A 99 -0.55 14.96 0.59
N GLY A 100 0.38 15.88 0.65
CA GLY A 100 0.05 17.26 0.42
C GLY A 100 0.43 17.67 -0.97
N THR A 101 -0.39 18.48 -1.58
CA THR A 101 -0.14 18.97 -2.92
C THR A 101 -0.97 20.23 -3.13
N ALA A 102 -0.46 21.21 -3.88
CA ALA A 102 -1.16 22.49 -4.07
C ALA A 102 -2.58 22.28 -4.56
N GLU A 103 -3.50 22.89 -3.86
CA GLU A 103 -4.93 22.69 -4.06
C GLU A 103 -5.43 23.33 -5.34
N LYS A 104 -4.62 24.15 -5.98
CA LYS A 104 -5.04 24.72 -7.24
C LYS A 104 -4.84 23.71 -8.36
N ASN A 105 -4.30 22.57 -8.00
CA ASN A 105 -4.14 21.47 -8.92
C ASN A 105 -5.21 20.43 -8.66
N PHE A 106 -6.17 20.76 -7.76
CA PHE A 106 -7.31 19.86 -7.35
C PHE A 106 -7.88 19.02 -8.52
N ASP A 107 -8.19 19.67 -9.64
CA ASP A 107 -8.78 18.98 -10.80
C ASP A 107 -7.82 17.93 -11.39
N LEU A 108 -6.55 18.26 -11.42
CA LEU A 108 -5.52 17.45 -11.91
C LEU A 108 -5.27 16.29 -10.96
N ILE A 109 -5.26 16.61 -9.67
CA ILE A 109 -5.05 15.62 -8.63
C ILE A 109 -6.14 14.59 -8.68
N LEU A 110 -7.36 15.03 -8.77
CA LEU A 110 -8.49 14.15 -8.68
C LEU A 110 -8.65 13.24 -9.91
N LYS A 111 -8.21 13.68 -11.06
CA LYS A 111 -8.34 12.84 -12.24
C LYS A 111 -7.13 11.92 -12.45
N ASP A 112 -5.96 12.42 -12.12
CA ASP A 112 -4.72 11.69 -12.38
C ASP A 112 -4.24 10.90 -11.16
N GLY A 113 -4.46 11.46 -10.00
CA GLY A 113 -4.01 10.87 -8.77
C GLY A 113 -2.58 11.18 -8.50
N ILE A 114 -1.98 10.46 -7.61
CA ILE A 114 -0.57 10.58 -7.36
C ILE A 114 0.07 9.59 -8.25
N LYS A 115 0.66 10.07 -9.32
CA LYS A 115 1.24 9.24 -10.36
C LYS A 115 2.00 10.19 -11.26
N LYS A 116 2.77 11.04 -10.63
CA LYS A 116 3.45 12.12 -11.33
C LYS A 116 4.73 11.65 -12.00
N MET A 117 5.11 10.43 -11.73
CA MET A 117 6.30 9.84 -12.31
C MET A 117 6.19 8.34 -12.14
N SER A 118 6.18 7.91 -10.90
CA SER A 118 5.97 6.52 -10.50
C SER A 118 7.02 5.58 -11.12
N ARG A 119 6.75 4.28 -11.05
CA ARG A 119 7.58 3.19 -11.55
C ARG A 119 8.72 2.90 -10.58
N HIS A 120 9.29 3.94 -10.02
CA HIS A 120 10.30 3.77 -9.00
C HIS A 120 9.81 4.26 -7.66
N HIS A 121 9.48 5.56 -7.51
CA HIS A 121 8.96 6.07 -6.23
C HIS A 121 8.40 7.54 -6.30
N VAL A 122 7.15 7.74 -5.82
CA VAL A 122 6.49 9.09 -5.75
C VAL A 122 5.38 9.10 -4.65
N HIS A 123 5.35 10.10 -3.74
CA HIS A 123 4.23 10.22 -2.72
C HIS A 123 4.44 11.43 -1.84
N LEU A 124 5.67 11.82 -1.64
CA LEU A 124 6.05 13.02 -0.91
C LEU A 124 5.86 12.88 0.62
N SER A 125 4.63 12.98 1.07
CA SER A 125 4.33 13.12 2.48
C SER A 125 4.05 11.79 3.19
N GLN A 126 4.04 11.89 4.53
CA GLN A 126 3.66 10.82 5.43
C GLN A 126 2.41 11.25 6.23
N ASP A 127 2.47 12.47 6.79
CA ASP A 127 1.43 13.01 7.66
C ASP A 127 1.06 14.40 7.18
N ILE A 128 0.01 14.99 7.75
CA ILE A 128 -0.49 16.32 7.41
C ILE A 128 0.60 17.37 7.57
N THR A 129 1.45 17.20 8.58
CA THR A 129 2.56 18.11 8.80
C THR A 129 3.46 18.17 7.55
N THR A 130 3.73 17.01 6.98
CA THR A 130 4.55 16.93 5.83
C THR A 130 3.76 17.36 4.62
N ALA A 131 2.46 17.05 4.62
CA ALA A 131 1.56 17.41 3.53
C ALA A 131 1.63 18.89 3.26
N ARG A 132 1.44 19.65 4.29
CA ARG A 132 1.52 21.07 4.20
C ARG A 132 2.94 21.52 3.91
N LYS A 133 3.90 20.97 4.64
CA LYS A 133 5.31 21.37 4.51
C LYS A 133 5.87 21.20 3.08
N VAL A 134 5.62 20.06 2.47
CA VAL A 134 6.19 19.79 1.15
C VAL A 134 5.43 20.54 0.04
N GLY A 135 4.12 20.59 0.15
CA GLY A 135 3.32 21.23 -0.86
C GLY A 135 3.37 22.73 -0.72
N MET A 136 3.94 23.20 0.39
CA MET A 136 4.10 24.62 0.71
C MET A 136 5.03 25.27 -0.30
N ARG A 137 5.76 24.42 -1.01
CA ARG A 137 6.62 24.82 -2.09
C ARG A 137 5.79 25.33 -3.28
N HIS A 138 4.54 24.90 -3.38
CA HIS A 138 3.74 25.25 -4.52
C HIS A 138 2.49 26.09 -4.16
N GLY A 139 1.97 25.98 -2.93
CA GLY A 139 0.83 26.82 -2.58
C GLY A 139 0.28 26.46 -1.25
N LYS A 140 -0.99 26.13 -1.20
CA LYS A 140 -1.61 25.63 0.00
C LYS A 140 -2.03 24.20 -0.27
N PRO A 141 -1.14 23.26 0.00
CA PRO A 141 -1.40 21.85 -0.14
C PRO A 141 -2.69 21.37 0.51
N VAL A 142 -3.47 20.73 -0.30
CA VAL A 142 -4.62 20.03 0.12
C VAL A 142 -4.13 18.68 0.61
N VAL A 143 -4.67 18.25 1.70
CA VAL A 143 -4.26 17.04 2.31
C VAL A 143 -5.06 15.85 1.78
N LEU A 144 -4.42 15.10 0.96
CA LEU A 144 -4.97 13.90 0.41
C LEU A 144 -4.73 12.77 1.42
N SER A 145 -5.80 12.33 2.04
CA SER A 145 -5.73 11.30 3.04
C SER A 145 -5.95 9.93 2.39
N VAL A 146 -4.89 9.18 2.22
CA VAL A 146 -4.95 7.90 1.54
C VAL A 146 -4.96 6.79 2.60
N ASP A 147 -5.64 5.70 2.32
CA ASP A 147 -5.71 4.58 3.24
C ASP A 147 -4.59 3.57 2.94
N ALA A 148 -3.52 3.71 3.68
CA ALA A 148 -2.34 2.88 3.50
C ALA A 148 -2.59 1.42 3.86
N LYS A 149 -3.48 1.19 4.85
CA LYS A 149 -3.75 -0.18 5.29
C LYS A 149 -4.40 -1.02 4.18
N GLY A 150 -5.39 -0.44 3.51
CA GLY A 150 -6.08 -1.11 2.46
C GLY A 150 -5.25 -1.26 1.25
N MET A 151 -4.32 -0.34 1.06
CA MET A 151 -3.44 -0.45 -0.07
C MET A 151 -2.37 -1.49 0.15
N ALA A 152 -1.81 -1.56 1.35
CA ALA A 152 -0.77 -2.54 1.66
C ALA A 152 -1.31 -3.96 1.53
N ASP A 153 -2.51 -4.16 2.04
CA ASP A 153 -3.18 -5.47 1.97
C ASP A 153 -3.81 -5.67 0.57
N GLY A 154 -3.82 -4.60 -0.21
CA GLY A 154 -4.37 -4.63 -1.54
C GLY A 154 -3.32 -4.83 -2.61
N GLY A 155 -2.08 -4.89 -2.20
CA GLY A 155 -1.02 -5.17 -3.15
C GLY A 155 -0.20 -3.96 -3.56
N PHE A 156 -0.36 -2.86 -2.88
CA PHE A 156 0.47 -1.70 -3.16
C PHE A 156 1.78 -1.79 -2.41
N ASP A 157 2.74 -1.02 -2.82
CA ASP A 157 4.09 -1.11 -2.30
C ASP A 157 4.60 0.23 -1.90
N PHE A 158 5.22 0.29 -0.77
CA PHE A 158 5.62 1.57 -0.25
C PHE A 158 7.12 1.68 -0.17
N TYR A 159 7.62 2.90 -0.30
CA TYR A 159 9.04 3.15 -0.25
C TYR A 159 9.29 4.35 0.65
N LEU A 160 10.52 4.49 1.03
CA LEU A 160 11.00 5.57 1.86
C LEU A 160 12.29 6.07 1.26
N SER A 161 12.53 7.34 1.33
CA SER A 161 13.80 7.86 0.89
C SER A 161 14.53 8.49 2.08
N ASN A 162 15.83 8.69 1.94
CA ASN A 162 16.69 9.11 3.06
C ASN A 162 16.42 10.51 3.56
N ASN A 163 15.74 11.30 2.76
CA ASN A 163 15.39 12.66 3.17
C ASN A 163 14.09 12.65 4.01
N GLY A 164 13.57 11.45 4.28
CA GLY A 164 12.37 11.33 5.09
C GLY A 164 11.13 11.40 4.24
N VAL A 165 11.28 11.07 3.00
CA VAL A 165 10.19 11.14 2.04
C VAL A 165 9.52 9.78 1.89
N TRP A 166 8.20 9.77 1.86
CA TRP A 166 7.44 8.54 1.63
C TRP A 166 7.02 8.47 0.21
N LEU A 167 7.06 7.29 -0.35
CA LEU A 167 6.76 7.11 -1.73
C LEU A 167 5.83 5.89 -1.94
N ILE A 168 5.14 5.91 -3.05
CA ILE A 168 4.25 4.85 -3.51
C ILE A 168 4.52 4.74 -5.01
N ASP A 169 4.01 3.74 -5.69
CA ASP A 169 4.05 3.77 -7.14
C ASP A 169 3.05 4.78 -7.54
N PHE A 170 1.82 4.61 -7.09
CA PHE A 170 0.83 5.60 -7.34
C PHE A 170 -0.39 5.37 -6.45
N VAL A 171 -1.11 6.44 -6.15
CA VAL A 171 -2.35 6.34 -5.38
C VAL A 171 -3.48 7.08 -6.09
N PRO A 172 -4.54 6.34 -6.45
CA PRO A 172 -5.73 6.89 -7.12
C PRO A 172 -6.45 7.91 -6.25
N ALA A 173 -6.72 9.11 -6.78
CA ALA A 173 -7.45 10.14 -6.04
C ALA A 173 -8.86 9.68 -5.71
N GLU A 174 -9.34 8.75 -6.52
CA GLU A 174 -10.63 8.10 -6.34
C GLU A 174 -10.67 7.38 -4.98
N PHE A 175 -9.56 6.81 -4.61
CA PHE A 175 -9.44 6.04 -3.38
C PHE A 175 -9.12 6.97 -2.21
N ILE A 176 -8.64 8.15 -2.51
CA ILE A 176 -8.18 9.06 -1.51
C ILE A 176 -9.34 9.92 -0.99
N LYS A 177 -9.22 10.35 0.24
CA LYS A 177 -10.15 11.18 0.88
C LYS A 177 -9.61 12.59 0.82
N VAL A 178 -10.03 13.29 -0.18
CA VAL A 178 -9.65 14.66 -0.39
C VAL A 178 -10.54 15.62 0.43
N GLY A 1 6.19 -28.29 18.15
CA GLY A 1 5.22 -28.80 19.13
C GLY A 1 3.83 -28.30 18.83
N SER A 2 2.85 -29.16 19.05
CA SER A 2 1.45 -28.88 18.76
C SER A 2 0.91 -27.62 19.48
N HIS A 3 1.34 -27.38 20.71
CA HIS A 3 0.93 -26.18 21.45
C HIS A 3 1.44 -24.93 20.75
N MET A 4 2.61 -25.04 20.19
CA MET A 4 3.26 -23.91 19.56
C MET A 4 2.61 -23.60 18.23
N VAL A 5 1.99 -24.60 17.67
CA VAL A 5 1.20 -24.46 16.45
C VAL A 5 0.03 -23.50 16.69
N LYS A 6 -0.69 -23.70 17.79
CA LYS A 6 -1.77 -22.83 18.12
C LYS A 6 -1.28 -21.49 18.62
N VAL A 7 -0.06 -21.45 19.12
CA VAL A 7 0.58 -20.22 19.47
C VAL A 7 0.83 -19.41 18.18
N SER A 8 1.47 -20.02 17.19
CA SER A 8 1.75 -19.37 15.92
C SER A 8 0.45 -19.01 15.17
N LYS A 9 -0.55 -19.88 15.29
CA LYS A 9 -1.89 -19.66 14.74
C LYS A 9 -2.46 -18.35 15.32
N PHE A 10 -2.31 -18.22 16.62
CA PHE A 10 -2.78 -17.06 17.34
C PHE A 10 -2.01 -15.82 16.94
N LEU A 11 -0.70 -15.94 16.99
CA LEU A 11 0.21 -14.86 16.70
C LEU A 11 -0.01 -14.29 15.31
N SER A 12 -0.23 -15.16 14.35
CA SER A 12 -0.49 -14.72 13.02
C SER A 12 -1.84 -13.99 12.91
N LEU A 13 -2.82 -14.41 13.73
CA LEU A 13 -4.15 -13.76 13.81
C LEU A 13 -4.05 -12.34 14.36
N VAL A 14 -3.38 -12.20 15.48
CA VAL A 14 -3.37 -10.94 16.18
C VAL A 14 -2.64 -9.86 15.43
N LEU A 15 -1.60 -10.25 14.77
CA LEU A 15 -0.76 -9.31 14.09
C LEU A 15 -1.28 -9.05 12.67
N ARG A 16 -2.50 -9.54 12.37
CA ARG A 16 -3.06 -9.37 11.02
C ARG A 16 -4.48 -8.77 11.02
N HIS A 17 -5.36 -9.28 11.88
CA HIS A 17 -6.79 -9.00 11.75
C HIS A 17 -7.28 -8.07 12.80
N ASN A 18 -7.41 -8.57 13.95
CA ASN A 18 -7.84 -7.79 15.04
C ASN A 18 -6.82 -7.91 16.08
N PRO A 19 -5.83 -7.02 16.11
CA PRO A 19 -4.79 -7.06 17.14
C PRO A 19 -5.34 -6.61 18.47
N ALA A 20 -6.41 -5.83 18.37
CA ALA A 20 -7.06 -5.19 19.53
C ALA A 20 -7.61 -6.23 20.48
N LEU A 21 -7.68 -7.44 20.00
CA LEU A 21 -8.29 -8.53 20.66
C LEU A 21 -7.64 -8.85 22.01
N ILE A 22 -6.34 -8.70 22.09
CA ILE A 22 -5.65 -9.04 23.32
C ILE A 22 -5.08 -7.85 24.01
N GLY A 23 -5.54 -6.68 23.64
CA GLY A 23 -5.01 -5.48 24.22
C GLY A 23 -3.87 -4.96 23.40
N LEU A 24 -3.48 -5.77 22.44
CA LEU A 24 -2.48 -5.44 21.50
C LEU A 24 -3.15 -4.59 20.47
N ASP A 25 -2.44 -3.82 19.79
CA ASP A 25 -2.97 -3.15 18.66
C ASP A 25 -1.86 -3.06 17.67
N LEU A 26 -2.17 -2.89 16.46
CA LEU A 26 -1.15 -2.75 15.43
C LEU A 26 -0.50 -1.39 15.45
N ASP A 27 0.80 -1.40 15.50
CA ASP A 27 1.64 -0.22 15.54
C ASP A 27 1.57 0.42 14.17
N ALA A 28 1.92 1.67 14.10
CA ALA A 28 1.77 2.50 12.93
C ALA A 28 2.41 1.90 11.68
N ASN A 29 3.56 1.31 11.80
CA ASN A 29 4.25 0.83 10.60
C ASN A 29 3.91 -0.62 10.26
N GLY A 30 2.89 -1.15 10.91
CA GLY A 30 2.46 -2.50 10.63
C GLY A 30 3.16 -3.49 11.52
N TRP A 31 3.29 -3.10 12.76
CA TRP A 31 3.98 -3.89 13.77
C TRP A 31 3.09 -4.00 14.99
N ALA A 32 3.59 -4.56 16.04
CA ALA A 32 2.93 -4.60 17.32
C ALA A 32 3.99 -4.66 18.41
N PRO A 33 3.72 -4.12 19.62
CA PRO A 33 4.68 -4.17 20.72
C PRO A 33 4.80 -5.60 21.27
N VAL A 34 6.01 -6.13 21.24
CA VAL A 34 6.23 -7.47 21.68
C VAL A 34 5.91 -7.67 23.15
N LYS A 35 6.27 -6.70 23.99
CA LYS A 35 6.08 -6.84 25.42
C LYS A 35 4.59 -6.97 25.77
N GLU A 36 3.74 -6.34 24.97
CA GLU A 36 2.31 -6.46 25.13
C GLU A 36 1.96 -7.92 24.95
N LEU A 37 2.33 -8.44 23.80
CA LEU A 37 2.07 -9.82 23.44
C LEU A 37 2.64 -10.79 24.48
N LEU A 38 3.87 -10.54 24.91
CA LEU A 38 4.54 -11.39 25.88
C LEU A 38 3.81 -11.42 27.20
N ALA A 39 3.50 -10.24 27.71
CA ALA A 39 2.82 -10.13 28.98
C ALA A 39 1.42 -10.72 28.89
N LYS A 40 0.73 -10.41 27.79
CA LYS A 40 -0.60 -10.92 27.58
C LYS A 40 -0.62 -12.42 27.42
N MET A 41 0.19 -12.97 26.55
CA MET A 41 0.21 -14.41 26.31
C MET A 41 0.60 -15.20 27.54
N LYS A 42 1.48 -14.64 28.34
CA LYS A 42 1.82 -15.23 29.60
C LYS A 42 0.61 -15.15 30.55
N ALA A 43 -0.03 -13.99 30.62
CA ALA A 43 -1.18 -13.76 31.49
C ALA A 43 -2.45 -14.50 31.01
N LYS A 44 -2.56 -14.72 29.71
CA LYS A 44 -3.64 -15.43 29.12
C LYS A 44 -3.52 -16.93 29.38
N GLY A 45 -2.40 -17.33 29.96
CA GLY A 45 -2.22 -18.71 30.34
C GLY A 45 -1.64 -19.57 29.23
N HIS A 46 -0.99 -18.95 28.26
CA HIS A 46 -0.40 -19.70 27.16
C HIS A 46 1.10 -19.80 27.28
N GLY A 47 1.61 -19.28 28.39
CA GLY A 47 3.00 -19.40 28.74
C GLY A 47 3.98 -18.86 27.72
N ILE A 48 3.80 -17.65 27.27
CA ILE A 48 4.76 -17.10 26.35
C ILE A 48 5.74 -16.24 27.11
N SER A 49 6.95 -16.65 27.07
CA SER A 49 8.02 -15.91 27.62
C SER A 49 8.75 -15.29 26.44
N MET A 50 9.74 -14.46 26.69
CA MET A 50 10.44 -13.82 25.59
C MET A 50 11.14 -14.90 24.74
N GLU A 51 11.76 -15.86 25.43
CA GLU A 51 12.43 -16.98 24.80
C GLU A 51 11.45 -17.85 23.99
N GLU A 52 10.24 -18.02 24.53
CA GLU A 52 9.20 -18.84 23.91
C GLU A 52 8.73 -18.20 22.64
N LEU A 53 8.56 -16.91 22.70
CA LEU A 53 8.12 -16.19 21.56
C LEU A 53 9.16 -16.22 20.45
N LYS A 54 10.39 -15.90 20.80
CA LYS A 54 11.47 -15.93 19.83
C LYS A 54 11.66 -17.34 19.28
N HIS A 55 11.36 -18.32 20.10
CA HIS A 55 11.32 -19.72 19.71
C HIS A 55 10.37 -19.90 18.48
N ILE A 56 9.21 -19.27 18.56
CA ILE A 56 8.23 -19.29 17.47
C ILE A 56 8.72 -18.47 16.30
N VAL A 57 9.07 -17.26 16.58
CA VAL A 57 9.45 -16.30 15.56
C VAL A 57 10.70 -16.73 14.77
N GLU A 58 11.69 -17.21 15.47
CA GLU A 58 12.94 -17.59 14.84
C GLU A 58 12.89 -19.00 14.28
N THR A 59 12.64 -19.98 15.13
CA THR A 59 12.74 -21.35 14.72
C THR A 59 11.54 -21.81 13.90
N ASN A 60 10.39 -21.19 14.08
CA ASN A 60 9.22 -21.63 13.33
C ASN A 60 9.12 -20.93 12.01
N SER A 61 8.95 -19.60 12.00
CA SER A 61 8.77 -18.89 10.73
C SER A 61 9.18 -17.40 10.80
N LYS A 62 10.32 -17.04 10.24
CA LYS A 62 10.71 -15.62 10.21
C LYS A 62 10.06 -14.88 9.06
N LYS A 63 9.63 -15.60 8.05
CA LYS A 63 8.96 -14.97 6.92
C LYS A 63 7.56 -14.57 7.37
N ARG A 64 7.03 -15.34 8.28
CA ARG A 64 5.73 -15.09 8.82
C ARG A 64 5.81 -14.21 10.03
N PHE A 65 6.71 -14.47 10.92
CA PHE A 65 6.85 -13.64 12.05
C PHE A 65 8.05 -12.78 11.84
N ALA A 66 7.80 -11.54 11.56
CA ALA A 66 8.85 -10.61 11.32
C ALA A 66 9.03 -9.81 12.56
N PHE A 67 10.06 -10.10 13.24
CA PHE A 67 10.38 -9.47 14.44
C PHE A 67 11.58 -8.67 14.16
N SER A 68 11.59 -7.44 14.56
CA SER A 68 12.75 -6.63 14.39
C SER A 68 13.81 -7.22 15.28
N GLU A 69 15.01 -7.36 14.77
CA GLU A 69 16.11 -8.04 15.47
C GLU A 69 16.54 -7.36 16.77
N ASN A 70 15.97 -6.22 17.09
CA ASN A 70 16.21 -5.60 18.37
C ASN A 70 15.15 -6.04 19.39
N PHE A 71 14.25 -6.95 18.96
CA PHE A 71 13.28 -7.58 19.81
C PHE A 71 12.33 -6.63 20.56
N GLU A 72 11.79 -5.63 19.85
CA GLU A 72 10.77 -4.74 20.41
C GLU A 72 9.42 -4.80 19.68
N LYS A 73 9.44 -5.07 18.41
CA LYS A 73 8.21 -5.10 17.64
C LYS A 73 8.10 -6.36 16.80
N ILE A 74 6.91 -6.94 16.79
CA ILE A 74 6.62 -8.16 16.03
C ILE A 74 5.49 -7.87 15.03
N ARG A 75 5.42 -8.64 13.97
CA ARG A 75 4.36 -8.51 12.98
C ARG A 75 4.20 -9.85 12.27
N ALA A 76 3.01 -10.14 11.80
CA ALA A 76 2.79 -11.40 11.13
C ALA A 76 2.42 -11.19 9.69
N ASN A 77 2.98 -12.02 8.89
CA ASN A 77 2.83 -12.01 7.46
C ASN A 77 2.20 -13.31 7.08
N GLN A 78 1.41 -13.32 6.05
CA GLN A 78 0.74 -14.54 5.66
C GLN A 78 1.46 -15.13 4.47
N GLY A 79 1.47 -14.39 3.41
CA GLY A 79 2.24 -14.76 2.26
C GLY A 79 3.37 -13.79 2.14
N HIS A 80 3.38 -13.02 1.08
CA HIS A 80 4.38 -12.00 0.92
C HIS A 80 3.78 -10.69 1.43
N SER A 81 3.52 -10.64 2.72
CA SER A 81 2.92 -9.47 3.35
C SER A 81 3.97 -8.42 3.67
N VAL A 82 5.22 -8.83 3.55
CA VAL A 82 6.35 -7.95 3.82
C VAL A 82 6.46 -6.97 2.66
N GLU A 83 6.88 -5.77 2.94
CA GLU A 83 7.18 -4.83 1.90
C GLU A 83 8.33 -5.42 1.07
N VAL A 84 8.21 -5.37 -0.24
CA VAL A 84 9.04 -6.16 -1.10
C VAL A 84 10.46 -5.60 -1.19
N ASP A 85 10.55 -4.26 -1.32
CA ASP A 85 11.83 -3.52 -1.41
C ASP A 85 12.87 -4.18 -2.31
N LEU A 86 12.67 -4.06 -3.60
CA LEU A 86 13.56 -4.66 -4.56
C LEU A 86 14.39 -3.54 -5.20
N GLY A 87 15.60 -3.36 -4.72
CA GLY A 87 16.49 -2.34 -5.29
C GLY A 87 16.21 -0.96 -4.72
N TYR A 88 15.19 -0.87 -3.90
CA TYR A 88 14.78 0.35 -3.25
C TYR A 88 14.33 -0.03 -1.89
N GLU A 89 13.95 0.92 -1.08
CA GLU A 89 13.47 0.61 0.24
C GLU A 89 11.98 0.84 0.31
N LYS A 90 11.29 -0.09 0.88
CA LYS A 90 9.88 0.02 1.11
C LYS A 90 9.69 -0.09 2.59
N GLN A 91 8.68 0.56 3.09
CA GLN A 91 8.34 0.49 4.49
C GLN A 91 6.89 0.84 4.62
N VAL A 92 6.12 -0.03 5.24
CA VAL A 92 4.70 0.20 5.43
C VAL A 92 4.45 1.47 6.26
N PRO A 93 3.69 2.43 5.71
CA PRO A 93 3.34 3.66 6.41
C PRO A 93 2.29 3.42 7.54
N PRO A 94 2.02 4.46 8.41
CA PRO A 94 1.03 4.39 9.53
C PRO A 94 -0.40 3.89 9.14
N ALA A 95 -1.35 3.99 10.05
CA ALA A 95 -2.72 3.54 9.78
C ALA A 95 -3.30 4.34 8.62
N VAL A 96 -3.17 5.62 8.73
CA VAL A 96 -3.56 6.51 7.70
C VAL A 96 -2.31 7.27 7.27
N LEU A 97 -2.32 7.75 6.08
CA LEU A 97 -1.19 8.42 5.53
C LEU A 97 -1.67 9.64 4.79
N PHE A 98 -0.95 10.73 4.91
CA PHE A 98 -1.40 11.97 4.39
C PHE A 98 -0.49 12.50 3.31
N HIS A 99 -1.07 12.96 2.25
CA HIS A 99 -0.34 13.55 1.17
C HIS A 99 -0.86 14.93 0.87
N GLY A 100 -0.13 15.93 1.22
CA GLY A 100 -0.55 17.27 0.94
C GLY A 100 0.10 17.78 -0.30
N THR A 101 -0.69 18.36 -1.14
CA THR A 101 -0.23 18.92 -2.38
C THR A 101 -1.12 20.10 -2.72
N ALA A 102 -0.50 21.19 -3.13
CA ALA A 102 -1.19 22.43 -3.46
C ALA A 102 -2.34 22.23 -4.44
N GLU A 103 -3.37 23.05 -4.30
CA GLU A 103 -4.57 22.92 -5.12
C GLU A 103 -4.36 23.18 -6.61
N LYS A 104 -3.16 23.59 -7.00
CA LYS A 104 -2.83 23.73 -8.42
C LYS A 104 -2.70 22.34 -9.07
N ASN A 105 -2.44 21.35 -8.24
CA ASN A 105 -2.26 19.96 -8.69
C ASN A 105 -3.58 19.21 -8.53
N PHE A 106 -4.55 19.88 -7.91
CA PHE A 106 -5.84 19.27 -7.52
C PHE A 106 -6.61 18.66 -8.70
N ASP A 107 -6.60 19.33 -9.86
CA ASP A 107 -7.32 18.82 -11.03
C ASP A 107 -6.71 17.51 -11.47
N LEU A 108 -5.40 17.42 -11.41
CA LEU A 108 -4.69 16.23 -11.83
C LEU A 108 -4.99 15.10 -10.86
N ILE A 109 -5.00 15.43 -9.56
CA ILE A 109 -5.25 14.45 -8.50
C ILE A 109 -6.59 13.75 -8.72
N LEU A 110 -7.64 14.53 -8.77
CA LEU A 110 -8.96 13.97 -8.77
C LEU A 110 -9.35 13.38 -10.13
N LYS A 111 -8.67 13.80 -11.16
CA LYS A 111 -8.93 13.38 -12.52
C LYS A 111 -8.12 12.14 -12.88
N ASP A 112 -6.81 12.27 -12.83
CA ASP A 112 -5.88 11.23 -13.28
C ASP A 112 -5.46 10.36 -12.10
N GLY A 113 -5.38 10.98 -10.94
CA GLY A 113 -4.95 10.30 -9.74
C GLY A 113 -3.62 10.81 -9.29
N ILE A 114 -3.14 10.37 -8.17
CA ILE A 114 -1.80 10.71 -7.80
C ILE A 114 -0.93 9.80 -8.61
N LYS A 115 -0.34 10.36 -9.65
CA LYS A 115 0.36 9.63 -10.66
C LYS A 115 0.96 10.62 -11.65
N LYS A 116 2.12 10.28 -12.20
CA LYS A 116 2.81 11.10 -13.19
C LYS A 116 4.10 10.41 -13.57
N MET A 117 4.96 10.27 -12.61
CA MET A 117 6.25 9.64 -12.79
C MET A 117 6.21 8.22 -12.22
N SER A 118 5.04 7.63 -12.33
CA SER A 118 4.79 6.30 -11.90
C SER A 118 5.46 5.33 -12.84
N ARG A 119 6.60 4.89 -12.39
CA ARG A 119 7.54 4.07 -13.09
C ARG A 119 8.78 4.13 -12.25
N HIS A 120 9.02 5.31 -11.70
CA HIS A 120 10.10 5.47 -10.80
C HIS A 120 9.55 5.76 -9.40
N HIS A 121 9.26 7.03 -9.05
CA HIS A 121 8.68 7.30 -7.73
C HIS A 121 7.95 8.65 -7.62
N VAL A 122 6.71 8.63 -7.21
CA VAL A 122 5.93 9.85 -7.01
C VAL A 122 5.98 10.23 -5.52
N HIS A 123 6.31 11.48 -5.26
CA HIS A 123 6.46 12.05 -3.93
C HIS A 123 5.20 11.85 -3.04
N LEU A 124 5.39 11.14 -1.94
CA LEU A 124 4.35 10.88 -0.97
C LEU A 124 4.78 11.43 0.40
N SER A 125 3.84 11.89 1.19
CA SER A 125 4.15 12.52 2.44
C SER A 125 3.76 11.58 3.59
N GLN A 126 3.95 12.03 4.82
CA GLN A 126 3.74 11.18 5.95
C GLN A 126 2.70 11.70 6.96
N ASP A 127 2.79 12.94 7.36
CA ASP A 127 1.88 13.49 8.40
C ASP A 127 1.21 14.74 7.87
N ILE A 128 0.23 15.26 8.62
CA ILE A 128 -0.47 16.49 8.26
C ILE A 128 0.52 17.64 8.20
N THR A 129 1.45 17.68 9.15
CA THR A 129 2.41 18.75 9.18
C THR A 129 3.33 18.67 7.97
N THR A 130 3.72 17.45 7.57
CA THR A 130 4.56 17.29 6.43
C THR A 130 3.78 17.66 5.18
N ALA A 131 2.51 17.25 5.14
CA ALA A 131 1.59 17.53 4.04
C ALA A 131 1.54 19.02 3.77
N ARG A 132 1.36 19.78 4.83
CA ARG A 132 1.33 21.20 4.76
C ARG A 132 2.68 21.76 4.38
N LYS A 133 3.70 21.42 5.16
CA LYS A 133 5.02 21.99 5.02
C LYS A 133 5.63 21.76 3.65
N VAL A 134 5.49 20.56 3.12
CA VAL A 134 6.06 20.27 1.82
C VAL A 134 5.23 20.89 0.70
N GLY A 135 3.91 20.94 0.89
CA GLY A 135 3.03 21.48 -0.12
C GLY A 135 3.12 22.99 -0.22
N MET A 136 3.68 23.62 0.81
CA MET A 136 3.87 25.08 0.85
C MET A 136 4.75 25.55 -0.30
N ARG A 137 5.47 24.61 -0.91
CA ARG A 137 6.34 24.92 -2.02
C ARG A 137 5.54 25.30 -3.26
N HIS A 138 4.28 24.89 -3.31
CA HIS A 138 3.48 25.14 -4.49
C HIS A 138 2.23 25.96 -4.16
N GLY A 139 1.77 25.96 -2.90
CA GLY A 139 0.66 26.79 -2.56
C GLY A 139 0.04 26.36 -1.29
N LYS A 140 -1.24 26.10 -1.31
CA LYS A 140 -1.93 25.63 -0.14
C LYS A 140 -2.40 24.18 -0.34
N PRO A 141 -1.56 23.22 0.04
CA PRO A 141 -1.84 21.78 0.01
C PRO A 141 -3.18 21.31 0.56
N VAL A 142 -3.83 20.52 -0.25
CA VAL A 142 -4.98 19.79 0.13
C VAL A 142 -4.46 18.46 0.68
N VAL A 143 -4.98 18.03 1.79
CA VAL A 143 -4.48 16.84 2.40
C VAL A 143 -5.25 15.60 1.94
N LEU A 144 -4.65 14.90 1.00
CA LEU A 144 -5.15 13.65 0.49
C LEU A 144 -4.87 12.58 1.51
N SER A 145 -5.89 12.09 2.15
CA SER A 145 -5.71 11.12 3.20
C SER A 145 -5.96 9.71 2.67
N VAL A 146 -4.91 8.94 2.53
CA VAL A 146 -5.03 7.60 2.03
C VAL A 146 -4.90 6.64 3.21
N ASP A 147 -5.62 5.55 3.17
CA ASP A 147 -5.48 4.53 4.18
C ASP A 147 -4.25 3.72 3.82
N ALA A 148 -3.17 3.89 4.56
CA ALA A 148 -1.90 3.27 4.24
C ALA A 148 -1.95 1.76 4.38
N LYS A 149 -2.76 1.26 5.31
CA LYS A 149 -2.93 -0.17 5.43
C LYS A 149 -3.75 -0.70 4.26
N GLY A 150 -4.63 0.15 3.76
CA GLY A 150 -5.35 -0.13 2.56
C GLY A 150 -4.40 -0.26 1.39
N MET A 151 -3.33 0.53 1.40
CA MET A 151 -2.28 0.44 0.38
C MET A 151 -1.65 -0.94 0.41
N ALA A 152 -1.27 -1.35 1.62
CA ALA A 152 -0.61 -2.62 1.84
C ALA A 152 -1.46 -3.80 1.37
N ASP A 153 -2.73 -3.77 1.71
CA ASP A 153 -3.63 -4.86 1.32
C ASP A 153 -4.01 -4.75 -0.14
N GLY A 154 -4.27 -3.54 -0.60
CA GLY A 154 -4.72 -3.32 -1.96
C GLY A 154 -3.63 -3.51 -2.98
N GLY A 155 -2.40 -3.38 -2.56
CA GLY A 155 -1.30 -3.63 -3.46
C GLY A 155 -0.70 -2.38 -4.06
N PHE A 156 -0.80 -1.27 -3.36
CA PHE A 156 -0.20 -0.05 -3.85
C PHE A 156 1.31 -0.08 -3.65
N ASP A 157 2.02 0.53 -4.56
CA ASP A 157 3.47 0.45 -4.58
C ASP A 157 4.06 1.60 -3.84
N PHE A 158 4.32 1.40 -2.59
CA PHE A 158 4.90 2.44 -1.80
C PHE A 158 6.39 2.19 -1.54
N TYR A 159 7.13 3.25 -1.32
CA TYR A 159 8.57 3.19 -1.06
C TYR A 159 8.88 4.16 0.09
N LEU A 160 10.05 4.05 0.64
CA LEU A 160 10.56 5.02 1.59
C LEU A 160 11.98 5.41 1.17
N SER A 161 12.20 6.66 0.92
CA SER A 161 13.49 7.11 0.48
C SER A 161 14.26 7.75 1.65
N ASN A 162 15.46 8.18 1.34
CA ASN A 162 16.49 8.65 2.29
C ASN A 162 16.04 9.77 3.20
N ASN A 163 15.26 10.68 2.70
CA ASN A 163 14.91 11.89 3.47
C ASN A 163 13.65 11.70 4.30
N GLY A 164 13.26 10.46 4.53
CA GLY A 164 12.03 10.21 5.27
C GLY A 164 10.83 10.50 4.41
N VAL A 165 11.06 10.41 3.13
CA VAL A 165 10.07 10.67 2.14
C VAL A 165 9.48 9.37 1.66
N TRP A 166 8.19 9.30 1.62
CA TRP A 166 7.53 8.14 1.13
C TRP A 166 7.30 8.34 -0.32
N LEU A 167 7.19 7.30 -1.04
CA LEU A 167 6.93 7.42 -2.45
C LEU A 167 5.85 6.46 -2.81
N ILE A 168 5.15 6.77 -3.84
CA ILE A 168 4.10 5.95 -4.32
C ILE A 168 4.25 5.86 -5.82
N ASP A 169 3.88 4.76 -6.39
CA ASP A 169 3.83 4.68 -7.82
C ASP A 169 2.59 5.41 -8.25
N PHE A 170 1.43 4.98 -7.74
CA PHE A 170 0.21 5.71 -8.00
C PHE A 170 -0.90 5.36 -7.00
N VAL A 171 -1.70 6.38 -6.67
CA VAL A 171 -2.91 6.21 -5.85
C VAL A 171 -4.08 7.00 -6.44
N PRO A 172 -5.10 6.30 -6.94
CA PRO A 172 -6.33 6.92 -7.46
C PRO A 172 -7.03 7.76 -6.40
N ALA A 173 -7.44 8.96 -6.77
CA ALA A 173 -8.15 9.88 -5.86
C ALA A 173 -9.45 9.27 -5.42
N GLU A 174 -9.95 8.35 -6.24
CA GLU A 174 -11.14 7.59 -5.99
C GLU A 174 -11.02 6.84 -4.65
N PHE A 175 -9.86 6.28 -4.42
CA PHE A 175 -9.62 5.50 -3.22
C PHE A 175 -9.22 6.41 -2.06
N ILE A 176 -8.82 7.61 -2.37
CA ILE A 176 -8.34 8.50 -1.36
C ILE A 176 -9.49 9.32 -0.76
N LYS A 177 -9.31 9.74 0.46
CA LYS A 177 -10.24 10.53 1.15
C LYS A 177 -9.78 11.97 1.09
N VAL A 178 -10.24 12.63 0.08
CA VAL A 178 -9.99 14.02 -0.13
C VAL A 178 -10.89 14.85 0.79
N GLY A 1 12.35 -9.12 -13.53
CA GLY A 1 12.51 -7.68 -13.38
C GLY A 1 11.53 -7.12 -12.39
N SER A 2 11.78 -5.91 -11.95
CA SER A 2 11.01 -5.24 -10.91
C SER A 2 9.50 -5.10 -11.22
N HIS A 3 9.11 -5.12 -12.48
CA HIS A 3 7.70 -4.89 -12.81
C HIS A 3 6.83 -6.10 -12.45
N MET A 4 7.44 -7.24 -12.16
CA MET A 4 6.65 -8.45 -11.83
C MET A 4 5.97 -8.28 -10.48
N VAL A 5 6.54 -7.44 -9.66
CA VAL A 5 5.95 -7.07 -8.37
C VAL A 5 4.70 -6.22 -8.61
N LYS A 6 4.76 -5.41 -9.64
CA LYS A 6 3.66 -4.55 -10.02
C LYS A 6 2.57 -5.44 -10.66
N VAL A 7 3.03 -6.52 -11.28
CA VAL A 7 2.17 -7.55 -11.85
C VAL A 7 1.45 -8.30 -10.71
N SER A 8 2.18 -8.62 -9.65
CA SER A 8 1.64 -9.33 -8.50
C SER A 8 0.50 -8.54 -7.84
N LYS A 9 0.71 -7.24 -7.69
CA LYS A 9 -0.28 -6.31 -7.17
C LYS A 9 -1.52 -6.33 -8.06
N PHE A 10 -1.26 -6.29 -9.36
CA PHE A 10 -2.27 -6.29 -10.37
C PHE A 10 -3.15 -7.52 -10.28
N LEU A 11 -2.50 -8.65 -10.26
CA LEU A 11 -3.16 -9.94 -10.22
C LEU A 11 -4.04 -10.04 -9.00
N SER A 12 -3.55 -9.50 -7.90
CA SER A 12 -4.32 -9.44 -6.68
C SER A 12 -5.60 -8.62 -6.92
N LEU A 13 -5.44 -7.47 -7.56
CA LEU A 13 -6.53 -6.53 -7.87
C LEU A 13 -7.60 -7.17 -8.75
N VAL A 14 -7.17 -7.70 -9.88
CA VAL A 14 -8.12 -8.14 -10.90
C VAL A 14 -8.94 -9.31 -10.49
N LEU A 15 -8.35 -10.24 -9.83
CA LEU A 15 -9.04 -11.45 -9.53
C LEU A 15 -9.85 -11.33 -8.24
N ARG A 16 -9.99 -10.11 -7.73
CA ARG A 16 -10.72 -9.92 -6.50
C ARG A 16 -11.80 -8.82 -6.61
N HIS A 17 -11.45 -7.70 -7.20
CA HIS A 17 -12.28 -6.51 -7.11
C HIS A 17 -13.10 -6.27 -8.32
N ASN A 18 -12.46 -5.84 -9.32
CA ASN A 18 -13.13 -5.65 -10.56
C ASN A 18 -12.35 -6.39 -11.55
N PRO A 19 -12.72 -7.64 -11.82
CA PRO A 19 -11.99 -8.47 -12.78
C PRO A 19 -12.26 -8.04 -14.19
N ALA A 20 -13.42 -7.44 -14.35
CA ALA A 20 -13.96 -7.03 -15.64
C ALA A 20 -13.10 -5.96 -16.26
N LEU A 21 -12.22 -5.43 -15.45
CA LEU A 21 -11.39 -4.33 -15.75
C LEU A 21 -10.53 -4.58 -17.00
N ILE A 22 -10.04 -5.79 -17.15
CA ILE A 22 -9.14 -6.07 -18.27
C ILE A 22 -9.75 -7.00 -19.27
N GLY A 23 -11.03 -7.16 -19.23
CA GLY A 23 -11.67 -8.08 -20.16
C GLY A 23 -11.69 -9.47 -19.58
N LEU A 24 -11.07 -9.58 -18.44
CA LEU A 24 -11.07 -10.76 -17.66
C LEU A 24 -12.30 -10.67 -16.82
N ASP A 25 -12.80 -11.74 -16.38
CA ASP A 25 -13.89 -11.69 -15.44
C ASP A 25 -13.77 -12.88 -14.48
N LEU A 26 -14.24 -12.73 -13.29
CA LEU A 26 -14.22 -13.84 -12.32
C LEU A 26 -15.46 -14.68 -12.44
N ASP A 27 -15.26 -15.93 -12.81
CA ASP A 27 -16.35 -16.87 -13.05
C ASP A 27 -17.00 -17.27 -11.70
N ALA A 28 -17.97 -18.15 -11.74
CA ALA A 28 -18.85 -18.43 -10.62
C ALA A 28 -18.17 -19.15 -9.44
N ASN A 29 -17.24 -20.01 -9.74
CA ASN A 29 -16.57 -20.79 -8.70
C ASN A 29 -15.34 -20.07 -8.19
N GLY A 30 -15.23 -18.80 -8.55
CA GLY A 30 -14.10 -18.00 -8.14
C GLY A 30 -12.89 -18.38 -8.92
N TRP A 31 -13.03 -18.41 -10.19
CA TRP A 31 -11.96 -18.77 -11.06
C TRP A 31 -11.91 -17.90 -12.27
N ALA A 32 -10.73 -17.64 -12.72
CA ALA A 32 -10.52 -16.96 -13.95
C ALA A 32 -9.61 -17.81 -14.79
N PRO A 33 -9.92 -18.04 -16.07
CA PRO A 33 -9.07 -18.83 -16.94
C PRO A 33 -7.69 -18.19 -17.05
N VAL A 34 -6.63 -18.96 -16.79
CA VAL A 34 -5.32 -18.38 -16.83
C VAL A 34 -4.99 -17.85 -18.21
N LYS A 35 -5.49 -18.50 -19.27
CA LYS A 35 -5.19 -18.00 -20.61
C LYS A 35 -5.94 -16.68 -20.86
N GLU A 36 -7.04 -16.44 -20.14
CA GLU A 36 -7.76 -15.17 -20.27
C GLU A 36 -6.84 -14.06 -19.81
N LEU A 37 -6.16 -14.33 -18.72
CA LEU A 37 -5.19 -13.43 -18.16
C LEU A 37 -3.93 -13.39 -19.06
N LEU A 38 -3.41 -14.53 -19.44
CA LEU A 38 -2.17 -14.60 -20.23
C LEU A 38 -2.32 -13.92 -21.56
N ALA A 39 -3.37 -14.24 -22.29
CA ALA A 39 -3.60 -13.68 -23.60
C ALA A 39 -3.79 -12.19 -23.50
N LYS A 40 -4.67 -11.78 -22.58
CA LYS A 40 -5.00 -10.39 -22.42
C LYS A 40 -3.86 -9.57 -21.87
N MET A 41 -3.27 -10.02 -20.80
CA MET A 41 -2.27 -9.26 -20.11
C MET A 41 -1.00 -9.13 -20.94
N LYS A 42 -0.72 -10.13 -21.74
CA LYS A 42 0.35 -10.07 -22.73
C LYS A 42 0.03 -9.03 -23.79
N ALA A 43 -1.20 -9.08 -24.28
CA ALA A 43 -1.69 -8.19 -25.31
C ALA A 43 -1.78 -6.74 -24.82
N LYS A 44 -2.26 -6.55 -23.60
CA LYS A 44 -2.43 -5.22 -23.04
C LYS A 44 -1.12 -4.64 -22.44
N GLY A 45 -0.02 -4.89 -23.16
CA GLY A 45 1.26 -4.30 -22.90
C GLY A 45 1.95 -4.77 -21.65
N HIS A 46 1.83 -6.04 -21.32
CA HIS A 46 2.47 -6.54 -20.10
C HIS A 46 3.21 -7.87 -20.28
N GLY A 47 3.14 -8.44 -21.48
CA GLY A 47 3.88 -9.65 -21.84
C GLY A 47 3.78 -10.84 -20.89
N ILE A 48 2.59 -11.23 -20.50
CA ILE A 48 2.47 -12.35 -19.57
C ILE A 48 2.23 -13.67 -20.32
N SER A 49 3.16 -14.57 -20.18
CA SER A 49 3.06 -15.90 -20.72
C SER A 49 2.85 -16.87 -19.55
N MET A 50 2.61 -18.15 -19.83
CA MET A 50 2.41 -19.20 -18.80
C MET A 50 3.62 -19.20 -17.85
N GLU A 51 4.80 -19.24 -18.43
CA GLU A 51 6.07 -19.22 -17.71
C GLU A 51 6.23 -17.95 -16.84
N GLU A 52 5.82 -16.83 -17.42
CA GLU A 52 5.94 -15.52 -16.81
C GLU A 52 5.06 -15.47 -15.60
N LEU A 53 3.82 -15.81 -15.81
CA LEU A 53 2.85 -15.76 -14.76
C LEU A 53 3.23 -16.67 -13.61
N LYS A 54 3.66 -17.89 -13.91
CA LYS A 54 4.08 -18.84 -12.87
C LYS A 54 5.25 -18.29 -12.07
N HIS A 55 6.08 -17.48 -12.74
CA HIS A 55 7.17 -16.75 -12.09
C HIS A 55 6.61 -15.84 -10.98
N ILE A 56 5.45 -15.28 -11.22
CA ILE A 56 4.76 -14.50 -10.20
C ILE A 56 4.15 -15.41 -9.13
N VAL A 57 3.40 -16.40 -9.55
CA VAL A 57 2.63 -17.25 -8.63
C VAL A 57 3.56 -18.01 -7.68
N GLU A 58 4.67 -18.46 -8.18
CA GLU A 58 5.60 -19.26 -7.41
C GLU A 58 6.60 -18.40 -6.62
N THR A 59 7.21 -17.43 -7.27
CA THR A 59 8.30 -16.68 -6.64
C THR A 59 7.85 -15.33 -6.04
N ASN A 60 6.78 -14.77 -6.54
CA ASN A 60 6.34 -13.44 -6.09
C ASN A 60 5.28 -13.53 -5.01
N SER A 61 4.09 -13.86 -5.41
CA SER A 61 2.99 -13.87 -4.48
C SER A 61 2.35 -15.23 -4.40
N LYS A 62 2.70 -15.99 -3.39
CA LYS A 62 2.14 -17.31 -3.22
C LYS A 62 0.84 -17.21 -2.40
N LYS A 63 0.86 -16.36 -1.41
CA LYS A 63 -0.29 -16.20 -0.52
C LYS A 63 -1.40 -15.39 -1.16
N ARG A 64 -1.03 -14.44 -1.99
CA ARG A 64 -2.03 -13.59 -2.63
C ARG A 64 -2.50 -14.12 -3.96
N PHE A 65 -1.63 -14.71 -4.71
CA PHE A 65 -1.99 -15.15 -6.01
C PHE A 65 -2.18 -16.66 -5.99
N ALA A 66 -3.42 -17.07 -6.09
CA ALA A 66 -3.77 -18.47 -6.04
C ALA A 66 -4.00 -18.98 -7.44
N PHE A 67 -3.74 -20.23 -7.64
CA PHE A 67 -3.82 -20.80 -8.92
C PHE A 67 -4.18 -22.25 -8.72
N SER A 68 -4.89 -22.85 -9.65
CA SER A 68 -5.03 -24.29 -9.64
C SER A 68 -3.63 -24.88 -9.79
N GLU A 69 -3.28 -25.90 -9.04
CA GLU A 69 -1.91 -26.44 -9.03
C GLU A 69 -1.50 -26.99 -10.42
N ASN A 70 -2.49 -27.31 -11.23
CA ASN A 70 -2.28 -27.80 -12.60
C ASN A 70 -2.21 -26.66 -13.61
N PHE A 71 -2.29 -25.45 -13.11
CA PHE A 71 -2.21 -24.23 -13.88
C PHE A 71 -3.27 -24.05 -14.99
N GLU A 72 -4.55 -24.22 -14.64
CA GLU A 72 -5.64 -23.96 -15.59
C GLU A 72 -6.31 -22.62 -15.29
N LYS A 73 -6.63 -22.39 -14.03
CA LYS A 73 -7.37 -21.20 -13.64
C LYS A 73 -6.72 -20.53 -12.45
N ILE A 74 -6.84 -19.22 -12.37
CA ILE A 74 -6.25 -18.42 -11.32
C ILE A 74 -7.32 -17.65 -10.54
N ARG A 75 -6.99 -17.24 -9.34
CA ARG A 75 -7.84 -16.41 -8.51
C ARG A 75 -6.97 -15.72 -7.48
N ALA A 76 -7.30 -14.52 -7.12
CA ALA A 76 -6.51 -13.85 -6.15
C ALA A 76 -7.19 -13.98 -4.84
N ASN A 77 -6.41 -13.94 -3.81
CA ASN A 77 -6.91 -14.07 -2.49
C ASN A 77 -6.03 -13.26 -1.59
N GLN A 78 -6.58 -12.78 -0.52
CA GLN A 78 -5.86 -11.87 0.32
C GLN A 78 -5.04 -12.61 1.36
N GLY A 79 -3.82 -12.90 1.01
CA GLY A 79 -2.92 -13.55 1.91
C GLY A 79 -1.78 -12.66 2.26
N HIS A 80 -1.74 -12.22 3.50
CA HIS A 80 -0.71 -11.34 4.04
C HIS A 80 -0.83 -9.94 3.43
N SER A 81 -1.72 -9.16 4.01
CA SER A 81 -2.04 -7.82 3.54
C SER A 81 -1.01 -6.79 4.03
N VAL A 82 -0.06 -7.26 4.82
CA VAL A 82 0.99 -6.41 5.34
C VAL A 82 2.10 -6.33 4.27
N GLU A 83 3.20 -5.69 4.62
CA GLU A 83 4.38 -5.57 3.77
C GLU A 83 4.87 -6.96 3.30
N VAL A 84 4.89 -7.19 2.01
CA VAL A 84 5.28 -8.46 1.51
C VAL A 84 6.78 -8.42 1.16
N ASP A 85 7.20 -7.38 0.40
CA ASP A 85 8.58 -7.25 -0.14
C ASP A 85 9.02 -8.42 -1.02
N LEU A 86 9.60 -8.10 -2.13
CA LEU A 86 10.03 -9.08 -3.08
C LEU A 86 11.25 -8.51 -3.76
N GLY A 87 12.10 -7.86 -2.97
CA GLY A 87 13.23 -7.18 -3.51
C GLY A 87 12.78 -5.79 -3.84
N TYR A 88 12.03 -5.24 -2.92
CA TYR A 88 11.36 -3.97 -3.06
C TYR A 88 11.34 -3.31 -1.72
N GLU A 89 10.57 -2.28 -1.57
CA GLU A 89 10.46 -1.62 -0.32
C GLU A 89 8.99 -1.41 -0.04
N LYS A 90 8.49 -2.13 0.91
CA LYS A 90 7.16 -1.91 1.39
C LYS A 90 7.26 -1.55 2.86
N GLN A 91 7.38 -0.30 3.17
CA GLN A 91 7.37 0.10 4.56
C GLN A 91 6.05 0.73 4.84
N VAL A 92 5.26 0.09 5.62
CA VAL A 92 3.92 0.52 5.85
C VAL A 92 3.89 1.66 6.88
N PRO A 93 3.47 2.85 6.45
CA PRO A 93 3.29 4.01 7.33
C PRO A 93 2.04 3.82 8.20
N PRO A 94 1.79 4.73 9.20
CA PRO A 94 0.57 4.69 10.02
C PRO A 94 -0.71 4.40 9.22
N ALA A 95 -1.76 4.04 9.94
CA ALA A 95 -3.01 3.52 9.36
C ALA A 95 -3.58 4.39 8.25
N VAL A 96 -3.51 5.67 8.42
CA VAL A 96 -3.94 6.57 7.40
C VAL A 96 -2.72 7.41 6.91
N LEU A 97 -2.77 7.86 5.68
CA LEU A 97 -1.69 8.61 5.06
C LEU A 97 -2.21 9.98 4.72
N PHE A 98 -1.32 10.94 4.64
CA PHE A 98 -1.67 12.27 4.25
C PHE A 98 -0.65 12.78 3.26
N HIS A 99 -1.08 13.03 2.05
CA HIS A 99 -0.21 13.51 0.99
C HIS A 99 -0.61 14.91 0.61
N GLY A 100 0.27 15.84 0.83
CA GLY A 100 -0.02 17.20 0.50
C GLY A 100 0.58 17.58 -0.82
N THR A 101 -0.12 18.40 -1.53
CA THR A 101 0.31 18.89 -2.80
C THR A 101 -0.53 20.11 -3.13
N ALA A 102 -0.07 21.01 -4.01
CA ALA A 102 -0.77 22.26 -4.29
C ALA A 102 -2.22 22.04 -4.66
N GLU A 103 -3.07 22.88 -4.09
CA GLU A 103 -4.49 22.80 -4.33
C GLU A 103 -4.81 23.16 -5.78
N LYS A 104 -3.89 23.89 -6.43
CA LYS A 104 -4.01 24.19 -7.85
C LYS A 104 -3.87 22.93 -8.70
N ASN A 105 -3.49 21.84 -8.08
CA ASN A 105 -3.34 20.58 -8.76
C ASN A 105 -4.39 19.58 -8.30
N PHE A 106 -5.27 20.05 -7.38
CA PHE A 106 -6.33 19.21 -6.76
C PHE A 106 -7.18 18.48 -7.78
N ASP A 107 -7.76 19.22 -8.70
CA ASP A 107 -8.64 18.64 -9.71
C ASP A 107 -7.92 17.58 -10.47
N LEU A 108 -6.70 17.88 -10.87
CA LEU A 108 -5.88 16.97 -11.65
C LEU A 108 -5.60 15.68 -10.88
N ILE A 109 -5.48 15.78 -9.57
CA ILE A 109 -5.28 14.61 -8.72
C ILE A 109 -6.51 13.72 -8.80
N LEU A 110 -7.67 14.32 -8.80
CA LEU A 110 -8.90 13.59 -8.80
C LEU A 110 -9.20 12.99 -10.17
N LYS A 111 -8.88 13.73 -11.19
CA LYS A 111 -9.07 13.37 -12.56
C LYS A 111 -8.10 12.28 -12.99
N ASP A 112 -6.86 12.58 -12.83
CA ASP A 112 -5.77 11.80 -13.36
C ASP A 112 -5.18 10.84 -12.33
N GLY A 113 -5.36 11.15 -11.08
CA GLY A 113 -4.90 10.29 -9.99
C GLY A 113 -3.54 10.71 -9.50
N ILE A 114 -3.01 10.03 -8.52
CA ILE A 114 -1.65 10.26 -8.16
C ILE A 114 -0.82 9.33 -9.00
N LYS A 115 -0.21 9.91 -10.01
CA LYS A 115 0.64 9.25 -10.99
C LYS A 115 -0.12 8.31 -11.96
N LYS A 116 -0.83 7.32 -11.41
CA LYS A 116 -1.63 6.25 -12.11
C LYS A 116 -0.73 5.12 -12.66
N MET A 117 0.50 5.42 -12.97
CA MET A 117 1.44 4.43 -13.47
C MET A 117 2.50 4.21 -12.41
N SER A 118 2.51 3.03 -11.85
CA SER A 118 3.41 2.69 -10.76
C SER A 118 4.87 2.95 -11.08
N ARG A 119 5.45 3.80 -10.33
CA ARG A 119 6.86 4.05 -10.39
C ARG A 119 7.36 3.79 -9.00
N HIS A 120 8.48 3.17 -8.84
CA HIS A 120 8.99 2.87 -7.49
C HIS A 120 9.59 4.11 -6.79
N HIS A 121 9.05 5.29 -7.11
CA HIS A 121 9.54 6.54 -6.57
C HIS A 121 8.55 7.69 -6.78
N VAL A 122 7.24 7.43 -6.67
CA VAL A 122 6.25 8.52 -6.77
C VAL A 122 6.19 9.22 -5.40
N HIS A 123 5.99 10.52 -5.36
CA HIS A 123 6.09 11.26 -4.07
C HIS A 123 4.90 10.98 -3.14
N LEU A 124 5.21 10.59 -1.92
CA LEU A 124 4.22 10.31 -0.90
C LEU A 124 4.63 10.96 0.42
N SER A 125 3.65 11.33 1.21
CA SER A 125 3.88 11.93 2.48
C SER A 125 3.11 11.10 3.51
N GLN A 126 3.57 11.09 4.72
CA GLN A 126 2.89 10.35 5.77
C GLN A 126 1.88 11.18 6.59
N ASP A 127 2.26 12.36 7.00
CA ASP A 127 1.41 13.14 7.93
C ASP A 127 1.07 14.51 7.35
N ILE A 128 0.03 15.17 7.90
CA ILE A 128 -0.38 16.51 7.46
C ILE A 128 0.78 17.50 7.66
N THR A 129 1.63 17.20 8.63
CA THR A 129 2.82 17.94 8.88
C THR A 129 3.65 18.06 7.59
N THR A 130 3.90 16.93 6.98
CA THR A 130 4.66 16.88 5.81
C THR A 130 3.83 17.39 4.64
N ALA A 131 2.52 17.10 4.66
CA ALA A 131 1.59 17.53 3.62
C ALA A 131 1.66 19.05 3.44
N ARG A 132 1.64 19.76 4.55
CA ARG A 132 1.76 21.19 4.54
C ARG A 132 3.15 21.59 4.09
N LYS A 133 4.17 20.98 4.71
CA LYS A 133 5.57 21.33 4.46
C LYS A 133 5.95 21.20 2.98
N VAL A 134 5.55 20.12 2.36
CA VAL A 134 5.85 19.91 0.96
C VAL A 134 5.06 20.88 0.08
N GLY A 135 3.80 21.11 0.45
CA GLY A 135 2.95 21.98 -0.32
C GLY A 135 3.25 23.45 -0.08
N MET A 136 4.18 23.73 0.84
CA MET A 136 4.64 25.11 1.12
C MET A 136 5.34 25.69 -0.09
N ARG A 137 5.63 24.80 -1.05
CA ARG A 137 6.12 25.14 -2.36
C ARG A 137 5.15 26.11 -3.05
N HIS A 138 3.87 26.00 -2.71
CA HIS A 138 2.87 26.88 -3.26
C HIS A 138 2.19 27.72 -2.19
N GLY A 139 1.70 27.10 -1.11
CA GLY A 139 1.04 27.89 -0.10
C GLY A 139 0.23 27.03 0.79
N LYS A 140 -0.97 26.72 0.38
CA LYS A 140 -1.78 25.80 1.13
C LYS A 140 -2.16 24.63 0.26
N PRO A 141 -1.38 23.57 0.32
CA PRO A 141 -1.71 22.29 -0.28
C PRO A 141 -3.11 21.78 0.07
N VAL A 142 -3.50 20.79 -0.64
CA VAL A 142 -4.66 20.04 -0.39
C VAL A 142 -4.14 18.71 0.14
N VAL A 143 -4.72 18.24 1.20
CA VAL A 143 -4.29 17.01 1.79
C VAL A 143 -5.10 15.84 1.27
N LEU A 144 -4.44 15.01 0.54
CA LEU A 144 -5.02 13.78 0.03
C LEU A 144 -4.73 12.69 1.03
N SER A 145 -5.73 12.26 1.73
CA SER A 145 -5.54 11.30 2.77
C SER A 145 -5.91 9.91 2.26
N VAL A 146 -4.95 9.03 2.19
CA VAL A 146 -5.18 7.70 1.65
C VAL A 146 -5.20 6.69 2.80
N ASP A 147 -5.89 5.60 2.64
CA ASP A 147 -5.91 4.56 3.68
C ASP A 147 -4.73 3.63 3.47
N ALA A 148 -3.80 3.63 4.42
CA ALA A 148 -2.56 2.87 4.30
C ALA A 148 -2.78 1.37 4.35
N LYS A 149 -3.59 0.92 5.30
CA LYS A 149 -3.78 -0.52 5.50
C LYS A 149 -4.44 -1.17 4.28
N GLY A 150 -5.41 -0.49 3.70
CA GLY A 150 -6.07 -0.98 2.52
C GLY A 150 -5.18 -0.90 1.30
N MET A 151 -4.29 0.08 1.30
CA MET A 151 -3.35 0.28 0.20
C MET A 151 -2.30 -0.84 0.21
N ALA A 152 -1.84 -1.20 1.40
CA ALA A 152 -0.91 -2.30 1.58
C ALA A 152 -1.58 -3.61 1.17
N ASP A 153 -2.86 -3.71 1.50
CA ASP A 153 -3.69 -4.86 1.14
C ASP A 153 -3.86 -4.95 -0.37
N GLY A 154 -3.86 -3.80 -1.03
CA GLY A 154 -3.97 -3.75 -2.46
C GLY A 154 -2.72 -4.27 -3.15
N GLY A 155 -1.60 -4.25 -2.43
CA GLY A 155 -0.37 -4.77 -2.98
C GLY A 155 0.56 -3.67 -3.39
N PHE A 156 0.18 -2.45 -3.09
CA PHE A 156 0.95 -1.29 -3.44
C PHE A 156 2.20 -1.20 -2.55
N ASP A 157 3.08 -0.30 -2.86
CA ASP A 157 4.34 -0.19 -2.17
C ASP A 157 4.50 1.16 -1.56
N PHE A 158 5.27 1.22 -0.51
CA PHE A 158 5.58 2.44 0.17
C PHE A 158 7.06 2.39 0.41
N TYR A 159 7.77 3.32 -0.11
CA TYR A 159 9.20 3.28 -0.04
C TYR A 159 9.67 4.40 0.86
N LEU A 160 10.75 4.19 1.55
CA LEU A 160 11.33 5.22 2.36
C LEU A 160 12.68 5.57 1.78
N SER A 161 12.93 6.83 1.66
CA SER A 161 14.18 7.31 1.14
C SER A 161 15.09 7.74 2.29
N ASN A 162 16.33 8.08 1.97
CA ASN A 162 17.31 8.47 2.97
C ASN A 162 17.01 9.88 3.46
N ASN A 163 16.32 10.63 2.63
CA ASN A 163 15.95 12.00 2.92
C ASN A 163 14.70 12.06 3.81
N GLY A 164 13.99 10.94 3.90
CA GLY A 164 12.81 10.90 4.74
C GLY A 164 11.53 11.09 3.97
N VAL A 165 11.62 10.97 2.68
CA VAL A 165 10.47 11.08 1.81
C VAL A 165 9.85 9.70 1.66
N TRP A 166 8.53 9.62 1.61
CA TRP A 166 7.89 8.38 1.34
C TRP A 166 7.58 8.35 -0.13
N LEU A 167 7.62 7.22 -0.70
CA LEU A 167 7.32 7.09 -2.08
C LEU A 167 6.21 6.05 -2.24
N ILE A 168 5.39 6.22 -3.24
CA ILE A 168 4.26 5.35 -3.46
C ILE A 168 4.36 4.73 -4.86
N ASP A 169 3.68 3.58 -5.03
CA ASP A 169 3.46 2.92 -6.34
C ASP A 169 2.63 3.89 -7.18
N PHE A 170 1.43 4.15 -6.69
CA PHE A 170 0.55 5.22 -7.10
C PHE A 170 -0.68 5.09 -6.21
N VAL A 171 -1.51 6.10 -6.16
CA VAL A 171 -2.77 5.99 -5.41
C VAL A 171 -3.94 6.59 -6.19
N PRO A 172 -4.98 5.78 -6.42
CA PRO A 172 -6.23 6.22 -7.06
C PRO A 172 -6.92 7.27 -6.22
N ALA A 173 -7.26 8.41 -6.82
CA ALA A 173 -7.93 9.50 -6.10
C ALA A 173 -9.30 9.08 -5.68
N GLU A 174 -9.85 8.16 -6.43
CA GLU A 174 -11.16 7.59 -6.19
C GLU A 174 -11.18 6.85 -4.85
N PHE A 175 -10.01 6.35 -4.46
CA PHE A 175 -9.85 5.61 -3.23
C PHE A 175 -9.46 6.57 -2.10
N ILE A 176 -8.89 7.71 -2.47
CA ILE A 176 -8.39 8.66 -1.50
C ILE A 176 -9.53 9.46 -0.86
N LYS A 177 -9.30 9.90 0.35
CA LYS A 177 -10.21 10.64 1.13
C LYS A 177 -9.69 12.06 1.16
N VAL A 178 -10.08 12.84 0.20
CA VAL A 178 -9.64 14.21 0.14
C VAL A 178 -10.38 15.06 1.17
N GLY A 1 -13.86 -26.59 -17.41
CA GLY A 1 -14.00 -25.27 -16.83
C GLY A 1 -13.36 -25.22 -15.48
N SER A 2 -13.86 -24.34 -14.61
CA SER A 2 -13.39 -24.19 -13.24
C SER A 2 -11.89 -23.86 -13.17
N HIS A 3 -11.37 -23.20 -14.19
CA HIS A 3 -9.95 -22.97 -14.23
C HIS A 3 -9.58 -21.53 -13.87
N MET A 4 -10.57 -20.70 -13.56
CA MET A 4 -10.29 -19.28 -13.27
C MET A 4 -9.62 -19.16 -11.92
N VAL A 5 -9.97 -20.10 -11.05
CA VAL A 5 -9.33 -20.24 -9.74
C VAL A 5 -7.85 -20.61 -9.95
N LYS A 6 -7.61 -21.42 -10.97
CA LYS A 6 -6.27 -21.88 -11.32
C LYS A 6 -5.51 -20.73 -11.92
N VAL A 7 -6.21 -19.93 -12.73
CA VAL A 7 -5.67 -18.72 -13.32
C VAL A 7 -5.18 -17.79 -12.21
N SER A 8 -6.04 -17.56 -11.22
CA SER A 8 -5.75 -16.72 -10.07
C SER A 8 -4.47 -17.16 -9.35
N LYS A 9 -4.35 -18.46 -9.10
CA LYS A 9 -3.20 -18.99 -8.41
C LYS A 9 -1.97 -18.89 -9.30
N PHE A 10 -2.13 -19.27 -10.56
CA PHE A 10 -1.06 -19.29 -11.53
C PHE A 10 -0.46 -17.91 -11.70
N LEU A 11 -1.30 -16.92 -11.90
CA LEU A 11 -0.87 -15.55 -12.09
C LEU A 11 -0.07 -15.04 -10.92
N SER A 12 -0.53 -15.32 -9.72
CA SER A 12 0.22 -14.91 -8.58
C SER A 12 1.56 -15.62 -8.48
N LEU A 13 1.61 -16.87 -8.95
CA LEU A 13 2.82 -17.70 -8.94
C LEU A 13 3.86 -17.14 -9.90
N VAL A 14 3.46 -16.88 -11.11
CA VAL A 14 4.40 -16.52 -12.14
C VAL A 14 4.99 -15.15 -11.91
N LEU A 15 4.23 -14.26 -11.37
CA LEU A 15 4.72 -12.93 -11.21
C LEU A 15 5.42 -12.75 -9.86
N ARG A 16 5.65 -13.85 -9.14
CA ARG A 16 6.30 -13.76 -7.83
C ARG A 16 7.59 -14.58 -7.70
N HIS A 17 7.54 -15.81 -8.18
CA HIS A 17 8.54 -16.80 -7.82
C HIS A 17 9.52 -17.01 -8.92
N ASN A 18 9.09 -17.68 -9.87
CA ASN A 18 9.89 -17.92 -11.01
C ASN A 18 9.06 -17.53 -12.13
N PRO A 19 9.21 -16.31 -12.63
CA PRO A 19 8.42 -15.83 -13.75
C PRO A 19 8.87 -16.46 -15.03
N ALA A 20 10.13 -16.83 -14.99
CA ALA A 20 10.85 -17.38 -16.14
C ALA A 20 10.26 -18.69 -16.58
N LEU A 21 9.40 -19.22 -15.72
CA LEU A 21 8.83 -20.49 -15.86
C LEU A 21 8.05 -20.64 -17.17
N ILE A 22 7.33 -19.60 -17.55
CA ILE A 22 6.46 -19.70 -18.70
C ILE A 22 6.88 -18.84 -19.86
N GLY A 23 8.09 -18.36 -19.82
CA GLY A 23 8.54 -17.50 -20.89
C GLY A 23 8.26 -16.06 -20.56
N LEU A 24 7.68 -15.86 -19.42
CA LEU A 24 7.45 -14.57 -18.86
C LEU A 24 8.66 -14.28 -18.01
N ASP A 25 8.99 -13.07 -17.82
CA ASP A 25 10.02 -12.76 -16.83
C ASP A 25 9.71 -11.41 -16.16
N LEU A 26 9.97 -11.29 -14.90
CA LEU A 26 9.75 -10.02 -14.16
C LEU A 26 10.91 -9.04 -14.37
N ASP A 27 10.57 -7.81 -14.72
CA ASP A 27 11.55 -6.73 -14.94
C ASP A 27 12.18 -6.28 -13.59
N ALA A 28 12.94 -5.22 -13.61
CA ALA A 28 13.72 -4.76 -12.47
C ALA A 28 12.85 -4.11 -11.42
N ASN A 29 11.82 -3.42 -11.86
CA ASN A 29 10.91 -2.75 -10.93
C ASN A 29 9.71 -3.62 -10.62
N GLY A 30 9.83 -4.88 -10.98
CA GLY A 30 8.78 -5.82 -10.71
C GLY A 30 7.63 -5.68 -11.66
N TRP A 31 7.90 -5.74 -12.92
CA TRP A 31 6.88 -5.63 -13.92
C TRP A 31 7.03 -6.67 -14.99
N ALA A 32 5.96 -7.30 -15.33
CA ALA A 32 5.94 -8.21 -16.43
C ALA A 32 5.03 -7.62 -17.49
N PRO A 33 5.42 -7.66 -18.78
CA PRO A 33 4.58 -7.12 -19.85
C PRO A 33 3.26 -7.88 -19.92
N VAL A 34 2.14 -7.17 -19.82
CA VAL A 34 0.86 -7.84 -19.82
C VAL A 34 0.63 -8.57 -21.14
N LYS A 35 1.17 -8.01 -22.22
CA LYS A 35 1.00 -8.60 -23.54
C LYS A 35 1.70 -9.95 -23.60
N GLU A 36 2.81 -10.07 -22.89
CA GLU A 36 3.55 -11.32 -22.80
C GLU A 36 2.69 -12.37 -22.18
N LEU A 37 2.11 -12.03 -21.07
CA LEU A 37 1.25 -12.90 -20.34
C LEU A 37 0.01 -13.23 -21.19
N LEU A 38 -0.67 -12.23 -21.71
CA LEU A 38 -1.92 -12.45 -22.45
C LEU A 38 -1.71 -13.34 -23.65
N ALA A 39 -0.73 -13.00 -24.46
CA ALA A 39 -0.49 -13.72 -25.68
C ALA A 39 0.03 -15.12 -25.39
N LYS A 40 1.02 -15.19 -24.54
CA LYS A 40 1.65 -16.43 -24.28
C LYS A 40 0.76 -17.38 -23.46
N MET A 41 0.01 -16.85 -22.50
CA MET A 41 -0.84 -17.68 -21.63
C MET A 41 -2.08 -18.13 -22.37
N LYS A 42 -2.54 -17.34 -23.33
CA LYS A 42 -3.60 -17.76 -24.22
C LYS A 42 -3.09 -18.96 -25.02
N ALA A 43 -1.85 -18.82 -25.52
CA ALA A 43 -1.19 -19.86 -26.31
C ALA A 43 -0.87 -21.12 -25.49
N LYS A 44 -0.87 -20.99 -24.16
CA LYS A 44 -0.66 -22.10 -23.28
C LYS A 44 -1.91 -22.98 -23.21
N GLY A 45 -2.99 -22.47 -23.78
CA GLY A 45 -4.22 -23.19 -23.75
C GLY A 45 -5.07 -22.80 -22.58
N HIS A 46 -4.86 -21.59 -22.07
CA HIS A 46 -5.66 -21.12 -20.94
C HIS A 46 -6.57 -19.98 -21.33
N GLY A 47 -6.50 -19.59 -22.60
CA GLY A 47 -7.36 -18.55 -23.17
C GLY A 47 -7.39 -17.22 -22.43
N ILE A 48 -6.24 -16.65 -22.13
CA ILE A 48 -6.24 -15.36 -21.47
C ILE A 48 -6.20 -14.27 -22.51
N SER A 49 -7.22 -13.49 -22.55
CA SER A 49 -7.27 -12.36 -23.41
C SER A 49 -7.13 -11.11 -22.54
N MET A 50 -7.01 -9.95 -23.16
CA MET A 50 -6.81 -8.67 -22.47
C MET A 50 -7.92 -8.43 -21.44
N GLU A 51 -9.17 -8.60 -21.86
CA GLU A 51 -10.30 -8.40 -20.98
C GLU A 51 -10.40 -9.53 -19.95
N GLU A 52 -10.08 -10.75 -20.38
CA GLU A 52 -10.12 -11.94 -19.52
C GLU A 52 -9.22 -11.77 -18.34
N LEU A 53 -8.07 -11.20 -18.57
CA LEU A 53 -7.14 -10.96 -17.52
C LEU A 53 -7.66 -9.89 -16.58
N LYS A 54 -8.21 -8.80 -17.14
CA LYS A 54 -8.77 -7.71 -16.31
C LYS A 54 -9.85 -8.28 -15.42
N HIS A 55 -10.65 -9.17 -16.01
CA HIS A 55 -11.69 -9.94 -15.34
C HIS A 55 -11.12 -10.65 -14.09
N ILE A 56 -9.98 -11.24 -14.26
CA ILE A 56 -9.31 -11.96 -13.20
C ILE A 56 -8.72 -11.00 -12.18
N VAL A 57 -8.04 -10.02 -12.66
CA VAL A 57 -7.31 -9.12 -11.82
C VAL A 57 -8.22 -8.12 -11.08
N GLU A 58 -9.38 -7.84 -11.60
CA GLU A 58 -10.30 -6.95 -10.94
C GLU A 58 -11.17 -7.70 -9.92
N THR A 59 -11.60 -8.89 -10.24
CA THR A 59 -12.51 -9.59 -9.34
C THR A 59 -11.84 -10.73 -8.52
N ASN A 60 -10.89 -11.42 -9.10
CA ASN A 60 -10.25 -12.55 -8.44
C ASN A 60 -9.10 -12.09 -7.59
N SER A 61 -8.09 -11.61 -8.21
CA SER A 61 -6.91 -11.21 -7.51
C SER A 61 -6.59 -9.77 -7.80
N LYS A 62 -7.03 -8.89 -6.95
CA LYS A 62 -6.72 -7.49 -7.11
C LYS A 62 -5.85 -7.02 -5.98
N LYS A 63 -6.04 -7.57 -4.82
CA LYS A 63 -5.18 -7.23 -3.73
C LYS A 63 -3.85 -7.98 -3.82
N ARG A 64 -3.90 -9.21 -4.32
CA ARG A 64 -2.71 -10.03 -4.43
C ARG A 64 -2.09 -9.91 -5.83
N PHE A 65 -2.61 -8.99 -6.61
CA PHE A 65 -2.13 -8.77 -7.97
C PHE A 65 -2.38 -7.30 -8.30
N ALA A 66 -1.35 -6.61 -8.72
CA ALA A 66 -1.49 -5.21 -9.05
C ALA A 66 -1.40 -5.03 -10.56
N PHE A 67 -2.30 -4.24 -11.08
CA PHE A 67 -2.47 -4.07 -12.50
C PHE A 67 -2.81 -2.65 -12.75
N SER A 68 -2.14 -2.07 -13.70
CA SER A 68 -2.36 -0.71 -14.03
C SER A 68 -3.73 -0.54 -14.64
N GLU A 69 -4.34 0.60 -14.41
CA GLU A 69 -5.66 0.90 -14.95
C GLU A 69 -5.55 1.08 -16.46
N ASN A 70 -4.32 1.23 -16.92
CA ASN A 70 -4.05 1.34 -18.32
C ASN A 70 -3.57 0.01 -18.89
N PHE A 71 -3.53 -1.05 -18.04
CA PHE A 71 -3.24 -2.42 -18.45
C PHE A 71 -1.93 -2.51 -19.28
N GLU A 72 -0.85 -1.88 -18.80
CA GLU A 72 0.44 -1.93 -19.53
C GLU A 72 1.25 -3.16 -19.13
N LYS A 73 1.44 -3.31 -17.85
CA LYS A 73 2.22 -4.39 -17.28
C LYS A 73 1.52 -4.90 -16.05
N ILE A 74 1.95 -6.05 -15.57
CA ILE A 74 1.35 -6.71 -14.42
C ILE A 74 2.40 -7.14 -13.40
N ARG A 75 1.96 -7.34 -12.15
CA ARG A 75 2.81 -7.76 -11.04
C ARG A 75 1.93 -8.42 -9.96
N ALA A 76 2.46 -9.38 -9.23
CA ALA A 76 1.67 -10.06 -8.21
C ALA A 76 2.37 -10.10 -6.87
N ASN A 77 1.59 -10.22 -5.81
CA ASN A 77 2.10 -10.22 -4.45
C ASN A 77 2.26 -11.65 -3.96
N GLN A 78 2.94 -11.80 -2.85
CA GLN A 78 3.35 -13.08 -2.37
C GLN A 78 2.50 -13.57 -1.21
N GLY A 79 1.35 -14.13 -1.56
CA GLY A 79 0.40 -14.63 -0.58
C GLY A 79 -0.37 -13.48 0.05
N HIS A 80 0.30 -12.76 0.88
CA HIS A 80 -0.24 -11.58 1.51
C HIS A 80 0.32 -10.38 0.79
N SER A 81 -0.24 -9.24 1.00
CA SER A 81 0.18 -8.08 0.26
C SER A 81 0.91 -7.05 1.12
N VAL A 82 0.69 -7.05 2.42
CA VAL A 82 1.36 -6.10 3.30
C VAL A 82 2.82 -6.51 3.53
N GLU A 83 3.74 -5.55 3.36
CA GLU A 83 5.19 -5.76 3.56
C GLU A 83 5.75 -6.96 2.78
N VAL A 84 5.73 -6.88 1.46
CA VAL A 84 6.27 -7.93 0.64
C VAL A 84 7.36 -7.37 -0.27
N ASP A 85 7.09 -6.15 -0.83
CA ASP A 85 7.95 -5.43 -1.84
C ASP A 85 8.25 -6.24 -3.07
N LEU A 86 7.95 -5.68 -4.20
CA LEU A 86 8.17 -6.39 -5.43
C LEU A 86 8.81 -5.45 -6.43
N GLY A 87 10.12 -5.43 -6.44
CA GLY A 87 10.87 -4.62 -7.38
C GLY A 87 10.99 -3.16 -6.95
N TYR A 88 10.33 -2.83 -5.85
CA TYR A 88 10.38 -1.51 -5.29
C TYR A 88 10.72 -1.61 -3.81
N GLU A 89 9.74 -1.38 -2.98
CA GLU A 89 9.82 -1.44 -1.56
C GLU A 89 8.42 -1.30 -1.03
N LYS A 90 8.13 -2.01 0.00
CA LYS A 90 6.90 -1.84 0.70
C LYS A 90 7.22 -1.48 2.10
N GLN A 91 7.07 -0.24 2.44
CA GLN A 91 7.21 0.17 3.80
C GLN A 91 5.91 0.84 4.16
N VAL A 92 5.15 0.21 5.01
CA VAL A 92 3.82 0.69 5.34
C VAL A 92 3.76 1.44 6.67
N PRO A 93 3.46 2.74 6.64
CA PRO A 93 3.24 3.53 7.84
C PRO A 93 1.99 3.04 8.57
N PRO A 94 1.97 3.17 9.92
CA PRO A 94 0.90 2.77 10.81
C PRO A 94 -0.53 2.64 10.24
N ALA A 95 -1.27 3.73 10.19
CA ALA A 95 -2.64 3.68 9.76
C ALA A 95 -2.91 4.38 8.42
N VAL A 96 -2.56 5.63 8.33
CA VAL A 96 -2.93 6.44 7.20
C VAL A 96 -1.69 7.13 6.54
N LEU A 97 -1.87 7.58 5.31
CA LEU A 97 -0.87 8.26 4.50
C LEU A 97 -1.40 9.64 4.16
N PHE A 98 -0.52 10.60 4.00
CA PHE A 98 -0.93 11.94 3.66
C PHE A 98 -0.06 12.52 2.54
N HIS A 99 -0.68 12.80 1.42
CA HIS A 99 0.01 13.42 0.29
C HIS A 99 -0.34 14.88 0.20
N GLY A 100 0.65 15.72 0.21
CA GLY A 100 0.40 17.13 0.11
C GLY A 100 0.80 17.66 -1.22
N THR A 101 -0.05 18.46 -1.78
CA THR A 101 0.18 19.07 -3.08
C THR A 101 -0.69 20.30 -3.15
N ALA A 102 -0.36 21.24 -4.00
CA ALA A 102 -1.11 22.48 -4.11
C ALA A 102 -2.60 22.24 -4.39
N GLU A 103 -3.47 23.02 -3.73
CA GLU A 103 -4.92 22.89 -3.86
C GLU A 103 -5.33 23.35 -5.25
N LYS A 104 -4.53 24.21 -5.84
CA LYS A 104 -4.77 24.62 -7.23
C LYS A 104 -4.41 23.49 -8.21
N ASN A 105 -3.95 22.37 -7.67
CA ASN A 105 -3.66 21.18 -8.45
C ASN A 105 -4.59 20.05 -8.02
N PHE A 106 -5.58 20.37 -7.16
CA PHE A 106 -6.58 19.40 -6.67
C PHE A 106 -7.28 18.64 -7.79
N ASP A 107 -7.75 19.35 -8.79
CA ASP A 107 -8.50 18.73 -9.89
C ASP A 107 -7.62 17.79 -10.67
N LEU A 108 -6.36 18.13 -10.77
CA LEU A 108 -5.41 17.35 -11.52
C LEU A 108 -5.24 15.97 -10.85
N ILE A 109 -5.14 15.98 -9.52
CA ILE A 109 -4.96 14.74 -8.72
C ILE A 109 -6.15 13.84 -8.95
N LEU A 110 -7.32 14.42 -8.92
CA LEU A 110 -8.55 13.68 -9.02
C LEU A 110 -8.80 13.23 -10.45
N LYS A 111 -8.23 13.92 -11.37
CA LYS A 111 -8.38 13.63 -12.78
C LYS A 111 -7.44 12.50 -13.19
N ASP A 112 -6.18 12.69 -12.93
CA ASP A 112 -5.15 11.79 -13.41
C ASP A 112 -4.78 10.71 -12.38
N GLY A 113 -4.98 11.01 -11.13
CA GLY A 113 -4.61 10.10 -10.03
C GLY A 113 -3.32 10.58 -9.42
N ILE A 114 -2.83 9.94 -8.37
CA ILE A 114 -1.52 10.33 -7.87
C ILE A 114 -0.50 9.57 -8.66
N LYS A 115 0.11 10.27 -9.57
CA LYS A 115 1.08 9.76 -10.51
C LYS A 115 1.91 10.94 -10.94
N LYS A 116 3.16 10.74 -11.13
CA LYS A 116 4.04 11.78 -11.63
C LYS A 116 5.27 11.10 -12.11
N MET A 117 5.07 10.33 -13.18
CA MET A 117 6.06 9.46 -13.76
C MET A 117 6.39 8.37 -12.76
N SER A 118 5.52 7.39 -12.68
CA SER A 118 5.65 6.30 -11.74
C SER A 118 6.78 5.35 -12.11
N ARG A 119 6.87 4.22 -11.39
CA ARG A 119 7.89 3.20 -11.55
C ARG A 119 9.23 3.65 -10.96
N HIS A 120 9.21 4.86 -10.41
CA HIS A 120 10.36 5.46 -9.78
C HIS A 120 10.01 6.74 -9.02
N HIS A 121 9.48 6.56 -7.81
CA HIS A 121 9.25 7.67 -6.84
C HIS A 121 8.12 8.65 -7.21
N VAL A 122 6.92 8.43 -6.67
CA VAL A 122 5.84 9.40 -6.75
C VAL A 122 5.51 9.83 -5.33
N HIS A 123 5.42 11.12 -5.10
CA HIS A 123 5.36 11.69 -3.74
C HIS A 123 4.07 11.48 -2.95
N LEU A 124 4.27 11.00 -1.75
CA LEU A 124 3.26 10.75 -0.75
C LEU A 124 3.95 11.11 0.60
N SER A 125 3.33 10.86 1.74
CA SER A 125 3.98 11.12 3.02
C SER A 125 3.22 10.42 4.16
N GLN A 126 3.71 10.60 5.37
CA GLN A 126 3.24 9.93 6.57
C GLN A 126 2.32 10.82 7.41
N ASP A 127 2.54 12.13 7.39
CA ASP A 127 1.85 13.01 8.31
C ASP A 127 1.46 14.27 7.59
N ILE A 128 0.42 14.94 8.07
CA ILE A 128 -0.06 16.17 7.48
C ILE A 128 1.01 17.27 7.61
N THR A 129 1.85 17.15 8.62
CA THR A 129 2.95 18.02 8.84
C THR A 129 3.85 18.08 7.59
N THR A 130 4.22 16.91 7.11
CA THR A 130 5.07 16.84 5.98
C THR A 130 4.29 17.18 4.73
N ALA A 131 3.01 16.79 4.70
CA ALA A 131 2.12 17.10 3.56
C ALA A 131 2.06 18.61 3.32
N ARG A 132 1.96 19.37 4.40
CA ARG A 132 1.96 20.82 4.31
C ARG A 132 3.32 21.29 3.87
N LYS A 133 4.35 20.77 4.53
CA LYS A 133 5.74 21.18 4.34
C LYS A 133 6.23 20.95 2.90
N VAL A 134 5.94 19.80 2.34
CA VAL A 134 6.34 19.50 0.98
C VAL A 134 5.51 20.33 0.00
N GLY A 135 4.24 20.55 0.35
CA GLY A 135 3.37 21.33 -0.48
C GLY A 135 3.64 22.82 -0.36
N MET A 136 4.53 23.19 0.58
CA MET A 136 4.98 24.59 0.76
C MET A 136 5.74 25.05 -0.45
N ARG A 137 6.02 24.11 -1.35
CA ARG A 137 6.55 24.41 -2.66
C ARG A 137 5.58 25.39 -3.38
N HIS A 138 4.28 25.27 -3.08
CA HIS A 138 3.29 26.14 -3.65
C HIS A 138 2.46 26.91 -2.63
N GLY A 139 2.43 26.49 -1.37
CA GLY A 139 1.79 27.30 -0.38
C GLY A 139 1.17 26.47 0.68
N LYS A 140 -0.14 26.41 0.67
CA LYS A 140 -0.88 25.59 1.58
C LYS A 140 -1.59 24.49 0.81
N PRO A 141 -0.90 23.38 0.60
CA PRO A 141 -1.42 22.15 -0.05
C PRO A 141 -2.73 21.61 0.50
N VAL A 142 -3.33 20.79 -0.33
CA VAL A 142 -4.45 20.00 0.00
C VAL A 142 -3.88 18.64 0.37
N VAL A 143 -4.41 18.04 1.36
CA VAL A 143 -3.94 16.80 1.84
C VAL A 143 -4.80 15.65 1.38
N LEU A 144 -4.24 14.86 0.53
CA LEU A 144 -4.86 13.67 0.03
C LEU A 144 -4.53 12.54 0.99
N SER A 145 -5.52 12.10 1.73
CA SER A 145 -5.31 11.10 2.75
C SER A 145 -5.66 9.70 2.23
N VAL A 146 -4.67 8.85 2.17
CA VAL A 146 -4.86 7.50 1.66
C VAL A 146 -4.75 6.54 2.84
N ASP A 147 -5.52 5.48 2.85
CA ASP A 147 -5.46 4.51 3.94
C ASP A 147 -4.28 3.56 3.70
N ALA A 148 -3.32 3.59 4.60
CA ALA A 148 -2.10 2.80 4.45
C ALA A 148 -2.38 1.32 4.56
N LYS A 149 -3.00 0.91 5.65
CA LYS A 149 -3.30 -0.50 5.94
C LYS A 149 -4.01 -1.20 4.76
N GLY A 150 -5.10 -0.60 4.34
CA GLY A 150 -5.92 -1.18 3.30
C GLY A 150 -5.25 -1.21 1.98
N MET A 151 -4.51 -0.17 1.66
CA MET A 151 -3.85 -0.11 0.37
C MET A 151 -2.61 -1.00 0.35
N ALA A 152 -2.05 -1.24 1.53
CA ALA A 152 -0.94 -2.16 1.67
C ALA A 152 -1.40 -3.55 1.36
N ASP A 153 -2.59 -3.88 1.85
CA ASP A 153 -3.21 -5.18 1.59
C ASP A 153 -3.66 -5.24 0.13
N GLY A 154 -3.71 -4.07 -0.49
CA GLY A 154 -4.07 -3.95 -1.88
C GLY A 154 -2.91 -4.28 -2.81
N GLY A 155 -1.71 -4.35 -2.28
CA GLY A 155 -0.57 -4.79 -3.07
C GLY A 155 0.32 -3.68 -3.59
N PHE A 156 -0.02 -2.46 -3.30
CA PHE A 156 0.74 -1.31 -3.73
C PHE A 156 2.09 -1.23 -2.99
N ASP A 157 3.09 -0.66 -3.64
CA ASP A 157 4.44 -0.55 -3.08
C ASP A 157 4.72 0.86 -2.57
N PHE A 158 5.35 0.93 -1.42
CA PHE A 158 5.57 2.18 -0.70
C PHE A 158 7.07 2.31 -0.43
N TYR A 159 7.65 3.39 -0.84
CA TYR A 159 9.09 3.57 -0.66
C TYR A 159 9.27 4.53 0.50
N LEU A 160 10.23 4.27 1.34
CA LEU A 160 10.52 5.19 2.42
C LEU A 160 11.70 6.09 2.07
N SER A 161 11.49 7.39 2.16
CA SER A 161 12.54 8.34 1.92
C SER A 161 12.89 9.05 3.24
N ASN A 162 14.17 9.32 3.40
CA ASN A 162 14.73 9.97 4.61
C ASN A 162 14.26 11.42 4.77
N ASN A 163 13.56 11.92 3.78
CA ASN A 163 13.05 13.29 3.79
C ASN A 163 11.72 13.37 4.54
N GLY A 164 11.19 12.22 4.97
CA GLY A 164 9.88 12.20 5.60
C GLY A 164 8.81 12.05 4.55
N VAL A 165 9.28 11.67 3.40
CA VAL A 165 8.48 11.50 2.23
C VAL A 165 8.33 10.03 1.98
N TRP A 166 7.16 9.64 1.63
CA TRP A 166 6.90 8.31 1.26
C TRP A 166 6.65 8.33 -0.21
N LEU A 167 6.98 7.31 -0.88
CA LEU A 167 6.74 7.29 -2.28
C LEU A 167 5.83 6.16 -2.62
N ILE A 168 5.07 6.34 -3.63
CA ILE A 168 4.18 5.33 -4.09
C ILE A 168 4.45 5.15 -5.57
N ASP A 169 4.02 4.05 -6.16
CA ASP A 169 4.04 3.95 -7.60
C ASP A 169 2.92 4.82 -8.10
N PHE A 170 1.72 4.55 -7.60
CA PHE A 170 0.57 5.38 -7.89
C PHE A 170 -0.55 5.03 -6.95
N VAL A 171 -1.46 5.95 -6.73
CA VAL A 171 -2.67 5.66 -6.00
C VAL A 171 -3.84 6.28 -6.74
N PRO A 172 -4.94 5.56 -6.87
CA PRO A 172 -6.17 6.09 -7.45
C PRO A 172 -6.73 7.20 -6.58
N ALA A 173 -7.14 8.32 -7.17
CA ALA A 173 -7.73 9.40 -6.40
C ALA A 173 -9.06 8.95 -5.82
N GLU A 174 -9.63 7.95 -6.46
CA GLU A 174 -10.86 7.29 -6.07
C GLU A 174 -10.72 6.63 -4.69
N PHE A 175 -9.52 6.18 -4.39
CA PHE A 175 -9.23 5.46 -3.16
C PHE A 175 -9.02 6.49 -2.03
N ILE A 176 -8.61 7.66 -2.43
CA ILE A 176 -8.16 8.65 -1.49
C ILE A 176 -9.32 9.40 -0.86
N LYS A 177 -9.11 9.83 0.34
CA LYS A 177 -10.02 10.59 1.08
C LYS A 177 -9.62 12.04 0.94
N VAL A 178 -10.11 12.67 -0.06
CA VAL A 178 -9.85 14.03 -0.27
C VAL A 178 -10.91 14.89 0.43
N GLY A 1 14.52 -4.01 -14.00
CA GLY A 1 14.66 -5.10 -14.98
C GLY A 1 13.80 -4.84 -16.18
N SER A 2 14.29 -5.17 -17.35
CA SER A 2 13.56 -4.95 -18.57
C SER A 2 12.60 -6.10 -18.86
N HIS A 3 11.32 -5.78 -18.98
CA HIS A 3 10.28 -6.70 -19.44
C HIS A 3 9.88 -7.78 -18.42
N MET A 4 10.81 -8.55 -17.87
CA MET A 4 10.45 -9.71 -17.02
C MET A 4 9.86 -9.27 -15.70
N VAL A 5 10.35 -8.17 -15.17
CA VAL A 5 9.79 -7.58 -13.95
C VAL A 5 8.33 -7.16 -14.21
N LYS A 6 8.09 -6.66 -15.40
CA LYS A 6 6.78 -6.22 -15.84
C LYS A 6 5.89 -7.43 -16.03
N VAL A 7 6.47 -8.50 -16.57
CA VAL A 7 5.82 -9.77 -16.71
C VAL A 7 5.36 -10.25 -15.33
N SER A 8 6.28 -10.25 -14.39
CA SER A 8 6.02 -10.70 -13.02
C SER A 8 4.90 -9.89 -12.36
N LYS A 9 4.95 -8.59 -12.55
CA LYS A 9 3.94 -7.70 -11.99
C LYS A 9 2.58 -7.96 -12.64
N PHE A 10 2.60 -8.10 -13.95
CA PHE A 10 1.41 -8.38 -14.73
C PHE A 10 0.74 -9.66 -14.27
N LEU A 11 1.55 -10.68 -14.14
CA LEU A 11 1.12 -12.00 -13.75
C LEU A 11 0.44 -11.95 -12.40
N SER A 12 0.93 -11.06 -11.56
CA SER A 12 0.33 -10.86 -10.29
C SER A 12 -1.08 -10.28 -10.45
N LEU A 13 -1.21 -9.27 -11.30
CA LEU A 13 -2.49 -8.60 -11.58
C LEU A 13 -3.55 -9.57 -12.09
N VAL A 14 -3.21 -10.32 -13.12
CA VAL A 14 -4.19 -11.13 -13.79
C VAL A 14 -4.71 -12.25 -12.94
N LEU A 15 -3.85 -12.85 -12.18
CA LEU A 15 -4.28 -14.00 -11.44
C LEU A 15 -4.88 -13.59 -10.07
N ARG A 16 -4.97 -12.29 -9.83
CA ARG A 16 -5.46 -11.81 -8.55
C ARG A 16 -6.79 -11.05 -8.68
N HIS A 17 -6.88 -10.15 -9.63
CA HIS A 17 -7.98 -9.22 -9.66
C HIS A 17 -8.91 -9.50 -10.77
N ASN A 18 -8.50 -9.16 -11.93
CA ASN A 18 -9.32 -9.35 -13.07
C ASN A 18 -8.53 -10.13 -14.03
N PRO A 19 -8.69 -11.44 -14.06
CA PRO A 19 -7.99 -12.29 -15.02
C PRO A 19 -8.59 -12.15 -16.39
N ALA A 20 -9.84 -11.72 -16.39
CA ALA A 20 -10.66 -11.64 -17.60
C ALA A 20 -10.08 -10.64 -18.58
N LEU A 21 -9.19 -9.84 -18.05
CA LEU A 21 -8.58 -8.74 -18.72
C LEU A 21 -7.90 -9.16 -20.04
N ILE A 22 -7.26 -10.31 -20.02
CA ILE A 22 -6.52 -10.77 -21.19
C ILE A 22 -7.16 -11.98 -21.79
N GLY A 23 -8.37 -12.25 -21.41
CA GLY A 23 -9.02 -13.44 -21.90
C GLY A 23 -8.61 -14.63 -21.11
N LEU A 24 -8.03 -14.38 -19.97
CA LEU A 24 -7.69 -15.39 -19.02
C LEU A 24 -8.80 -15.35 -18.02
N ASP A 25 -9.04 -16.37 -17.34
CA ASP A 25 -10.00 -16.31 -16.27
C ASP A 25 -9.54 -17.22 -15.15
N LEU A 26 -9.99 -16.97 -13.98
CA LEU A 26 -9.64 -17.81 -12.83
C LEU A 26 -10.57 -19.01 -12.69
N ASP A 27 -9.96 -20.16 -12.49
CA ASP A 27 -10.64 -21.45 -12.33
C ASP A 27 -11.38 -21.50 -10.99
N ALA A 28 -12.24 -22.47 -10.83
CA ALA A 28 -13.10 -22.60 -9.67
C ALA A 28 -12.32 -22.97 -8.43
N ASN A 29 -11.15 -23.53 -8.63
CA ASN A 29 -10.28 -23.90 -7.51
C ASN A 29 -9.46 -22.70 -7.05
N GLY A 30 -9.65 -21.57 -7.71
CA GLY A 30 -8.86 -20.41 -7.41
C GLY A 30 -7.47 -20.61 -7.95
N TRP A 31 -7.42 -20.98 -9.20
CA TRP A 31 -6.20 -21.29 -9.91
C TRP A 31 -6.36 -20.85 -11.34
N ALA A 32 -5.30 -20.75 -12.06
CA ALA A 32 -5.39 -20.49 -13.46
C ALA A 32 -4.56 -21.50 -14.21
N PRO A 33 -5.09 -22.04 -15.31
CA PRO A 33 -4.36 -22.96 -16.16
C PRO A 33 -3.17 -22.26 -16.83
N VAL A 34 -1.98 -22.80 -16.63
CA VAL A 34 -0.78 -22.22 -17.14
C VAL A 34 -0.83 -22.15 -18.66
N LYS A 35 -1.48 -23.12 -19.29
CA LYS A 35 -1.55 -23.20 -20.74
C LYS A 35 -2.27 -21.99 -21.32
N GLU A 36 -3.28 -21.51 -20.60
CA GLU A 36 -4.02 -20.35 -21.02
C GLU A 36 -3.11 -19.14 -20.98
N LEU A 37 -2.42 -19.01 -19.87
CA LEU A 37 -1.49 -17.90 -19.68
C LEU A 37 -0.35 -17.94 -20.70
N LEU A 38 0.24 -19.11 -20.89
CA LEU A 38 1.38 -19.27 -21.80
C LEU A 38 0.98 -18.95 -23.22
N ALA A 39 -0.12 -19.53 -23.66
CA ALA A 39 -0.58 -19.32 -25.01
C ALA A 39 -0.99 -17.88 -25.22
N LYS A 40 -1.69 -17.32 -24.25
CA LYS A 40 -2.16 -15.97 -24.33
C LYS A 40 -1.04 -14.95 -24.27
N MET A 41 -0.15 -15.05 -23.30
CA MET A 41 0.97 -14.09 -23.16
C MET A 41 1.91 -14.14 -24.35
N LYS A 42 2.11 -15.32 -24.89
CA LYS A 42 2.92 -15.48 -26.09
C LYS A 42 2.19 -14.83 -27.28
N ALA A 43 0.88 -15.00 -27.34
CA ALA A 43 0.06 -14.41 -28.40
C ALA A 43 -0.05 -12.90 -28.26
N LYS A 44 0.01 -12.42 -27.01
CA LYS A 44 -0.01 -11.02 -26.72
C LYS A 44 1.32 -10.35 -27.09
N GLY A 45 2.28 -11.14 -27.51
CA GLY A 45 3.56 -10.61 -27.91
C GLY A 45 4.46 -10.35 -26.72
N HIS A 46 4.22 -11.07 -25.65
CA HIS A 46 5.02 -10.90 -24.45
C HIS A 46 5.95 -12.07 -24.23
N GLY A 47 5.97 -12.98 -25.21
CA GLY A 47 6.93 -14.08 -25.26
C GLY A 47 6.98 -15.00 -24.06
N ILE A 48 5.86 -15.52 -23.63
CA ILE A 48 5.89 -16.43 -22.51
C ILE A 48 5.72 -17.87 -22.97
N SER A 49 6.74 -18.65 -22.75
CA SER A 49 6.69 -20.05 -23.00
C SER A 49 6.67 -20.76 -21.63
N MET A 50 6.49 -22.08 -21.62
CA MET A 50 6.46 -22.87 -20.36
C MET A 50 7.73 -22.67 -19.53
N GLU A 51 8.87 -22.79 -20.17
CA GLU A 51 10.16 -22.66 -19.52
C GLU A 51 10.43 -21.21 -19.10
N GLU A 52 9.96 -20.31 -19.93
CA GLU A 52 10.15 -18.89 -19.71
C GLU A 52 9.33 -18.44 -18.53
N LEU A 53 8.14 -18.96 -18.42
CA LEU A 53 7.30 -18.62 -17.34
C LEU A 53 7.89 -19.10 -16.04
N LYS A 54 8.45 -20.33 -16.05
CA LYS A 54 9.08 -20.89 -14.84
C LYS A 54 10.16 -19.94 -14.36
N HIS A 55 10.88 -19.38 -15.32
CA HIS A 55 11.89 -18.34 -15.09
C HIS A 55 11.31 -17.19 -14.25
N ILE A 56 10.10 -16.79 -14.56
CA ILE A 56 9.44 -15.78 -13.76
C ILE A 56 8.99 -16.33 -12.41
N VAL A 57 8.27 -17.43 -12.42
CA VAL A 57 7.62 -17.89 -11.21
C VAL A 57 8.61 -18.44 -10.16
N GLU A 58 9.74 -18.90 -10.62
CA GLU A 58 10.77 -19.39 -9.74
C GLU A 58 11.72 -18.25 -9.29
N THR A 59 12.26 -17.50 -10.24
CA THR A 59 13.32 -16.53 -9.94
C THR A 59 12.80 -15.09 -9.71
N ASN A 60 11.73 -14.73 -10.36
CA ASN A 60 11.24 -13.37 -10.29
C ASN A 60 10.40 -13.10 -9.09
N SER A 61 9.39 -13.89 -8.91
CA SER A 61 8.51 -13.73 -7.78
C SER A 61 7.91 -15.06 -7.41
N LYS A 62 8.64 -15.83 -6.65
CA LYS A 62 8.24 -17.16 -6.26
C LYS A 62 7.12 -17.15 -5.22
N LYS A 63 7.26 -16.28 -4.26
CA LYS A 63 6.30 -16.17 -3.19
C LYS A 63 5.02 -15.46 -3.63
N ARG A 64 5.17 -14.32 -4.29
CA ARG A 64 4.03 -13.48 -4.68
C ARG A 64 3.24 -14.11 -5.81
N PHE A 65 3.92 -14.85 -6.64
CA PHE A 65 3.35 -15.46 -7.80
C PHE A 65 3.59 -16.97 -7.66
N ALA A 66 2.53 -17.70 -7.39
CA ALA A 66 2.62 -19.11 -7.07
C ALA A 66 2.43 -19.98 -8.29
N PHE A 67 3.07 -21.11 -8.26
CA PHE A 67 3.12 -22.04 -9.34
C PHE A 67 3.18 -23.38 -8.74
N SER A 68 2.28 -24.22 -9.10
CA SER A 68 2.34 -25.55 -8.64
C SER A 68 3.50 -26.17 -9.38
N GLU A 69 4.33 -26.94 -8.71
CA GLU A 69 5.54 -27.45 -9.31
C GLU A 69 5.33 -28.58 -10.31
N ASN A 70 4.09 -28.79 -10.69
CA ASN A 70 3.82 -29.63 -11.84
C ASN A 70 3.63 -28.70 -13.04
N PHE A 71 3.81 -27.37 -12.77
CA PHE A 71 3.89 -26.30 -13.73
C PHE A 71 2.62 -26.11 -14.56
N GLU A 72 1.51 -26.72 -14.18
CA GLU A 72 0.29 -26.55 -14.96
C GLU A 72 -0.68 -25.56 -14.34
N LYS A 73 -0.45 -25.19 -13.10
CA LYS A 73 -1.34 -24.27 -12.45
C LYS A 73 -0.57 -23.12 -11.86
N ILE A 74 -1.07 -21.93 -12.10
CA ILE A 74 -0.47 -20.70 -11.62
C ILE A 74 -1.52 -19.84 -10.93
N ARG A 75 -1.08 -19.07 -9.95
CA ARG A 75 -1.92 -18.08 -9.31
C ARG A 75 -1.07 -17.12 -8.50
N ALA A 76 -1.31 -15.88 -8.67
CA ALA A 76 -0.62 -14.89 -7.90
C ALA A 76 -1.37 -14.76 -6.61
N ASN A 77 -0.68 -14.66 -5.54
CA ASN A 77 -1.33 -14.69 -4.26
C ASN A 77 -1.16 -13.39 -3.51
N GLN A 78 -2.13 -12.56 -3.62
CA GLN A 78 -2.13 -11.32 -2.90
C GLN A 78 -2.96 -11.44 -1.66
N GLY A 79 -2.41 -12.11 -0.71
CA GLY A 79 -3.01 -12.28 0.58
C GLY A 79 -1.96 -12.08 1.62
N HIS A 80 -1.08 -11.17 1.30
CA HIS A 80 0.05 -10.84 2.13
C HIS A 80 0.17 -9.34 2.11
N SER A 81 -0.49 -8.71 3.02
CA SER A 81 -0.56 -7.28 3.07
C SER A 81 0.54 -6.68 3.94
N VAL A 82 1.22 -7.50 4.69
CA VAL A 82 2.20 -7.00 5.61
C VAL A 82 3.58 -7.08 5.01
N GLU A 83 4.19 -5.91 4.85
CA GLU A 83 5.53 -5.75 4.27
C GLU A 83 5.74 -6.61 3.02
N VAL A 84 5.23 -6.16 1.88
CA VAL A 84 5.36 -6.96 0.70
C VAL A 84 6.79 -6.80 0.15
N ASP A 85 7.21 -5.52 0.08
CA ASP A 85 8.55 -5.02 -0.32
C ASP A 85 8.90 -5.30 -1.72
N LEU A 86 8.89 -6.53 -2.02
CA LEU A 86 9.12 -7.09 -3.32
C LEU A 86 10.45 -6.63 -3.93
N GLY A 87 11.43 -6.42 -3.07
CA GLY A 87 12.73 -5.95 -3.53
C GLY A 87 12.92 -4.47 -3.28
N TYR A 88 12.02 -3.90 -2.51
CA TYR A 88 12.06 -2.51 -2.13
C TYR A 88 11.94 -2.39 -0.62
N GLU A 89 11.58 -1.22 -0.13
CA GLU A 89 11.41 -1.00 1.28
C GLU A 89 10.11 -0.28 1.53
N LYS A 90 9.18 -0.92 2.18
CA LYS A 90 7.93 -0.28 2.54
C LYS A 90 8.05 0.05 4.01
N GLN A 91 7.30 1.00 4.48
CA GLN A 91 7.21 1.28 5.90
C GLN A 91 5.91 1.98 6.16
N VAL A 92 5.07 1.38 6.97
CA VAL A 92 3.73 1.87 7.19
C VAL A 92 3.62 2.70 8.45
N PRO A 93 3.32 3.99 8.32
CA PRO A 93 2.90 4.79 9.45
C PRO A 93 1.46 4.40 9.81
N PRO A 94 1.07 4.48 11.10
CA PRO A 94 -0.19 4.02 11.67
C PRO A 94 -1.34 3.60 10.72
N ALA A 95 -2.15 4.53 10.29
CA ALA A 95 -3.28 4.21 9.45
C ALA A 95 -3.19 4.75 8.03
N VAL A 96 -2.88 6.01 7.90
CA VAL A 96 -2.99 6.70 6.64
C VAL A 96 -1.68 7.44 6.24
N LEU A 97 -1.57 7.79 4.97
CA LEU A 97 -0.44 8.52 4.43
C LEU A 97 -0.97 9.84 3.91
N PHE A 98 -0.14 10.85 3.81
CA PHE A 98 -0.61 12.14 3.40
C PHE A 98 0.20 12.71 2.24
N HIS A 99 -0.44 12.88 1.13
CA HIS A 99 0.20 13.44 -0.02
C HIS A 99 -0.18 14.91 -0.16
N GLY A 100 0.69 15.78 0.24
CA GLY A 100 0.44 17.19 0.11
C GLY A 100 0.89 17.70 -1.22
N THR A 101 0.10 18.55 -1.82
CA THR A 101 0.41 19.12 -3.12
C THR A 101 -0.49 20.35 -3.34
N ALA A 102 -0.05 21.30 -4.15
CA ALA A 102 -0.78 22.55 -4.40
C ALA A 102 -2.20 22.29 -4.95
N GLU A 103 -3.15 23.08 -4.49
CA GLU A 103 -4.59 22.87 -4.77
C GLU A 103 -4.98 23.07 -6.23
N LYS A 104 -4.14 23.64 -7.06
CA LYS A 104 -4.52 23.79 -8.46
C LYS A 104 -4.30 22.48 -9.19
N ASN A 105 -3.60 21.56 -8.54
CA ASN A 105 -3.36 20.23 -9.09
C ASN A 105 -4.49 19.30 -8.68
N PHE A 106 -5.39 19.82 -7.80
CA PHE A 106 -6.52 19.07 -7.21
C PHE A 106 -7.29 18.35 -8.34
N ASP A 107 -7.49 19.08 -9.43
CA ASP A 107 -8.15 18.60 -10.64
C ASP A 107 -7.51 17.31 -11.16
N LEU A 108 -6.23 17.38 -11.46
CA LEU A 108 -5.46 16.34 -12.01
C LEU A 108 -5.49 15.12 -11.11
N ILE A 109 -5.32 15.37 -9.82
CA ILE A 109 -5.29 14.34 -8.82
C ILE A 109 -6.59 13.56 -8.79
N LEU A 110 -7.69 14.27 -8.72
CA LEU A 110 -8.96 13.63 -8.55
C LEU A 110 -9.40 12.81 -9.78
N LYS A 111 -8.98 13.21 -10.94
CA LYS A 111 -9.36 12.53 -12.12
C LYS A 111 -8.45 11.34 -12.40
N ASP A 112 -7.20 11.64 -12.61
CA ASP A 112 -6.22 10.67 -13.07
C ASP A 112 -5.55 9.94 -11.91
N GLY A 113 -5.61 10.54 -10.76
CA GLY A 113 -5.04 9.96 -9.58
C GLY A 113 -3.65 10.44 -9.33
N ILE A 114 -3.09 10.05 -8.22
CA ILE A 114 -1.72 10.34 -7.93
C ILE A 114 -0.92 9.37 -8.75
N LYS A 115 -0.35 9.85 -9.81
CA LYS A 115 0.33 9.03 -10.78
C LYS A 115 1.12 9.94 -11.68
N LYS A 116 0.38 10.78 -12.43
CA LYS A 116 0.94 11.78 -13.35
C LYS A 116 1.89 11.10 -14.34
N MET A 117 1.50 9.87 -14.74
CA MET A 117 2.32 8.97 -15.58
C MET A 117 3.53 8.52 -14.75
N SER A 118 3.42 7.37 -14.13
CA SER A 118 4.44 6.88 -13.22
C SER A 118 5.64 6.35 -13.97
N ARG A 119 6.43 7.25 -14.46
CA ARG A 119 7.69 6.90 -15.06
C ARG A 119 8.77 7.23 -14.05
N HIS A 120 8.36 7.92 -13.02
CA HIS A 120 9.16 8.27 -11.89
C HIS A 120 8.26 8.18 -10.68
N HIS A 121 8.82 7.89 -9.54
CA HIS A 121 8.03 7.73 -8.31
C HIS A 121 7.41 9.04 -7.83
N VAL A 122 6.24 8.96 -7.23
CA VAL A 122 5.57 10.14 -6.69
C VAL A 122 5.85 10.17 -5.18
N HIS A 123 5.91 11.35 -4.57
CA HIS A 123 6.30 11.44 -3.17
C HIS A 123 5.15 11.92 -2.28
N LEU A 124 5.14 11.46 -1.06
CA LEU A 124 4.16 11.87 -0.09
C LEU A 124 4.77 11.90 1.30
N SER A 125 4.02 12.41 2.25
CA SER A 125 4.47 12.59 3.58
C SER A 125 3.74 11.63 4.53
N GLN A 126 4.27 11.50 5.73
CA GLN A 126 3.70 10.62 6.72
C GLN A 126 2.70 11.35 7.63
N ASP A 127 2.82 12.66 7.71
CA ASP A 127 1.99 13.45 8.62
C ASP A 127 1.52 14.71 7.90
N ILE A 128 0.41 15.29 8.33
CA ILE A 128 -0.14 16.46 7.69
C ILE A 128 0.72 17.69 7.94
N THR A 129 1.46 17.72 9.05
CA THR A 129 2.30 18.85 9.32
C THR A 129 3.37 18.98 8.22
N THR A 130 3.85 17.83 7.75
CA THR A 130 4.81 17.79 6.70
C THR A 130 4.12 18.07 5.38
N ALA A 131 2.91 17.51 5.19
CA ALA A 131 2.10 17.74 3.98
C ALA A 131 1.92 19.24 3.74
N ARG A 132 1.64 19.96 4.82
CA ARG A 132 1.51 21.38 4.77
C ARG A 132 2.85 22.03 4.52
N LYS A 133 3.85 21.65 5.32
CA LYS A 133 5.20 22.24 5.29
C LYS A 133 5.86 22.13 3.91
N VAL A 134 5.78 20.97 3.31
CA VAL A 134 6.37 20.74 2.00
C VAL A 134 5.51 21.43 0.92
N GLY A 135 4.21 21.46 1.17
CA GLY A 135 3.31 22.11 0.25
C GLY A 135 3.33 23.61 0.42
N MET A 136 4.10 24.10 1.40
CA MET A 136 4.30 25.53 1.63
C MET A 136 5.09 26.13 0.49
N ARG A 137 5.58 25.24 -0.39
CA ARG A 137 6.17 25.63 -1.66
C ARG A 137 5.12 26.42 -2.48
N HIS A 138 3.85 26.16 -2.18
CA HIS A 138 2.77 26.94 -2.74
C HIS A 138 2.15 27.76 -1.63
N GLY A 139 1.75 27.09 -0.55
CA GLY A 139 1.16 27.79 0.55
C GLY A 139 0.35 26.86 1.38
N LYS A 140 -0.86 26.60 0.94
CA LYS A 140 -1.75 25.71 1.64
C LYS A 140 -2.21 24.58 0.71
N PRO A 141 -1.40 23.53 0.55
CA PRO A 141 -1.69 22.32 -0.26
C PRO A 141 -3.00 21.62 0.11
N VAL A 142 -3.41 20.75 -0.76
CA VAL A 142 -4.48 19.87 -0.51
C VAL A 142 -3.84 18.58 0.00
N VAL A 143 -4.37 18.04 1.05
CA VAL A 143 -3.81 16.87 1.63
C VAL A 143 -4.59 15.64 1.20
N LEU A 144 -4.01 14.90 0.31
CA LEU A 144 -4.58 13.67 -0.15
C LEU A 144 -4.25 12.58 0.85
N SER A 145 -5.23 12.15 1.58
CA SER A 145 -5.03 11.16 2.61
C SER A 145 -5.29 9.76 2.05
N VAL A 146 -4.25 9.01 1.85
CA VAL A 146 -4.39 7.68 1.28
C VAL A 146 -4.25 6.66 2.40
N ASP A 147 -5.27 5.87 2.61
CA ASP A 147 -5.29 4.87 3.70
C ASP A 147 -4.25 3.78 3.46
N ALA A 148 -3.20 3.79 4.26
CA ALA A 148 -2.04 2.93 4.09
C ALA A 148 -2.37 1.47 4.30
N LYS A 149 -3.33 1.23 5.16
CA LYS A 149 -3.73 -0.12 5.48
C LYS A 149 -4.41 -0.76 4.29
N GLY A 150 -5.29 -0.02 3.66
CA GLY A 150 -5.96 -0.48 2.47
C GLY A 150 -4.99 -0.59 1.31
N MET A 151 -3.97 0.24 1.33
CA MET A 151 -2.92 0.21 0.31
C MET A 151 -2.16 -1.08 0.41
N ALA A 152 -1.68 -1.38 1.60
CA ALA A 152 -0.93 -2.60 1.85
C ALA A 152 -1.79 -3.82 1.55
N ASP A 153 -3.06 -3.69 1.88
CA ASP A 153 -4.08 -4.72 1.64
C ASP A 153 -4.20 -5.07 0.16
N GLY A 154 -4.23 -4.05 -0.67
CA GLY A 154 -4.40 -4.25 -2.10
C GLY A 154 -3.10 -4.33 -2.87
N GLY A 155 -2.00 -4.47 -2.15
CA GLY A 155 -0.72 -4.62 -2.79
C GLY A 155 -0.19 -3.33 -3.40
N PHE A 156 -0.62 -2.21 -2.86
CA PHE A 156 -0.15 -0.91 -3.35
C PHE A 156 1.25 -0.66 -2.84
N ASP A 157 2.10 -0.23 -3.71
CA ASP A 157 3.46 -0.08 -3.35
C ASP A 157 3.87 1.29 -3.00
N PHE A 158 3.63 1.59 -1.77
CA PHE A 158 4.19 2.74 -1.16
C PHE A 158 5.49 2.29 -0.55
N TYR A 159 6.49 3.09 -0.67
CA TYR A 159 7.82 2.74 -0.23
C TYR A 159 8.31 3.86 0.65
N LEU A 160 9.38 3.62 1.34
CA LEU A 160 10.03 4.64 2.10
C LEU A 160 11.46 4.74 1.64
N SER A 161 11.95 5.94 1.52
CA SER A 161 13.30 6.18 1.09
C SER A 161 14.21 6.47 2.26
N ASN A 162 15.50 6.56 1.98
CA ASN A 162 16.53 6.92 2.97
C ASN A 162 16.37 8.38 3.37
N ASN A 163 15.67 9.12 2.53
CA ASN A 163 15.43 10.55 2.69
C ASN A 163 14.34 10.77 3.74
N GLY A 164 13.62 9.71 4.07
CA GLY A 164 12.53 9.82 5.02
C GLY A 164 11.26 10.25 4.34
N VAL A 165 11.25 10.10 3.04
CA VAL A 165 10.13 10.46 2.20
C VAL A 165 9.42 9.19 1.75
N TRP A 166 8.10 9.22 1.74
CA TRP A 166 7.33 8.12 1.26
C TRP A 166 7.10 8.27 -0.22
N LEU A 167 7.17 7.19 -0.92
CA LEU A 167 7.01 7.19 -2.35
C LEU A 167 5.91 6.24 -2.73
N ILE A 168 5.31 6.45 -3.87
CA ILE A 168 4.26 5.60 -4.37
C ILE A 168 4.40 5.49 -5.88
N ASP A 169 4.07 4.32 -6.43
CA ASP A 169 4.04 4.18 -7.87
C ASP A 169 2.83 4.93 -8.39
N PHE A 170 1.63 4.63 -7.83
CA PHE A 170 0.43 5.43 -8.12
C PHE A 170 -0.74 5.03 -7.21
N VAL A 171 -1.59 6.00 -6.88
CA VAL A 171 -2.81 5.77 -6.13
C VAL A 171 -3.99 6.54 -6.73
N PRO A 172 -5.03 5.82 -7.14
CA PRO A 172 -6.28 6.44 -7.65
C PRO A 172 -6.91 7.36 -6.62
N ALA A 173 -7.42 8.51 -7.05
CA ALA A 173 -8.08 9.44 -6.14
C ALA A 173 -9.37 8.82 -5.63
N GLU A 174 -9.87 7.87 -6.39
CA GLU A 174 -11.05 7.07 -6.06
C GLU A 174 -10.84 6.30 -4.74
N PHE A 175 -9.57 6.05 -4.44
CA PHE A 175 -9.17 5.33 -3.25
C PHE A 175 -8.88 6.32 -2.11
N ILE A 176 -8.59 7.55 -2.47
CA ILE A 176 -8.07 8.51 -1.53
C ILE A 176 -9.20 9.31 -0.85
N LYS A 177 -8.89 9.80 0.34
CA LYS A 177 -9.80 10.57 1.13
C LYS A 177 -9.39 12.04 1.01
N VAL A 178 -9.89 12.68 0.01
CA VAL A 178 -9.62 14.08 -0.20
C VAL A 178 -10.59 14.94 0.63
N GLY A 1 5.42 -33.71 14.77
CA GLY A 1 4.44 -33.90 15.84
C GLY A 1 3.12 -33.29 15.46
N SER A 2 2.04 -34.05 15.68
CA SER A 2 0.68 -33.65 15.31
C SER A 2 0.30 -32.30 15.94
N HIS A 3 0.71 -32.10 17.19
CA HIS A 3 0.42 -30.87 17.91
C HIS A 3 1.07 -29.68 17.23
N MET A 4 2.26 -29.86 16.73
CA MET A 4 2.99 -28.75 16.14
C MET A 4 2.45 -28.48 14.75
N VAL A 5 1.88 -29.50 14.14
CA VAL A 5 1.20 -29.37 12.86
C VAL A 5 -0.01 -28.45 13.03
N LYS A 6 -0.74 -28.67 14.11
CA LYS A 6 -1.92 -27.87 14.42
C LYS A 6 -1.49 -26.44 14.77
N VAL A 7 -0.35 -26.33 15.44
CA VAL A 7 0.24 -25.07 15.80
C VAL A 7 0.64 -24.28 14.54
N SER A 8 1.37 -24.95 13.65
CA SER A 8 1.81 -24.37 12.39
C SER A 8 0.61 -23.85 11.60
N LYS A 9 -0.43 -24.67 11.55
CA LYS A 9 -1.69 -24.33 10.92
C LYS A 9 -2.27 -23.06 11.54
N PHE A 10 -2.32 -23.05 12.85
CA PHE A 10 -2.88 -21.97 13.63
C PHE A 10 -2.18 -20.66 13.32
N LEU A 11 -0.88 -20.68 13.50
CA LEU A 11 -0.03 -19.55 13.31
C LEU A 11 -0.14 -18.99 11.91
N SER A 12 -0.28 -19.90 10.96
CA SER A 12 -0.47 -19.55 9.59
C SER A 12 -1.68 -18.62 9.44
N LEU A 13 -2.77 -18.99 10.08
CA LEU A 13 -4.02 -18.24 10.05
C LEU A 13 -3.86 -16.86 10.70
N VAL A 14 -3.34 -16.87 11.91
CA VAL A 14 -3.32 -15.66 12.72
C VAL A 14 -2.41 -14.59 12.20
N LEU A 15 -1.32 -15.01 11.64
CA LEU A 15 -0.34 -14.07 11.19
C LEU A 15 -0.56 -13.68 9.73
N ARG A 16 -1.71 -14.06 9.17
CA ARG A 16 -1.99 -13.72 7.78
C ARG A 16 -3.32 -12.97 7.59
N HIS A 17 -4.37 -13.42 8.24
CA HIS A 17 -5.72 -12.95 7.91
C HIS A 17 -6.33 -12.11 8.96
N ASN A 18 -6.74 -12.71 10.00
CA ASN A 18 -7.35 -12.00 11.07
C ASN A 18 -6.56 -12.29 12.28
N PRO A 19 -5.55 -11.48 12.58
CA PRO A 19 -4.68 -11.70 13.76
C PRO A 19 -5.38 -11.35 15.03
N ALA A 20 -6.35 -10.47 14.87
CA ALA A 20 -7.11 -9.89 15.98
C ALA A 20 -7.88 -10.96 16.73
N LEU A 21 -7.96 -12.10 16.09
CA LEU A 21 -8.73 -13.21 16.50
C LEU A 21 -8.35 -13.70 17.91
N ILE A 22 -7.06 -13.68 18.21
CA ILE A 22 -6.58 -14.22 19.47
C ILE A 22 -6.02 -13.20 20.39
N GLY A 23 -6.32 -11.96 20.14
CA GLY A 23 -5.76 -10.93 20.99
C GLY A 23 -4.39 -10.57 20.49
N LEU A 24 -4.06 -11.13 19.35
CA LEU A 24 -2.88 -10.84 18.64
C LEU A 24 -3.29 -9.80 17.64
N ASP A 25 -2.40 -9.02 17.19
CA ASP A 25 -2.73 -8.12 16.10
C ASP A 25 -1.49 -7.92 15.21
N LEU A 26 -1.68 -7.84 13.92
CA LEU A 26 -0.55 -7.55 13.02
C LEU A 26 -0.28 -6.06 12.98
N ASP A 27 0.97 -5.73 13.17
CA ASP A 27 1.47 -4.37 13.19
C ASP A 27 1.43 -3.76 11.78
N ALA A 28 1.77 -2.50 11.70
CA ALA A 28 1.73 -1.74 10.48
C ALA A 28 2.84 -2.19 9.56
N ASN A 29 3.91 -2.65 10.15
CA ASN A 29 5.05 -3.17 9.40
C ASN A 29 4.90 -4.65 9.15
N GLY A 30 3.70 -5.16 9.39
CA GLY A 30 3.43 -6.55 9.19
C GLY A 30 4.20 -7.39 10.14
N TRP A 31 3.97 -7.17 11.41
CA TRP A 31 4.66 -7.89 12.46
C TRP A 31 3.74 -8.16 13.62
N ALA A 32 3.88 -9.27 14.24
CA ALA A 32 3.16 -9.56 15.45
C ALA A 32 4.19 -9.82 16.52
N PRO A 33 4.11 -9.14 17.67
CA PRO A 33 5.05 -9.35 18.78
C PRO A 33 5.01 -10.80 19.24
N VAL A 34 6.18 -11.45 19.22
CA VAL A 34 6.22 -12.84 19.54
C VAL A 34 5.75 -13.15 20.95
N LYS A 35 6.03 -12.28 21.90
CA LYS A 35 5.62 -12.56 23.26
C LYS A 35 4.10 -12.48 23.39
N GLU A 36 3.45 -11.63 22.62
CA GLU A 36 1.99 -11.56 22.58
C GLU A 36 1.45 -12.94 22.24
N LEU A 37 2.05 -13.52 21.23
CA LEU A 37 1.71 -14.84 20.79
C LEU A 37 2.10 -15.89 21.87
N LEU A 38 3.35 -15.87 22.32
CA LEU A 38 3.88 -16.88 23.26
C LEU A 38 3.15 -16.90 24.57
N ALA A 39 2.99 -15.73 25.17
CA ALA A 39 2.37 -15.61 26.46
C ALA A 39 0.93 -16.03 26.39
N LYS A 40 0.23 -15.51 25.39
CA LYS A 40 -1.16 -15.82 25.25
C LYS A 40 -1.37 -17.25 24.87
N MET A 41 -0.70 -17.71 23.85
CA MET A 41 -0.96 -19.04 23.29
C MET A 41 -0.51 -20.16 24.22
N LYS A 42 0.50 -19.89 25.04
CA LYS A 42 0.88 -20.81 26.10
C LYS A 42 -0.29 -20.98 27.04
N ALA A 43 -0.83 -19.87 27.48
CA ALA A 43 -1.93 -19.86 28.42
C ALA A 43 -3.25 -20.32 27.77
N LYS A 44 -3.48 -19.89 26.55
CA LYS A 44 -4.72 -20.18 25.85
C LYS A 44 -4.82 -21.53 25.12
N GLY A 45 -4.31 -22.55 25.77
CA GLY A 45 -4.51 -23.91 25.34
C GLY A 45 -3.56 -24.46 24.31
N HIS A 46 -2.36 -23.94 24.20
CA HIS A 46 -1.42 -24.53 23.26
C HIS A 46 -0.02 -24.76 23.81
N GLY A 47 0.28 -24.13 24.94
CA GLY A 47 1.58 -24.30 25.59
C GLY A 47 2.76 -23.91 24.70
N ILE A 48 2.72 -22.73 24.14
CA ILE A 48 3.78 -22.28 23.28
C ILE A 48 4.82 -21.51 24.07
N SER A 49 5.99 -22.05 24.08
CA SER A 49 7.11 -21.43 24.71
C SER A 49 7.94 -20.74 23.62
N MET A 50 8.90 -19.93 24.03
CA MET A 50 9.80 -19.21 23.11
C MET A 50 10.46 -20.23 22.19
N GLU A 51 11.00 -21.29 22.78
CA GLU A 51 11.69 -22.36 22.07
C GLU A 51 10.71 -23.18 21.19
N GLU A 52 9.48 -23.27 21.64
CA GLU A 52 8.47 -24.09 20.99
C GLU A 52 8.08 -23.43 19.70
N LEU A 53 7.88 -22.16 19.78
CA LEU A 53 7.52 -21.40 18.61
C LEU A 53 8.67 -21.35 17.62
N LYS A 54 9.88 -21.16 18.13
CA LYS A 54 11.09 -21.17 17.29
C LYS A 54 11.19 -22.50 16.56
N HIS A 55 10.78 -23.52 17.25
CA HIS A 55 10.68 -24.87 16.72
C HIS A 55 9.77 -24.90 15.46
N ILE A 56 8.59 -24.28 15.53
CA ILE A 56 7.69 -24.23 14.37
C ILE A 56 8.21 -23.29 13.29
N VAL A 57 8.49 -22.07 13.67
CA VAL A 57 8.85 -21.06 12.72
C VAL A 57 10.22 -21.33 12.08
N GLU A 58 11.22 -21.54 12.89
CA GLU A 58 12.56 -21.72 12.40
C GLU A 58 12.81 -23.17 11.97
N THR A 59 12.40 -24.12 12.77
CA THR A 59 12.76 -25.49 12.51
C THR A 59 11.72 -26.23 11.62
N ASN A 60 10.58 -25.62 11.37
CA ASN A 60 9.56 -26.28 10.56
C ASN A 60 9.29 -25.62 9.22
N SER A 61 8.99 -24.34 9.20
CA SER A 61 8.65 -23.71 7.94
C SER A 61 9.02 -22.22 7.87
N LYS A 62 10.08 -21.88 7.17
CA LYS A 62 10.45 -20.48 7.02
C LYS A 62 9.96 -19.89 5.70
N LYS A 63 9.45 -20.73 4.83
CA LYS A 63 8.82 -20.24 3.60
C LYS A 63 7.42 -19.71 3.95
N ARG A 64 6.86 -20.33 4.96
CA ARG A 64 5.50 -20.15 5.36
C ARG A 64 5.40 -19.12 6.48
N PHE A 65 6.41 -19.07 7.32
CA PHE A 65 6.46 -18.16 8.44
C PHE A 65 7.65 -17.25 8.26
N ALA A 66 7.68 -16.22 9.03
CA ALA A 66 8.78 -15.32 9.07
C ALA A 66 8.90 -14.84 10.48
N PHE A 67 10.09 -14.74 10.95
CA PHE A 67 10.34 -14.31 12.27
C PHE A 67 11.55 -13.45 12.16
N SER A 68 11.57 -12.33 12.84
CA SER A 68 12.75 -11.55 12.85
C SER A 68 13.81 -12.35 13.60
N GLU A 69 14.97 -12.51 12.98
CA GLU A 69 16.05 -13.39 13.46
C GLU A 69 16.35 -13.22 14.96
N ASN A 70 16.24 -12.01 15.47
CA ASN A 70 16.48 -11.75 16.90
C ASN A 70 15.33 -12.25 17.82
N PHE A 71 14.34 -12.95 17.22
CA PHE A 71 13.21 -13.50 17.93
C PHE A 71 12.39 -12.42 18.62
N GLU A 72 12.05 -11.40 17.87
CA GLU A 72 11.27 -10.30 18.40
C GLU A 72 9.84 -10.32 17.85
N LYS A 73 9.71 -10.41 16.55
CA LYS A 73 8.40 -10.31 15.92
C LYS A 73 8.22 -11.41 14.89
N ILE A 74 7.01 -11.89 14.77
CA ILE A 74 6.66 -13.00 13.89
C ILE A 74 5.60 -12.58 12.89
N ARG A 75 5.48 -13.35 11.83
CA ARG A 75 4.42 -13.20 10.86
C ARG A 75 4.38 -14.44 9.99
N ALA A 76 3.35 -14.59 9.21
CA ALA A 76 3.27 -15.67 8.26
C ALA A 76 3.31 -15.04 6.88
N ASN A 77 4.01 -15.66 5.96
CA ASN A 77 4.24 -15.08 4.64
C ASN A 77 3.09 -15.29 3.72
N GLN A 78 2.58 -16.51 3.76
CA GLN A 78 1.52 -17.05 2.88
C GLN A 78 0.41 -16.07 2.45
N GLY A 79 0.67 -15.38 1.35
CA GLY A 79 -0.31 -14.49 0.76
C GLY A 79 -0.68 -13.29 1.59
N HIS A 80 0.23 -12.84 2.46
CA HIS A 80 -0.07 -11.68 3.29
C HIS A 80 0.01 -10.41 2.46
N SER A 81 -0.67 -9.38 2.87
CA SER A 81 -0.68 -8.14 2.14
C SER A 81 0.31 -7.13 2.70
N VAL A 82 0.42 -7.07 4.01
CA VAL A 82 1.24 -6.07 4.64
C VAL A 82 2.71 -6.40 4.52
N GLU A 83 3.40 -5.53 3.83
CA GLU A 83 4.81 -5.64 3.52
C GLU A 83 5.22 -6.99 2.91
N VAL A 84 5.03 -7.11 1.61
CA VAL A 84 5.48 -8.27 0.90
C VAL A 84 6.85 -7.91 0.33
N ASP A 85 6.96 -6.62 -0.16
CA ASP A 85 8.23 -5.98 -0.63
C ASP A 85 9.02 -6.87 -1.55
N LEU A 86 8.29 -7.50 -2.41
CA LEU A 86 8.82 -8.44 -3.34
C LEU A 86 9.22 -7.72 -4.61
N GLY A 87 10.46 -7.30 -4.68
CA GLY A 87 10.97 -6.63 -5.86
C GLY A 87 10.76 -5.13 -5.79
N TYR A 88 10.12 -4.71 -4.73
CA TYR A 88 9.79 -3.33 -4.49
C TYR A 88 10.02 -3.10 -3.02
N GLU A 89 9.66 -1.96 -2.53
CA GLU A 89 9.73 -1.72 -1.14
C GLU A 89 8.35 -1.40 -0.61
N LYS A 90 7.95 -2.16 0.36
CA LYS A 90 6.73 -1.92 1.07
C LYS A 90 7.06 -1.69 2.51
N GLN A 91 6.82 -0.51 2.99
CA GLN A 91 6.86 -0.25 4.40
C GLN A 91 5.58 0.48 4.73
N VAL A 92 4.70 -0.16 5.45
CA VAL A 92 3.37 0.39 5.68
C VAL A 92 3.28 1.20 6.97
N PRO A 93 2.89 2.48 6.88
CA PRO A 93 2.59 3.30 8.06
C PRO A 93 1.25 2.89 8.68
N PRO A 94 1.04 3.21 9.98
CA PRO A 94 -0.16 2.88 10.77
C PRO A 94 -1.52 2.76 10.03
N ALA A 95 -2.23 3.86 9.92
CA ALA A 95 -3.54 3.82 9.32
C ALA A 95 -3.62 4.57 7.99
N VAL A 96 -3.13 5.78 7.98
CA VAL A 96 -3.31 6.63 6.82
C VAL A 96 -1.95 7.15 6.26
N LEU A 97 -1.99 7.57 5.02
CA LEU A 97 -0.87 8.14 4.29
C LEU A 97 -1.27 9.56 3.95
N PHE A 98 -0.33 10.46 3.90
CA PHE A 98 -0.66 11.82 3.54
C PHE A 98 0.11 12.22 2.31
N HIS A 99 -0.55 12.86 1.41
CA HIS A 99 0.11 13.38 0.23
C HIS A 99 -0.23 14.84 0.07
N GLY A 100 0.72 15.68 0.39
CA GLY A 100 0.50 17.08 0.25
C GLY A 100 0.86 17.58 -1.11
N THR A 101 -0.07 18.19 -1.75
CA THR A 101 0.12 18.72 -3.06
C THR A 101 -0.73 19.96 -3.20
N ALA A 102 -0.21 20.95 -3.91
CA ALA A 102 -0.86 22.25 -4.08
C ALA A 102 -2.34 22.13 -4.40
N GLU A 103 -3.16 22.93 -3.74
CA GLU A 103 -4.61 22.86 -3.90
C GLU A 103 -5.08 23.20 -5.30
N LYS A 104 -4.25 23.89 -6.05
CA LYS A 104 -4.60 24.25 -7.39
C LYS A 104 -4.34 23.08 -8.36
N ASN A 105 -4.09 21.92 -7.78
CA ASN A 105 -3.95 20.68 -8.52
C ASN A 105 -5.15 19.79 -8.25
N PHE A 106 -6.00 20.20 -7.27
CA PHE A 106 -7.17 19.41 -6.77
C PHE A 106 -7.93 18.66 -7.87
N ASP A 107 -8.34 19.39 -8.89
CA ASP A 107 -9.13 18.82 -9.99
C ASP A 107 -8.34 17.74 -10.70
N LEU A 108 -7.09 18.04 -11.00
CA LEU A 108 -6.24 17.13 -11.72
C LEU A 108 -5.95 15.89 -10.87
N ILE A 109 -5.85 16.07 -9.58
CA ILE A 109 -5.59 14.97 -8.66
C ILE A 109 -6.76 13.98 -8.67
N LEU A 110 -7.96 14.48 -8.71
CA LEU A 110 -9.13 13.60 -8.66
C LEU A 110 -9.33 12.88 -9.99
N LYS A 111 -8.87 13.48 -11.05
CA LYS A 111 -8.96 12.94 -12.37
C LYS A 111 -7.87 11.93 -12.62
N ASP A 112 -6.68 12.42 -12.56
CA ASP A 112 -5.50 11.73 -12.97
C ASP A 112 -4.84 11.00 -11.80
N GLY A 113 -5.37 11.24 -10.62
CA GLY A 113 -4.94 10.57 -9.40
C GLY A 113 -3.59 11.01 -8.96
N ILE A 114 -3.01 10.29 -8.06
CA ILE A 114 -1.64 10.49 -7.73
C ILE A 114 -0.95 9.49 -8.62
N LYS A 115 -0.38 9.98 -9.71
CA LYS A 115 0.18 9.14 -10.78
C LYS A 115 -0.82 8.08 -11.29
N LYS A 116 -1.38 8.28 -12.44
CA LYS A 116 -2.31 7.29 -12.99
C LYS A 116 -1.57 6.04 -13.40
N MET A 117 -0.32 6.22 -13.79
CA MET A 117 0.54 5.13 -14.20
C MET A 117 1.90 5.34 -13.56
N SER A 118 2.27 4.44 -12.69
CA SER A 118 3.51 4.54 -11.95
C SER A 118 4.77 4.32 -12.80
N ARG A 119 5.46 5.40 -13.07
CA ARG A 119 6.75 5.32 -13.75
C ARG A 119 7.74 6.18 -12.95
N HIS A 120 7.29 6.61 -11.80
CA HIS A 120 8.04 7.46 -10.92
C HIS A 120 7.45 7.34 -9.54
N HIS A 121 8.27 7.27 -8.53
CA HIS A 121 7.78 7.18 -7.17
C HIS A 121 7.30 8.56 -6.68
N VAL A 122 6.14 8.61 -6.08
CA VAL A 122 5.54 9.88 -5.71
C VAL A 122 5.78 10.17 -4.24
N HIS A 123 6.03 11.42 -3.93
CA HIS A 123 6.38 11.86 -2.58
C HIS A 123 5.17 11.96 -1.66
N LEU A 124 5.18 11.17 -0.63
CA LEU A 124 4.18 11.14 0.41
C LEU A 124 4.76 11.72 1.68
N SER A 125 3.89 12.05 2.57
CA SER A 125 4.21 12.63 3.83
C SER A 125 3.69 11.69 4.94
N GLN A 126 4.33 11.74 6.08
CA GLN A 126 3.94 10.91 7.21
C GLN A 126 2.86 11.61 8.04
N ASP A 127 2.82 12.92 7.94
CA ASP A 127 1.96 13.73 8.76
C ASP A 127 1.50 14.92 7.95
N ILE A 128 0.39 15.52 8.35
CA ILE A 128 -0.16 16.69 7.69
C ILE A 128 0.84 17.86 7.72
N THR A 129 1.68 17.90 8.74
CA THR A 129 2.69 18.91 8.86
C THR A 129 3.62 18.88 7.65
N THR A 130 4.17 17.72 7.35
CA THR A 130 5.02 17.59 6.21
C THR A 130 4.23 17.79 4.94
N ALA A 131 2.97 17.33 4.93
CA ALA A 131 2.10 17.48 3.75
C ALA A 131 1.95 18.95 3.37
N ARG A 132 1.76 19.79 4.36
CA ARG A 132 1.66 21.20 4.11
C ARG A 132 3.02 21.74 3.70
N LYS A 133 4.04 21.35 4.47
CA LYS A 133 5.41 21.83 4.28
C LYS A 133 5.95 21.55 2.87
N VAL A 134 5.73 20.34 2.38
CA VAL A 134 6.17 19.98 1.06
C VAL A 134 5.37 20.72 -0.02
N GLY A 135 4.08 20.89 0.21
CA GLY A 135 3.25 21.58 -0.74
C GLY A 135 3.44 23.09 -0.69
N MET A 136 4.19 23.57 0.32
CA MET A 136 4.52 24.99 0.47
C MET A 136 5.40 25.45 -0.66
N ARG A 137 5.87 24.50 -1.47
CA ARG A 137 6.60 24.81 -2.68
C ARG A 137 5.68 25.59 -3.64
N HIS A 138 4.37 25.42 -3.46
CA HIS A 138 3.41 26.11 -4.28
C HIS A 138 2.43 26.97 -3.48
N GLY A 139 1.94 26.49 -2.35
CA GLY A 139 1.02 27.31 -1.59
C GLY A 139 0.43 26.56 -0.45
N LYS A 140 -0.86 26.35 -0.48
CA LYS A 140 -1.54 25.61 0.56
C LYS A 140 -2.02 24.30 -0.02
N PRO A 141 -1.19 23.27 -0.01
CA PRO A 141 -1.54 21.91 -0.42
C PRO A 141 -2.80 21.37 0.21
N VAL A 142 -3.49 20.61 -0.57
CA VAL A 142 -4.59 19.84 -0.13
C VAL A 142 -3.99 18.50 0.30
N VAL A 143 -4.39 18.01 1.42
CA VAL A 143 -3.82 16.81 1.93
C VAL A 143 -4.64 15.60 1.48
N LEU A 144 -4.17 14.95 0.48
CA LEU A 144 -4.78 13.74 0.01
C LEU A 144 -4.40 12.64 0.97
N SER A 145 -5.35 12.20 1.75
CA SER A 145 -5.10 11.20 2.75
C SER A 145 -5.49 9.83 2.21
N VAL A 146 -4.53 8.97 2.05
CA VAL A 146 -4.80 7.67 1.47
C VAL A 146 -4.84 6.63 2.58
N ASP A 147 -5.68 5.65 2.47
CA ASP A 147 -5.76 4.59 3.48
C ASP A 147 -4.64 3.56 3.26
N ALA A 148 -3.71 3.50 4.19
CA ALA A 148 -2.51 2.67 4.07
C ALA A 148 -2.84 1.19 4.07
N LYS A 149 -3.72 0.78 4.97
CA LYS A 149 -4.10 -0.63 5.09
C LYS A 149 -4.81 -1.17 3.84
N GLY A 150 -5.66 -0.36 3.23
CA GLY A 150 -6.32 -0.75 2.01
C GLY A 150 -5.33 -0.88 0.87
N MET A 151 -4.35 -0.01 0.86
CA MET A 151 -3.31 -0.04 -0.16
C MET A 151 -2.41 -1.25 0.02
N ALA A 152 -2.19 -1.64 1.27
CA ALA A 152 -1.42 -2.83 1.57
C ALA A 152 -2.12 -4.06 1.01
N ASP A 153 -3.44 -4.14 1.22
CA ASP A 153 -4.25 -5.24 0.69
C ASP A 153 -4.30 -5.19 -0.83
N GLY A 154 -4.35 -3.98 -1.36
CA GLY A 154 -4.37 -3.79 -2.80
C GLY A 154 -3.04 -4.12 -3.46
N GLY A 155 -2.00 -4.25 -2.66
CA GLY A 155 -0.71 -4.64 -3.17
C GLY A 155 0.13 -3.47 -3.61
N PHE A 156 -0.19 -2.30 -3.12
CA PHE A 156 0.54 -1.09 -3.47
C PHE A 156 1.85 -1.05 -2.70
N ASP A 157 2.79 -0.29 -3.18
CA ASP A 157 4.10 -0.25 -2.56
C ASP A 157 4.37 1.09 -1.93
N PHE A 158 5.04 1.06 -0.80
CA PHE A 158 5.30 2.22 0.02
C PHE A 158 6.79 2.21 0.31
N TYR A 159 7.48 3.21 -0.08
CA TYR A 159 8.93 3.19 0.03
C TYR A 159 9.35 4.28 1.01
N LEU A 160 10.51 4.12 1.62
CA LEU A 160 11.08 5.10 2.52
C LEU A 160 12.36 5.68 1.96
N SER A 161 12.37 6.96 1.80
CA SER A 161 13.52 7.67 1.31
C SER A 161 14.39 8.10 2.47
N ASN A 162 15.65 8.30 2.18
CA ASN A 162 16.64 8.77 3.14
C ASN A 162 16.33 10.20 3.57
N ASN A 163 15.46 10.87 2.82
CA ASN A 163 15.05 12.23 3.15
C ASN A 163 13.88 12.23 4.11
N GLY A 164 13.47 11.04 4.58
CA GLY A 164 12.34 10.95 5.49
C GLY A 164 11.04 11.13 4.73
N VAL A 165 11.12 10.85 3.46
CA VAL A 165 10.02 10.96 2.56
C VAL A 165 9.45 9.58 2.29
N TRP A 166 8.16 9.46 2.27
CA TRP A 166 7.52 8.23 1.91
C TRP A 166 7.25 8.29 0.45
N LEU A 167 7.26 7.18 -0.19
CA LEU A 167 6.98 7.16 -1.58
C LEU A 167 5.91 6.18 -1.86
N ILE A 168 5.07 6.52 -2.77
CA ILE A 168 4.05 5.63 -3.22
C ILE A 168 4.34 5.29 -4.66
N ASP A 169 3.94 4.12 -5.06
CA ASP A 169 4.01 3.72 -6.45
C ASP A 169 3.07 4.62 -7.23
N PHE A 170 1.81 4.65 -6.78
CA PHE A 170 0.80 5.52 -7.30
C PHE A 170 -0.45 5.34 -6.45
N VAL A 171 -1.34 6.31 -6.42
CA VAL A 171 -2.52 6.22 -5.65
C VAL A 171 -3.72 6.68 -6.52
N PRO A 172 -4.73 5.86 -6.69
CA PRO A 172 -6.00 6.27 -7.33
C PRO A 172 -6.72 7.30 -6.44
N ALA A 173 -7.18 8.45 -7.00
CA ALA A 173 -7.87 9.49 -6.20
C ALA A 173 -9.16 8.97 -5.65
N GLU A 174 -9.64 8.01 -6.33
CA GLU A 174 -10.85 7.33 -6.09
C GLU A 174 -10.74 6.38 -4.88
N PHE A 175 -9.55 6.30 -4.35
CA PHE A 175 -9.28 5.54 -3.14
C PHE A 175 -8.72 6.46 -2.07
N ILE A 176 -8.76 7.76 -2.31
CA ILE A 176 -8.20 8.70 -1.37
C ILE A 176 -9.32 9.50 -0.70
N LYS A 177 -9.03 9.99 0.48
CA LYS A 177 -9.94 10.79 1.22
C LYS A 177 -9.49 12.22 1.00
N VAL A 178 -10.00 12.80 -0.04
CA VAL A 178 -9.71 14.16 -0.36
C VAL A 178 -10.55 15.12 0.48
N GLY A 1 -21.12 -19.55 -12.47
CA GLY A 1 -20.93 -20.99 -12.65
C GLY A 1 -19.62 -21.43 -12.06
N SER A 2 -19.45 -22.73 -11.92
CA SER A 2 -18.29 -23.32 -11.28
C SER A 2 -16.97 -22.99 -11.98
N HIS A 3 -16.98 -22.98 -13.32
CA HIS A 3 -15.79 -22.64 -14.11
C HIS A 3 -15.24 -21.29 -13.72
N MET A 4 -16.10 -20.31 -13.57
CA MET A 4 -15.67 -18.95 -13.24
C MET A 4 -15.20 -18.88 -11.78
N VAL A 5 -15.72 -19.76 -10.96
CA VAL A 5 -15.32 -19.87 -9.56
C VAL A 5 -13.87 -20.38 -9.49
N LYS A 6 -13.54 -21.32 -10.35
CA LYS A 6 -12.20 -21.89 -10.42
C LYS A 6 -11.24 -20.85 -10.96
N VAL A 7 -11.75 -20.05 -11.89
CA VAL A 7 -11.02 -18.97 -12.48
C VAL A 7 -10.67 -17.93 -11.42
N SER A 8 -11.65 -17.57 -10.61
CA SER A 8 -11.47 -16.58 -9.55
C SER A 8 -10.31 -16.94 -8.61
N LYS A 9 -10.30 -18.18 -8.12
CA LYS A 9 -9.22 -18.61 -7.23
C LYS A 9 -7.88 -18.54 -7.94
N PHE A 10 -7.87 -18.98 -9.18
CA PHE A 10 -6.65 -19.06 -9.95
C PHE A 10 -6.03 -17.67 -10.13
N LEU A 11 -6.84 -16.73 -10.58
CA LEU A 11 -6.36 -15.37 -10.85
C LEU A 11 -5.83 -14.77 -9.61
N SER A 12 -6.52 -15.03 -8.51
CA SER A 12 -6.12 -14.54 -7.25
C SER A 12 -4.73 -15.05 -6.97
N LEU A 13 -4.55 -16.37 -7.09
CA LEU A 13 -3.31 -17.05 -6.79
C LEU A 13 -2.13 -16.47 -7.59
N VAL A 14 -2.31 -16.39 -8.89
CA VAL A 14 -1.20 -16.04 -9.77
C VAL A 14 -0.79 -14.61 -9.65
N LEU A 15 -1.66 -13.78 -9.23
CA LEU A 15 -1.33 -12.41 -9.16
C LEU A 15 -1.00 -12.04 -7.71
N ARG A 16 -0.88 -13.04 -6.84
CA ARG A 16 -0.64 -12.75 -5.42
C ARG A 16 0.49 -13.57 -4.78
N HIS A 17 0.55 -14.85 -5.06
CA HIS A 17 1.42 -15.69 -4.28
C HIS A 17 2.59 -16.18 -5.06
N ASN A 18 2.34 -17.08 -5.93
CA ASN A 18 3.37 -17.55 -6.79
C ASN A 18 2.95 -17.24 -8.16
N PRO A 19 3.33 -16.06 -8.67
CA PRO A 19 2.92 -15.63 -10.00
C PRO A 19 3.66 -16.38 -11.07
N ALA A 20 4.87 -16.77 -10.70
CA ALA A 20 5.84 -17.38 -11.61
C ALA A 20 5.37 -18.70 -12.12
N LEU A 21 4.32 -19.19 -11.49
CA LEU A 21 3.78 -20.47 -11.68
C LEU A 21 3.40 -20.70 -13.14
N ILE A 22 2.86 -19.68 -13.79
CA ILE A 22 2.38 -19.84 -15.15
C ILE A 22 3.18 -19.04 -16.14
N GLY A 23 4.37 -18.69 -15.75
CA GLY A 23 5.23 -17.90 -16.60
C GLY A 23 4.96 -16.44 -16.40
N LEU A 24 3.93 -16.17 -15.62
CA LEU A 24 3.56 -14.87 -15.23
C LEU A 24 4.46 -14.54 -14.09
N ASP A 25 4.76 -13.33 -13.89
CA ASP A 25 5.50 -12.97 -12.72
C ASP A 25 4.98 -11.64 -12.30
N LEU A 26 5.04 -11.36 -11.05
CA LEU A 26 4.53 -10.11 -10.54
C LEU A 26 5.51 -8.98 -10.71
N ASP A 27 4.98 -7.87 -11.13
CA ASP A 27 5.73 -6.64 -11.25
C ASP A 27 5.97 -6.11 -9.85
N ALA A 28 6.90 -5.21 -9.71
CA ALA A 28 7.28 -4.68 -8.41
C ALA A 28 6.15 -3.87 -7.80
N ASN A 29 5.30 -3.31 -8.63
CA ASN A 29 4.19 -2.50 -8.16
C ASN A 29 2.94 -3.33 -8.01
N GLY A 30 3.10 -4.64 -8.01
CA GLY A 30 1.98 -5.52 -7.84
C GLY A 30 1.11 -5.53 -9.07
N TRP A 31 1.71 -5.75 -10.20
CA TRP A 31 1.01 -5.79 -11.46
C TRP A 31 1.39 -7.02 -12.25
N ALA A 32 0.57 -7.35 -13.22
CA ALA A 32 0.85 -8.41 -14.15
C ALA A 32 0.19 -8.08 -15.48
N PRO A 33 0.82 -8.45 -16.62
CA PRO A 33 0.24 -8.21 -17.93
C PRO A 33 -0.99 -9.09 -18.15
N VAL A 34 -2.10 -8.46 -18.53
CA VAL A 34 -3.31 -9.20 -18.71
C VAL A 34 -3.19 -10.23 -19.81
N LYS A 35 -2.45 -9.91 -20.89
CA LYS A 35 -2.34 -10.85 -21.97
C LYS A 35 -1.53 -12.07 -21.55
N GLU A 36 -0.59 -11.89 -20.62
CA GLU A 36 0.17 -13.01 -20.09
C GLU A 36 -0.80 -14.02 -19.56
N LEU A 37 -1.64 -13.55 -18.66
CA LEU A 37 -2.66 -14.36 -18.04
C LEU A 37 -3.64 -14.89 -19.07
N LEU A 38 -4.21 -14.01 -19.89
CA LEU A 38 -5.25 -14.41 -20.84
C LEU A 38 -4.77 -15.46 -21.81
N ALA A 39 -3.63 -15.20 -22.42
CA ALA A 39 -3.08 -16.08 -23.42
C ALA A 39 -2.75 -17.41 -22.80
N LYS A 40 -2.06 -17.35 -21.67
CA LYS A 40 -1.60 -18.53 -20.98
C LYS A 40 -2.75 -19.33 -20.39
N MET A 41 -3.74 -18.66 -19.84
CA MET A 41 -4.86 -19.33 -19.16
C MET A 41 -5.83 -19.92 -20.15
N LYS A 42 -5.97 -19.25 -21.27
CA LYS A 42 -6.74 -19.79 -22.38
C LYS A 42 -6.00 -21.03 -22.87
N ALA A 43 -4.69 -20.89 -23.06
CA ALA A 43 -3.79 -21.96 -23.52
C ALA A 43 -3.71 -23.12 -22.53
N LYS A 44 -3.97 -22.85 -21.26
CA LYS A 44 -3.97 -23.86 -20.25
C LYS A 44 -5.23 -24.74 -20.35
N GLY A 45 -6.09 -24.43 -21.29
CA GLY A 45 -7.27 -25.22 -21.48
C GLY A 45 -8.41 -24.73 -20.63
N HIS A 46 -8.28 -23.52 -20.11
CA HIS A 46 -9.34 -22.97 -19.27
C HIS A 46 -10.15 -21.97 -20.05
N GLY A 47 -9.70 -21.72 -21.29
CA GLY A 47 -10.41 -20.90 -22.25
C GLY A 47 -10.84 -19.54 -21.75
N ILE A 48 -9.94 -18.77 -21.18
CA ILE A 48 -10.33 -17.45 -20.71
C ILE A 48 -10.44 -16.50 -21.86
N SER A 49 -11.64 -16.04 -22.06
CA SER A 49 -11.91 -15.01 -22.99
C SER A 49 -11.75 -13.72 -22.22
N MET A 50 -11.40 -12.63 -22.87
CA MET A 50 -11.13 -11.38 -22.17
C MET A 50 -12.40 -10.96 -21.38
N GLU A 51 -13.56 -11.19 -21.98
CA GLU A 51 -14.82 -10.88 -21.33
C GLU A 51 -15.00 -11.67 -20.03
N GLU A 52 -14.56 -12.94 -20.02
CA GLU A 52 -14.68 -13.82 -18.86
C GLU A 52 -13.80 -13.34 -17.75
N LEU A 53 -12.66 -12.81 -18.10
CA LEU A 53 -11.74 -12.29 -17.14
C LEU A 53 -12.31 -11.02 -16.51
N LYS A 54 -12.76 -10.10 -17.36
CA LYS A 54 -13.38 -8.84 -16.92
C LYS A 54 -14.55 -9.19 -15.99
N HIS A 55 -15.29 -10.18 -16.42
CA HIS A 55 -16.41 -10.75 -15.69
C HIS A 55 -16.01 -11.13 -14.24
N ILE A 56 -14.85 -11.71 -14.09
CA ILE A 56 -14.39 -12.12 -12.77
C ILE A 56 -13.91 -10.93 -11.97
N VAL A 57 -13.04 -10.18 -12.55
CA VAL A 57 -12.39 -9.12 -11.85
C VAL A 57 -13.36 -7.97 -11.48
N GLU A 58 -14.24 -7.66 -12.38
CA GLU A 58 -15.18 -6.58 -12.16
C GLU A 58 -16.40 -7.05 -11.36
N THR A 59 -17.01 -8.13 -11.78
CA THR A 59 -18.26 -8.56 -11.21
C THR A 59 -18.10 -9.38 -9.92
N ASN A 60 -17.00 -10.08 -9.77
CA ASN A 60 -16.86 -10.89 -8.58
C ASN A 60 -16.30 -10.08 -7.44
N SER A 61 -15.07 -9.62 -7.56
CA SER A 61 -14.45 -8.92 -6.45
C SER A 61 -13.40 -7.92 -6.93
N LYS A 62 -13.77 -6.68 -7.14
CA LYS A 62 -12.81 -5.67 -7.58
C LYS A 62 -11.92 -5.21 -6.41
N LYS A 63 -12.41 -5.42 -5.20
CA LYS A 63 -11.62 -5.11 -4.02
C LYS A 63 -10.56 -6.18 -3.78
N ARG A 64 -10.69 -7.32 -4.45
CA ARG A 64 -9.72 -8.38 -4.30
C ARG A 64 -8.93 -8.57 -5.58
N PHE A 65 -9.51 -8.20 -6.69
CA PHE A 65 -8.87 -8.26 -7.99
C PHE A 65 -8.96 -6.87 -8.59
N ALA A 66 -7.86 -6.25 -8.82
CA ALA A 66 -7.88 -4.93 -9.39
C ALA A 66 -7.45 -5.00 -10.83
N PHE A 67 -8.05 -4.19 -11.64
CA PHE A 67 -7.87 -4.28 -13.05
C PHE A 67 -7.94 -2.94 -13.67
N SER A 68 -7.00 -2.71 -14.53
CA SER A 68 -6.87 -1.49 -15.24
C SER A 68 -8.19 -1.15 -15.94
N GLU A 69 -8.59 0.11 -15.85
CA GLU A 69 -9.82 0.60 -16.48
C GLU A 69 -9.70 0.44 -18.00
N ASN A 70 -8.47 0.41 -18.48
CA ASN A 70 -8.23 0.21 -19.89
C ASN A 70 -7.84 -1.25 -20.19
N PHE A 71 -7.97 -2.13 -19.15
CA PHE A 71 -7.82 -3.57 -19.29
C PHE A 71 -6.42 -4.00 -19.78
N GLU A 72 -5.36 -3.23 -19.48
CA GLU A 72 -4.01 -3.63 -19.93
C GLU A 72 -3.31 -4.56 -18.93
N LYS A 73 -3.53 -4.32 -17.67
CA LYS A 73 -2.86 -5.05 -16.62
C LYS A 73 -3.82 -5.41 -15.54
N ILE A 74 -3.50 -6.45 -14.84
CA ILE A 74 -4.32 -6.98 -13.79
C ILE A 74 -3.49 -7.25 -12.57
N ARG A 75 -4.13 -7.34 -11.44
CA ARG A 75 -3.50 -7.69 -10.19
C ARG A 75 -4.53 -8.28 -9.28
N ALA A 76 -4.13 -9.18 -8.48
CA ALA A 76 -4.95 -9.66 -7.42
C ALA A 76 -4.36 -9.07 -6.22
N ASN A 77 -5.15 -8.43 -5.44
CA ASN A 77 -4.67 -7.69 -4.30
C ASN A 77 -4.11 -8.61 -3.27
N GLN A 78 -2.79 -8.67 -3.26
CA GLN A 78 -2.02 -9.56 -2.40
C GLN A 78 -2.18 -9.13 -0.98
N GLY A 79 -2.35 -7.84 -0.81
CA GLY A 79 -2.38 -7.27 0.49
C GLY A 79 -1.02 -7.33 1.09
N HIS A 80 -0.03 -6.92 0.31
CA HIS A 80 1.32 -7.04 0.75
C HIS A 80 1.71 -5.83 1.59
N SER A 81 1.61 -6.00 2.88
CA SER A 81 1.98 -4.97 3.82
C SER A 81 3.40 -5.28 4.31
N VAL A 82 4.06 -6.09 3.53
CA VAL A 82 5.40 -6.48 3.78
C VAL A 82 6.31 -5.49 3.08
N GLU A 83 7.33 -5.06 3.76
CA GLU A 83 8.30 -4.19 3.17
C GLU A 83 9.23 -5.12 2.42
N VAL A 84 9.06 -5.22 1.12
CA VAL A 84 9.76 -6.23 0.37
C VAL A 84 11.13 -5.68 -0.06
N ASP A 85 11.12 -4.38 -0.44
CA ASP A 85 12.31 -3.63 -0.93
C ASP A 85 13.04 -4.32 -2.07
N LEU A 86 12.82 -3.83 -3.26
CA LEU A 86 13.43 -4.38 -4.45
C LEU A 86 14.00 -3.21 -5.23
N GLY A 87 15.27 -2.95 -5.04
CA GLY A 87 15.94 -1.86 -5.72
C GLY A 87 15.73 -0.52 -5.03
N TYR A 88 14.93 -0.56 -3.99
CA TYR A 88 14.55 0.61 -3.20
C TYR A 88 14.38 0.14 -1.79
N GLU A 89 13.92 1.00 -0.92
CA GLU A 89 13.65 0.63 0.44
C GLU A 89 12.17 0.91 0.69
N LYS A 90 11.50 0.03 1.38
CA LYS A 90 10.09 0.17 1.65
C LYS A 90 9.87 0.30 3.13
N GLN A 91 8.87 1.00 3.53
CA GLN A 91 8.62 1.19 4.93
C GLN A 91 7.15 1.47 5.12
N VAL A 92 6.51 0.67 5.93
CA VAL A 92 5.09 0.82 6.16
C VAL A 92 4.83 1.98 7.14
N PRO A 93 4.09 2.98 6.70
CA PRO A 93 3.67 4.11 7.53
C PRO A 93 2.48 3.71 8.44
N PRO A 94 2.08 4.58 9.41
CA PRO A 94 0.91 4.34 10.30
C PRO A 94 -0.40 3.95 9.57
N ALA A 95 -1.47 3.75 10.33
CA ALA A 95 -2.77 3.33 9.80
C ALA A 95 -3.23 4.22 8.64
N VAL A 96 -3.21 5.51 8.85
CA VAL A 96 -3.52 6.43 7.80
C VAL A 96 -2.24 7.10 7.32
N LEU A 97 -2.28 7.57 6.13
CA LEU A 97 -1.17 8.17 5.49
C LEU A 97 -1.67 9.40 4.74
N PHE A 98 -0.83 10.35 4.45
CA PHE A 98 -1.29 11.57 3.83
C PHE A 98 -0.40 11.95 2.69
N HIS A 99 -0.99 12.44 1.64
CA HIS A 99 -0.25 12.89 0.49
C HIS A 99 -0.52 14.38 0.29
N GLY A 100 0.45 15.19 0.58
CA GLY A 100 0.29 16.60 0.39
C GLY A 100 0.77 17.00 -0.96
N THR A 101 0.02 17.86 -1.59
CA THR A 101 0.35 18.33 -2.90
C THR A 101 -0.36 19.63 -3.15
N ALA A 102 0.21 20.50 -3.97
CA ALA A 102 -0.35 21.79 -4.29
C ALA A 102 -1.78 21.64 -4.81
N GLU A 103 -2.66 22.52 -4.38
CA GLU A 103 -4.08 22.42 -4.67
C GLU A 103 -4.41 22.71 -6.14
N LYS A 104 -3.43 23.20 -6.90
CA LYS A 104 -3.65 23.41 -8.33
C LYS A 104 -3.62 22.06 -9.03
N ASN A 105 -3.08 21.07 -8.34
CA ASN A 105 -2.95 19.74 -8.87
C ASN A 105 -4.25 18.96 -8.63
N PHE A 106 -5.17 19.56 -7.81
CA PHE A 106 -6.47 18.95 -7.43
C PHE A 106 -7.22 18.34 -8.63
N ASP A 107 -7.27 19.09 -9.73
CA ASP A 107 -7.92 18.66 -10.98
C ASP A 107 -7.36 17.32 -11.46
N LEU A 108 -6.06 17.26 -11.64
CA LEU A 108 -5.39 16.07 -12.11
C LEU A 108 -5.58 14.96 -11.08
N ILE A 109 -5.47 15.32 -9.80
CA ILE A 109 -5.62 14.39 -8.69
C ILE A 109 -6.96 13.66 -8.76
N LEU A 110 -8.04 14.37 -8.89
CA LEU A 110 -9.32 13.74 -8.83
C LEU A 110 -9.65 12.98 -10.13
N LYS A 111 -9.01 13.33 -11.23
CA LYS A 111 -9.23 12.68 -12.47
C LYS A 111 -8.39 11.42 -12.58
N ASP A 112 -7.11 11.60 -12.51
CA ASP A 112 -6.14 10.57 -12.80
C ASP A 112 -5.55 9.98 -11.52
N GLY A 113 -5.52 10.77 -10.48
CA GLY A 113 -5.01 10.31 -9.22
C GLY A 113 -3.63 10.80 -8.96
N ILE A 114 -3.02 10.30 -7.93
CA ILE A 114 -1.65 10.61 -7.66
C ILE A 114 -0.84 9.66 -8.48
N LYS A 115 -0.28 10.17 -9.52
CA LYS A 115 0.47 9.41 -10.47
C LYS A 115 1.30 10.40 -11.28
N LYS A 116 2.05 11.18 -10.53
CA LYS A 116 2.92 12.20 -11.05
C LYS A 116 4.28 11.59 -11.35
N MET A 117 4.43 11.10 -12.57
CA MET A 117 5.64 10.42 -13.04
C MET A 117 5.90 9.18 -12.19
N SER A 118 4.99 8.24 -12.28
CA SER A 118 5.06 7.04 -11.51
C SER A 118 6.04 6.07 -12.11
N ARG A 119 7.26 6.22 -11.68
CA ARG A 119 8.33 5.34 -12.04
C ARG A 119 9.00 4.90 -10.76
N HIS A 120 8.14 4.59 -9.75
CA HIS A 120 8.54 4.18 -8.38
C HIS A 120 8.93 5.39 -7.52
N HIS A 121 8.76 6.58 -8.05
CA HIS A 121 9.11 7.78 -7.32
C HIS A 121 8.11 8.90 -7.48
N VAL A 122 7.04 8.84 -6.73
CA VAL A 122 6.10 9.95 -6.64
C VAL A 122 6.12 10.38 -5.19
N HIS A 123 6.39 11.65 -4.96
CA HIS A 123 6.60 12.19 -3.61
C HIS A 123 5.35 12.08 -2.73
N LEU A 124 5.50 11.34 -1.66
CA LEU A 124 4.47 11.09 -0.70
C LEU A 124 4.91 11.63 0.69
N SER A 125 3.94 11.99 1.49
CA SER A 125 4.18 12.58 2.78
C SER A 125 3.96 11.54 3.88
N GLN A 126 4.34 11.85 5.11
CA GLN A 126 4.11 10.93 6.21
C GLN A 126 2.94 11.39 7.09
N ASP A 127 2.71 12.69 7.15
CA ASP A 127 1.68 13.26 8.01
C ASP A 127 1.16 14.56 7.40
N ILE A 128 0.12 15.15 7.97
CA ILE A 128 -0.41 16.41 7.51
C ILE A 128 0.60 17.52 7.77
N THR A 129 1.39 17.38 8.84
CA THR A 129 2.42 18.36 9.13
C THR A 129 3.43 18.40 7.97
N THR A 130 3.69 17.23 7.36
CA THR A 130 4.51 17.18 6.17
C THR A 130 3.77 17.91 5.09
N ALA A 131 2.57 17.45 4.81
CA ALA A 131 1.78 17.91 3.69
C ALA A 131 1.60 19.43 3.67
N ARG A 132 1.43 20.02 4.81
CA ARG A 132 1.33 21.44 4.90
C ARG A 132 2.68 22.13 4.68
N LYS A 133 3.69 21.80 5.49
CA LYS A 133 5.02 22.46 5.42
C LYS A 133 5.73 22.19 4.09
N VAL A 134 5.50 21.04 3.57
CA VAL A 134 6.03 20.54 2.32
C VAL A 134 5.27 21.18 1.16
N GLY A 135 3.97 21.31 1.31
CA GLY A 135 3.18 21.94 0.30
C GLY A 135 3.33 23.45 0.31
N MET A 136 3.89 23.98 1.41
CA MET A 136 4.19 25.43 1.55
C MET A 136 5.20 25.85 0.50
N ARG A 137 5.85 24.86 -0.09
CA ARG A 137 6.76 25.05 -1.20
C ARG A 137 5.99 25.66 -2.39
N HIS A 138 4.69 25.41 -2.44
CA HIS A 138 3.87 25.99 -3.48
C HIS A 138 2.87 26.99 -2.90
N GLY A 139 2.16 26.64 -1.83
CA GLY A 139 1.25 27.60 -1.26
C GLY A 139 0.29 26.95 -0.31
N LYS A 140 -0.86 26.58 -0.81
CA LYS A 140 -1.85 25.92 0.02
C LYS A 140 -2.24 24.54 -0.54
N PRO A 141 -1.42 23.51 -0.24
CA PRO A 141 -1.68 22.10 -0.59
C PRO A 141 -3.03 21.57 -0.17
N VAL A 142 -3.43 20.57 -0.86
CA VAL A 142 -4.57 19.82 -0.51
C VAL A 142 -4.03 18.52 0.09
N VAL A 143 -4.56 18.12 1.19
CA VAL A 143 -4.11 16.95 1.88
C VAL A 143 -4.98 15.76 1.53
N LEU A 144 -4.44 14.88 0.76
CA LEU A 144 -5.12 13.66 0.37
C LEU A 144 -4.91 12.62 1.47
N SER A 145 -6.00 12.23 2.12
CA SER A 145 -5.92 11.28 3.21
C SER A 145 -6.02 9.88 2.65
N VAL A 146 -4.92 9.20 2.60
CA VAL A 146 -4.85 7.91 1.99
C VAL A 146 -4.80 6.85 3.09
N ASP A 147 -5.62 5.86 3.00
CA ASP A 147 -5.62 4.80 3.99
C ASP A 147 -4.47 3.84 3.67
N ALA A 148 -3.43 3.89 4.48
CA ALA A 148 -2.21 3.12 4.24
C ALA A 148 -2.42 1.62 4.39
N LYS A 149 -3.30 1.23 5.29
CA LYS A 149 -3.60 -0.19 5.49
C LYS A 149 -4.22 -0.74 4.22
N GLY A 150 -5.18 0.01 3.70
CA GLY A 150 -5.85 -0.33 2.48
C GLY A 150 -4.94 -0.24 1.29
N MET A 151 -3.94 0.60 1.38
CA MET A 151 -2.94 0.74 0.33
C MET A 151 -2.23 -0.57 0.11
N ALA A 152 -1.70 -1.13 1.18
CA ALA A 152 -1.01 -2.39 1.11
C ALA A 152 -2.00 -3.49 0.72
N ASP A 153 -3.20 -3.42 1.29
CA ASP A 153 -4.28 -4.39 1.05
C ASP A 153 -4.69 -4.40 -0.42
N GLY A 154 -4.73 -3.23 -1.02
CA GLY A 154 -5.18 -3.06 -2.39
C GLY A 154 -4.10 -3.33 -3.41
N GLY A 155 -2.98 -3.86 -2.97
CA GLY A 155 -1.95 -4.27 -3.89
C GLY A 155 -1.07 -3.14 -4.36
N PHE A 156 -1.15 -1.99 -3.72
CA PHE A 156 -0.30 -0.88 -4.08
C PHE A 156 1.05 -1.09 -3.46
N ASP A 157 1.99 -0.22 -3.76
CA ASP A 157 3.31 -0.38 -3.24
C ASP A 157 3.85 0.94 -2.85
N PHE A 158 4.61 0.97 -1.81
CA PHE A 158 5.14 2.19 -1.30
C PHE A 158 6.60 2.03 -0.90
N TYR A 159 7.32 3.12 -0.95
CA TYR A 159 8.75 3.12 -0.70
C TYR A 159 9.09 4.27 0.24
N LEU A 160 10.29 4.28 0.73
CA LEU A 160 10.79 5.33 1.57
C LEU A 160 12.23 5.61 1.20
N SER A 161 12.56 6.85 0.98
CA SER A 161 13.91 7.24 0.71
C SER A 161 14.52 7.90 1.95
N ASN A 162 15.86 7.87 2.03
CA ASN A 162 16.65 8.36 3.20
C ASN A 162 16.35 9.81 3.59
N ASN A 163 15.76 10.56 2.70
CA ASN A 163 15.42 11.95 2.95
C ASN A 163 14.18 12.08 3.83
N GLY A 164 13.58 10.95 4.16
CA GLY A 164 12.36 10.95 4.96
C GLY A 164 11.16 11.16 4.08
N VAL A 165 11.35 10.88 2.82
CA VAL A 165 10.33 11.06 1.84
C VAL A 165 9.77 9.72 1.48
N TRP A 166 8.48 9.61 1.51
CA TRP A 166 7.82 8.41 1.10
C TRP A 166 7.57 8.51 -0.36
N LEU A 167 7.54 7.41 -1.00
CA LEU A 167 7.28 7.39 -2.40
C LEU A 167 6.16 6.42 -2.66
N ILE A 168 5.35 6.75 -3.60
CA ILE A 168 4.28 5.91 -4.01
C ILE A 168 4.40 5.80 -5.49
N ASP A 169 3.93 4.73 -6.06
CA ASP A 169 3.87 4.70 -7.48
C ASP A 169 2.61 5.42 -7.85
N PHE A 170 1.47 4.98 -7.33
CA PHE A 170 0.26 5.69 -7.62
C PHE A 170 -0.83 5.41 -6.58
N VAL A 171 -1.66 6.41 -6.34
CA VAL A 171 -2.86 6.28 -5.52
C VAL A 171 -4.04 7.00 -6.17
N PRO A 172 -5.01 6.23 -6.67
CA PRO A 172 -6.25 6.74 -7.28
C PRO A 172 -7.01 7.63 -6.31
N ALA A 173 -7.59 8.72 -6.79
CA ALA A 173 -8.36 9.64 -5.93
C ALA A 173 -9.63 8.96 -5.45
N GLU A 174 -10.04 7.94 -6.17
CA GLU A 174 -11.20 7.12 -5.83
C GLU A 174 -10.94 6.38 -4.52
N PHE A 175 -9.69 6.05 -4.32
CA PHE A 175 -9.23 5.31 -3.19
C PHE A 175 -8.90 6.23 -2.01
N ILE A 176 -8.78 7.51 -2.29
CA ILE A 176 -8.34 8.44 -1.29
C ILE A 176 -9.52 9.26 -0.77
N LYS A 177 -9.36 9.77 0.43
CA LYS A 177 -10.34 10.57 1.07
C LYS A 177 -9.88 12.02 0.98
N VAL A 178 -10.29 12.68 -0.07
CA VAL A 178 -9.96 14.06 -0.26
C VAL A 178 -10.78 14.95 0.70
#